data_1MXL
#
_entry.id   1MXL
#
_cell.length_a   1.000
_cell.length_b   1.000
_cell.length_c   1.000
_cell.angle_alpha   90.00
_cell.angle_beta   90.00
_cell.angle_gamma   90.00
#
_symmetry.space_group_name_H-M   'P 1'
#
loop_
_entity.id
_entity.type
_entity.pdbx_description
1 polymer 'PROTEIN (TROPONIN C)'
2 polymer 'PROTEIN (TROPONIN I)'
3 non-polymer 'CALCIUM ION'
#
loop_
_entity_poly.entity_id
_entity_poly.type
_entity_poly.pdbx_seq_one_letter_code
_entity_poly.pdbx_strand_id
1 'polypeptide(L)'
;MDDIYKAAVEQLTEEQKNEFKAAFDIFVLGAEDGCISTKELGKVMRMLGQNPTPEELQEMIDEVDEDGSGTVDFDEFLVM
MVRCMKDDS
;
C
2 'polypeptide(L)' RISADAMMQALLGARAK I
#
loop_
_chem_comp.id
_chem_comp.type
_chem_comp.name
_chem_comp.formula
CA non-polymer 'CALCIUM ION' 'Ca 2'
#
# COMPACT_ATOMS: atom_id res chain seq x y z
N MET A 1 13.49 2.41 22.07
CA MET A 1 12.24 2.16 21.29
C MET A 1 12.25 0.75 20.71
N ASP A 2 11.25 0.41 19.94
CA ASP A 2 11.20 -0.96 19.34
C ASP A 2 10.63 -0.89 17.93
N ASP A 3 10.15 -2.00 17.42
CA ASP A 3 9.57 -2.00 16.04
C ASP A 3 8.14 -2.52 16.07
N ILE A 4 7.19 -1.68 16.39
CA ILE A 4 5.77 -2.14 16.44
C ILE A 4 5.26 -2.42 15.03
N TYR A 5 5.93 -1.92 14.03
CA TYR A 5 5.49 -2.16 12.63
C TYR A 5 6.24 -3.37 12.04
N LYS A 6 7.54 -3.36 12.12
CA LYS A 6 8.32 -4.50 11.57
C LYS A 6 7.95 -5.80 12.29
N ALA A 7 7.46 -5.69 13.49
CA ALA A 7 7.08 -6.91 14.25
C ALA A 7 5.72 -7.43 13.76
N ALA A 8 4.78 -6.54 13.58
CA ALA A 8 3.43 -6.98 13.11
C ALA A 8 3.56 -7.66 11.73
N VAL A 9 4.28 -7.05 10.83
CA VAL A 9 4.44 -7.66 9.48
C VAL A 9 4.82 -9.14 9.62
N GLU A 10 5.90 -9.42 10.30
CA GLU A 10 6.32 -10.84 10.48
C GLU A 10 5.22 -11.64 11.20
N GLN A 11 4.44 -10.98 11.99
CA GLN A 11 3.34 -11.70 12.72
C GLN A 11 2.04 -11.62 11.93
N LEU A 12 2.12 -11.69 10.63
CA LEU A 12 0.88 -11.62 9.81
C LEU A 12 0.48 -13.03 9.34
N THR A 13 -0.79 -13.34 9.37
CA THR A 13 -1.23 -14.69 8.93
C THR A 13 -1.69 -14.66 7.47
N GLU A 14 -1.85 -15.79 6.87
CA GLU A 14 -2.29 -15.82 5.44
C GLU A 14 -3.59 -15.03 5.28
N GLU A 15 -4.33 -14.86 6.34
CA GLU A 15 -5.62 -14.10 6.24
C GLU A 15 -5.34 -12.63 5.92
N GLN A 16 -4.33 -12.06 6.53
CA GLN A 16 -4.01 -10.63 6.25
C GLN A 16 -3.20 -10.52 4.97
N LYS A 17 -2.07 -11.16 4.92
CA LYS A 17 -1.21 -11.10 3.70
C LYS A 17 -2.06 -11.26 2.45
N ASN A 18 -2.93 -12.24 2.43
CA ASN A 18 -3.79 -12.45 1.23
C ASN A 18 -4.47 -11.14 0.82
N GLU A 19 -4.71 -10.27 1.76
CA GLU A 19 -5.37 -8.97 1.42
C GLU A 19 -4.34 -7.97 0.91
N PHE A 20 -3.22 -7.84 1.58
CA PHE A 20 -2.18 -6.88 1.13
C PHE A 20 -1.67 -7.28 -0.26
N LYS A 21 -1.44 -8.55 -0.48
CA LYS A 21 -0.94 -8.99 -1.82
C LYS A 21 -1.87 -8.47 -2.92
N ALA A 22 -3.10 -8.19 -2.58
CA ALA A 22 -4.06 -7.68 -3.59
C ALA A 22 -3.64 -6.29 -4.07
N ALA A 23 -3.62 -5.33 -3.19
CA ALA A 23 -3.22 -3.95 -3.59
C ALA A 23 -1.79 -3.97 -4.15
N PHE A 24 -0.89 -4.64 -3.47
CA PHE A 24 0.50 -4.70 -3.98
C PHE A 24 0.50 -5.02 -5.48
N ASP A 25 -0.41 -5.86 -5.89
CA ASP A 25 -0.50 -6.21 -7.34
C ASP A 25 -1.04 -5.02 -8.14
N ILE A 26 -2.21 -4.56 -7.78
CA ILE A 26 -2.81 -3.40 -8.51
C ILE A 26 -1.93 -2.16 -8.32
N PHE A 27 -1.12 -2.14 -7.30
CA PHE A 27 -0.24 -0.97 -7.06
C PHE A 27 0.90 -0.95 -8.08
N VAL A 28 1.32 -2.10 -8.54
CA VAL A 28 2.43 -2.15 -9.54
C VAL A 28 1.89 -2.62 -10.89
N LEU A 29 0.61 -2.49 -11.11
CA LEU A 29 0.03 -2.93 -12.41
C LEU A 29 0.71 -2.20 -13.57
N GLY A 30 1.80 -2.72 -14.05
CA GLY A 30 2.50 -2.07 -15.19
C GLY A 30 3.96 -1.78 -14.80
N ALA A 31 4.34 -2.08 -13.59
CA ALA A 31 5.74 -1.82 -13.16
C ALA A 31 6.71 -2.66 -13.99
N GLU A 32 7.99 -2.43 -13.83
CA GLU A 32 9.00 -3.21 -14.62
C GLU A 32 9.54 -4.36 -13.78
N ASP A 33 9.86 -4.10 -12.54
CA ASP A 33 10.40 -5.19 -11.68
C ASP A 33 9.34 -5.64 -10.66
N GLY A 34 8.60 -4.71 -10.11
CA GLY A 34 7.55 -5.07 -9.12
C GLY A 34 7.57 -4.08 -7.97
N CYS A 35 7.64 -2.81 -8.27
CA CYS A 35 7.66 -1.78 -7.19
C CYS A 35 6.62 -0.69 -7.48
N ILE A 36 6.69 0.40 -6.77
CA ILE A 36 5.70 1.49 -7.01
C ILE A 36 6.42 2.82 -7.20
N SER A 37 5.77 3.77 -7.84
CA SER A 37 6.40 5.09 -8.07
C SER A 37 5.33 6.14 -8.33
N THR A 38 4.20 5.97 -7.71
CA THR A 38 3.05 6.91 -7.89
C THR A 38 2.39 6.65 -9.26
N LYS A 39 3.17 6.63 -10.31
CA LYS A 39 2.58 6.37 -11.65
C LYS A 39 1.61 5.20 -11.56
N GLU A 40 1.95 4.19 -10.80
CA GLU A 40 1.03 3.02 -10.66
C GLU A 40 0.14 3.20 -9.43
N LEU A 41 0.69 3.74 -8.37
CA LEU A 41 -0.11 3.96 -7.13
C LEU A 41 -1.27 4.91 -7.42
N GLY A 42 -0.97 6.09 -7.91
CA GLY A 42 -2.05 7.07 -8.20
C GLY A 42 -3.14 6.40 -9.04
N LYS A 43 -2.75 5.54 -9.94
CA LYS A 43 -3.77 4.85 -10.79
C LYS A 43 -4.90 4.29 -9.92
N VAL A 44 -4.58 3.91 -8.70
CA VAL A 44 -5.64 3.36 -7.80
C VAL A 44 -6.42 4.50 -7.15
N MET A 45 -5.76 5.58 -6.85
CA MET A 45 -6.47 6.74 -6.20
C MET A 45 -7.74 7.08 -6.99
N ARG A 46 -7.61 7.34 -8.26
CA ARG A 46 -8.82 7.69 -9.07
C ARG A 46 -9.94 6.70 -8.75
N MET A 47 -9.62 5.47 -8.50
CA MET A 47 -10.66 4.47 -8.16
C MET A 47 -10.98 4.54 -6.66
N LEU A 48 -10.00 4.87 -5.86
CA LEU A 48 -10.23 4.97 -4.40
C LEU A 48 -11.14 6.16 -4.09
N GLY A 49 -11.40 6.99 -5.06
CA GLY A 49 -12.28 8.16 -4.82
C GLY A 49 -11.42 9.41 -4.63
N GLN A 50 -10.21 9.40 -5.13
CA GLN A 50 -9.32 10.59 -4.97
C GLN A 50 -8.34 10.67 -6.14
N ASN A 51 -7.31 11.48 -6.02
CA ASN A 51 -6.32 11.59 -7.12
C ASN A 51 -5.20 12.56 -6.72
N PRO A 52 -4.23 12.03 -6.03
CA PRO A 52 -3.07 12.84 -5.57
C PRO A 52 -2.14 13.15 -6.75
N THR A 53 -1.35 14.18 -6.63
CA THR A 53 -0.42 14.54 -7.73
C THR A 53 0.86 13.70 -7.63
N PRO A 54 1.67 13.78 -8.66
CA PRO A 54 2.94 13.02 -8.69
C PRO A 54 3.95 13.64 -7.73
N GLU A 55 3.83 14.90 -7.44
CA GLU A 55 4.78 15.56 -6.50
C GLU A 55 4.45 15.19 -5.07
N GLU A 56 3.19 15.02 -4.76
CA GLU A 56 2.82 14.65 -3.36
C GLU A 56 2.77 13.13 -3.21
N LEU A 57 2.36 12.43 -4.24
CA LEU A 57 2.30 10.94 -4.14
C LEU A 57 3.56 10.42 -3.46
N GLN A 58 4.69 11.00 -3.75
CA GLN A 58 5.96 10.53 -3.10
C GLN A 58 5.75 10.34 -1.60
N GLU A 59 4.87 11.11 -1.02
CA GLU A 59 4.62 10.95 0.45
C GLU A 59 4.19 9.51 0.76
N MET A 60 3.34 8.96 -0.05
CA MET A 60 2.89 7.56 0.19
C MET A 60 4.08 6.60 0.08
N ILE A 61 5.11 7.00 -0.63
CA ILE A 61 6.30 6.12 -0.79
C ILE A 61 7.38 6.49 0.23
N ASP A 62 7.60 7.76 0.44
CA ASP A 62 8.65 8.19 1.42
C ASP A 62 8.23 7.83 2.85
N GLU A 63 6.98 7.53 3.06
CA GLU A 63 6.52 7.18 4.43
C GLU A 63 7.06 5.81 4.85
N VAL A 64 7.49 5.02 3.89
CA VAL A 64 8.03 3.67 4.24
C VAL A 64 9.23 3.34 3.36
N ASP A 65 10.04 4.31 3.04
CA ASP A 65 11.23 4.05 2.20
C ASP A 65 12.50 3.97 3.05
N GLU A 66 12.81 2.82 3.58
CA GLU A 66 14.02 2.69 4.42
C GLU A 66 15.19 2.14 3.60
N ASP A 67 15.12 2.27 2.30
CA ASP A 67 16.22 1.76 1.45
C ASP A 67 16.74 2.86 0.52
N GLY A 68 16.09 4.00 0.51
CA GLY A 68 16.54 5.12 -0.36
C GLY A 68 16.48 4.68 -1.82
N SER A 69 15.40 4.05 -2.23
CA SER A 69 15.29 3.61 -3.65
C SER A 69 14.26 4.46 -4.38
N GLY A 70 13.26 4.94 -3.68
CA GLY A 70 12.23 5.78 -4.34
C GLY A 70 10.98 4.95 -4.61
N THR A 71 11.15 3.69 -4.91
CA THR A 71 9.96 2.82 -5.18
C THR A 71 9.64 1.96 -3.96
N VAL A 72 8.42 1.54 -3.81
CA VAL A 72 8.04 0.69 -2.64
C VAL A 72 8.00 -0.78 -3.05
N ASP A 73 8.14 -1.67 -2.10
CA ASP A 73 8.11 -3.12 -2.43
C ASP A 73 7.33 -3.89 -1.36
N PHE A 74 7.19 -5.18 -1.51
CA PHE A 74 6.45 -5.99 -0.50
C PHE A 74 6.99 -5.67 0.90
N ASP A 75 8.19 -5.17 0.98
CA ASP A 75 8.78 -4.85 2.31
C ASP A 75 8.26 -3.51 2.81
N GLU A 76 8.40 -2.47 2.04
CA GLU A 76 7.91 -1.13 2.48
C GLU A 76 6.39 -1.05 2.33
N PHE A 77 5.85 -1.63 1.31
CA PHE A 77 4.37 -1.59 1.11
C PHE A 77 3.66 -2.22 2.31
N LEU A 78 4.06 -3.40 2.69
CA LEU A 78 3.39 -4.06 3.86
C LEU A 78 3.33 -3.11 5.05
N VAL A 79 4.45 -2.58 5.47
CA VAL A 79 4.43 -1.65 6.64
C VAL A 79 3.41 -0.53 6.42
N MET A 80 3.32 -0.03 5.21
CA MET A 80 2.35 1.06 4.92
C MET A 80 0.94 0.66 5.39
N MET A 81 0.69 -0.61 5.52
CA MET A 81 -0.66 -1.07 5.97
C MET A 81 -0.72 -1.13 7.50
N VAL A 82 0.33 -1.61 8.12
CA VAL A 82 0.34 -1.71 9.61
C VAL A 82 0.23 -0.31 10.22
N ARG A 83 0.91 0.65 9.65
CA ARG A 83 0.85 2.04 10.20
C ARG A 83 -0.58 2.56 10.17
N CYS A 84 -1.37 2.10 9.23
CA CYS A 84 -2.78 2.58 9.14
C CYS A 84 -3.74 1.46 9.58
N MET A 85 -3.29 0.58 10.43
CA MET A 85 -4.18 -0.53 10.90
C MET A 85 -5.56 0.01 11.23
N LYS A 86 -5.75 0.53 12.41
CA LYS A 86 -7.08 1.07 12.79
C LYS A 86 -6.93 2.52 13.29
N ASP A 87 -7.92 3.33 13.06
CA ASP A 87 -7.83 4.75 13.51
C ASP A 87 -8.38 4.89 14.94
N ASP A 88 -7.57 5.38 15.85
CA ASP A 88 -8.04 5.53 17.25
C ASP A 88 -7.26 6.65 17.95
N SER A 89 -6.80 7.61 17.21
CA SER A 89 -6.03 8.73 17.85
C SER A 89 -6.98 9.85 18.27
N ARG B 1 -4.51 5.06 6.30
CA ARG B 1 -4.75 6.33 5.53
C ARG B 1 -5.05 5.99 4.06
N ILE B 2 -5.38 4.77 3.78
CA ILE B 2 -5.68 4.39 2.37
C ILE B 2 -7.16 4.00 2.22
N SER B 3 -8.02 4.64 2.97
CA SER B 3 -9.47 4.30 2.87
C SER B 3 -9.66 2.78 2.85
N ALA B 4 -9.40 2.13 3.96
CA ALA B 4 -9.55 0.65 4.01
C ALA B 4 -10.94 0.24 3.50
N ASP B 5 -11.94 1.05 3.75
CA ASP B 5 -13.31 0.70 3.29
C ASP B 5 -13.47 1.01 1.79
N ALA B 6 -12.94 2.11 1.34
CA ALA B 6 -13.07 2.47 -0.10
C ALA B 6 -11.98 1.77 -0.92
N MET B 7 -11.08 1.09 -0.27
CA MET B 7 -9.99 0.40 -1.02
C MET B 7 -10.55 -0.84 -1.74
N MET B 8 -11.20 -1.71 -1.03
CA MET B 8 -11.76 -2.94 -1.67
C MET B 8 -13.05 -2.59 -2.44
N GLN B 9 -13.77 -1.60 -1.98
CA GLN B 9 -15.03 -1.22 -2.68
C GLN B 9 -14.73 -0.67 -4.07
N ALA B 10 -13.61 -0.01 -4.24
CA ALA B 10 -13.25 0.56 -5.56
C ALA B 10 -12.57 -0.50 -6.43
N LEU B 11 -11.51 -1.09 -5.95
CA LEU B 11 -10.81 -2.14 -6.76
C LEU B 11 -10.67 -3.42 -5.94
N LEU B 12 -9.82 -4.32 -6.38
CA LEU B 12 -9.65 -5.59 -5.62
C LEU B 12 -11.01 -6.28 -5.43
N GLY B 13 -11.92 -6.08 -6.34
CA GLY B 13 -13.26 -6.72 -6.21
C GLY B 13 -14.34 -5.71 -6.61
N ALA B 14 -14.73 -5.72 -7.86
CA ALA B 14 -15.78 -4.76 -8.31
C ALA B 14 -16.63 -5.37 -9.42
N ARG B 15 -16.71 -6.68 -9.46
CA ARG B 15 -17.53 -7.34 -10.52
C ARG B 15 -19.02 -7.23 -10.19
N ALA B 16 -19.77 -6.56 -11.01
CA ALA B 16 -21.23 -6.42 -10.74
C ALA B 16 -22.01 -6.43 -12.05
N LYS B 17 -21.68 -7.33 -12.95
CA LYS B 17 -22.41 -7.39 -14.25
C LYS B 17 -22.34 -6.03 -14.96
CA CA C . 12.10 1.80 -0.98
N MET A 1 17.71 -0.34 14.97
CA MET A 1 17.45 0.76 15.95
C MET A 1 15.95 0.90 16.20
N ASP A 2 15.14 0.48 15.27
CA ASP A 2 13.67 0.59 15.44
C ASP A 2 13.01 -0.78 15.23
N ASP A 3 12.82 -1.53 16.28
CA ASP A 3 12.19 -2.87 16.12
C ASP A 3 10.77 -2.84 16.69
N ILE A 4 9.95 -1.93 16.22
CA ILE A 4 8.55 -1.85 16.73
C ILE A 4 7.57 -2.22 15.61
N TYR A 5 8.06 -2.41 14.42
CA TYR A 5 7.15 -2.76 13.29
C TYR A 5 7.42 -4.19 12.82
N LYS A 6 8.67 -4.53 12.63
CA LYS A 6 9.00 -5.92 12.18
C LYS A 6 8.24 -6.94 13.02
N ALA A 7 7.89 -6.59 14.22
CA ALA A 7 7.14 -7.54 15.09
C ALA A 7 5.68 -7.64 14.64
N ALA A 8 5.11 -6.55 14.22
CA ALA A 8 3.69 -6.58 13.77
C ALA A 8 3.58 -7.28 12.41
N VAL A 9 4.30 -6.79 11.43
CA VAL A 9 4.26 -7.43 10.08
C VAL A 9 4.33 -8.95 10.22
N GLU A 10 5.29 -9.44 10.94
CA GLU A 10 5.42 -10.92 11.13
C GLU A 10 4.24 -11.46 11.93
N GLN A 11 3.50 -10.59 12.57
CA GLN A 11 2.33 -11.05 13.38
C GLN A 11 1.11 -11.24 12.48
N LEU A 12 1.20 -10.84 11.24
CA LEU A 12 0.05 -10.99 10.31
C LEU A 12 -0.34 -12.48 10.19
N THR A 13 -1.19 -12.80 9.26
CA THR A 13 -1.61 -14.22 9.09
C THR A 13 -1.79 -14.53 7.60
N GLU A 14 -2.04 -15.78 7.27
CA GLU A 14 -2.23 -16.14 5.83
C GLU A 14 -3.36 -15.32 5.21
N GLU A 15 -4.50 -15.28 5.84
CA GLU A 15 -5.64 -14.50 5.29
C GLU A 15 -5.19 -13.07 4.98
N GLN A 16 -4.59 -12.41 5.93
CA GLN A 16 -4.12 -11.01 5.70
C GLN A 16 -3.22 -10.95 4.47
N LYS A 17 -2.16 -11.71 4.46
CA LYS A 17 -1.23 -11.69 3.29
C LYS A 17 -2.02 -11.74 1.98
N ASN A 18 -2.97 -12.63 1.87
CA ASN A 18 -3.76 -12.75 0.62
C ASN A 18 -4.45 -11.43 0.28
N GLU A 19 -4.71 -10.61 1.27
CA GLU A 19 -5.40 -9.31 1.00
C GLU A 19 -4.42 -8.31 0.38
N PHE A 20 -3.31 -8.07 1.02
CA PHE A 20 -2.33 -7.09 0.47
C PHE A 20 -1.81 -7.56 -0.89
N LYS A 21 -1.52 -8.83 -1.03
CA LYS A 21 -1.02 -9.32 -2.34
C LYS A 21 -1.88 -8.76 -3.48
N ALA A 22 -3.11 -8.43 -3.21
CA ALA A 22 -3.99 -7.86 -4.28
C ALA A 22 -3.56 -6.44 -4.61
N ALA A 23 -3.74 -5.51 -3.70
CA ALA A 23 -3.35 -4.12 -3.97
C ALA A 23 -1.93 -4.07 -4.57
N PHE A 24 -0.98 -4.69 -3.91
CA PHE A 24 0.40 -4.68 -4.45
C PHE A 24 0.39 -4.95 -5.96
N ASP A 25 -0.28 -5.99 -6.37
CA ASP A 25 -0.35 -6.30 -7.83
C ASP A 25 -0.92 -5.10 -8.59
N ILE A 26 -2.01 -4.57 -8.12
CA ILE A 26 -2.63 -3.40 -8.82
C ILE A 26 -1.73 -2.17 -8.68
N PHE A 27 -1.15 -1.99 -7.52
CA PHE A 27 -0.26 -0.81 -7.31
C PHE A 27 0.86 -0.80 -8.35
N VAL A 28 1.10 -1.91 -8.98
CA VAL A 28 2.18 -1.97 -10.02
C VAL A 28 1.61 -2.40 -11.37
N LEU A 29 0.34 -2.18 -11.58
CA LEU A 29 -0.28 -2.58 -12.87
C LEU A 29 0.43 -1.86 -14.03
N GLY A 30 1.32 -2.54 -14.71
CA GLY A 30 2.03 -1.89 -15.84
C GLY A 30 3.53 -1.80 -15.51
N ALA A 31 3.88 -1.98 -14.27
CA ALA A 31 5.32 -1.90 -13.89
C ALA A 31 6.12 -2.97 -14.65
N GLU A 32 7.41 -2.82 -14.71
CA GLU A 32 8.24 -3.83 -15.43
C GLU A 32 9.06 -4.65 -14.44
N ASP A 33 9.06 -4.26 -13.19
CA ASP A 33 9.84 -5.02 -12.18
C ASP A 33 8.91 -5.60 -11.11
N GLY A 34 7.88 -4.89 -10.77
CA GLY A 34 6.93 -5.40 -9.73
C GLY A 34 6.92 -4.45 -8.54
N CYS A 35 7.48 -3.28 -8.69
CA CYS A 35 7.50 -2.31 -7.57
C CYS A 35 6.49 -1.18 -7.81
N ILE A 36 6.57 -0.11 -7.07
CA ILE A 36 5.62 1.01 -7.27
C ILE A 36 6.38 2.33 -7.41
N SER A 37 5.75 3.32 -7.99
CA SER A 37 6.43 4.64 -8.17
C SER A 37 5.37 5.73 -8.34
N THR A 38 4.29 5.61 -7.61
CA THR A 38 3.18 6.61 -7.71
C THR A 38 2.45 6.43 -9.03
N LYS A 39 3.16 6.48 -10.13
CA LYS A 39 2.48 6.30 -11.45
C LYS A 39 1.59 5.07 -11.39
N GLU A 40 2.07 4.01 -10.79
CA GLU A 40 1.24 2.76 -10.68
C GLU A 40 0.40 2.83 -9.40
N LEU A 41 0.83 3.61 -8.44
CA LEU A 41 0.06 3.72 -7.17
C LEU A 41 -1.11 4.69 -7.35
N GLY A 42 -0.85 5.86 -7.87
CA GLY A 42 -1.94 6.85 -8.06
C GLY A 42 -3.08 6.19 -8.84
N LYS A 43 -2.77 5.35 -9.80
CA LYS A 43 -3.84 4.68 -10.58
C LYS A 43 -4.90 4.10 -9.65
N VAL A 44 -4.50 3.67 -8.48
CA VAL A 44 -5.50 3.09 -7.53
C VAL A 44 -6.34 4.21 -6.91
N MET A 45 -5.73 5.34 -6.64
CA MET A 45 -6.50 6.46 -6.03
C MET A 45 -7.74 6.76 -6.89
N ARG A 46 -7.54 7.03 -8.14
CA ARG A 46 -8.70 7.32 -9.03
C ARG A 46 -9.79 6.25 -8.84
N MET A 47 -9.40 5.07 -8.44
CA MET A 47 -10.41 3.99 -8.23
C MET A 47 -11.17 4.21 -6.93
N LEU A 48 -10.52 4.77 -5.94
CA LEU A 48 -11.21 5.01 -4.64
C LEU A 48 -11.84 6.41 -4.62
N GLY A 49 -12.12 6.96 -5.76
CA GLY A 49 -12.75 8.31 -5.81
C GLY A 49 -11.78 9.37 -5.29
N GLN A 50 -10.51 9.19 -5.50
CA GLN A 50 -9.53 10.20 -5.02
C GLN A 50 -8.30 10.22 -5.93
N ASN A 51 -7.50 11.24 -5.84
CA ASN A 51 -6.28 11.31 -6.70
C ASN A 51 -5.32 12.37 -6.16
N PRO A 52 -4.33 11.91 -5.43
CA PRO A 52 -3.32 12.83 -4.86
C PRO A 52 -2.41 13.40 -5.95
N THR A 53 -2.13 14.68 -5.89
CA THR A 53 -1.26 15.29 -6.93
C THR A 53 0.07 14.52 -7.05
N PRO A 54 0.85 14.90 -8.02
CA PRO A 54 2.16 14.25 -8.25
C PRO A 54 3.16 14.64 -7.17
N GLU A 55 2.94 15.76 -6.53
CA GLU A 55 3.89 16.21 -5.46
C GLU A 55 3.60 15.45 -4.15
N GLU A 56 2.37 15.09 -3.93
CA GLU A 56 2.02 14.36 -2.67
C GLU A 56 2.18 12.85 -2.89
N LEU A 57 2.13 12.41 -4.11
CA LEU A 57 2.27 10.95 -4.39
C LEU A 57 3.59 10.44 -3.81
N GLN A 58 4.70 10.79 -4.40
CA GLN A 58 6.00 10.32 -3.88
C GLN A 58 6.04 10.43 -2.35
N GLU A 59 5.39 11.43 -1.81
CA GLU A 59 5.37 11.59 -0.33
C GLU A 59 4.76 10.34 0.33
N MET A 60 3.92 9.65 -0.38
CA MET A 60 3.29 8.43 0.19
C MET A 60 4.28 7.27 0.16
N ILE A 61 5.09 7.20 -0.87
CA ILE A 61 6.08 6.09 -0.97
C ILE A 61 7.26 6.36 -0.02
N ASP A 62 8.01 7.40 -0.29
CA ASP A 62 9.17 7.72 0.59
C ASP A 62 8.79 7.55 2.06
N GLU A 63 7.57 7.80 2.41
CA GLU A 63 7.14 7.65 3.83
C GLU A 63 7.53 6.27 4.36
N VAL A 64 7.33 5.25 3.58
CA VAL A 64 7.69 3.87 4.04
C VAL A 64 8.84 3.33 3.20
N ASP A 65 9.75 4.17 2.78
CA ASP A 65 10.90 3.69 1.96
C ASP A 65 12.21 3.80 2.74
N GLU A 66 12.65 2.73 3.33
CA GLU A 66 13.92 2.79 4.11
C GLU A 66 15.12 2.51 3.19
N ASP A 67 15.01 2.86 1.94
CA ASP A 67 16.14 2.62 0.99
C ASP A 67 16.53 3.92 0.30
N GLY A 68 15.57 4.76 -0.01
CA GLY A 68 15.87 6.04 -0.69
C GLY A 68 15.93 5.82 -2.20
N SER A 69 15.44 4.70 -2.66
CA SER A 69 15.46 4.42 -4.13
C SER A 69 14.35 5.21 -4.83
N GLY A 70 13.18 5.25 -4.25
CA GLY A 70 12.06 5.99 -4.88
C GLY A 70 10.94 5.02 -5.27
N THR A 71 11.16 3.75 -5.07
CA THR A 71 10.12 2.74 -5.42
C THR A 71 9.75 1.91 -4.19
N VAL A 72 8.53 1.43 -4.14
CA VAL A 72 8.11 0.61 -2.97
C VAL A 72 8.01 -0.88 -3.35
N ASP A 73 8.48 -1.74 -2.50
CA ASP A 73 8.41 -3.20 -2.81
C ASP A 73 7.38 -3.87 -1.89
N PHE A 74 7.17 -5.15 -2.05
CA PHE A 74 6.19 -5.84 -1.18
C PHE A 74 6.60 -5.72 0.29
N ASP A 75 7.80 -5.31 0.54
CA ASP A 75 8.27 -5.17 1.96
C ASP A 75 7.88 -3.82 2.52
N GLU A 76 8.19 -2.76 1.82
CA GLU A 76 7.83 -1.40 2.32
C GLU A 76 6.31 -1.20 2.30
N PHE A 77 5.63 -1.90 1.43
CA PHE A 77 4.15 -1.74 1.35
C PHE A 77 3.50 -2.26 2.64
N LEU A 78 4.06 -3.28 3.23
CA LEU A 78 3.47 -3.83 4.48
C LEU A 78 3.62 -2.83 5.63
N VAL A 79 4.56 -1.94 5.54
CA VAL A 79 4.76 -0.94 6.63
C VAL A 79 3.74 0.20 6.49
N MET A 80 3.41 0.56 5.29
CA MET A 80 2.42 1.67 5.10
C MET A 80 1.09 1.33 5.78
N MET A 81 0.78 0.06 5.90
CA MET A 81 -0.49 -0.34 6.55
C MET A 81 -0.31 -0.38 8.07
N VAL A 82 0.82 -0.84 8.53
CA VAL A 82 1.06 -0.91 10.00
C VAL A 82 0.93 0.49 10.63
N ARG A 83 1.61 1.45 10.08
CA ARG A 83 1.54 2.83 10.64
C ARG A 83 0.08 3.21 10.92
N CYS A 84 -0.75 3.26 9.92
CA CYS A 84 -2.18 3.62 10.13
C CYS A 84 -2.85 2.63 11.07
N MET A 85 -2.25 1.49 11.28
CA MET A 85 -2.86 0.47 12.18
C MET A 85 -2.45 0.75 13.64
N LYS A 86 -3.38 1.16 14.45
CA LYS A 86 -3.05 1.45 15.88
C LYS A 86 -4.32 1.42 16.73
N ASP A 87 -5.06 0.34 16.68
CA ASP A 87 -6.31 0.26 17.49
C ASP A 87 -6.62 -1.21 17.81
N ASP A 88 -5.92 -1.78 18.76
CA ASP A 88 -6.18 -3.21 19.11
C ASP A 88 -6.77 -3.29 20.53
N SER A 89 -8.03 -3.60 20.63
CA SER A 89 -8.66 -3.70 21.98
C SER A 89 -8.00 -4.82 22.79
N ARG B 1 -0.73 6.21 6.84
CA ARG B 1 -1.44 7.32 6.13
C ARG B 1 -2.68 6.78 5.39
N ILE B 2 -2.49 5.77 4.58
CA ILE B 2 -3.65 5.21 3.83
C ILE B 2 -4.36 4.15 4.70
N SER B 3 -5.61 4.36 5.00
CA SER B 3 -6.36 3.37 5.84
C SER B 3 -6.50 2.04 5.07
N ALA B 4 -7.13 1.07 5.67
CA ALA B 4 -7.30 -0.24 4.97
C ALA B 4 -8.75 -0.45 4.57
N ASP B 5 -9.65 0.36 5.08
CA ASP B 5 -11.09 0.20 4.72
C ASP B 5 -11.37 0.92 3.39
N ALA B 6 -10.74 2.04 3.18
CA ALA B 6 -10.98 2.79 1.91
C ALA B 6 -10.42 2.02 0.71
N MET B 7 -9.27 1.41 0.87
CA MET B 7 -8.67 0.64 -0.26
C MET B 7 -9.54 -0.56 -0.61
N MET B 8 -10.07 -1.24 0.38
CA MET B 8 -10.93 -2.42 0.08
C MET B 8 -12.34 -1.98 -0.29
N GLN B 9 -12.65 -0.72 -0.15
CA GLN B 9 -14.02 -0.23 -0.50
C GLN B 9 -14.13 -0.06 -2.02
N ALA B 10 -13.17 0.59 -2.63
CA ALA B 10 -13.24 0.80 -4.10
C ALA B 10 -12.78 -0.46 -4.84
N LEU B 11 -11.61 -0.94 -4.54
CA LEU B 11 -11.11 -2.17 -5.23
C LEU B 11 -10.61 -3.18 -4.20
N LEU B 12 -10.31 -4.38 -4.62
CA LEU B 12 -9.81 -5.40 -3.66
C LEU B 12 -10.91 -5.75 -2.65
N GLY B 13 -11.96 -6.37 -3.11
CA GLY B 13 -13.06 -6.74 -2.17
C GLY B 13 -14.39 -6.16 -2.70
N ALA B 14 -15.38 -7.00 -2.86
CA ALA B 14 -16.69 -6.49 -3.38
C ALA B 14 -16.49 -5.78 -4.72
N ARG B 15 -17.52 -5.16 -5.23
CA ARG B 15 -17.39 -4.45 -6.53
C ARG B 15 -17.33 -2.93 -6.29
N ALA B 16 -18.19 -2.42 -5.45
CA ALA B 16 -18.16 -0.95 -5.17
C ALA B 16 -19.22 -0.60 -4.12
N LYS B 17 -20.36 -1.24 -4.17
CA LYS B 17 -21.42 -0.93 -3.16
C LYS B 17 -21.84 -2.20 -2.43
CA CA C . 12.48 1.32 -1.67
N MET A 1 13.31 4.62 17.62
CA MET A 1 12.33 3.53 17.33
C MET A 1 12.16 2.62 18.54
N ASP A 2 11.39 1.58 18.41
CA ASP A 2 11.19 0.65 19.57
C ASP A 2 10.44 -0.61 19.10
N ASP A 3 10.88 -1.21 18.03
CA ASP A 3 10.20 -2.44 17.54
C ASP A 3 8.70 -2.20 17.41
N ILE A 4 8.27 -1.53 16.37
CA ILE A 4 6.82 -1.27 16.19
C ILE A 4 6.29 -2.05 14.98
N TYR A 5 6.75 -1.71 13.80
CA TYR A 5 6.27 -2.42 12.58
C TYR A 5 6.99 -3.76 12.45
N LYS A 6 8.30 -3.76 12.51
CA LYS A 6 9.05 -5.03 12.40
C LYS A 6 8.36 -6.12 13.24
N ALA A 7 7.75 -5.73 14.32
CA ALA A 7 7.06 -6.72 15.18
C ALA A 7 5.68 -7.05 14.60
N ALA A 8 5.03 -6.07 14.01
CA ALA A 8 3.69 -6.32 13.42
C ALA A 8 3.83 -7.04 12.07
N VAL A 9 4.81 -6.66 11.29
CA VAL A 9 5.01 -7.33 9.98
C VAL A 9 5.38 -8.80 10.18
N GLU A 10 6.33 -9.06 11.01
CA GLU A 10 6.76 -10.47 11.26
C GLU A 10 5.62 -11.27 11.90
N GLN A 11 4.62 -10.59 12.40
CA GLN A 11 3.48 -11.32 13.04
C GLN A 11 2.27 -11.36 12.10
N LEU A 12 2.21 -10.45 11.15
CA LEU A 12 1.05 -10.45 10.22
C LEU A 12 0.86 -11.85 9.61
N THR A 13 -0.22 -12.50 9.94
CA THR A 13 -0.46 -13.87 9.41
C THR A 13 -0.55 -13.83 7.87
N GLU A 14 -0.66 -14.97 7.25
CA GLU A 14 -0.75 -15.00 5.77
C GLU A 14 -2.10 -14.46 5.29
N GLU A 15 -3.14 -14.69 6.05
CA GLU A 15 -4.48 -14.18 5.65
C GLU A 15 -4.45 -12.66 5.52
N GLN A 16 -3.47 -12.02 6.10
CA GLN A 16 -3.38 -10.53 6.00
C GLN A 16 -2.73 -10.14 4.67
N LYS A 17 -1.47 -10.43 4.51
CA LYS A 17 -0.79 -10.07 3.22
C LYS A 17 -1.59 -10.62 2.03
N ASN A 18 -2.24 -11.73 2.20
CA ASN A 18 -3.03 -12.31 1.08
C ASN A 18 -4.13 -11.32 0.64
N GLU A 19 -4.80 -10.71 1.58
CA GLU A 19 -5.86 -9.73 1.21
C GLU A 19 -5.22 -8.47 0.62
N PHE A 20 -4.16 -8.00 1.23
CA PHE A 20 -3.48 -6.78 0.70
C PHE A 20 -2.81 -7.09 -0.64
N LYS A 21 -2.32 -8.28 -0.81
CA LYS A 21 -1.66 -8.63 -2.09
C LYS A 21 -2.50 -8.12 -3.26
N ALA A 22 -3.78 -8.36 -3.24
CA ALA A 22 -4.65 -7.87 -4.35
C ALA A 22 -4.30 -6.42 -4.67
N ALA A 23 -4.32 -5.57 -3.68
CA ALA A 23 -3.98 -4.13 -3.94
C ALA A 23 -2.55 -4.03 -4.48
N PHE A 24 -1.60 -4.60 -3.78
CA PHE A 24 -0.19 -4.54 -4.27
C PHE A 24 -0.14 -4.93 -5.75
N ASP A 25 -0.96 -5.87 -6.14
CA ASP A 25 -0.98 -6.30 -7.57
C ASP A 25 -1.56 -5.18 -8.44
N ILE A 26 -2.62 -4.58 -8.00
CA ILE A 26 -3.23 -3.47 -8.80
C ILE A 26 -2.36 -2.22 -8.69
N PHE A 27 -1.65 -2.07 -7.61
CA PHE A 27 -0.78 -0.87 -7.45
C PHE A 27 0.43 -0.95 -8.38
N VAL A 28 0.85 -2.14 -8.71
CA VAL A 28 2.03 -2.28 -9.62
C VAL A 28 1.56 -2.68 -11.02
N LEU A 29 0.28 -2.66 -11.25
CA LEU A 29 -0.24 -3.05 -12.60
C LEU A 29 0.60 -2.40 -13.70
N GLY A 30 1.48 -3.16 -14.31
CA GLY A 30 2.32 -2.58 -15.39
C GLY A 30 3.79 -2.54 -14.95
N ALA A 31 4.06 -2.87 -13.72
CA ALA A 31 5.47 -2.85 -13.22
C ALA A 31 6.27 -3.98 -13.87
N GLU A 32 7.56 -3.97 -13.71
CA GLU A 32 8.40 -5.05 -14.32
C GLU A 32 8.82 -6.05 -13.23
N ASP A 33 9.60 -5.61 -12.29
CA ASP A 33 10.05 -6.54 -11.20
C ASP A 33 8.93 -6.70 -10.17
N GLY A 34 8.10 -5.70 -10.02
CA GLY A 34 6.99 -5.81 -9.03
C GLY A 34 7.18 -4.75 -7.94
N CYS A 35 7.19 -3.50 -8.31
CA CYS A 35 7.36 -2.42 -7.29
C CYS A 35 6.41 -1.27 -7.59
N ILE A 36 6.49 -0.21 -6.85
CA ILE A 36 5.58 0.95 -7.08
C ILE A 36 6.38 2.25 -7.20
N SER A 37 5.85 3.22 -7.87
CA SER A 37 6.57 4.52 -8.03
C SER A 37 5.57 5.62 -8.35
N THR A 38 4.39 5.51 -7.82
CA THR A 38 3.30 6.50 -8.07
C THR A 38 2.68 6.27 -9.45
N LYS A 39 3.48 6.04 -10.45
CA LYS A 39 2.91 5.78 -11.81
C LYS A 39 1.90 4.65 -11.74
N GLU A 40 2.23 3.60 -11.02
CA GLU A 40 1.27 2.45 -10.89
C GLU A 40 0.42 2.65 -9.64
N LEU A 41 0.88 3.49 -8.75
CA LEU A 41 0.11 3.75 -7.49
C LEU A 41 -0.99 4.79 -7.75
N GLY A 42 -0.62 5.93 -8.27
CA GLY A 42 -1.65 6.99 -8.53
C GLY A 42 -2.86 6.36 -9.22
N LYS A 43 -2.64 5.45 -10.13
CA LYS A 43 -3.78 4.81 -10.84
C LYS A 43 -4.89 4.43 -9.84
N VAL A 44 -4.52 3.98 -8.67
CA VAL A 44 -5.55 3.60 -7.66
C VAL A 44 -6.18 4.85 -7.05
N MET A 45 -5.42 5.89 -6.87
CA MET A 45 -5.99 7.14 -6.28
C MET A 45 -7.20 7.59 -7.09
N ARG A 46 -7.01 7.97 -8.31
CA ARG A 46 -8.15 8.42 -9.16
C ARG A 46 -9.24 7.35 -9.17
N MET A 47 -8.89 6.13 -8.85
CA MET A 47 -9.90 5.03 -8.85
C MET A 47 -10.65 5.02 -7.52
N LEU A 48 -9.97 5.28 -6.43
CA LEU A 48 -10.65 5.28 -5.11
C LEU A 48 -11.61 6.47 -5.01
N GLY A 49 -11.51 7.40 -5.91
CA GLY A 49 -12.42 8.58 -5.87
C GLY A 49 -11.65 9.79 -5.36
N GLN A 50 -10.34 9.73 -5.38
CA GLN A 50 -9.53 10.88 -4.90
C GLN A 50 -8.31 11.08 -5.80
N ASN A 51 -7.74 12.26 -5.79
CA ASN A 51 -6.55 12.51 -6.65
C ASN A 51 -5.62 13.54 -6.00
N PRO A 52 -4.73 13.05 -5.18
CA PRO A 52 -3.76 13.93 -4.48
C PRO A 52 -2.73 14.48 -5.47
N THR A 53 -1.98 15.47 -5.06
CA THR A 53 -0.96 16.06 -5.97
C THR A 53 0.16 15.04 -6.24
N PRO A 54 0.98 15.35 -7.20
CA PRO A 54 2.11 14.45 -7.54
C PRO A 54 3.16 14.50 -6.44
N GLU A 55 3.16 15.53 -5.65
CA GLU A 55 4.16 15.64 -4.55
C GLU A 55 3.76 14.71 -3.40
N GLU A 56 2.49 14.66 -3.08
CA GLU A 56 2.03 13.78 -1.98
C GLU A 56 2.17 12.31 -2.39
N LEU A 57 2.11 12.04 -3.67
CA LEU A 57 2.24 10.63 -4.14
C LEU A 57 3.55 10.03 -3.63
N GLN A 58 4.66 10.63 -3.98
CA GLN A 58 5.97 10.10 -3.50
C GLN A 58 5.90 9.81 -2.00
N GLU A 59 5.30 10.70 -1.25
CA GLU A 59 5.19 10.49 0.22
C GLU A 59 4.67 9.08 0.50
N MET A 60 3.58 8.70 -0.13
CA MET A 60 3.03 7.34 0.10
C MET A 60 4.13 6.29 -0.02
N ILE A 61 5.07 6.51 -0.90
CA ILE A 61 6.17 5.52 -1.07
C ILE A 61 7.23 5.71 0.03
N ASP A 62 7.68 6.92 0.22
CA ASP A 62 8.71 7.16 1.27
C ASP A 62 8.13 6.86 2.66
N GLU A 63 6.85 7.05 2.84
CA GLU A 63 6.23 6.78 4.17
C GLU A 63 6.65 5.41 4.68
N VAL A 64 6.92 4.48 3.78
CA VAL A 64 7.33 3.11 4.23
C VAL A 64 8.69 2.75 3.62
N ASP A 65 9.30 3.66 2.93
CA ASP A 65 10.63 3.36 2.32
C ASP A 65 11.69 3.21 3.42
N GLU A 66 12.57 2.27 3.29
CA GLU A 66 13.63 2.07 4.34
C GLU A 66 15.02 2.02 3.68
N ASP A 67 15.12 2.46 2.46
CA ASP A 67 16.44 2.44 1.78
C ASP A 67 16.51 3.54 0.71
N GLY A 68 15.67 4.52 0.82
CA GLY A 68 15.68 5.63 -0.18
C GLY A 68 15.74 5.04 -1.59
N SER A 69 15.18 3.87 -1.77
CA SER A 69 15.21 3.24 -3.13
C SER A 69 14.32 4.03 -4.09
N GLY A 70 13.46 4.86 -3.57
CA GLY A 70 12.55 5.66 -4.46
C GLY A 70 11.35 4.81 -4.86
N THR A 71 11.35 3.55 -4.53
CA THR A 71 10.20 2.67 -4.89
C THR A 71 9.74 1.88 -3.67
N VAL A 72 8.59 1.27 -3.75
CA VAL A 72 8.08 0.49 -2.59
C VAL A 72 8.10 -1.02 -2.91
N ASP A 73 8.45 -1.83 -1.96
CA ASP A 73 8.49 -3.30 -2.21
C ASP A 73 7.47 -4.02 -1.33
N PHE A 74 6.98 -5.15 -1.77
CA PHE A 74 5.99 -5.90 -0.94
C PHE A 74 6.46 -5.94 0.52
N ASP A 75 7.74 -5.92 0.74
CA ASP A 75 8.25 -5.96 2.14
C ASP A 75 7.86 -4.67 2.87
N GLU A 76 8.14 -3.54 2.28
CA GLU A 76 7.79 -2.25 2.95
C GLU A 76 6.30 -1.96 2.74
N PHE A 77 5.82 -2.13 1.54
CA PHE A 77 4.37 -1.87 1.28
C PHE A 77 3.52 -2.46 2.41
N LEU A 78 3.80 -3.68 2.79
CA LEU A 78 3.00 -4.31 3.88
C LEU A 78 2.98 -3.40 5.11
N VAL A 79 4.02 -2.62 5.29
CA VAL A 79 4.07 -1.70 6.47
C VAL A 79 3.16 -0.49 6.23
N MET A 80 2.88 -0.18 5.00
CA MET A 80 2.00 0.99 4.69
C MET A 80 0.60 0.76 5.26
N MET A 81 0.18 -0.48 5.35
CA MET A 81 -1.18 -0.76 5.89
C MET A 81 -1.13 -0.86 7.41
N VAL A 82 -0.06 -1.38 7.94
CA VAL A 82 0.05 -1.50 9.43
C VAL A 82 -0.13 -0.12 10.07
N ARG A 83 0.53 0.87 9.55
CA ARG A 83 0.40 2.23 10.12
C ARG A 83 -1.08 2.59 10.31
N CYS A 84 -1.93 2.11 9.45
CA CYS A 84 -3.38 2.41 9.58
C CYS A 84 -4.10 1.28 10.33
N MET A 85 -3.54 0.84 11.42
CA MET A 85 -4.19 -0.26 12.19
C MET A 85 -5.04 0.32 13.32
N LYS A 86 -6.19 -0.26 13.57
CA LYS A 86 -7.06 0.26 14.66
C LYS A 86 -8.02 -0.83 15.15
N ASP A 87 -8.48 -0.74 16.36
CA ASP A 87 -9.42 -1.77 16.88
C ASP A 87 -10.83 -1.54 16.33
N ASP A 88 -11.45 -2.58 15.82
CA ASP A 88 -12.83 -2.41 15.27
C ASP A 88 -13.79 -3.38 15.96
N SER A 89 -15.03 -3.40 15.54
CA SER A 89 -16.01 -4.32 16.18
C SER A 89 -16.55 -5.32 15.16
N ARG B 1 -4.78 1.49 -1.01
CA ARG B 1 -4.81 0.71 0.25
C ARG B 1 -5.48 1.54 1.37
N ILE B 2 -4.97 2.71 1.62
CA ILE B 2 -5.57 3.56 2.69
C ILE B 2 -7.10 3.53 2.59
N SER B 3 -7.78 3.66 3.68
CA SER B 3 -9.28 3.64 3.65
C SER B 3 -9.77 2.29 3.11
N ALA B 4 -9.59 1.25 3.88
CA ALA B 4 -10.04 -0.10 3.42
C ALA B 4 -11.49 -0.04 2.94
N ASP B 5 -12.36 0.55 3.70
CA ASP B 5 -13.79 0.64 3.28
C ASP B 5 -13.90 1.16 1.85
N ALA B 6 -13.23 2.23 1.54
CA ALA B 6 -13.31 2.79 0.16
C ALA B 6 -12.32 2.09 -0.77
N MET B 7 -11.33 1.44 -0.23
CA MET B 7 -10.33 0.74 -1.10
C MET B 7 -11.02 -0.33 -1.94
N MET B 8 -11.82 -1.17 -1.33
CA MET B 8 -12.51 -2.24 -2.10
C MET B 8 -13.73 -1.67 -2.83
N GLN B 9 -14.06 -0.44 -2.58
CA GLN B 9 -15.24 0.16 -3.26
C GLN B 9 -14.90 0.54 -4.70
N ALA B 10 -13.76 1.14 -4.90
CA ALA B 10 -13.36 1.53 -6.28
C ALA B 10 -12.68 0.37 -7.01
N LEU B 11 -11.67 -0.19 -6.41
CA LEU B 11 -10.97 -1.34 -7.07
C LEU B 11 -10.99 -2.57 -6.16
N LEU B 12 -10.32 -3.62 -6.57
CA LEU B 12 -10.31 -4.86 -5.73
C LEU B 12 -11.74 -5.33 -5.45
N GLY B 13 -12.59 -5.26 -6.43
CA GLY B 13 -14.01 -5.70 -6.22
C GLY B 13 -14.87 -4.49 -5.85
N ALA B 14 -16.15 -4.69 -5.72
CA ALA B 14 -17.04 -3.55 -5.37
C ALA B 14 -17.98 -3.93 -4.22
N ARG B 15 -18.00 -5.18 -3.84
CA ARG B 15 -18.90 -5.61 -2.72
C ARG B 15 -18.24 -5.30 -1.37
N ALA B 16 -19.02 -4.89 -0.41
CA ALA B 16 -18.44 -4.58 0.93
C ALA B 16 -18.62 -5.76 1.87
N LYS B 17 -17.79 -6.77 1.74
CA LYS B 17 -17.92 -7.96 2.63
C LYS B 17 -19.23 -8.70 2.35
CA CA C . 11.91 1.07 -0.68
N MET A 1 10.50 7.41 15.74
CA MET A 1 11.37 6.46 14.99
C MET A 1 11.73 5.27 15.87
N ASP A 2 10.85 4.33 16.03
CA ASP A 2 11.16 3.13 16.87
C ASP A 2 10.56 1.88 16.25
N ASP A 3 11.39 0.89 15.99
CA ASP A 3 10.86 -0.37 15.39
C ASP A 3 9.56 -0.79 16.07
N ILE A 4 8.45 -0.65 15.40
CA ILE A 4 7.15 -1.03 16.03
C ILE A 4 6.24 -1.69 14.98
N TYR A 5 6.28 -1.22 13.77
CA TYR A 5 5.40 -1.82 12.72
C TYR A 5 6.08 -3.03 12.08
N LYS A 6 7.35 -2.92 11.78
CA LYS A 6 8.06 -4.08 11.15
C LYS A 6 7.83 -5.35 11.98
N ALA A 7 7.47 -5.20 13.22
CA ALA A 7 7.23 -6.40 14.07
C ALA A 7 5.96 -7.13 13.62
N ALA A 8 4.86 -6.42 13.53
CA ALA A 8 3.60 -7.06 13.10
C ALA A 8 3.77 -7.70 11.73
N VAL A 9 4.33 -6.98 10.80
CA VAL A 9 4.53 -7.55 9.43
C VAL A 9 5.20 -8.92 9.52
N GLU A 10 6.36 -8.99 10.12
CA GLU A 10 7.06 -10.30 10.24
C GLU A 10 6.15 -11.32 10.92
N GLN A 11 5.20 -10.87 11.69
CA GLN A 11 4.29 -11.82 12.38
C GLN A 11 2.89 -11.78 11.76
N LEU A 12 2.80 -11.40 10.51
CA LEU A 12 1.45 -11.34 9.86
C LEU A 12 0.86 -12.74 9.73
N THR A 13 -0.37 -12.84 9.29
CA THR A 13 -0.99 -14.19 9.15
C THR A 13 -1.13 -14.56 7.66
N GLU A 14 -0.95 -15.81 7.33
CA GLU A 14 -1.06 -16.23 5.91
C GLU A 14 -2.38 -15.72 5.32
N GLU A 15 -3.37 -15.52 6.14
CA GLU A 15 -4.68 -15.02 5.62
C GLU A 15 -4.60 -13.52 5.33
N GLN A 16 -3.96 -12.77 6.19
CA GLN A 16 -3.84 -11.31 5.96
C GLN A 16 -3.08 -11.04 4.67
N LYS A 17 -1.94 -11.63 4.50
CA LYS A 17 -1.15 -11.41 3.25
C LYS A 17 -2.07 -11.50 2.02
N ASN A 18 -2.92 -12.49 1.98
CA ASN A 18 -3.83 -12.63 0.81
C ASN A 18 -4.69 -11.37 0.67
N GLU A 19 -5.01 -10.73 1.77
CA GLU A 19 -5.84 -9.50 1.71
C GLU A 19 -5.02 -8.33 1.16
N PHE A 20 -3.78 -8.22 1.58
CA PHE A 20 -2.92 -7.11 1.08
C PHE A 20 -2.41 -7.41 -0.33
N LYS A 21 -2.03 -8.63 -0.58
CA LYS A 21 -1.53 -8.98 -1.94
C LYS A 21 -2.45 -8.41 -3.02
N ALA A 22 -3.71 -8.25 -2.70
CA ALA A 22 -4.67 -7.70 -3.71
C ALA A 22 -4.24 -6.28 -4.10
N ALA A 23 -4.33 -5.35 -3.18
CA ALA A 23 -3.93 -3.95 -3.51
C ALA A 23 -2.52 -3.92 -4.09
N PHE A 24 -1.65 -4.78 -3.61
CA PHE A 24 -0.26 -4.81 -4.13
C PHE A 24 -0.27 -5.11 -5.64
N ASP A 25 -1.04 -6.09 -6.05
CA ASP A 25 -1.11 -6.42 -7.50
C ASP A 25 -1.58 -5.20 -8.29
N ILE A 26 -2.61 -4.55 -7.84
CA ILE A 26 -3.12 -3.36 -8.56
C ILE A 26 -2.15 -2.19 -8.38
N PHE A 27 -1.53 -2.09 -7.23
CA PHE A 27 -0.57 -0.98 -6.99
C PHE A 27 0.53 -1.00 -8.05
N VAL A 28 0.88 -2.16 -8.54
CA VAL A 28 1.93 -2.25 -9.59
C VAL A 28 1.31 -2.70 -10.92
N LEU A 29 0.01 -2.66 -11.03
CA LEU A 29 -0.66 -3.08 -12.30
C LEU A 29 0.07 -2.47 -13.50
N GLY A 30 0.75 -1.37 -13.31
CA GLY A 30 1.47 -0.73 -14.43
C GLY A 30 2.98 -0.90 -14.22
N ALA A 31 3.39 -1.93 -13.54
CA ALA A 31 4.86 -2.13 -13.31
C ALA A 31 5.32 -3.43 -13.97
N GLU A 32 6.58 -3.50 -14.32
CA GLU A 32 7.09 -4.74 -14.97
C GLU A 32 8.12 -5.42 -14.07
N ASP A 33 8.25 -4.98 -12.84
CA ASP A 33 9.24 -5.59 -11.92
C ASP A 33 8.55 -6.03 -10.62
N GLY A 34 7.51 -5.35 -10.23
CA GLY A 34 6.79 -5.73 -8.97
C GLY A 34 7.04 -4.66 -7.91
N CYS A 35 7.14 -3.42 -8.32
CA CYS A 35 7.37 -2.32 -7.33
C CYS A 35 6.37 -1.19 -7.56
N ILE A 36 6.49 -0.13 -6.82
CA ILE A 36 5.55 1.01 -6.99
C ILE A 36 6.33 2.32 -7.16
N SER A 37 5.80 3.25 -7.90
CA SER A 37 6.51 4.55 -8.12
C SER A 37 5.51 5.64 -8.45
N THR A 38 4.40 5.64 -7.77
CA THR A 38 3.33 6.65 -8.02
C THR A 38 2.64 6.35 -9.35
N LYS A 39 3.37 6.31 -10.43
CA LYS A 39 2.74 5.99 -11.74
C LYS A 39 1.93 4.70 -11.59
N GLU A 40 2.37 3.82 -10.73
CA GLU A 40 1.63 2.55 -10.51
C GLU A 40 0.65 2.72 -9.34
N LEU A 41 1.06 3.41 -8.32
CA LEU A 41 0.17 3.62 -7.14
C LEU A 41 -0.90 4.67 -7.48
N GLY A 42 -0.52 5.77 -8.06
CA GLY A 42 -1.51 6.82 -8.40
C GLY A 42 -2.73 6.17 -9.07
N LYS A 43 -2.50 5.26 -9.98
CA LYS A 43 -3.65 4.58 -10.65
C LYS A 43 -4.70 4.16 -9.62
N VAL A 44 -4.28 3.85 -8.43
CA VAL A 44 -5.26 3.44 -7.38
C VAL A 44 -5.97 4.67 -6.82
N MET A 45 -5.31 5.79 -6.78
CA MET A 45 -5.95 7.02 -6.25
C MET A 45 -7.22 7.33 -7.03
N ARG A 46 -7.10 7.58 -8.31
CA ARG A 46 -8.30 7.89 -9.14
C ARG A 46 -9.35 6.80 -8.93
N MET A 47 -8.93 5.60 -8.65
CA MET A 47 -9.90 4.49 -8.43
C MET A 47 -10.47 4.56 -7.01
N LEU A 48 -9.72 5.13 -6.09
CA LEU A 48 -10.22 5.24 -4.69
C LEU A 48 -11.22 6.38 -4.57
N GLY A 49 -11.22 7.29 -5.50
CA GLY A 49 -12.17 8.42 -5.44
C GLY A 49 -11.40 9.73 -5.23
N GLN A 50 -10.10 9.68 -5.41
CA GLN A 50 -9.29 10.92 -5.23
C GLN A 50 -8.06 10.87 -6.15
N ASN A 51 -7.21 11.87 -6.08
CA ASN A 51 -6.01 11.88 -6.96
C ASN A 51 -5.03 12.97 -6.50
N PRO A 52 -4.07 12.57 -5.72
CA PRO A 52 -3.06 13.52 -5.21
C PRO A 52 -2.06 13.90 -6.31
N THR A 53 -1.62 15.12 -6.34
CA THR A 53 -0.64 15.55 -7.39
C THR A 53 0.58 14.62 -7.38
N PRO A 54 1.46 14.85 -8.30
CA PRO A 54 2.70 14.04 -8.40
C PRO A 54 3.65 14.36 -7.25
N GLU A 55 3.61 15.56 -6.76
CA GLU A 55 4.52 15.94 -5.64
C GLU A 55 3.99 15.37 -4.32
N GLU A 56 2.72 15.08 -4.27
CA GLU A 56 2.14 14.51 -3.01
C GLU A 56 2.24 12.98 -3.03
N LEU A 57 2.62 12.42 -4.15
CA LEU A 57 2.73 10.93 -4.22
C LEU A 57 4.08 10.47 -3.65
N GLN A 58 5.16 10.93 -4.22
CA GLN A 58 6.50 10.51 -3.71
C GLN A 58 6.53 10.56 -2.19
N GLU A 59 5.74 11.42 -1.59
CA GLU A 59 5.73 11.50 -0.10
C GLU A 59 5.15 10.22 0.51
N MET A 60 4.13 9.68 -0.10
CA MET A 60 3.52 8.43 0.45
C MET A 60 4.52 7.28 0.40
N ILE A 61 5.21 7.11 -0.69
CA ILE A 61 6.21 6.01 -0.80
C ILE A 61 7.33 6.21 0.23
N ASP A 62 7.83 7.41 0.34
CA ASP A 62 8.92 7.66 1.33
C ASP A 62 8.42 7.44 2.76
N GLU A 63 7.15 7.67 3.00
CA GLU A 63 6.60 7.46 4.36
C GLU A 63 6.84 6.01 4.82
N VAL A 64 7.05 5.12 3.90
CA VAL A 64 7.28 3.70 4.28
C VAL A 64 8.52 3.15 3.55
N ASP A 65 9.45 4.02 3.23
CA ASP A 65 10.68 3.55 2.53
C ASP A 65 11.91 3.81 3.39
N GLU A 66 12.59 2.77 3.80
CA GLU A 66 13.80 2.96 4.65
C GLU A 66 15.04 2.39 3.94
N ASP A 67 15.33 2.86 2.76
CA ASP A 67 16.51 2.35 2.02
C ASP A 67 17.14 3.47 1.17
N GLY A 68 16.33 4.34 0.62
CA GLY A 68 16.88 5.44 -0.22
C GLY A 68 16.59 5.15 -1.68
N SER A 69 15.48 4.51 -1.97
CA SER A 69 15.14 4.19 -3.39
C SER A 69 14.10 5.18 -3.91
N GLY A 70 12.88 5.07 -3.43
CA GLY A 70 11.82 6.00 -3.90
C GLY A 70 10.57 5.19 -4.28
N THR A 71 10.68 3.89 -4.30
CA THR A 71 9.50 3.05 -4.65
C THR A 71 9.07 2.23 -3.44
N VAL A 72 8.17 1.29 -3.63
CA VAL A 72 7.72 0.45 -2.49
C VAL A 72 7.57 -1.01 -2.94
N ASP A 73 7.70 -1.93 -2.01
CA ASP A 73 7.56 -3.37 -2.38
C ASP A 73 6.67 -4.08 -1.36
N PHE A 74 6.32 -5.31 -1.63
CA PHE A 74 5.44 -6.07 -0.69
C PHE A 74 6.02 -6.01 0.73
N ASP A 75 7.29 -5.72 0.84
CA ASP A 75 7.91 -5.65 2.20
C ASP A 75 7.64 -4.30 2.85
N GLU A 76 7.77 -3.23 2.11
CA GLU A 76 7.52 -1.87 2.69
C GLU A 76 6.03 -1.52 2.60
N PHE A 77 5.36 -2.01 1.60
CA PHE A 77 3.90 -1.70 1.46
C PHE A 77 3.14 -2.20 2.69
N LEU A 78 3.58 -3.27 3.28
CA LEU A 78 2.87 -3.81 4.49
C LEU A 78 2.88 -2.78 5.62
N VAL A 79 4.02 -2.21 5.90
CA VAL A 79 4.10 -1.20 7.00
C VAL A 79 3.19 0.00 6.67
N MET A 80 2.84 0.16 5.44
CA MET A 80 1.96 1.31 5.06
C MET A 80 0.52 1.04 5.51
N MET A 81 0.21 -0.18 5.83
CA MET A 81 -1.18 -0.50 6.28
C MET A 81 -1.22 -0.74 7.79
N VAL A 82 -0.22 -1.39 8.33
CA VAL A 82 -0.21 -1.65 9.80
C VAL A 82 -0.35 -0.34 10.55
N ARG A 83 0.21 0.72 10.04
CA ARG A 83 0.11 2.04 10.73
C ARG A 83 -1.35 2.42 10.93
N CYS A 84 -2.24 1.84 10.17
CA CYS A 84 -3.68 2.18 10.30
C CYS A 84 -4.43 1.05 11.02
N MET A 85 -3.77 -0.03 11.33
CA MET A 85 -4.45 -1.15 12.03
C MET A 85 -4.87 -0.72 13.44
N LYS A 86 -5.10 -1.66 14.32
CA LYS A 86 -5.52 -1.31 15.70
C LYS A 86 -5.64 -2.57 16.56
N ASP A 87 -4.73 -2.77 17.48
CA ASP A 87 -4.79 -3.98 18.34
C ASP A 87 -6.07 -3.98 19.18
N ASP A 88 -6.94 -4.91 18.96
CA ASP A 88 -8.21 -4.96 19.74
C ASP A 88 -9.07 -6.14 19.30
N SER A 89 -9.95 -6.60 20.14
CA SER A 89 -10.82 -7.76 19.77
C SER A 89 -12.02 -7.27 18.96
N ARG B 1 -1.55 9.82 2.87
CA ARG B 1 -2.84 10.01 3.61
C ARG B 1 -3.93 9.10 3.02
N ILE B 2 -3.63 7.85 2.82
CA ILE B 2 -4.65 6.92 2.25
C ILE B 2 -5.30 6.09 3.37
N SER B 3 -6.34 5.36 3.06
CA SER B 3 -7.00 4.54 4.10
C SER B 3 -6.95 3.06 3.72
N ALA B 4 -7.46 2.20 4.56
CA ALA B 4 -7.43 0.74 4.25
C ALA B 4 -8.85 0.24 3.96
N ASP B 5 -9.82 0.76 4.67
CA ASP B 5 -11.22 0.31 4.45
C ASP B 5 -11.76 0.86 3.12
N ALA B 6 -11.26 2.00 2.71
CA ALA B 6 -11.75 2.60 1.43
C ALA B 6 -10.98 2.00 0.24
N MET B 7 -9.90 1.31 0.50
CA MET B 7 -9.13 0.71 -0.63
C MET B 7 -9.71 -0.65 -1.01
N MET B 8 -10.50 -1.22 -0.15
CA MET B 8 -11.10 -2.56 -0.45
C MET B 8 -12.29 -2.40 -1.38
N GLN B 9 -13.22 -1.55 -1.05
CA GLN B 9 -14.41 -1.35 -1.92
C GLN B 9 -14.11 -0.33 -3.03
N ALA B 10 -12.95 0.27 -2.99
CA ALA B 10 -12.61 1.27 -4.05
C ALA B 10 -12.18 0.57 -5.34
N LEU B 11 -11.22 -0.29 -5.27
CA LEU B 11 -10.76 -1.01 -6.50
C LEU B 11 -10.26 -2.41 -6.15
N LEU B 12 -10.64 -2.93 -5.03
CA LEU B 12 -10.18 -4.29 -4.63
C LEU B 12 -11.36 -5.26 -4.57
N GLY B 13 -11.20 -6.43 -5.10
CA GLY B 13 -12.31 -7.43 -5.07
C GLY B 13 -11.91 -8.66 -5.86
N ALA B 14 -12.84 -9.54 -6.14
CA ALA B 14 -12.51 -10.77 -6.91
C ALA B 14 -13.72 -11.23 -7.72
N ARG B 15 -13.50 -11.84 -8.86
CA ARG B 15 -14.63 -12.31 -9.69
C ARG B 15 -14.19 -13.48 -10.57
N ALA B 16 -13.24 -14.26 -10.12
CA ALA B 16 -12.77 -15.41 -10.94
C ALA B 16 -12.55 -16.63 -10.03
N LYS B 17 -12.06 -16.41 -8.84
CA LYS B 17 -11.81 -17.55 -7.91
C LYS B 17 -13.15 -18.12 -7.41
CA CA C . 11.78 1.46 -0.99
N MET A 1 11.16 2.84 16.16
CA MET A 1 11.00 3.36 14.77
C MET A 1 11.86 2.54 13.80
N ASP A 2 12.87 1.89 14.31
CA ASP A 2 13.75 1.08 13.42
C ASP A 2 13.62 -0.41 13.78
N ASP A 3 13.39 -1.24 12.80
CA ASP A 3 13.26 -2.70 13.09
C ASP A 3 12.16 -2.94 14.11
N ILE A 4 11.12 -2.14 14.08
CA ILE A 4 10.01 -2.32 15.05
C ILE A 4 8.71 -2.69 14.32
N TYR A 5 8.65 -2.44 13.04
CA TYR A 5 7.42 -2.78 12.27
C TYR A 5 7.52 -4.21 11.73
N LYS A 6 8.67 -4.61 11.29
CA LYS A 6 8.83 -5.99 10.74
C LYS A 6 8.23 -7.00 11.72
N ALA A 7 8.11 -6.64 12.97
CA ALA A 7 7.53 -7.58 13.97
C ALA A 7 6.00 -7.58 13.87
N ALA A 8 5.41 -6.44 13.62
CA ALA A 8 3.92 -6.39 13.51
C ALA A 8 3.46 -7.15 12.27
N VAL A 9 4.33 -7.32 11.30
CA VAL A 9 3.93 -8.05 10.07
C VAL A 9 3.77 -9.54 10.36
N GLU A 10 4.73 -10.14 11.01
CA GLU A 10 4.64 -11.60 11.32
C GLU A 10 3.44 -11.85 12.24
N GLN A 11 2.85 -10.83 12.78
CA GLN A 11 1.69 -11.02 13.69
C GLN A 11 0.38 -11.00 12.89
N LEU A 12 0.47 -10.88 11.59
CA LEU A 12 -0.77 -10.85 10.76
C LEU A 12 -1.42 -12.24 10.75
N THR A 13 -1.98 -12.62 9.63
CA THR A 13 -2.62 -13.97 9.56
C THR A 13 -2.49 -14.53 8.14
N GLU A 14 -2.90 -15.75 7.94
CA GLU A 14 -2.78 -16.36 6.58
C GLU A 14 -3.66 -15.59 5.59
N GLU A 15 -4.89 -15.36 5.94
CA GLU A 15 -5.79 -14.61 5.01
C GLU A 15 -5.37 -13.15 4.90
N GLN A 16 -5.10 -12.53 6.02
CA GLN A 16 -4.67 -11.10 5.99
C GLN A 16 -3.45 -10.93 5.09
N LYS A 17 -2.45 -11.76 5.26
CA LYS A 17 -1.22 -11.64 4.42
C LYS A 17 -1.61 -11.61 2.93
N ASN A 18 -2.28 -12.62 2.47
CA ASN A 18 -2.68 -12.66 1.03
C ASN A 18 -3.51 -11.41 0.68
N GLU A 19 -4.11 -10.79 1.66
CA GLU A 19 -4.93 -9.58 1.39
C GLU A 19 -4.03 -8.43 0.90
N PHE A 20 -2.92 -8.23 1.55
CA PHE A 20 -2.01 -7.12 1.13
C PHE A 20 -1.56 -7.32 -0.32
N LYS A 21 -1.10 -8.49 -0.65
CA LYS A 21 -0.65 -8.75 -2.05
C LYS A 21 -1.64 -8.13 -3.04
N ALA A 22 -2.91 -8.21 -2.76
CA ALA A 22 -3.93 -7.64 -3.69
C ALA A 22 -3.59 -6.17 -4.00
N ALA A 23 -3.64 -5.32 -3.02
CA ALA A 23 -3.32 -3.89 -3.27
C ALA A 23 -1.94 -3.76 -3.90
N PHE A 24 -1.02 -4.61 -3.51
CA PHE A 24 0.35 -4.54 -4.09
C PHE A 24 0.29 -4.87 -5.59
N ASP A 25 -0.50 -5.84 -5.96
CA ASP A 25 -0.60 -6.19 -7.41
C ASP A 25 -1.04 -4.96 -8.21
N ILE A 26 -1.99 -4.23 -7.70
CA ILE A 26 -2.47 -3.01 -8.42
C ILE A 26 -1.45 -1.88 -8.29
N PHE A 27 -0.79 -1.80 -7.16
CA PHE A 27 0.22 -0.72 -6.96
C PHE A 27 1.29 -0.76 -8.06
N VAL A 28 1.43 -1.87 -8.74
CA VAL A 28 2.46 -1.96 -9.81
C VAL A 28 1.80 -2.28 -11.17
N LEU A 29 0.50 -2.21 -11.24
CA LEU A 29 -0.19 -2.51 -12.52
C LEU A 29 0.49 -1.79 -13.68
N GLY A 30 1.42 -2.44 -14.34
CA GLY A 30 2.12 -1.79 -15.49
C GLY A 30 3.62 -1.73 -15.20
N ALA A 31 4.05 -2.26 -14.08
CA ALA A 31 5.51 -2.22 -13.76
C ALA A 31 6.24 -3.37 -14.46
N GLU A 32 7.54 -3.37 -14.39
CA GLU A 32 8.31 -4.46 -15.05
C GLU A 32 9.06 -5.29 -14.02
N ASP A 33 9.73 -4.65 -13.09
CA ASP A 33 10.47 -5.40 -12.05
C ASP A 33 9.54 -5.78 -10.89
N GLY A 34 8.53 -4.99 -10.65
CA GLY A 34 7.59 -5.30 -9.53
C GLY A 34 7.68 -4.23 -8.46
N CYS A 35 7.88 -3.00 -8.85
CA CYS A 35 7.98 -1.90 -7.86
C CYS A 35 6.80 -0.94 -8.02
N ILE A 36 6.70 0.05 -7.17
CA ILE A 36 5.56 1.01 -7.30
C ILE A 36 6.07 2.44 -7.41
N SER A 37 5.29 3.29 -8.00
CA SER A 37 5.69 4.73 -8.14
C SER A 37 4.45 5.58 -8.35
N THR A 38 4.55 6.87 -8.17
CA THR A 38 3.35 7.73 -8.38
C THR A 38 2.63 7.31 -9.65
N LYS A 39 3.35 6.73 -10.59
CA LYS A 39 2.70 6.28 -11.86
C LYS A 39 1.90 5.01 -11.60
N GLU A 40 2.38 4.12 -10.78
CA GLU A 40 1.61 2.88 -10.47
C GLU A 40 0.77 3.10 -9.22
N LEU A 41 1.27 3.87 -8.30
CA LEU A 41 0.51 4.15 -7.06
C LEU A 41 -0.61 5.14 -7.36
N GLY A 42 -0.28 6.31 -7.83
CA GLY A 42 -1.33 7.32 -8.14
C GLY A 42 -2.44 6.64 -8.95
N LYS A 43 -2.09 5.67 -9.74
CA LYS A 43 -3.13 4.97 -10.56
C LYS A 43 -4.22 4.41 -9.65
N VAL A 44 -3.89 4.16 -8.41
CA VAL A 44 -4.91 3.62 -7.45
C VAL A 44 -5.72 4.77 -6.86
N MET A 45 -5.10 5.89 -6.62
CA MET A 45 -5.82 7.05 -6.04
C MET A 45 -7.13 7.28 -6.79
N ARG A 46 -7.06 7.56 -8.06
CA ARG A 46 -8.31 7.81 -8.84
C ARG A 46 -9.34 6.74 -8.48
N MET A 47 -8.91 5.53 -8.27
CA MET A 47 -9.87 4.45 -7.90
C MET A 47 -10.23 4.56 -6.42
N LEU A 48 -9.32 5.06 -5.63
CA LEU A 48 -9.61 5.21 -4.17
C LEU A 48 -10.74 6.23 -3.96
N GLY A 49 -11.06 6.98 -4.98
CA GLY A 49 -12.16 7.98 -4.85
C GLY A 49 -11.56 9.39 -4.87
N GLN A 50 -10.31 9.52 -5.18
CA GLN A 50 -9.68 10.88 -5.21
C GLN A 50 -8.67 10.98 -6.35
N ASN A 51 -8.22 12.17 -6.65
CA ASN A 51 -7.23 12.33 -7.75
C ASN A 51 -6.19 13.40 -7.37
N PRO A 52 -5.38 13.06 -6.40
CA PRO A 52 -4.32 13.99 -5.94
C PRO A 52 -3.19 14.07 -6.97
N THR A 53 -2.56 15.20 -7.09
CA THR A 53 -1.45 15.33 -8.07
C THR A 53 -0.44 14.20 -7.87
N PRO A 54 0.50 14.13 -8.78
CA PRO A 54 1.54 13.08 -8.71
C PRO A 54 2.54 13.40 -7.59
N GLU A 55 2.76 14.65 -7.31
CA GLU A 55 3.70 15.02 -6.22
C GLU A 55 3.01 14.95 -4.86
N GLU A 56 1.70 14.98 -4.85
CA GLU A 56 0.96 14.92 -3.56
C GLU A 56 0.91 13.48 -3.05
N LEU A 57 0.49 12.55 -3.87
CA LEU A 57 0.41 11.13 -3.43
C LEU A 57 1.82 10.52 -3.33
N GLN A 58 2.82 11.24 -3.76
CA GLN A 58 4.21 10.71 -3.68
C GLN A 58 4.59 10.48 -2.21
N GLU A 59 4.05 11.25 -1.33
CA GLU A 59 4.38 11.09 0.12
C GLU A 59 4.28 9.61 0.53
N MET A 60 3.21 8.96 0.17
CA MET A 60 3.05 7.53 0.55
C MET A 60 4.27 6.72 0.07
N ILE A 61 4.78 7.04 -1.09
CA ILE A 61 5.97 6.29 -1.60
C ILE A 61 7.21 6.66 -0.79
N ASP A 62 7.28 7.86 -0.30
CA ASP A 62 8.47 8.28 0.50
C ASP A 62 8.29 7.89 1.97
N GLU A 63 7.08 7.93 2.46
CA GLU A 63 6.84 7.56 3.88
C GLU A 63 7.48 6.20 4.20
N VAL A 64 7.63 5.37 3.21
CA VAL A 64 8.24 4.03 3.46
C VAL A 64 9.37 3.76 2.45
N ASP A 65 10.11 4.76 2.10
CA ASP A 65 11.23 4.56 1.13
C ASP A 65 12.56 5.01 1.74
N GLU A 66 13.22 4.14 2.45
CA GLU A 66 14.52 4.52 3.07
C GLU A 66 15.67 4.23 2.10
N ASP A 67 15.40 4.26 0.83
CA ASP A 67 16.47 3.97 -0.17
C ASP A 67 16.60 5.13 -1.16
N GLY A 68 15.55 5.90 -1.32
CA GLY A 68 15.61 7.05 -2.27
C GLY A 68 15.34 6.55 -3.69
N SER A 69 14.88 5.33 -3.82
CA SER A 69 14.59 4.77 -5.17
C SER A 69 13.28 5.37 -5.72
N GLY A 70 12.60 6.14 -4.93
CA GLY A 70 11.32 6.75 -5.40
C GLY A 70 10.31 5.64 -5.71
N THR A 71 10.55 4.45 -5.21
CA THR A 71 9.61 3.33 -5.49
C THR A 71 9.38 2.50 -4.23
N VAL A 72 8.39 1.65 -4.24
CA VAL A 72 8.11 0.81 -3.04
C VAL A 72 8.12 -0.68 -3.42
N ASP A 73 8.60 -1.52 -2.53
CA ASP A 73 8.64 -2.98 -2.85
C ASP A 73 7.72 -3.75 -1.89
N PHE A 74 7.66 -5.05 -2.04
CA PHE A 74 6.78 -5.86 -1.13
C PHE A 74 7.27 -5.74 0.30
N ASP A 75 8.45 -5.22 0.51
CA ASP A 75 8.97 -5.09 1.90
C ASP A 75 8.60 -3.72 2.48
N GLU A 76 8.58 -2.70 1.66
CA GLU A 76 8.22 -1.34 2.17
C GLU A 76 6.69 -1.20 2.23
N PHE A 77 5.99 -1.96 1.44
CA PHE A 77 4.50 -1.87 1.45
C PHE A 77 3.94 -2.49 2.75
N LEU A 78 4.31 -3.70 3.05
CA LEU A 78 3.81 -4.35 4.28
C LEU A 78 3.89 -3.35 5.45
N VAL A 79 4.91 -2.54 5.47
CA VAL A 79 5.03 -1.54 6.57
C VAL A 79 4.03 -0.41 6.37
N MET A 80 4.07 0.24 5.24
CA MET A 80 3.11 1.35 4.98
C MET A 80 1.69 0.92 5.36
N MET A 81 1.37 -0.33 5.16
CA MET A 81 -0.01 -0.80 5.52
C MET A 81 -0.14 -0.88 7.04
N VAL A 82 0.83 -1.45 7.71
CA VAL A 82 0.76 -1.55 9.19
C VAL A 82 0.48 -0.17 9.78
N ARG A 83 1.11 0.85 9.26
CA ARG A 83 0.89 2.22 9.79
C ARG A 83 -0.60 2.55 9.82
N CYS A 84 -1.35 2.00 8.89
CA CYS A 84 -2.82 2.28 8.85
C CYS A 84 -3.61 1.00 9.17
N MET A 85 -3.37 0.42 10.32
CA MET A 85 -4.12 -0.82 10.68
C MET A 85 -5.47 -0.45 11.27
N LYS A 86 -6.16 -1.40 11.85
CA LYS A 86 -7.49 -1.09 12.45
C LYS A 86 -7.31 -0.17 13.66
N ASP A 87 -6.86 1.04 13.44
CA ASP A 87 -6.65 1.99 14.57
C ASP A 87 -7.99 2.28 15.26
N ASP A 88 -7.94 2.85 16.44
CA ASP A 88 -9.20 3.17 17.16
C ASP A 88 -9.11 4.56 17.78
N SER A 89 -7.98 4.90 18.35
CA SER A 89 -7.84 6.24 18.97
C SER A 89 -7.00 7.16 18.08
N ARG B 1 -3.54 11.38 3.81
CA ARG B 1 -3.71 10.11 4.55
C ARG B 1 -4.68 9.19 3.80
N ILE B 2 -4.17 8.13 3.23
CA ILE B 2 -5.06 7.19 2.47
C ILE B 2 -5.80 6.26 3.45
N SER B 3 -7.04 5.99 3.19
CA SER B 3 -7.81 5.08 4.10
C SER B 3 -7.33 3.64 3.94
N ALA B 4 -7.90 2.74 4.70
CA ALA B 4 -7.48 1.31 4.60
C ALA B 4 -8.67 0.43 4.24
N ASP B 5 -9.86 0.86 4.54
CA ASP B 5 -11.06 0.05 4.21
C ASP B 5 -11.49 0.28 2.76
N ALA B 6 -11.63 1.52 2.36
CA ALA B 6 -12.05 1.81 0.97
C ALA B 6 -10.95 1.40 -0.01
N MET B 7 -9.70 1.50 0.39
CA MET B 7 -8.59 1.11 -0.51
C MET B 7 -8.85 -0.28 -1.10
N MET B 8 -9.45 -1.15 -0.34
CA MET B 8 -9.73 -2.53 -0.86
C MET B 8 -10.99 -2.52 -1.72
N GLN B 9 -11.98 -1.78 -1.31
CA GLN B 9 -13.25 -1.72 -2.08
C GLN B 9 -13.13 -0.69 -3.21
N ALA B 10 -12.04 0.03 -3.27
CA ALA B 10 -11.87 1.05 -4.34
C ALA B 10 -11.38 0.39 -5.63
N LEU B 11 -10.43 -0.50 -5.54
CA LEU B 11 -9.91 -1.15 -6.78
C LEU B 11 -9.52 -2.61 -6.49
N LEU B 12 -9.88 -3.12 -5.36
CA LEU B 12 -9.52 -4.53 -5.03
C LEU B 12 -10.78 -5.36 -4.79
N GLY B 13 -11.23 -6.06 -5.80
CA GLY B 13 -12.45 -6.89 -5.64
C GLY B 13 -12.08 -8.23 -5.00
N ALA B 14 -12.65 -8.54 -3.87
CA ALA B 14 -12.33 -9.83 -3.20
C ALA B 14 -12.89 -11.01 -3.99
N ARG B 15 -13.63 -10.74 -5.03
CA ARG B 15 -14.20 -11.85 -5.84
C ARG B 15 -13.18 -12.36 -6.85
N ALA B 16 -13.40 -13.53 -7.40
CA ALA B 16 -12.43 -14.09 -8.39
C ALA B 16 -12.67 -13.47 -9.78
N LYS B 17 -11.63 -13.03 -10.42
CA LYS B 17 -11.79 -12.43 -11.77
C LYS B 17 -10.45 -12.41 -12.51
CA CA C . 12.19 2.76 -1.56
N MET A 1 10.71 6.08 19.00
CA MET A 1 11.08 4.71 19.46
C MET A 1 11.49 3.85 18.27
N ASP A 2 12.07 2.71 18.52
CA ASP A 2 12.50 1.82 17.40
C ASP A 2 11.77 0.47 17.49
N ASP A 3 11.87 -0.33 16.46
CA ASP A 3 11.20 -1.66 16.47
C ASP A 3 9.69 -1.48 16.67
N ILE A 4 9.04 -0.80 15.77
CA ILE A 4 7.56 -0.60 15.90
C ILE A 4 6.86 -1.10 14.64
N TYR A 5 7.60 -1.56 13.67
CA TYR A 5 6.97 -2.06 12.42
C TYR A 5 7.18 -3.58 12.30
N LYS A 6 8.41 -4.00 12.22
CA LYS A 6 8.69 -5.46 12.09
C LYS A 6 7.80 -6.26 13.05
N ALA A 7 7.39 -5.66 14.13
CA ALA A 7 6.53 -6.39 15.10
C ALA A 7 5.11 -6.53 14.54
N ALA A 8 4.53 -5.44 14.11
CA ALA A 8 3.14 -5.50 13.56
C ALA A 8 3.09 -6.47 12.37
N VAL A 9 4.13 -6.51 11.58
CA VAL A 9 4.14 -7.43 10.41
C VAL A 9 4.00 -8.88 10.88
N GLU A 10 4.83 -9.31 11.78
CA GLU A 10 4.75 -10.71 12.29
C GLU A 10 3.34 -11.00 12.81
N GLN A 11 2.60 -9.98 13.14
CA GLN A 11 1.21 -10.21 13.65
C GLN A 11 0.24 -10.39 12.48
N LEU A 12 0.68 -10.10 11.28
CA LEU A 12 -0.23 -10.26 10.11
C LEU A 12 -0.84 -11.66 10.10
N THR A 13 -2.05 -11.79 9.62
CA THR A 13 -2.70 -13.12 9.58
C THR A 13 -2.47 -13.78 8.21
N GLU A 14 -2.23 -15.07 8.20
CA GLU A 14 -2.00 -15.76 6.90
C GLU A 14 -3.00 -15.29 5.86
N GLU A 15 -4.24 -15.13 6.23
CA GLU A 15 -5.26 -14.67 5.25
C GLU A 15 -5.00 -13.20 4.86
N GLN A 16 -4.63 -12.39 5.81
CA GLN A 16 -4.34 -10.97 5.50
C GLN A 16 -3.14 -10.86 4.55
N LYS A 17 -2.15 -11.67 4.75
CA LYS A 17 -0.96 -11.61 3.85
C LYS A 17 -1.39 -11.62 2.38
N ASN A 18 -2.41 -12.39 2.06
CA ASN A 18 -2.88 -12.44 0.65
C ASN A 18 -3.68 -11.17 0.32
N GLU A 19 -3.84 -10.30 1.27
CA GLU A 19 -4.61 -9.05 1.00
C GLU A 19 -3.68 -7.94 0.49
N PHE A 20 -2.63 -7.65 1.21
CA PHE A 20 -1.70 -6.57 0.75
C PHE A 20 -1.07 -6.95 -0.59
N LYS A 21 -0.82 -8.21 -0.81
CA LYS A 21 -0.21 -8.64 -2.10
C LYS A 21 -1.18 -8.33 -3.26
N ALA A 22 -2.42 -8.11 -2.95
CA ALA A 22 -3.42 -7.81 -4.02
C ALA A 22 -3.29 -6.35 -4.45
N ALA A 23 -3.42 -5.43 -3.52
CA ALA A 23 -3.30 -3.99 -3.89
C ALA A 23 -2.00 -3.74 -4.65
N PHE A 24 -0.91 -4.26 -4.15
CA PHE A 24 0.40 -4.05 -4.84
C PHE A 24 0.28 -4.51 -6.30
N ASP A 25 -0.40 -5.60 -6.53
CA ASP A 25 -0.55 -6.09 -7.94
C ASP A 25 -1.22 -5.03 -8.80
N ILE A 26 -2.28 -4.44 -8.32
CA ILE A 26 -2.97 -3.39 -9.12
C ILE A 26 -2.13 -2.11 -9.14
N PHE A 27 -1.29 -1.93 -8.15
CA PHE A 27 -0.43 -0.71 -8.12
C PHE A 27 0.52 -0.70 -9.32
N VAL A 28 1.40 -1.66 -9.39
CA VAL A 28 2.37 -1.70 -10.53
C VAL A 28 1.67 -2.23 -11.80
N LEU A 29 0.40 -2.56 -11.69
CA LEU A 29 -0.33 -3.07 -12.88
C LEU A 29 -0.09 -2.15 -14.08
N GLY A 30 0.86 -2.48 -14.91
CA GLY A 30 1.14 -1.62 -16.09
C GLY A 30 2.55 -1.04 -15.98
N ALA A 31 3.14 -1.11 -14.82
CA ALA A 31 4.52 -0.56 -14.64
C ALA A 31 5.46 -1.19 -15.67
N GLU A 32 6.62 -0.62 -15.84
CA GLU A 32 7.60 -1.18 -16.82
C GLU A 32 8.46 -2.26 -16.16
N ASP A 33 9.06 -1.96 -15.05
CA ASP A 33 9.92 -2.97 -14.37
C ASP A 33 9.08 -3.81 -13.40
N GLY A 34 8.66 -3.22 -12.30
CA GLY A 34 7.83 -3.98 -11.33
C GLY A 34 7.88 -3.28 -9.97
N CYS A 35 7.87 -1.97 -9.97
CA CYS A 35 7.90 -1.22 -8.68
C CYS A 35 6.79 -0.17 -8.65
N ILE A 36 6.80 0.69 -7.67
CA ILE A 36 5.73 1.73 -7.60
C ILE A 36 6.36 3.13 -7.59
N SER A 37 5.65 4.09 -8.14
CA SER A 37 6.17 5.48 -8.18
C SER A 37 5.00 6.45 -8.27
N THR A 38 3.94 6.15 -7.59
CA THR A 38 2.71 7.01 -7.62
C THR A 38 2.02 6.84 -8.96
N LYS A 39 2.71 7.08 -10.04
CA LYS A 39 2.07 6.91 -11.38
C LYS A 39 1.40 5.53 -11.42
N GLU A 40 1.96 4.59 -10.70
CA GLU A 40 1.36 3.22 -10.68
C GLU A 40 0.42 3.11 -9.47
N LEU A 41 0.89 3.52 -8.32
CA LEU A 41 0.04 3.45 -7.10
C LEU A 41 -1.13 4.43 -7.21
N GLY A 42 -0.87 5.66 -7.55
CA GLY A 42 -1.97 6.66 -7.68
C GLY A 42 -3.09 6.07 -8.55
N LYS A 43 -2.73 5.39 -9.60
CA LYS A 43 -3.79 4.80 -10.49
C LYS A 43 -4.88 4.14 -9.66
N VAL A 44 -4.56 3.68 -8.49
CA VAL A 44 -5.59 3.02 -7.63
C VAL A 44 -6.46 4.08 -6.94
N MET A 45 -5.89 5.21 -6.62
CA MET A 45 -6.68 6.27 -5.94
C MET A 45 -7.96 6.57 -6.73
N ARG A 46 -7.83 6.97 -7.96
CA ARG A 46 -9.04 7.28 -8.78
C ARG A 46 -10.07 6.15 -8.66
N MET A 47 -9.63 4.94 -8.50
CA MET A 47 -10.59 3.81 -8.39
C MET A 47 -11.24 3.82 -7.01
N LEU A 48 -10.52 4.23 -6.01
CA LEU A 48 -11.11 4.27 -4.64
C LEU A 48 -12.16 5.39 -4.56
N GLY A 49 -12.10 6.34 -5.45
CA GLY A 49 -13.09 7.45 -5.43
C GLY A 49 -12.36 8.76 -5.15
N GLN A 50 -11.06 8.74 -5.12
CA GLN A 50 -10.29 9.99 -4.85
C GLN A 50 -9.01 10.02 -5.68
N ASN A 51 -8.57 11.18 -6.08
CA ASN A 51 -7.32 11.28 -6.88
C ASN A 51 -6.47 12.44 -6.36
N PRO A 52 -5.59 12.12 -5.45
CA PRO A 52 -4.70 13.15 -4.85
C PRO A 52 -3.68 13.65 -5.87
N THR A 53 -2.72 14.43 -5.43
CA THR A 53 -1.68 14.95 -6.36
C THR A 53 -0.46 14.04 -6.37
N PRO A 54 0.41 14.28 -7.33
CA PRO A 54 1.64 13.47 -7.47
C PRO A 54 2.64 13.85 -6.38
N GLU A 55 2.53 15.03 -5.84
CA GLU A 55 3.48 15.46 -4.78
C GLU A 55 3.23 14.70 -3.48
N GLU A 56 2.02 14.76 -2.98
CA GLU A 56 1.71 14.03 -1.71
C GLU A 56 1.87 12.52 -1.92
N LEU A 57 1.86 12.08 -3.14
CA LEU A 57 2.01 10.61 -3.41
C LEU A 57 3.44 10.16 -3.06
N GLN A 58 4.43 10.84 -3.58
CA GLN A 58 5.83 10.45 -3.28
C GLN A 58 6.05 10.31 -1.77
N GLU A 59 5.46 11.17 -1.00
CA GLU A 59 5.62 11.09 0.49
C GLU A 59 5.26 9.69 0.98
N MET A 60 4.16 9.15 0.51
CA MET A 60 3.76 7.79 0.95
C MET A 60 4.87 6.78 0.65
N ILE A 61 5.58 6.97 -0.41
CA ILE A 61 6.68 6.03 -0.76
C ILE A 61 7.91 6.29 0.12
N ASP A 62 8.17 7.52 0.45
CA ASP A 62 9.33 7.84 1.31
C ASP A 62 9.12 7.29 2.72
N GLU A 63 7.90 7.26 3.18
CA GLU A 63 7.63 6.74 4.55
C GLU A 63 8.07 5.28 4.67
N VAL A 64 8.07 4.55 3.58
CA VAL A 64 8.49 3.12 3.64
C VAL A 64 9.72 2.89 2.78
N ASP A 65 10.48 3.92 2.50
CA ASP A 65 11.70 3.74 1.66
C ASP A 65 12.92 3.47 2.56
N GLU A 66 13.38 2.26 2.59
CA GLU A 66 14.56 1.93 3.43
C GLU A 66 15.83 1.87 2.58
N ASP A 67 15.74 2.24 1.33
CA ASP A 67 16.94 2.20 0.46
C ASP A 67 17.01 3.48 -0.39
N GLY A 68 16.22 4.46 -0.07
CA GLY A 68 16.23 5.72 -0.86
C GLY A 68 16.06 5.40 -2.34
N SER A 69 15.35 4.35 -2.64
CA SER A 69 15.13 3.98 -4.08
C SER A 69 14.03 4.85 -4.69
N GLY A 70 13.18 5.39 -3.87
CA GLY A 70 12.07 6.25 -4.40
C GLY A 70 10.96 5.35 -4.96
N THR A 71 11.02 4.08 -4.68
CA THR A 71 9.98 3.15 -5.21
C THR A 71 9.58 2.15 -4.12
N VAL A 72 8.52 1.42 -4.33
CA VAL A 72 8.09 0.43 -3.31
C VAL A 72 8.04 -0.97 -3.91
N ASP A 73 8.45 -1.96 -3.16
CA ASP A 73 8.43 -3.35 -3.69
C ASP A 73 7.39 -4.19 -2.93
N PHE A 74 7.23 -5.43 -3.30
CA PHE A 74 6.24 -6.28 -2.59
C PHE A 74 6.61 -6.41 -1.11
N ASP A 75 7.80 -6.02 -0.76
CA ASP A 75 8.22 -6.10 0.67
C ASP A 75 7.86 -4.81 1.41
N GLU A 76 8.30 -3.69 0.90
CA GLU A 76 7.99 -2.40 1.57
C GLU A 76 6.47 -2.21 1.66
N PHE A 77 5.77 -2.56 0.63
CA PHE A 77 4.28 -2.40 0.64
C PHE A 77 3.71 -2.92 1.97
N LEU A 78 4.23 -4.00 2.48
CA LEU A 78 3.72 -4.54 3.78
C LEU A 78 3.81 -3.48 4.87
N VAL A 79 4.93 -2.81 4.98
CA VAL A 79 5.08 -1.77 6.03
C VAL A 79 4.10 -0.61 5.78
N MET A 80 3.99 -0.18 4.55
CA MET A 80 3.07 0.95 4.25
C MET A 80 1.70 0.71 4.89
N MET A 81 1.27 -0.52 4.97
CA MET A 81 -0.05 -0.81 5.60
C MET A 81 0.07 -0.85 7.12
N VAL A 82 1.26 -0.71 7.64
CA VAL A 82 1.42 -0.74 9.12
C VAL A 82 1.30 0.67 9.69
N ARG A 83 1.90 1.63 9.05
CA ARG A 83 1.81 3.03 9.56
C ARG A 83 0.39 3.57 9.37
N CYS A 84 -0.30 3.12 8.36
CA CYS A 84 -1.69 3.61 8.12
C CYS A 84 -2.67 2.88 9.04
N MET A 85 -2.33 1.70 9.47
CA MET A 85 -3.25 0.95 10.37
C MET A 85 -3.66 1.81 11.56
N LYS A 86 -4.35 1.25 12.51
CA LYS A 86 -4.78 2.05 13.69
C LYS A 86 -3.85 1.78 14.88
N ASP A 87 -2.57 1.94 14.68
CA ASP A 87 -1.61 1.70 15.80
C ASP A 87 -1.53 2.95 16.70
N ASP A 88 -2.29 3.97 16.40
CA ASP A 88 -2.25 5.19 17.24
C ASP A 88 -3.16 5.03 18.45
N SER A 89 -2.95 5.80 19.47
CA SER A 89 -3.81 5.69 20.69
C SER A 89 -4.27 7.08 21.15
N ARG B 1 -8.10 8.28 2.08
CA ARG B 1 -6.78 8.15 1.40
C ARG B 1 -6.62 6.75 0.81
N ILE B 2 -6.56 5.74 1.65
CA ILE B 2 -6.42 4.35 1.14
C ILE B 2 -7.03 3.35 2.13
N SER B 3 -8.29 3.49 2.44
CA SER B 3 -8.93 2.55 3.39
C SER B 3 -9.02 1.15 2.78
N ALA B 4 -8.28 0.22 3.30
CA ALA B 4 -8.32 -1.16 2.75
C ALA B 4 -9.78 -1.61 2.53
N ASP B 5 -10.57 -1.55 3.56
CA ASP B 5 -12.00 -1.97 3.41
C ASP B 5 -12.63 -1.31 2.18
N ALA B 6 -12.42 -0.03 2.01
CA ALA B 6 -13.01 0.66 0.83
C ALA B 6 -12.16 0.40 -0.42
N MET B 7 -11.02 -0.21 -0.25
CA MET B 7 -10.14 -0.50 -1.42
C MET B 7 -10.60 -1.78 -2.13
N MET B 8 -11.10 -2.73 -1.38
CA MET B 8 -11.56 -4.00 -2.02
C MET B 8 -12.84 -3.76 -2.84
N GLN B 9 -13.65 -2.84 -2.41
CA GLN B 9 -14.92 -2.57 -3.17
C GLN B 9 -14.62 -1.74 -4.41
N ALA B 10 -13.68 -0.83 -4.32
CA ALA B 10 -13.34 0.01 -5.51
C ALA B 10 -12.59 -0.83 -6.55
N LEU B 11 -11.52 -1.46 -6.14
CA LEU B 11 -10.73 -2.29 -7.10
C LEU B 11 -10.36 -3.62 -6.46
N LEU B 12 -9.13 -4.05 -6.61
CA LEU B 12 -8.72 -5.36 -6.00
C LEU B 12 -9.67 -6.47 -6.46
N GLY B 13 -9.89 -6.59 -7.74
CA GLY B 13 -10.81 -7.65 -8.23
C GLY B 13 -10.16 -8.39 -9.40
N ALA B 14 -10.37 -9.67 -9.49
CA ALA B 14 -9.77 -10.46 -10.60
C ALA B 14 -10.62 -11.70 -10.90
N ARG B 15 -11.91 -11.54 -10.95
CA ARG B 15 -12.80 -12.71 -11.24
C ARG B 15 -12.48 -13.28 -12.62
N ALA B 16 -12.22 -12.44 -13.59
CA ALA B 16 -11.91 -12.94 -14.95
C ALA B 16 -10.66 -13.83 -14.91
N LYS B 17 -9.55 -13.30 -14.49
CA LYS B 17 -8.30 -14.11 -14.44
C LYS B 17 -8.55 -15.40 -13.66
CA CA C . 11.93 2.27 -1.28
N MET A 1 12.07 6.25 14.40
CA MET A 1 12.16 4.77 14.29
C MET A 1 11.64 4.12 15.57
N ASP A 2 10.49 3.50 15.51
CA ASP A 2 9.94 2.84 16.73
C ASP A 2 9.68 1.36 16.46
N ASP A 3 9.95 0.52 17.42
CA ASP A 3 9.73 -0.94 17.23
C ASP A 3 8.23 -1.25 17.22
N ILE A 4 7.51 -0.72 16.27
CA ILE A 4 6.04 -0.97 16.20
C ILE A 4 5.69 -1.72 14.92
N TYR A 5 6.33 -1.39 13.83
CA TYR A 5 6.04 -2.07 12.54
C TYR A 5 6.75 -3.43 12.49
N LYS A 6 8.05 -3.43 12.58
CA LYS A 6 8.79 -4.72 12.53
C LYS A 6 8.08 -5.78 13.38
N ALA A 7 7.41 -5.36 14.42
CA ALA A 7 6.70 -6.34 15.29
C ALA A 7 5.36 -6.72 14.65
N ALA A 8 4.63 -5.76 14.16
CA ALA A 8 3.31 -6.06 13.53
C ALA A 8 3.51 -6.91 12.28
N VAL A 9 4.49 -6.58 11.47
CA VAL A 9 4.73 -7.38 10.24
C VAL A 9 4.87 -8.87 10.60
N GLU A 10 5.76 -9.19 11.49
CA GLU A 10 5.95 -10.61 11.88
C GLU A 10 4.63 -11.20 12.39
N GLN A 11 3.72 -10.35 12.80
CA GLN A 11 2.41 -10.86 13.31
C GLN A 11 1.49 -11.22 12.15
N LEU A 12 1.83 -10.80 10.96
CA LEU A 12 0.98 -11.12 9.78
C LEU A 12 0.90 -12.63 9.57
N THR A 13 -0.21 -13.13 9.09
CA THR A 13 -0.35 -14.59 8.86
C THR A 13 -0.39 -14.89 7.36
N GLU A 14 -0.10 -16.11 6.98
CA GLU A 14 -0.12 -16.45 5.53
C GLU A 14 -1.47 -16.06 4.90
N GLU A 15 -2.54 -16.26 5.61
CA GLU A 15 -3.88 -15.90 5.07
C GLU A 15 -3.98 -14.38 4.88
N GLN A 16 -3.99 -13.63 5.95
CA GLN A 16 -4.08 -12.15 5.83
C GLN A 16 -3.14 -11.66 4.73
N LYS A 17 -1.93 -12.13 4.71
CA LYS A 17 -0.96 -11.68 3.67
C LYS A 17 -1.59 -11.83 2.28
N ASN A 18 -2.40 -12.83 2.08
CA ASN A 18 -3.04 -13.03 0.76
C ASN A 18 -4.14 -11.99 0.53
N GLU A 19 -4.49 -11.27 1.56
CA GLU A 19 -5.55 -10.23 1.42
C GLU A 19 -4.93 -8.92 0.93
N PHE A 20 -3.82 -8.52 1.51
CA PHE A 20 -3.18 -7.24 1.09
C PHE A 20 -2.53 -7.41 -0.30
N LYS A 21 -2.09 -8.60 -0.61
CA LYS A 21 -1.45 -8.82 -1.94
C LYS A 21 -2.38 -8.30 -3.05
N ALA A 22 -3.67 -8.33 -2.81
CA ALA A 22 -4.62 -7.84 -3.85
C ALA A 22 -4.34 -6.36 -4.16
N ALA A 23 -4.31 -5.53 -3.16
CA ALA A 23 -4.03 -4.08 -3.42
C ALA A 23 -2.64 -3.92 -4.02
N PHE A 24 -1.62 -4.40 -3.35
CA PHE A 24 -0.24 -4.28 -3.90
C PHE A 24 -0.24 -4.66 -5.38
N ASP A 25 -0.89 -5.74 -5.72
CA ASP A 25 -0.93 -6.16 -7.15
C ASP A 25 -1.43 -5.00 -8.02
N ILE A 26 -2.51 -4.38 -7.63
CA ILE A 26 -3.05 -3.24 -8.43
C ILE A 26 -2.08 -2.06 -8.35
N PHE A 27 -1.35 -1.95 -7.28
CA PHE A 27 -0.38 -0.82 -7.14
C PHE A 27 0.74 -0.96 -8.17
N VAL A 28 0.91 -2.12 -8.74
CA VAL A 28 1.99 -2.31 -9.74
C VAL A 28 1.38 -2.67 -11.10
N LEU A 29 0.15 -2.29 -11.33
CA LEU A 29 -0.50 -2.60 -12.64
C LEU A 29 0.22 -1.85 -13.77
N GLY A 30 1.08 -2.52 -14.49
CA GLY A 30 1.79 -1.85 -15.61
C GLY A 30 3.31 -2.00 -15.40
N ALA A 31 3.73 -2.12 -14.18
CA ALA A 31 5.20 -2.27 -13.92
C ALA A 31 5.72 -3.54 -14.57
N GLU A 32 7.00 -3.62 -14.81
CA GLU A 32 7.58 -4.84 -15.45
C GLU A 32 8.06 -5.82 -14.38
N ASP A 33 8.87 -5.35 -13.47
CA ASP A 33 9.37 -6.25 -12.39
C ASP A 33 8.28 -6.51 -11.35
N GLY A 34 7.89 -5.49 -10.63
CA GLY A 34 6.83 -5.65 -9.60
C GLY A 34 7.05 -4.65 -8.47
N CYS A 35 7.09 -3.38 -8.80
CA CYS A 35 7.29 -2.34 -7.75
C CYS A 35 6.35 -1.17 -7.97
N ILE A 36 6.39 -0.19 -7.12
CA ILE A 36 5.48 0.99 -7.29
C ILE A 36 6.29 2.29 -7.38
N SER A 37 5.78 3.26 -8.08
CA SER A 37 6.50 4.55 -8.24
C SER A 37 5.48 5.67 -8.49
N THR A 38 4.33 5.54 -7.90
CA THR A 38 3.23 6.55 -8.08
C THR A 38 2.56 6.33 -9.43
N LYS A 39 3.32 6.17 -10.48
CA LYS A 39 2.70 5.95 -11.83
C LYS A 39 1.66 4.82 -11.73
N GLU A 40 1.98 3.77 -11.02
CA GLU A 40 1.02 2.63 -10.88
C GLU A 40 0.19 2.83 -9.61
N LEU A 41 0.71 3.53 -8.66
CA LEU A 41 -0.04 3.75 -7.38
C LEU A 41 -1.09 4.86 -7.57
N GLY A 42 -0.69 5.99 -8.10
CA GLY A 42 -1.67 7.09 -8.30
C GLY A 42 -2.88 6.59 -9.08
N LYS A 43 -2.71 5.55 -9.86
CA LYS A 43 -3.86 5.02 -10.64
C LYS A 43 -5.00 4.58 -9.71
N VAL A 44 -4.68 4.25 -8.49
CA VAL A 44 -5.73 3.81 -7.54
C VAL A 44 -6.36 5.04 -6.85
N MET A 45 -5.61 6.08 -6.68
CA MET A 45 -6.16 7.31 -6.02
C MET A 45 -7.41 7.78 -6.77
N ARG A 46 -7.37 7.81 -8.07
CA ARG A 46 -8.56 8.27 -8.84
C ARG A 46 -9.68 7.22 -8.74
N MET A 47 -9.34 5.96 -8.74
CA MET A 47 -10.39 4.91 -8.64
C MET A 47 -11.14 5.06 -7.32
N LEU A 48 -10.47 5.48 -6.29
CA LEU A 48 -11.15 5.65 -4.97
C LEU A 48 -11.99 6.93 -4.97
N GLY A 49 -11.67 7.86 -5.85
CA GLY A 49 -12.44 9.12 -5.91
C GLY A 49 -11.54 10.28 -5.45
N GLN A 50 -10.25 10.11 -5.51
CA GLN A 50 -9.33 11.20 -5.08
C GLN A 50 -8.29 11.47 -6.16
N ASN A 51 -7.26 12.21 -5.83
CA ASN A 51 -6.20 12.52 -6.82
C ASN A 51 -5.16 13.46 -6.20
N PRO A 52 -4.20 12.86 -5.54
CA PRO A 52 -3.13 13.65 -4.87
C PRO A 52 -2.19 14.25 -5.92
N THR A 53 -1.32 15.13 -5.50
CA THR A 53 -0.37 15.75 -6.47
C THR A 53 0.79 14.79 -6.77
N PRO A 54 1.59 15.15 -7.74
CA PRO A 54 2.74 14.32 -8.14
C PRO A 54 3.84 14.39 -7.07
N GLU A 55 4.01 15.55 -6.48
CA GLU A 55 5.06 15.68 -5.43
C GLU A 55 4.62 14.96 -4.16
N GLU A 56 3.34 14.86 -3.94
CA GLU A 56 2.83 14.17 -2.72
C GLU A 56 2.90 12.65 -2.91
N LEU A 57 2.51 12.16 -4.06
CA LEU A 57 2.56 10.69 -4.30
C LEU A 57 3.88 10.13 -3.76
N GLN A 58 4.99 10.67 -4.20
CA GLN A 58 6.31 10.17 -3.71
C GLN A 58 6.30 10.14 -2.18
N GLU A 59 5.55 11.02 -1.57
CA GLU A 59 5.50 11.03 -0.08
C GLU A 59 4.96 9.70 0.42
N MET A 60 4.00 9.15 -0.28
CA MET A 60 3.42 7.85 0.15
C MET A 60 4.50 6.76 0.04
N ILE A 61 5.45 6.95 -0.83
CA ILE A 61 6.54 5.93 -0.99
C ILE A 61 7.66 6.23 0.01
N ASP A 62 8.07 7.45 0.12
CA ASP A 62 9.17 7.79 1.08
C ASP A 62 8.69 7.58 2.52
N GLU A 63 7.40 7.44 2.71
CA GLU A 63 6.87 7.21 4.08
C GLU A 63 7.24 5.80 4.57
N VAL A 64 7.29 4.85 3.67
CA VAL A 64 7.63 3.47 4.07
C VAL A 64 8.87 2.99 3.30
N ASP A 65 9.82 3.86 3.10
CA ASP A 65 11.05 3.45 2.35
C ASP A 65 12.27 3.50 3.27
N GLU A 66 12.67 2.38 3.79
CA GLU A 66 13.85 2.36 4.70
C GLU A 66 15.14 2.17 3.89
N ASP A 67 15.08 2.40 2.61
CA ASP A 67 16.31 2.25 1.78
C ASP A 67 16.43 3.42 0.79
N GLY A 68 15.56 4.38 0.89
CA GLY A 68 15.63 5.54 -0.04
C GLY A 68 15.81 5.05 -1.47
N SER A 69 15.01 4.11 -1.89
CA SER A 69 15.14 3.58 -3.27
C SER A 69 14.32 4.43 -4.25
N GLY A 70 13.24 5.01 -3.79
CA GLY A 70 12.40 5.85 -4.69
C GLY A 70 11.13 5.09 -5.06
N THR A 71 11.17 3.79 -5.00
CA THR A 71 9.96 2.99 -5.36
C THR A 71 9.53 2.13 -4.17
N VAL A 72 8.44 1.41 -4.31
CA VAL A 72 7.98 0.55 -3.17
C VAL A 72 7.72 -0.87 -3.66
N ASP A 73 7.58 -1.81 -2.75
CA ASP A 73 7.33 -3.22 -3.16
C ASP A 73 6.44 -3.93 -2.14
N PHE A 74 6.19 -5.20 -2.33
CA PHE A 74 5.34 -5.95 -1.37
C PHE A 74 5.90 -5.83 0.04
N ASP A 75 7.13 -5.42 0.16
CA ASP A 75 7.74 -5.30 1.52
C ASP A 75 7.41 -3.93 2.13
N GLU A 76 7.89 -2.87 1.53
CA GLU A 76 7.60 -1.50 2.07
C GLU A 76 6.10 -1.22 2.02
N PHE A 77 5.40 -1.83 1.12
CA PHE A 77 3.93 -1.60 1.02
C PHE A 77 3.23 -2.11 2.28
N LEU A 78 3.63 -3.26 2.76
CA LEU A 78 2.98 -3.82 3.99
C LEU A 78 3.06 -2.80 5.13
N VAL A 79 4.22 -2.29 5.42
CA VAL A 79 4.35 -1.29 6.52
C VAL A 79 3.33 -0.16 6.34
N MET A 80 3.04 0.19 5.12
CA MET A 80 2.06 1.29 4.87
C MET A 80 0.66 0.86 5.29
N MET A 81 0.45 -0.42 5.50
CA MET A 81 -0.90 -0.89 5.93
C MET A 81 -0.90 -1.20 7.42
N VAL A 82 0.20 -0.99 8.09
CA VAL A 82 0.25 -1.27 9.55
C VAL A 82 0.08 0.04 10.34
N ARG A 83 0.60 1.12 9.84
CA ARG A 83 0.47 2.41 10.56
C ARG A 83 -1.02 2.82 10.65
N CYS A 84 -1.86 2.18 9.89
CA CYS A 84 -3.31 2.53 9.94
C CYS A 84 -4.11 1.39 10.58
N MET A 85 -3.71 0.96 11.74
CA MET A 85 -4.44 -0.15 12.41
C MET A 85 -4.43 0.05 13.93
N LYS A 86 -4.98 1.15 14.40
CA LYS A 86 -5.01 1.39 15.87
C LYS A 86 -6.42 1.14 16.42
N ASP A 87 -6.88 1.98 17.31
CA ASP A 87 -8.23 1.78 17.89
C ASP A 87 -8.42 0.32 18.33
N ASP A 88 -7.61 -0.15 19.22
CA ASP A 88 -7.73 -1.56 19.69
C ASP A 88 -8.62 -1.63 20.93
N SER A 89 -9.81 -1.10 20.85
CA SER A 89 -10.73 -1.14 22.02
C SER A 89 -12.17 -1.44 21.56
N ARG B 1 -3.18 10.41 3.03
CA ARG B 1 -2.98 9.09 3.68
C ARG B 1 -4.12 8.15 3.32
N ILE B 2 -3.96 7.36 2.30
CA ILE B 2 -5.04 6.42 1.90
C ILE B 2 -5.49 5.58 3.10
N SER B 3 -6.76 5.29 3.20
CA SER B 3 -7.26 4.48 4.34
C SER B 3 -7.38 3.01 3.94
N ALA B 4 -8.24 2.27 4.60
CA ALA B 4 -8.39 0.83 4.25
C ALA B 4 -9.82 0.57 3.74
N ASP B 5 -10.79 1.30 4.23
CA ASP B 5 -12.18 1.09 3.77
C ASP B 5 -12.35 1.59 2.33
N ALA B 6 -12.00 2.82 2.08
CA ALA B 6 -12.13 3.38 0.70
C ALA B 6 -11.27 2.57 -0.27
N MET B 7 -10.13 2.11 0.18
CA MET B 7 -9.25 1.31 -0.71
C MET B 7 -10.03 0.14 -1.33
N MET B 8 -10.77 -0.57 -0.53
CA MET B 8 -11.57 -1.70 -1.07
C MET B 8 -12.91 -1.20 -1.61
N GLN B 9 -13.21 0.06 -1.42
CA GLN B 9 -14.50 0.60 -1.92
C GLN B 9 -14.46 0.76 -3.46
N ALA B 10 -13.42 1.35 -3.97
CA ALA B 10 -13.34 1.54 -5.45
C ALA B 10 -12.74 0.30 -6.12
N LEU B 11 -11.62 -0.17 -5.64
CA LEU B 11 -11.00 -1.38 -6.28
C LEU B 11 -11.02 -2.57 -5.30
N LEU B 12 -10.29 -3.61 -5.61
CA LEU B 12 -10.28 -4.81 -4.72
C LEU B 12 -11.70 -5.37 -4.59
N GLY B 13 -12.14 -5.70 -3.40
CA GLY B 13 -13.51 -6.24 -3.23
C GLY B 13 -13.53 -7.23 -2.06
N ALA B 14 -14.43 -8.17 -2.09
CA ALA B 14 -14.50 -9.17 -0.97
C ALA B 14 -14.62 -10.59 -1.53
N ARG B 15 -14.63 -11.58 -0.68
CA ARG B 15 -14.73 -12.99 -1.16
C ARG B 15 -16.20 -13.36 -1.38
N ALA B 16 -16.45 -14.37 -2.16
CA ALA B 16 -17.87 -14.79 -2.41
C ALA B 16 -18.66 -13.64 -3.04
N LYS B 17 -19.16 -13.84 -4.22
CA LYS B 17 -19.94 -12.75 -4.89
C LYS B 17 -21.30 -13.28 -5.35
CA CA C . 11.86 1.69 -1.16
N MET A 1 18.05 -0.08 19.68
CA MET A 1 16.93 0.34 18.81
C MET A 1 16.58 -0.77 17.82
N ASP A 2 15.38 -0.77 17.31
CA ASP A 2 14.98 -1.84 16.35
C ASP A 2 13.63 -1.49 15.69
N ASP A 3 13.41 -1.97 14.50
CA ASP A 3 12.12 -1.66 13.81
C ASP A 3 10.95 -2.35 14.54
N ILE A 4 10.13 -1.60 15.20
CA ILE A 4 8.98 -2.20 15.93
C ILE A 4 7.97 -2.78 14.95
N TYR A 5 7.33 -1.95 14.17
CA TYR A 5 6.32 -2.46 13.19
C TYR A 5 6.84 -3.71 12.49
N LYS A 6 8.09 -3.75 12.16
CA LYS A 6 8.65 -4.95 11.47
C LYS A 6 8.14 -6.23 12.15
N ALA A 7 7.80 -6.13 13.42
CA ALA A 7 7.30 -7.34 14.14
C ALA A 7 5.88 -7.68 13.67
N ALA A 8 5.04 -6.69 13.51
CA ALA A 8 3.65 -6.97 13.05
C ALA A 8 3.67 -7.67 11.69
N VAL A 9 4.52 -7.24 10.81
CA VAL A 9 4.60 -7.89 9.46
C VAL A 9 4.75 -9.41 9.61
N GLU A 10 5.58 -9.83 10.51
CA GLU A 10 5.78 -11.30 10.71
C GLU A 10 4.62 -11.87 11.53
N GLN A 11 3.95 -11.04 12.30
CA GLN A 11 2.82 -11.54 13.13
C GLN A 11 1.51 -11.48 12.33
N LEU A 12 1.49 -10.72 11.26
CA LEU A 12 0.25 -10.61 10.45
C LEU A 12 -0.18 -12.00 9.96
N THR A 13 -1.34 -12.45 10.38
CA THR A 13 -1.81 -13.79 9.94
C THR A 13 -1.70 -13.92 8.42
N GLU A 14 -1.90 -15.09 7.88
CA GLU A 14 -1.81 -15.28 6.41
C GLU A 14 -3.01 -14.64 5.72
N GLU A 15 -4.15 -14.62 6.36
CA GLU A 15 -5.36 -14.03 5.73
C GLU A 15 -5.15 -12.53 5.49
N GLN A 16 -4.86 -11.78 6.52
CA GLN A 16 -4.65 -10.31 6.36
C GLN A 16 -3.51 -10.05 5.37
N LYS A 17 -2.38 -10.66 5.59
CA LYS A 17 -1.22 -10.44 4.67
C LYS A 17 -1.64 -10.78 3.23
N ASN A 18 -2.59 -11.66 3.06
CA ASN A 18 -3.04 -12.02 1.68
C ASN A 18 -3.81 -10.85 1.07
N GLU A 19 -4.54 -10.12 1.86
CA GLU A 19 -5.31 -8.96 1.34
C GLU A 19 -4.36 -7.90 0.77
N PHE A 20 -3.34 -7.56 1.51
CA PHE A 20 -2.38 -6.54 1.01
C PHE A 20 -1.85 -6.93 -0.37
N LYS A 21 -1.40 -8.14 -0.52
CA LYS A 21 -0.87 -8.57 -1.85
C LYS A 21 -1.83 -8.16 -2.96
N ALA A 22 -3.11 -8.37 -2.77
CA ALA A 22 -4.08 -7.97 -3.83
C ALA A 22 -3.85 -6.51 -4.24
N ALA A 23 -3.83 -5.62 -3.29
CA ALA A 23 -3.60 -4.18 -3.63
C ALA A 23 -2.19 -4.01 -4.20
N PHE A 24 -1.20 -4.56 -3.56
CA PHE A 24 0.19 -4.42 -4.08
C PHE A 24 0.22 -4.78 -5.57
N ASP A 25 -0.46 -5.83 -5.94
CA ASP A 25 -0.48 -6.23 -7.39
C ASP A 25 -0.99 -5.07 -8.25
N ILE A 26 -2.17 -4.58 -7.94
CA ILE A 26 -2.72 -3.45 -8.74
C ILE A 26 -1.85 -2.20 -8.54
N PHE A 27 -1.21 -2.09 -7.42
CA PHE A 27 -0.34 -0.89 -7.17
C PHE A 27 0.72 -0.76 -8.26
N VAL A 28 1.18 -1.87 -8.77
CA VAL A 28 2.22 -1.82 -9.84
C VAL A 28 1.59 -2.11 -11.21
N LEU A 29 0.45 -2.75 -11.22
CA LEU A 29 -0.19 -3.06 -12.52
C LEU A 29 0.85 -3.59 -13.51
N GLY A 30 0.77 -3.22 -14.75
CA GLY A 30 1.77 -3.70 -15.75
C GLY A 30 3.11 -2.99 -15.50
N ALA A 31 3.62 -3.04 -14.30
CA ALA A 31 4.92 -2.36 -14.00
C ALA A 31 6.06 -3.04 -14.74
N GLU A 32 7.28 -2.64 -14.49
CA GLU A 32 8.44 -3.28 -15.18
C GLU A 32 9.33 -3.97 -14.15
N ASP A 33 9.24 -3.60 -12.91
CA ASP A 33 10.09 -4.24 -11.87
C ASP A 33 9.24 -4.63 -10.65
N GLY A 34 7.95 -4.63 -10.80
CA GLY A 34 7.06 -5.01 -9.66
C GLY A 34 7.25 -4.01 -8.51
N CYS A 35 7.54 -2.77 -8.84
CA CYS A 35 7.73 -1.76 -7.77
C CYS A 35 6.69 -0.64 -7.90
N ILE A 36 6.84 0.42 -7.18
CA ILE A 36 5.85 1.54 -7.27
C ILE A 36 6.57 2.87 -7.46
N SER A 37 5.94 3.80 -8.14
CA SER A 37 6.57 5.12 -8.37
C SER A 37 5.49 6.16 -8.66
N THR A 38 4.38 6.03 -8.00
CA THR A 38 3.23 6.97 -8.22
C THR A 38 2.52 6.65 -9.53
N LYS A 39 3.27 6.52 -10.60
CA LYS A 39 2.62 6.19 -11.91
C LYS A 39 1.72 4.96 -11.74
N GLU A 40 2.15 4.00 -10.97
CA GLU A 40 1.33 2.78 -10.76
C GLU A 40 0.47 2.95 -9.50
N LEU A 41 0.93 3.72 -8.56
CA LEU A 41 0.14 3.93 -7.31
C LEU A 41 -1.02 4.88 -7.58
N GLY A 42 -0.73 6.08 -7.98
CA GLY A 42 -1.82 7.07 -8.26
C GLY A 42 -2.87 6.42 -9.16
N LYS A 43 -2.47 5.46 -9.96
CA LYS A 43 -3.45 4.80 -10.87
C LYS A 43 -4.70 4.37 -10.08
N VAL A 44 -4.53 4.09 -8.81
CA VAL A 44 -5.71 3.67 -7.99
C VAL A 44 -6.56 4.89 -7.63
N MET A 45 -5.94 5.97 -7.23
CA MET A 45 -6.72 7.18 -6.86
C MET A 45 -7.91 7.38 -7.81
N ARG A 46 -7.65 7.73 -9.04
CA ARG A 46 -8.77 7.93 -10.00
C ARG A 46 -9.76 6.76 -9.88
N MET A 47 -9.28 5.59 -9.56
CA MET A 47 -10.19 4.43 -9.42
C MET A 47 -10.90 4.47 -8.06
N LEU A 48 -10.28 5.07 -7.08
CA LEU A 48 -10.91 5.16 -5.73
C LEU A 48 -12.01 6.22 -5.75
N GLY A 49 -12.23 6.85 -6.87
CA GLY A 49 -13.28 7.90 -6.94
C GLY A 49 -12.70 9.22 -6.44
N GLN A 50 -11.41 9.36 -6.49
CA GLN A 50 -10.76 10.62 -6.02
C GLN A 50 -9.48 10.89 -6.82
N ASN A 51 -8.69 11.82 -6.39
CA ASN A 51 -7.43 12.11 -7.15
C ASN A 51 -6.61 13.19 -6.43
N PRO A 52 -5.69 12.73 -5.62
CA PRO A 52 -4.81 13.66 -4.87
C PRO A 52 -3.79 14.29 -5.80
N THR A 53 -2.81 14.98 -5.27
CA THR A 53 -1.79 15.62 -6.13
C THR A 53 -0.56 14.72 -6.26
N PRO A 54 0.22 14.98 -7.27
CA PRO A 54 1.46 14.19 -7.51
C PRO A 54 2.53 14.54 -6.48
N GLU A 55 2.38 15.65 -5.81
CA GLU A 55 3.40 16.06 -4.79
C GLU A 55 3.24 15.21 -3.53
N GLU A 56 2.03 14.84 -3.20
CA GLU A 56 1.81 14.00 -1.98
C GLU A 56 1.95 12.52 -2.33
N LEU A 57 1.70 12.17 -3.56
CA LEU A 57 1.82 10.74 -3.96
C LEU A 57 3.17 10.18 -3.51
N GLN A 58 4.24 10.86 -3.81
CA GLN A 58 5.58 10.38 -3.40
C GLN A 58 5.62 10.13 -1.89
N GLU A 59 4.92 10.92 -1.13
CA GLU A 59 4.92 10.72 0.35
C GLU A 59 4.53 9.28 0.69
N MET A 60 3.68 8.69 -0.11
CA MET A 60 3.26 7.29 0.15
C MET A 60 4.45 6.35 -0.05
N ILE A 61 5.36 6.72 -0.90
CA ILE A 61 6.55 5.86 -1.16
C ILE A 61 7.67 6.19 -0.16
N ASP A 62 7.69 7.39 0.34
CA ASP A 62 8.76 7.77 1.31
C ASP A 62 8.37 7.36 2.73
N GLU A 63 7.14 6.95 2.93
CA GLU A 63 6.71 6.54 4.30
C GLU A 63 7.24 5.15 4.62
N VAL A 64 7.73 4.43 3.65
CA VAL A 64 8.25 3.06 3.92
C VAL A 64 9.53 2.81 3.12
N ASP A 65 10.18 3.85 2.66
CA ASP A 65 11.43 3.66 1.87
C ASP A 65 12.61 3.39 2.80
N GLU A 66 13.26 2.26 2.65
CA GLU A 66 14.41 1.94 3.54
C GLU A 66 15.66 1.66 2.69
N ASP A 67 15.80 2.31 1.57
CA ASP A 67 16.99 2.07 0.72
C ASP A 67 17.33 3.33 -0.08
N GLY A 68 16.35 3.97 -0.64
CA GLY A 68 16.60 5.21 -1.44
C GLY A 68 16.34 4.93 -2.91
N SER A 69 15.49 3.98 -3.21
CA SER A 69 15.19 3.67 -4.64
C SER A 69 14.02 4.53 -5.14
N GLY A 70 13.44 5.32 -4.27
CA GLY A 70 12.30 6.18 -4.69
C GLY A 70 11.13 5.29 -5.14
N THR A 71 11.10 4.07 -4.69
CA THR A 71 9.98 3.17 -5.08
C THR A 71 9.59 2.27 -3.90
N VAL A 72 8.55 1.49 -4.06
CA VAL A 72 8.12 0.60 -2.95
C VAL A 72 8.07 -0.86 -3.43
N ASP A 73 8.44 -1.78 -2.57
CA ASP A 73 8.41 -3.22 -2.96
C ASP A 73 7.48 -3.99 -2.02
N PHE A 74 7.38 -5.28 -2.20
CA PHE A 74 6.49 -6.07 -1.30
C PHE A 74 6.97 -5.96 0.14
N ASP A 75 8.16 -5.45 0.34
CA ASP A 75 8.68 -5.30 1.73
C ASP A 75 8.22 -3.98 2.34
N GLU A 76 8.67 -2.88 1.79
CA GLU A 76 8.25 -1.56 2.33
C GLU A 76 6.73 -1.40 2.26
N PHE A 77 6.12 -2.00 1.28
CA PHE A 77 4.62 -1.89 1.15
C PHE A 77 3.94 -2.53 2.37
N LEU A 78 4.45 -3.63 2.85
CA LEU A 78 3.83 -4.29 4.03
C LEU A 78 3.83 -3.34 5.23
N VAL A 79 4.94 -2.72 5.52
CA VAL A 79 5.00 -1.79 6.68
C VAL A 79 3.97 -0.66 6.50
N MET A 80 3.63 -0.35 5.28
CA MET A 80 2.63 0.73 5.04
C MET A 80 1.23 0.25 5.44
N MET A 81 1.01 -1.03 5.47
CA MET A 81 -0.34 -1.55 5.86
C MET A 81 -0.44 -1.67 7.38
N VAL A 82 0.67 -1.56 8.07
CA VAL A 82 0.63 -1.67 9.56
C VAL A 82 0.63 -0.27 10.19
N ARG A 83 1.29 0.67 9.58
CA ARG A 83 1.33 2.05 10.15
C ARG A 83 -0.05 2.72 10.00
N CYS A 84 -0.85 2.27 9.07
CA CYS A 84 -2.20 2.87 8.89
C CYS A 84 -3.19 2.28 9.90
N MET A 85 -2.73 1.41 10.76
CA MET A 85 -3.64 0.80 11.76
C MET A 85 -3.85 1.74 12.95
N LYS A 86 -4.68 2.74 12.79
CA LYS A 86 -4.92 3.69 13.91
C LYS A 86 -6.39 4.11 13.94
N ASP A 87 -7.29 3.17 14.02
CA ASP A 87 -8.74 3.51 14.06
C ASP A 87 -9.37 3.00 15.36
N ASP A 88 -10.30 3.74 15.91
CA ASP A 88 -10.94 3.30 17.18
C ASP A 88 -12.19 2.47 16.87
N SER A 89 -12.19 1.77 15.77
CA SER A 89 -13.37 0.93 15.40
C SER A 89 -13.83 0.11 16.62
N ARG B 1 -3.48 8.80 5.25
CA ARG B 1 -3.63 7.34 5.43
C ARG B 1 -4.50 6.75 4.30
N ILE B 2 -4.26 5.52 3.94
CA ILE B 2 -5.06 4.90 2.86
C ILE B 2 -6.06 3.88 3.44
N SER B 3 -7.18 4.34 3.91
CA SER B 3 -8.18 3.39 4.50
C SER B 3 -8.36 2.18 3.58
N ALA B 4 -8.36 1.01 4.12
CA ALA B 4 -8.54 -0.20 3.27
C ALA B 4 -10.01 -0.38 2.89
N ASP B 5 -10.89 0.26 3.62
CA ASP B 5 -12.34 0.14 3.31
C ASP B 5 -12.66 0.79 1.95
N ALA B 6 -12.07 1.93 1.69
CA ALA B 6 -12.33 2.63 0.39
C ALA B 6 -11.42 2.08 -0.71
N MET B 7 -10.16 1.92 -0.42
CA MET B 7 -9.21 1.40 -1.45
C MET B 7 -9.67 0.03 -1.97
N MET B 8 -10.42 -0.70 -1.18
CA MET B 8 -10.89 -2.05 -1.65
C MET B 8 -12.17 -1.93 -2.48
N GLN B 9 -13.19 -1.32 -1.94
CA GLN B 9 -14.47 -1.20 -2.70
C GLN B 9 -14.31 -0.18 -3.84
N ALA B 10 -13.47 0.79 -3.67
CA ALA B 10 -13.29 1.81 -4.75
C ALA B 10 -12.29 1.32 -5.79
N LEU B 11 -11.62 0.23 -5.53
CA LEU B 11 -10.63 -0.30 -6.52
C LEU B 11 -10.84 -1.80 -6.73
N LEU B 12 -10.60 -2.60 -5.73
CA LEU B 12 -10.79 -4.06 -5.89
C LEU B 12 -11.71 -4.61 -4.80
N GLY B 13 -12.98 -4.79 -5.10
CA GLY B 13 -13.93 -5.31 -4.08
C GLY B 13 -15.34 -5.30 -4.66
N ALA B 14 -15.64 -4.37 -5.52
CA ALA B 14 -17.01 -4.32 -6.12
C ALA B 14 -18.04 -3.95 -5.04
N ARG B 15 -19.04 -3.20 -5.40
CA ARG B 15 -20.08 -2.82 -4.41
C ARG B 15 -21.09 -1.86 -5.04
N ALA B 16 -21.91 -2.34 -5.93
CA ALA B 16 -22.91 -1.45 -6.59
C ALA B 16 -22.21 -0.39 -7.45
N LYS B 17 -22.79 -0.03 -8.56
CA LYS B 17 -22.15 1.00 -9.43
C LYS B 17 -20.73 0.56 -9.81
CA CA C . 12.35 1.78 -1.69
N MET A 1 16.92 0.55 17.98
CA MET A 1 16.98 1.13 16.61
C MET A 1 15.57 1.47 16.11
N ASP A 2 14.77 0.47 15.85
CA ASP A 2 13.39 0.74 15.37
C ASP A 2 12.52 -0.52 15.50
N ASP A 3 12.54 -1.14 16.65
CA ASP A 3 11.71 -2.37 16.84
C ASP A 3 10.25 -1.99 17.14
N ILE A 4 9.46 -1.79 16.12
CA ILE A 4 8.04 -1.42 16.34
C ILE A 4 7.17 -1.92 15.17
N TYR A 5 7.52 -1.57 13.96
CA TYR A 5 6.70 -2.02 12.80
C TYR A 5 7.12 -3.45 12.40
N LYS A 6 8.38 -3.66 12.18
CA LYS A 6 8.85 -5.03 11.79
C LYS A 6 8.18 -6.07 12.68
N ALA A 7 7.85 -5.72 13.89
CA ALA A 7 7.20 -6.69 14.81
C ALA A 7 5.72 -6.83 14.46
N ALA A 8 5.10 -5.76 14.00
CA ALA A 8 3.66 -5.84 13.63
C ALA A 8 3.48 -6.68 12.36
N VAL A 9 4.24 -6.39 11.35
CA VAL A 9 4.13 -7.17 10.08
C VAL A 9 4.18 -8.67 10.39
N GLU A 10 5.09 -9.08 11.22
CA GLU A 10 5.19 -10.53 11.57
C GLU A 10 3.89 -11.00 12.22
N GLN A 11 3.04 -10.09 12.61
CA GLN A 11 1.75 -10.49 13.24
C GLN A 11 0.65 -10.59 12.18
N LEU A 12 1.00 -10.92 10.97
CA LEU A 12 -0.02 -11.02 9.89
C LEU A 12 -0.06 -12.45 9.33
N THR A 13 -0.98 -13.25 9.77
CA THR A 13 -1.06 -14.65 9.25
C THR A 13 -1.21 -14.63 7.74
N GLU A 14 -1.36 -15.77 7.12
CA GLU A 14 -1.52 -15.81 5.65
C GLU A 14 -2.81 -15.10 5.23
N GLU A 15 -3.83 -15.18 6.05
CA GLU A 15 -5.11 -14.50 5.70
C GLU A 15 -4.91 -12.99 5.57
N GLN A 16 -4.08 -12.42 6.40
CA GLN A 16 -3.84 -10.94 6.31
C GLN A 16 -2.84 -10.65 5.20
N LYS A 17 -1.67 -11.21 5.29
CA LYS A 17 -0.63 -10.97 4.23
C LYS A 17 -1.26 -11.11 2.84
N ASN A 18 -1.89 -12.22 2.58
CA ASN A 18 -2.53 -12.41 1.24
C ASN A 18 -3.50 -11.27 0.95
N GLU A 19 -4.04 -10.67 1.97
CA GLU A 19 -4.99 -9.55 1.75
C GLU A 19 -4.28 -8.37 1.07
N PHE A 20 -3.17 -7.96 1.61
CA PHE A 20 -2.41 -6.82 1.00
C PHE A 20 -1.98 -7.19 -0.42
N LYS A 21 -1.63 -8.42 -0.64
CA LYS A 21 -1.19 -8.85 -2.00
C LYS A 21 -2.19 -8.35 -3.04
N ALA A 22 -3.43 -8.17 -2.64
CA ALA A 22 -4.45 -7.68 -3.61
C ALA A 22 -4.07 -6.30 -4.14
N ALA A 23 -4.14 -5.30 -3.31
CA ALA A 23 -3.77 -3.92 -3.75
C ALA A 23 -2.42 -3.94 -4.48
N PHE A 24 -1.48 -4.67 -3.94
CA PHE A 24 -0.13 -4.75 -4.59
C PHE A 24 -0.28 -5.09 -6.07
N ASP A 25 -1.11 -6.04 -6.39
CA ASP A 25 -1.30 -6.41 -7.82
C ASP A 25 -1.97 -5.26 -8.59
N ILE A 26 -2.93 -4.62 -7.99
CA ILE A 26 -3.62 -3.49 -8.69
C ILE A 26 -2.71 -2.25 -8.68
N PHE A 27 -1.79 -2.19 -7.77
CA PHE A 27 -0.86 -1.02 -7.71
C PHE A 27 0.13 -1.04 -8.87
N VAL A 28 0.78 -2.16 -9.09
CA VAL A 28 1.76 -2.24 -10.22
C VAL A 28 1.05 -2.63 -11.52
N LEU A 29 -0.25 -2.50 -11.56
CA LEU A 29 -0.99 -2.87 -12.80
C LEU A 29 -0.32 -2.27 -14.04
N GLY A 30 0.20 -1.07 -13.92
CA GLY A 30 0.87 -0.44 -15.10
C GLY A 30 2.37 -0.71 -15.04
N ALA A 31 2.85 -1.27 -13.97
CA ALA A 31 4.31 -1.55 -13.87
C ALA A 31 4.68 -2.78 -14.71
N GLU A 32 5.89 -2.83 -15.18
CA GLU A 32 6.31 -4.00 -16.02
C GLU A 32 7.18 -4.94 -15.18
N ASP A 33 7.68 -4.48 -14.07
CA ASP A 33 8.54 -5.35 -13.21
C ASP A 33 7.75 -5.79 -11.97
N GLY A 34 7.72 -4.98 -10.96
CA GLY A 34 6.96 -5.36 -9.73
C GLY A 34 7.13 -4.27 -8.66
N CYS A 35 7.23 -3.04 -9.06
CA CYS A 35 7.38 -1.94 -8.07
C CYS A 35 6.20 -0.98 -8.17
N ILE A 36 5.99 -0.15 -7.19
CA ILE A 36 4.84 0.80 -7.27
C ILE A 36 5.28 2.24 -7.03
N SER A 37 5.33 3.02 -8.06
CA SER A 37 5.70 4.45 -7.90
C SER A 37 4.43 5.29 -8.03
N THR A 38 4.48 6.55 -7.72
CA THR A 38 3.24 7.38 -7.84
C THR A 38 2.56 7.06 -9.18
N LYS A 39 3.31 6.62 -10.15
CA LYS A 39 2.71 6.26 -11.46
C LYS A 39 1.91 4.97 -11.33
N GLU A 40 2.42 4.02 -10.59
CA GLU A 40 1.66 2.75 -10.41
C GLU A 40 0.74 2.90 -9.20
N LEU A 41 1.12 3.75 -8.28
CA LEU A 41 0.29 3.98 -7.07
C LEU A 41 -0.88 4.92 -7.42
N GLY A 42 -0.57 6.09 -7.92
CA GLY A 42 -1.64 7.06 -8.28
C GLY A 42 -2.67 6.37 -9.17
N LYS A 43 -2.28 5.33 -9.86
CA LYS A 43 -3.25 4.62 -10.74
C LYS A 43 -4.47 4.17 -9.95
N VAL A 44 -4.29 3.80 -8.71
CA VAL A 44 -5.44 3.36 -7.88
C VAL A 44 -6.19 4.58 -7.35
N MET A 45 -5.50 5.67 -7.15
CA MET A 45 -6.17 6.90 -6.63
C MET A 45 -7.34 7.27 -7.56
N ARG A 46 -7.09 7.40 -8.83
CA ARG A 46 -8.18 7.76 -9.78
C ARG A 46 -9.26 6.68 -9.76
N MET A 47 -8.94 5.52 -9.24
CA MET A 47 -9.94 4.42 -9.20
C MET A 47 -10.83 4.58 -7.96
N LEU A 48 -10.27 5.01 -6.86
CA LEU A 48 -11.10 5.18 -5.63
C LEU A 48 -12.10 6.32 -5.82
N GLY A 49 -11.86 7.20 -6.76
CA GLY A 49 -12.81 8.32 -7.00
C GLY A 49 -12.16 9.64 -6.62
N GLN A 50 -10.85 9.70 -6.59
CA GLN A 50 -10.18 10.98 -6.23
C GLN A 50 -8.80 11.08 -6.90
N ASN A 51 -8.10 12.15 -6.68
CA ASN A 51 -6.76 12.31 -7.30
C ASN A 51 -5.94 13.34 -6.51
N PRO A 52 -5.13 12.83 -5.61
CA PRO A 52 -4.28 13.70 -4.78
C PRO A 52 -3.12 14.29 -5.60
N THR A 53 -2.45 15.27 -5.08
CA THR A 53 -1.31 15.88 -5.83
C THR A 53 -0.11 14.93 -5.82
N PRO A 54 0.86 15.25 -6.65
CA PRO A 54 2.07 14.42 -6.75
C PRO A 54 2.95 14.59 -5.49
N GLU A 55 2.74 15.63 -4.75
CA GLU A 55 3.55 15.85 -3.51
C GLU A 55 3.06 14.91 -2.41
N GLU A 56 1.77 14.70 -2.32
CA GLU A 56 1.23 13.81 -1.26
C GLU A 56 1.31 12.34 -1.70
N LEU A 57 1.53 12.11 -2.97
CA LEU A 57 1.61 10.71 -3.47
C LEU A 57 2.97 10.10 -3.08
N GLN A 58 4.05 10.67 -3.55
CA GLN A 58 5.39 10.12 -3.22
C GLN A 58 5.46 9.80 -1.72
N GLU A 59 4.80 10.57 -0.91
CA GLU A 59 4.82 10.32 0.56
C GLU A 59 4.40 8.88 0.86
N MET A 60 3.61 8.29 0.00
CA MET A 60 3.17 6.89 0.23
C MET A 60 4.29 5.93 -0.18
N ILE A 61 5.18 6.37 -1.02
CA ILE A 61 6.29 5.49 -1.47
C ILE A 61 7.53 5.70 -0.58
N ASP A 62 7.91 6.93 -0.37
CA ASP A 62 9.10 7.20 0.49
C ASP A 62 8.83 6.74 1.92
N GLU A 63 7.60 6.75 2.34
CA GLU A 63 7.28 6.30 3.73
C GLU A 63 7.91 4.93 4.00
N VAL A 64 8.04 4.12 2.99
CA VAL A 64 8.64 2.77 3.18
C VAL A 64 9.79 2.56 2.19
N ASP A 65 10.47 3.60 1.82
CA ASP A 65 11.60 3.45 0.86
C ASP A 65 12.94 3.62 1.58
N GLU A 66 13.46 2.56 2.15
CA GLU A 66 14.76 2.66 2.88
C GLU A 66 15.92 2.42 1.92
N ASP A 67 15.75 2.74 0.66
CA ASP A 67 16.84 2.53 -0.32
C ASP A 67 17.00 3.77 -1.22
N GLY A 68 15.94 4.47 -1.48
CA GLY A 68 16.03 5.68 -2.35
C GLY A 68 15.67 5.29 -3.79
N SER A 69 15.07 4.15 -3.97
CA SER A 69 14.69 3.71 -5.35
C SER A 69 13.52 4.55 -5.86
N GLY A 70 12.90 5.32 -5.00
CA GLY A 70 11.75 6.16 -5.44
C GLY A 70 10.58 5.25 -5.83
N THR A 71 10.52 4.08 -5.28
CA THR A 71 9.41 3.15 -5.61
C THR A 71 9.07 2.28 -4.40
N VAL A 72 8.11 1.40 -4.53
CA VAL A 72 7.73 0.52 -3.38
C VAL A 72 7.81 -0.95 -3.78
N ASP A 73 8.10 -1.81 -2.83
CA ASP A 73 8.19 -3.26 -3.15
C ASP A 73 7.27 -4.06 -2.20
N PHE A 74 6.99 -5.29 -2.54
CA PHE A 74 6.09 -6.11 -1.68
C PHE A 74 6.65 -6.13 -0.25
N ASP A 75 7.89 -5.80 -0.07
CA ASP A 75 8.48 -5.81 1.30
C ASP A 75 8.19 -4.49 2.02
N GLU A 76 8.23 -3.40 1.29
CA GLU A 76 7.95 -2.07 1.93
C GLU A 76 6.44 -1.84 2.02
N PHE A 77 5.71 -2.25 1.03
CA PHE A 77 4.23 -2.05 1.05
C PHE A 77 3.65 -2.50 2.39
N LEU A 78 4.06 -3.65 2.87
CA LEU A 78 3.54 -4.14 4.17
C LEU A 78 3.59 -3.04 5.22
N VAL A 79 4.73 -2.45 5.41
CA VAL A 79 4.86 -1.36 6.43
C VAL A 79 4.00 -0.16 6.02
N MET A 80 3.80 0.02 4.74
CA MET A 80 2.97 1.18 4.27
C MET A 80 1.59 1.15 4.93
N MET A 81 1.03 -0.02 5.12
CA MET A 81 -0.31 -0.11 5.76
C MET A 81 -0.17 0.00 7.28
N VAL A 82 0.74 -0.74 7.85
CA VAL A 82 0.93 -0.68 9.34
C VAL A 82 0.89 0.78 9.82
N ARG A 83 1.63 1.64 9.18
CA ARG A 83 1.65 3.07 9.62
C ARG A 83 0.23 3.66 9.51
N CYS A 84 -0.42 3.49 8.39
CA CYS A 84 -1.79 4.05 8.24
C CYS A 84 -2.84 3.03 8.69
N MET A 85 -2.42 2.01 9.38
CA MET A 85 -3.39 0.99 9.86
C MET A 85 -3.74 1.24 11.33
N LYS A 86 -2.87 1.90 12.04
CA LYS A 86 -3.15 2.17 13.48
C LYS A 86 -3.21 3.68 13.73
N ASP A 87 -3.62 4.43 12.74
CA ASP A 87 -3.68 5.92 12.92
C ASP A 87 -4.90 6.48 12.17
N ASP A 88 -6.07 5.96 12.44
CA ASP A 88 -7.28 6.46 11.74
C ASP A 88 -8.50 6.36 12.66
N SER A 89 -9.04 7.47 13.06
CA SER A 89 -10.23 7.45 13.97
C SER A 89 -11.49 7.84 13.19
N ARG B 1 -6.77 10.95 0.77
CA ARG B 1 -5.76 10.16 1.54
C ARG B 1 -6.19 8.69 1.66
N ILE B 2 -5.50 7.81 1.00
CA ILE B 2 -5.89 6.37 1.08
C ILE B 2 -6.19 5.98 2.53
N SER B 3 -7.43 6.04 2.93
CA SER B 3 -7.79 5.68 4.32
C SER B 3 -7.95 4.16 4.46
N ALA B 4 -7.55 3.43 3.46
CA ALA B 4 -7.69 1.93 3.52
C ALA B 4 -9.16 1.53 3.44
N ASP B 5 -9.99 2.05 4.31
CA ASP B 5 -11.43 1.68 4.28
C ASP B 5 -12.01 1.87 2.87
N ALA B 6 -11.79 3.01 2.27
CA ALA B 6 -12.34 3.24 0.90
C ALA B 6 -11.52 2.47 -0.14
N MET B 7 -10.27 2.23 0.13
CA MET B 7 -9.42 1.49 -0.85
C MET B 7 -10.17 0.28 -1.40
N MET B 8 -10.95 -0.37 -0.57
CA MET B 8 -11.70 -1.57 -1.04
C MET B 8 -13.03 -1.16 -1.70
N GLN B 9 -13.34 0.10 -1.67
CA GLN B 9 -14.63 0.57 -2.29
C GLN B 9 -14.55 0.50 -3.82
N ALA B 10 -13.57 1.13 -4.40
CA ALA B 10 -13.45 1.10 -5.89
C ALA B 10 -12.76 -0.17 -6.35
N LEU B 11 -11.61 -0.47 -5.83
CA LEU B 11 -10.89 -1.71 -6.25
C LEU B 11 -10.80 -2.70 -5.08
N LEU B 12 -10.65 -3.96 -5.39
CA LEU B 12 -10.57 -4.99 -4.30
C LEU B 12 -11.90 -5.03 -3.54
N GLY B 13 -12.38 -6.21 -3.25
CA GLY B 13 -13.68 -6.31 -2.51
C GLY B 13 -14.13 -7.78 -2.46
N ALA B 14 -13.20 -8.68 -2.33
CA ALA B 14 -13.58 -10.12 -2.27
C ALA B 14 -14.34 -10.41 -0.97
N ARG B 15 -15.15 -11.43 -0.95
CA ARG B 15 -15.93 -11.75 0.28
C ARG B 15 -14.99 -11.88 1.48
N ALA B 16 -15.15 -11.05 2.47
CA ALA B 16 -14.26 -11.12 3.66
C ALA B 16 -14.69 -10.08 4.70
N LYS B 17 -15.00 -10.52 5.90
CA LYS B 17 -15.43 -9.55 6.95
C LYS B 17 -16.75 -8.90 6.57
CA CA C . 11.82 1.59 -1.85
N MET A 1 12.70 5.33 17.13
CA MET A 1 11.25 5.17 17.41
C MET A 1 10.52 4.63 16.17
N ASP A 2 10.90 3.48 15.70
CA ASP A 2 10.23 2.91 14.49
C ASP A 2 10.56 1.42 14.36
N ASP A 3 10.20 0.63 15.33
CA ASP A 3 10.49 -0.83 15.25
C ASP A 3 9.25 -1.65 15.61
N ILE A 4 8.11 -1.02 15.69
CA ILE A 4 6.86 -1.76 16.03
C ILE A 4 6.22 -2.34 14.76
N TYR A 5 6.21 -1.58 13.70
CA TYR A 5 5.61 -2.08 12.43
C TYR A 5 6.46 -3.20 11.84
N LYS A 6 7.74 -2.96 11.64
CA LYS A 6 8.62 -4.02 11.06
C LYS A 6 8.31 -5.36 11.73
N ALA A 7 7.90 -5.34 12.96
CA ALA A 7 7.58 -6.62 13.66
C ALA A 7 6.19 -7.11 13.25
N ALA A 8 5.23 -6.22 13.24
CA ALA A 8 3.85 -6.64 12.84
C ALA A 8 3.88 -7.26 11.44
N VAL A 9 4.70 -6.74 10.57
CA VAL A 9 4.79 -7.30 9.19
C VAL A 9 5.12 -8.80 9.25
N GLU A 10 6.34 -9.12 9.62
CA GLU A 10 6.75 -10.54 9.70
C GLU A 10 5.67 -11.36 10.42
N GLN A 11 4.92 -10.74 11.29
CA GLN A 11 3.85 -11.48 12.02
C GLN A 11 2.59 -11.59 11.15
N LEU A 12 2.47 -10.77 10.16
CA LEU A 12 1.26 -10.84 9.28
C LEU A 12 1.03 -12.28 8.80
N THR A 13 -0.13 -12.81 9.05
CA THR A 13 -0.40 -14.22 8.62
C THR A 13 -1.06 -14.22 7.24
N GLU A 14 -0.88 -15.28 6.50
CA GLU A 14 -1.50 -15.35 5.14
C GLU A 14 -2.94 -14.85 5.19
N GLU A 15 -3.64 -15.11 6.26
CA GLU A 15 -5.05 -14.64 6.37
C GLU A 15 -5.14 -13.17 5.92
N GLN A 16 -4.38 -12.32 6.52
CA GLN A 16 -4.41 -10.88 6.13
C GLN A 16 -3.55 -10.67 4.89
N LYS A 17 -2.32 -11.09 4.93
CA LYS A 17 -1.42 -10.94 3.77
C LYS A 17 -2.17 -11.28 2.48
N ASN A 18 -3.18 -12.12 2.57
CA ASN A 18 -3.96 -12.50 1.35
C ASN A 18 -4.71 -11.28 0.82
N GLU A 19 -5.23 -10.45 1.67
CA GLU A 19 -5.99 -9.25 1.20
C GLU A 19 -5.00 -8.14 0.79
N PHE A 20 -3.92 -8.00 1.51
CA PHE A 20 -2.93 -6.95 1.16
C PHE A 20 -2.20 -7.31 -0.13
N LYS A 21 -1.74 -8.54 -0.23
CA LYS A 21 -1.03 -8.97 -1.46
C LYS A 21 -1.82 -8.54 -2.70
N ALA A 22 -3.12 -8.44 -2.58
CA ALA A 22 -3.95 -8.01 -3.73
C ALA A 22 -3.67 -6.55 -4.07
N ALA A 23 -4.00 -5.66 -3.18
CA ALA A 23 -3.77 -4.21 -3.44
C ALA A 23 -2.33 -4.01 -3.94
N PHE A 24 -1.43 -4.86 -3.51
CA PHE A 24 -0.01 -4.73 -3.97
C PHE A 24 0.12 -5.15 -5.43
N ASP A 25 -0.46 -6.26 -5.79
CA ASP A 25 -0.39 -6.72 -7.20
C ASP A 25 -0.92 -5.64 -8.14
N ILE A 26 -1.89 -4.88 -7.70
CA ILE A 26 -2.44 -3.81 -8.56
C ILE A 26 -1.54 -2.57 -8.53
N PHE A 27 -1.07 -2.20 -7.36
CA PHE A 27 -0.19 -1.00 -7.27
C PHE A 27 1.06 -1.19 -8.14
N VAL A 28 1.36 -2.40 -8.53
CA VAL A 28 2.55 -2.64 -9.38
C VAL A 28 2.16 -3.36 -10.66
N LEU A 29 0.90 -3.30 -11.02
CA LEU A 29 0.46 -3.98 -12.26
C LEU A 29 1.24 -3.47 -13.47
N GLY A 30 1.92 -2.35 -13.33
CA GLY A 30 2.69 -1.80 -14.47
C GLY A 30 4.18 -1.80 -14.13
N ALA A 31 4.54 -2.33 -12.99
CA ALA A 31 5.98 -2.36 -12.61
C ALA A 31 6.63 -3.67 -13.06
N GLU A 32 7.77 -3.59 -13.69
CA GLU A 32 8.45 -4.83 -14.16
C GLU A 32 9.35 -5.39 -13.05
N ASP A 33 9.70 -4.57 -12.09
CA ASP A 33 10.58 -5.05 -10.99
C ASP A 33 9.73 -5.61 -9.84
N GLY A 34 8.46 -5.29 -9.82
CA GLY A 34 7.58 -5.81 -8.73
C GLY A 34 7.52 -4.80 -7.59
N CYS A 35 7.75 -3.54 -7.89
CA CYS A 35 7.71 -2.50 -6.81
C CYS A 35 6.75 -1.37 -7.22
N ILE A 36 6.59 -0.39 -6.38
CA ILE A 36 5.68 0.74 -6.70
C ILE A 36 6.47 2.03 -6.86
N SER A 37 5.91 3.01 -7.54
CA SER A 37 6.64 4.29 -7.74
C SER A 37 5.64 5.40 -8.06
N THR A 38 4.49 5.34 -7.45
CA THR A 38 3.42 6.37 -7.70
C THR A 38 2.82 6.16 -9.09
N LYS A 39 3.64 6.12 -10.12
CA LYS A 39 3.10 5.89 -11.48
C LYS A 39 2.10 4.73 -11.44
N GLU A 40 2.43 3.69 -10.74
CA GLU A 40 1.51 2.52 -10.64
C GLU A 40 0.56 2.71 -9.46
N LEU A 41 0.98 3.47 -8.49
CA LEU A 41 0.12 3.71 -7.29
C LEU A 41 -0.94 4.78 -7.58
N GLY A 42 -0.52 5.95 -8.00
CA GLY A 42 -1.51 7.02 -8.29
C GLY A 42 -2.65 6.47 -9.14
N LYS A 43 -2.40 5.42 -9.87
CA LYS A 43 -3.48 4.84 -10.72
C LYS A 43 -4.62 4.32 -9.84
N VAL A 44 -4.32 3.92 -8.63
CA VAL A 44 -5.39 3.41 -7.74
C VAL A 44 -6.04 4.56 -6.98
N MET A 45 -5.31 5.62 -6.72
CA MET A 45 -5.90 6.77 -5.99
C MET A 45 -7.23 7.17 -6.63
N ARG A 46 -7.24 7.44 -7.90
CA ARG A 46 -8.51 7.82 -8.57
C ARG A 46 -9.60 6.81 -8.21
N MET A 47 -9.25 5.55 -8.15
CA MET A 47 -10.26 4.52 -7.78
C MET A 47 -10.54 4.60 -6.28
N LEU A 48 -9.52 4.88 -5.49
CA LEU A 48 -9.72 4.98 -4.02
C LEU A 48 -10.69 6.11 -3.70
N GLY A 49 -10.83 7.06 -4.59
CA GLY A 49 -11.76 8.20 -4.34
C GLY A 49 -10.94 9.48 -4.17
N GLN A 50 -9.75 9.50 -4.69
CA GLN A 50 -8.90 10.72 -4.56
C GLN A 50 -7.96 10.85 -5.75
N ASN A 51 -6.85 11.52 -5.60
CA ASN A 51 -5.89 11.67 -6.72
C ASN A 51 -4.74 12.60 -6.31
N PRO A 52 -3.81 12.04 -5.60
CA PRO A 52 -2.62 12.82 -5.14
C PRO A 52 -1.68 13.12 -6.30
N THR A 53 -1.38 14.37 -6.52
CA THR A 53 -0.46 14.73 -7.64
C THR A 53 0.85 13.94 -7.52
N PRO A 54 1.71 14.14 -8.48
CA PRO A 54 3.02 13.43 -8.48
C PRO A 54 3.93 13.98 -7.39
N GLU A 55 3.91 15.28 -7.19
CA GLU A 55 4.78 15.87 -6.12
C GLU A 55 4.29 15.41 -4.75
N GLU A 56 3.02 15.19 -4.59
CA GLU A 56 2.49 14.74 -3.26
C GLU A 56 2.47 13.22 -3.20
N LEU A 57 2.43 12.56 -4.33
CA LEU A 57 2.39 11.07 -4.32
C LEU A 57 3.58 10.49 -3.55
N GLN A 58 4.78 10.70 -4.04
CA GLN A 58 5.98 10.17 -3.34
C GLN A 58 5.84 10.32 -1.82
N GLU A 59 5.13 11.31 -1.37
CA GLU A 59 4.96 11.51 0.10
C GLU A 59 4.52 10.20 0.76
N MET A 60 3.66 9.46 0.10
CA MET A 60 3.19 8.18 0.69
C MET A 60 4.30 7.12 0.61
N ILE A 61 5.04 7.10 -0.45
CA ILE A 61 6.14 6.10 -0.58
C ILE A 61 7.26 6.41 0.42
N ASP A 62 7.43 7.65 0.76
CA ASP A 62 8.51 8.03 1.72
C ASP A 62 8.08 7.71 3.16
N GLU A 63 6.80 7.67 3.41
CA GLU A 63 6.31 7.37 4.78
C GLU A 63 6.76 5.96 5.21
N VAL A 64 6.95 5.08 4.27
CA VAL A 64 7.39 3.70 4.63
C VAL A 64 8.57 3.27 3.77
N ASP A 65 9.58 4.10 3.68
CA ASP A 65 10.78 3.74 2.87
C ASP A 65 12.03 3.73 3.74
N GLU A 66 12.55 2.57 4.05
CA GLU A 66 13.78 2.52 4.90
C GLU A 66 15.04 2.71 4.06
N ASP A 67 14.87 3.11 2.83
CA ASP A 67 16.07 3.32 1.96
C ASP A 67 15.88 4.58 1.10
N GLY A 68 14.85 5.34 1.36
CA GLY A 68 14.62 6.58 0.56
C GLY A 68 14.84 6.29 -0.92
N SER A 69 14.20 5.28 -1.43
CA SER A 69 14.38 4.94 -2.89
C SER A 69 13.20 5.48 -3.70
N GLY A 70 12.13 5.84 -3.05
CA GLY A 70 10.95 6.37 -3.79
C GLY A 70 10.14 5.20 -4.36
N THR A 71 10.26 4.05 -3.77
CA THR A 71 9.50 2.87 -4.27
C THR A 71 9.03 2.00 -3.10
N VAL A 72 7.97 1.27 -3.28
CA VAL A 72 7.47 0.39 -2.20
C VAL A 72 7.35 -1.05 -2.68
N ASP A 73 7.44 -1.99 -1.79
CA ASP A 73 7.34 -3.43 -2.21
C ASP A 73 6.54 -4.22 -1.19
N PHE A 74 6.22 -5.45 -1.50
CA PHE A 74 5.43 -6.29 -0.56
C PHE A 74 5.98 -6.12 0.87
N ASP A 75 7.23 -5.76 1.00
CA ASP A 75 7.81 -5.59 2.36
C ASP A 75 7.43 -4.23 2.94
N GLU A 76 7.75 -3.17 2.24
CA GLU A 76 7.41 -1.81 2.76
C GLU A 76 5.93 -1.51 2.51
N PHE A 77 5.34 -2.13 1.52
CA PHE A 77 3.89 -1.87 1.24
C PHE A 77 3.03 -2.34 2.42
N LEU A 78 3.33 -3.49 2.95
CA LEU A 78 2.53 -4.00 4.10
C LEU A 78 2.57 -3.00 5.26
N VAL A 79 3.71 -2.46 5.54
CA VAL A 79 3.82 -1.47 6.66
C VAL A 79 2.79 -0.36 6.47
N MET A 80 2.56 0.05 5.25
CA MET A 80 1.58 1.15 5.00
C MET A 80 0.20 0.75 5.54
N MET A 81 -0.08 -0.52 5.59
CA MET A 81 -1.41 -0.97 6.10
C MET A 81 -1.37 -1.09 7.63
N VAL A 82 -0.25 -1.48 8.17
CA VAL A 82 -0.15 -1.61 9.65
C VAL A 82 -0.28 -0.24 10.32
N ARG A 83 0.38 0.75 9.78
CA ARG A 83 0.30 2.11 10.39
C ARG A 83 -1.15 2.60 10.43
N CYS A 84 -2.02 1.97 9.70
CA CYS A 84 -3.45 2.41 9.71
C CYS A 84 -4.28 1.51 10.61
N MET A 85 -3.75 0.38 10.99
CA MET A 85 -4.50 -0.55 11.88
C MET A 85 -4.79 0.11 13.21
N LYS A 86 -5.72 -0.42 13.96
CA LYS A 86 -6.05 0.18 15.29
C LYS A 86 -6.32 -0.93 16.31
N ASP A 87 -7.00 -1.96 15.90
CA ASP A 87 -7.31 -3.08 16.84
C ASP A 87 -7.96 -4.24 16.08
N ASP A 88 -7.35 -4.69 15.02
CA ASP A 88 -7.93 -5.81 14.24
C ASP A 88 -7.17 -7.11 14.53
N SER A 89 -7.59 -7.85 15.53
CA SER A 89 -6.88 -9.12 15.85
C SER A 89 -7.83 -10.31 15.64
N ARG B 1 -4.99 12.13 2.19
CA ARG B 1 -4.76 10.93 3.05
C ARG B 1 -5.59 9.75 2.53
N ILE B 2 -5.09 8.56 2.65
CA ILE B 2 -5.85 7.37 2.17
C ILE B 2 -6.07 6.38 3.32
N SER B 3 -7.04 5.52 3.19
CA SER B 3 -7.31 4.54 4.28
C SER B 3 -7.55 3.14 3.68
N ALA B 4 -7.47 2.12 4.50
CA ALA B 4 -7.70 0.74 3.98
C ALA B 4 -9.20 0.50 3.75
N ASP B 5 -10.02 0.79 4.73
CA ASP B 5 -11.48 0.58 4.56
C ASP B 5 -11.94 1.10 3.19
N ALA B 6 -11.44 2.24 2.78
CA ALA B 6 -11.86 2.81 1.46
C ALA B 6 -11.03 2.18 0.34
N MET B 7 -9.88 1.66 0.66
CA MET B 7 -9.02 1.04 -0.40
C MET B 7 -9.68 -0.25 -0.91
N MET B 8 -10.23 -1.04 -0.04
CA MET B 8 -10.87 -2.31 -0.47
C MET B 8 -12.21 -2.03 -1.16
N GLN B 9 -13.03 -1.20 -0.55
CA GLN B 9 -14.36 -0.89 -1.17
C GLN B 9 -14.17 -0.18 -2.52
N ALA B 10 -13.19 0.68 -2.61
CA ALA B 10 -12.96 1.39 -3.90
C ALA B 10 -12.60 0.40 -5.01
N LEU B 11 -11.63 -0.44 -4.76
CA LEU B 11 -11.24 -1.44 -5.79
C LEU B 11 -10.86 -2.77 -5.12
N LEU B 12 -10.63 -3.79 -5.90
CA LEU B 12 -10.25 -5.11 -5.30
C LEU B 12 -11.41 -5.68 -4.48
N GLY B 13 -12.16 -6.59 -5.04
CA GLY B 13 -13.31 -7.19 -4.30
C GLY B 13 -14.49 -6.21 -4.30
N ALA B 14 -14.49 -5.25 -5.18
CA ALA B 14 -15.61 -4.28 -5.22
C ALA B 14 -16.38 -4.42 -6.54
N ARG B 15 -17.08 -5.50 -6.72
CA ARG B 15 -17.84 -5.69 -7.98
C ARG B 15 -16.89 -5.75 -9.18
N ALA B 16 -16.73 -6.91 -9.77
CA ALA B 16 -15.82 -7.03 -10.94
C ALA B 16 -16.18 -5.99 -12.01
N LYS B 17 -17.36 -6.09 -12.57
CA LYS B 17 -17.77 -5.11 -13.61
C LYS B 17 -18.96 -4.28 -13.12
CA CA C . 11.97 1.15 -0.73
N MET A 1 12.46 5.99 13.79
CA MET A 1 11.05 5.54 13.67
C MET A 1 10.74 4.44 14.68
N ASP A 2 9.50 4.25 15.01
CA ASP A 2 9.14 3.18 15.99
C ASP A 2 9.58 1.81 15.46
N ASP A 3 9.78 0.87 16.34
CA ASP A 3 10.20 -0.48 15.89
C ASP A 3 9.07 -1.49 16.12
N ILE A 4 7.86 -1.02 16.20
CA ILE A 4 6.71 -1.95 16.43
C ILE A 4 6.21 -2.50 15.09
N TYR A 5 6.19 -1.69 14.07
CA TYR A 5 5.71 -2.17 12.74
C TYR A 5 6.50 -3.40 12.31
N LYS A 6 7.81 -3.29 12.27
CA LYS A 6 8.65 -4.45 11.86
C LYS A 6 8.11 -5.75 12.48
N ALA A 7 7.52 -5.66 13.65
CA ALA A 7 6.99 -6.88 14.30
C ALA A 7 5.61 -7.22 13.72
N ALA A 8 4.75 -6.26 13.57
CA ALA A 8 3.40 -6.54 13.01
C ALA A 8 3.54 -7.16 11.62
N VAL A 9 4.51 -6.73 10.85
CA VAL A 9 4.70 -7.31 9.48
C VAL A 9 4.97 -8.81 9.58
N GLU A 10 5.89 -9.20 10.41
CA GLU A 10 6.20 -10.66 10.56
C GLU A 10 5.02 -11.38 11.20
N GLN A 11 4.17 -10.67 11.88
CA GLN A 11 2.99 -11.32 12.53
C GLN A 11 1.81 -11.32 11.57
N LEU A 12 2.06 -11.15 10.29
CA LEU A 12 0.94 -11.15 9.30
C LEU A 12 0.57 -12.59 8.94
N THR A 13 -0.58 -13.05 9.35
CA THR A 13 -1.00 -14.44 9.02
C THR A 13 -1.07 -14.62 7.51
N GLU A 14 -0.79 -15.80 7.02
CA GLU A 14 -0.84 -16.03 5.55
C GLU A 14 -2.19 -15.58 4.99
N GLU A 15 -3.17 -15.46 5.83
CA GLU A 15 -4.51 -15.02 5.35
C GLU A 15 -4.54 -13.49 5.19
N GLN A 16 -4.35 -12.77 6.26
CA GLN A 16 -4.36 -11.28 6.17
C GLN A 16 -3.36 -10.81 5.09
N LYS A 17 -2.26 -11.49 4.97
CA LYS A 17 -1.25 -11.09 3.95
C LYS A 17 -1.80 -11.37 2.55
N ASN A 18 -2.62 -12.38 2.41
CA ASN A 18 -3.18 -12.69 1.06
C ASN A 18 -4.13 -11.58 0.61
N GLU A 19 -4.77 -10.93 1.54
CA GLU A 19 -5.69 -9.83 1.16
C GLU A 19 -4.90 -8.61 0.66
N PHE A 20 -3.89 -8.23 1.39
CA PHE A 20 -3.07 -7.05 0.97
C PHE A 20 -2.42 -7.34 -0.39
N LYS A 21 -1.95 -8.55 -0.59
CA LYS A 21 -1.30 -8.88 -1.89
C LYS A 21 -2.09 -8.30 -3.05
N ALA A 22 -3.39 -8.42 -3.02
CA ALA A 22 -4.23 -7.86 -4.13
C ALA A 22 -3.87 -6.38 -4.35
N ALA A 23 -4.12 -5.55 -3.36
CA ALA A 23 -3.79 -4.11 -3.50
C ALA A 23 -2.34 -3.94 -3.94
N PHE A 24 -1.43 -4.60 -3.28
CA PHE A 24 0.01 -4.48 -3.65
C PHE A 24 0.19 -4.85 -5.14
N ASP A 25 -0.58 -5.77 -5.62
CA ASP A 25 -0.47 -6.17 -7.06
C ASP A 25 -0.93 -5.03 -7.97
N ILE A 26 -2.11 -4.52 -7.74
CA ILE A 26 -2.61 -3.40 -8.58
C ILE A 26 -1.70 -2.18 -8.43
N PHE A 27 -1.04 -2.06 -7.31
CA PHE A 27 -0.14 -0.89 -7.09
C PHE A 27 1.05 -0.97 -8.05
N VAL A 28 1.44 -2.15 -8.44
CA VAL A 28 2.60 -2.29 -9.37
C VAL A 28 2.11 -2.67 -10.77
N LEU A 29 0.89 -2.32 -11.10
CA LEU A 29 0.36 -2.66 -12.45
C LEU A 29 1.27 -2.10 -13.54
N GLY A 30 1.99 -1.04 -13.26
CA GLY A 30 2.89 -0.47 -14.29
C GLY A 30 4.33 -0.51 -13.79
N ALA A 31 4.68 -1.51 -13.01
CA ALA A 31 6.07 -1.60 -12.49
C ALA A 31 6.89 -2.53 -13.39
N GLU A 32 8.04 -2.97 -12.91
CA GLU A 32 8.88 -3.88 -13.73
C GLU A 32 9.37 -5.05 -12.88
N ASP A 33 9.80 -4.79 -11.68
CA ASP A 33 10.29 -5.89 -10.81
C ASP A 33 9.32 -6.11 -9.64
N GLY A 34 8.15 -5.54 -9.71
CA GLY A 34 7.17 -5.72 -8.61
C GLY A 34 7.34 -4.60 -7.58
N CYS A 35 7.77 -3.45 -8.00
CA CYS A 35 7.96 -2.32 -7.05
C CYS A 35 7.00 -1.17 -7.39
N ILE A 36 6.86 -0.23 -6.50
CA ILE A 36 5.94 0.92 -6.76
C ILE A 36 6.70 2.24 -6.68
N SER A 37 6.28 3.21 -7.43
CA SER A 37 6.97 4.54 -7.41
C SER A 37 6.01 5.62 -7.90
N THR A 38 4.78 5.51 -7.51
CA THR A 38 3.73 6.49 -7.93
C THR A 38 3.36 6.24 -9.39
N LYS A 39 4.32 6.20 -10.27
CA LYS A 39 4.00 5.95 -11.71
C LYS A 39 3.04 4.76 -11.77
N GLU A 40 3.19 3.81 -10.88
CA GLU A 40 2.28 2.64 -10.87
C GLU A 40 1.07 2.94 -9.98
N LEU A 41 1.21 3.91 -9.12
CA LEU A 41 0.08 4.28 -8.23
C LEU A 41 -0.89 5.21 -8.96
N GLY A 42 -1.43 6.17 -8.27
CA GLY A 42 -2.38 7.13 -8.91
C GLY A 42 -3.62 6.38 -9.40
N LYS A 43 -3.47 5.48 -10.33
CA LYS A 43 -4.65 4.74 -10.86
C LYS A 43 -5.56 4.30 -9.70
N VAL A 44 -4.98 3.86 -8.62
CA VAL A 44 -5.82 3.44 -7.47
C VAL A 44 -6.32 4.66 -6.71
N MET A 45 -5.59 5.75 -6.78
CA MET A 45 -6.03 6.98 -6.05
C MET A 45 -7.40 7.42 -6.55
N ARG A 46 -7.50 7.86 -7.78
CA ARG A 46 -8.81 8.30 -8.31
C ARG A 46 -9.90 7.29 -7.98
N MET A 47 -9.53 6.06 -7.77
CA MET A 47 -10.55 5.03 -7.43
C MET A 47 -10.98 5.16 -5.96
N LEU A 48 -10.07 5.50 -5.10
CA LEU A 48 -10.42 5.66 -3.66
C LEU A 48 -11.28 6.93 -3.48
N GLY A 49 -11.30 7.77 -4.46
CA GLY A 49 -12.09 9.03 -4.36
C GLY A 49 -11.14 10.21 -4.22
N GLN A 50 -9.89 10.03 -4.55
CA GLN A 50 -8.91 11.15 -4.45
C GLN A 50 -7.89 11.04 -5.58
N ASN A 51 -7.25 12.14 -5.91
CA ASN A 51 -6.25 12.12 -7.01
C ASN A 51 -5.04 12.98 -6.62
N PRO A 52 -4.11 12.38 -5.95
CA PRO A 52 -2.89 13.10 -5.51
C PRO A 52 -1.91 13.27 -6.67
N THR A 53 -1.49 14.47 -6.94
CA THR A 53 -0.53 14.70 -8.06
C THR A 53 0.69 13.78 -7.91
N PRO A 54 1.54 13.81 -8.89
CA PRO A 54 2.77 12.97 -8.87
C PRO A 54 3.76 13.52 -7.83
N GLU A 55 3.58 14.74 -7.42
CA GLU A 55 4.50 15.33 -6.41
C GLU A 55 4.09 14.90 -5.00
N GLU A 56 2.82 14.71 -4.77
CA GLU A 56 2.35 14.28 -3.42
C GLU A 56 2.41 12.76 -3.30
N LEU A 57 2.54 12.06 -4.40
CA LEU A 57 2.61 10.58 -4.33
C LEU A 57 3.88 10.15 -3.59
N GLN A 58 5.00 10.71 -3.95
CA GLN A 58 6.27 10.34 -3.26
C GLN A 58 6.04 10.25 -1.76
N GLU A 59 5.30 11.17 -1.21
CA GLU A 59 5.03 11.13 0.26
C GLU A 59 4.38 9.78 0.63
N MET A 60 3.49 9.30 -0.19
CA MET A 60 2.83 8.00 0.10
C MET A 60 3.88 6.89 0.17
N ILE A 61 4.90 6.98 -0.64
CA ILE A 61 5.97 5.94 -0.64
C ILE A 61 7.04 6.27 0.41
N ASP A 62 7.16 7.52 0.77
CA ASP A 62 8.19 7.90 1.78
C ASP A 62 7.75 7.47 3.17
N GLU A 63 6.49 7.21 3.37
CA GLU A 63 6.01 6.79 4.71
C GLU A 63 6.54 5.40 5.05
N VAL A 64 7.09 4.71 4.09
CA VAL A 64 7.62 3.34 4.36
C VAL A 64 8.87 3.07 3.51
N ASP A 65 9.56 4.10 3.10
CA ASP A 65 10.79 3.91 2.27
C ASP A 65 12.00 3.69 3.17
N GLU A 66 12.40 2.46 3.37
CA GLU A 66 13.57 2.18 4.23
C GLU A 66 14.75 1.65 3.39
N ASP A 67 14.98 2.23 2.25
CA ASP A 67 16.10 1.75 1.39
C ASP A 67 16.67 2.92 0.57
N GLY A 68 16.36 4.13 0.96
CA GLY A 68 16.89 5.31 0.20
C GLY A 68 16.74 5.06 -1.29
N SER A 69 15.76 4.30 -1.69
CA SER A 69 15.55 4.04 -3.14
C SER A 69 14.48 4.96 -3.71
N GLY A 70 13.31 4.98 -3.11
CA GLY A 70 12.23 5.87 -3.61
C GLY A 70 11.04 5.01 -4.05
N THR A 71 11.25 3.74 -4.25
CA THR A 71 10.13 2.86 -4.68
C THR A 71 9.65 2.00 -3.49
N VAL A 72 8.59 1.26 -3.67
CA VAL A 72 8.07 0.42 -2.55
C VAL A 72 7.87 -1.01 -3.02
N ASP A 73 8.13 -1.97 -2.17
CA ASP A 73 7.95 -3.39 -2.55
C ASP A 73 7.00 -4.07 -1.57
N PHE A 74 6.81 -5.37 -1.70
CA PHE A 74 5.89 -6.08 -0.77
C PHE A 74 6.43 -5.98 0.66
N ASP A 75 7.64 -5.54 0.82
CA ASP A 75 8.22 -5.41 2.19
C ASP A 75 7.84 -4.07 2.81
N GLU A 76 8.09 -3.00 2.11
CA GLU A 76 7.74 -1.65 2.65
C GLU A 76 6.24 -1.40 2.48
N PHE A 77 5.65 -1.92 1.44
CA PHE A 77 4.19 -1.71 1.22
C PHE A 77 3.40 -2.15 2.47
N LEU A 78 3.75 -3.26 3.05
CA LEU A 78 3.02 -3.72 4.27
C LEU A 78 3.08 -2.64 5.35
N VAL A 79 4.26 -2.15 5.63
CA VAL A 79 4.38 -1.09 6.67
C VAL A 79 3.41 0.05 6.38
N MET A 80 3.03 0.21 5.15
CA MET A 80 2.09 1.30 4.78
C MET A 80 0.68 0.98 5.31
N MET A 81 0.41 -0.28 5.54
CA MET A 81 -0.94 -0.66 6.06
C MET A 81 -0.87 -0.96 7.56
N VAL A 82 0.31 -0.98 8.12
CA VAL A 82 0.45 -1.27 9.57
C VAL A 82 0.37 0.04 10.37
N ARG A 83 0.98 1.09 9.89
CA ARG A 83 0.94 2.37 10.62
C ARG A 83 -0.49 2.69 11.06
N CYS A 84 -1.46 2.34 10.25
CA CYS A 84 -2.87 2.61 10.63
C CYS A 84 -3.46 1.41 11.37
N MET A 85 -2.71 0.82 12.26
CA MET A 85 -3.23 -0.35 13.01
C MET A 85 -3.90 0.11 14.31
N LYS A 86 -4.30 1.35 14.36
CA LYS A 86 -4.97 1.87 15.60
C LYS A 86 -6.36 2.42 15.26
N ASP A 87 -7.39 1.68 15.55
CA ASP A 87 -8.77 2.17 15.25
C ASP A 87 -9.63 2.14 16.51
N ASP A 88 -9.20 2.78 17.56
CA ASP A 88 -10.01 2.78 18.81
C ASP A 88 -10.16 1.35 19.34
N SER A 89 -9.91 1.15 20.61
CA SER A 89 -10.05 -0.22 21.18
C SER A 89 -11.49 -0.72 21.03
N ARG B 1 -1.01 5.37 5.70
CA ARG B 1 -2.30 4.91 6.27
C ARG B 1 -3.39 4.87 5.18
N ILE B 2 -3.49 3.77 4.49
CA ILE B 2 -4.53 3.66 3.42
C ILE B 2 -5.73 2.86 3.92
N SER B 3 -5.87 2.73 5.21
CA SER B 3 -7.02 1.96 5.77
C SER B 3 -7.11 0.59 5.08
N ALA B 4 -8.11 -0.19 5.41
CA ALA B 4 -8.26 -1.52 4.78
C ALA B 4 -9.56 -1.61 3.99
N ASP B 5 -10.64 -1.13 4.54
CA ASP B 5 -11.94 -1.19 3.81
C ASP B 5 -12.04 -0.03 2.81
N ALA B 6 -11.75 1.17 3.24
CA ALA B 6 -11.84 2.34 2.31
C ALA B 6 -11.19 2.00 0.96
N MET B 7 -10.07 1.35 0.97
CA MET B 7 -9.40 1.02 -0.32
C MET B 7 -10.08 -0.19 -0.98
N MET B 8 -10.43 -1.19 -0.21
CA MET B 8 -11.10 -2.39 -0.80
C MET B 8 -12.51 -2.02 -1.26
N GLN B 9 -13.03 -0.91 -0.82
CA GLN B 9 -14.39 -0.51 -1.24
C GLN B 9 -14.34 0.23 -2.59
N ALA B 10 -13.35 1.06 -2.78
CA ALA B 10 -13.23 1.80 -4.07
C ALA B 10 -12.76 0.85 -5.18
N LEU B 11 -11.66 0.20 -4.97
CA LEU B 11 -11.13 -0.73 -6.01
C LEU B 11 -10.91 -2.13 -5.42
N LEU B 12 -10.43 -3.05 -6.20
CA LEU B 12 -10.19 -4.43 -5.67
C LEU B 12 -11.51 -5.06 -5.23
N GLY B 13 -12.20 -5.71 -6.13
CA GLY B 13 -13.50 -6.35 -5.75
C GLY B 13 -13.73 -7.58 -6.63
N ALA B 14 -14.86 -7.65 -7.28
CA ALA B 14 -15.15 -8.84 -8.14
C ALA B 14 -15.93 -8.41 -9.39
N ARG B 15 -15.32 -7.62 -10.24
CA ARG B 15 -16.02 -7.17 -11.48
C ARG B 15 -15.68 -8.10 -12.64
N ALA B 16 -15.53 -9.37 -12.38
CA ALA B 16 -15.20 -10.33 -13.47
C ALA B 16 -14.12 -9.73 -14.38
N LYS B 17 -13.16 -9.06 -13.81
CA LYS B 17 -12.07 -8.45 -14.64
C LYS B 17 -12.67 -7.42 -15.61
CA CA C . 12.08 2.07 -0.55
N MET A 1 12.36 3.62 18.49
CA MET A 1 12.27 4.16 17.10
C MET A 1 12.27 3.01 16.08
N ASP A 2 12.91 1.93 16.41
CA ASP A 2 12.94 0.77 15.46
C ASP A 2 12.44 -0.50 16.15
N ASP A 3 12.24 -1.55 15.41
CA ASP A 3 11.75 -2.82 16.03
C ASP A 3 10.34 -2.62 16.59
N ILE A 4 9.54 -1.82 15.94
CA ILE A 4 8.15 -1.60 16.45
C ILE A 4 7.13 -2.06 15.41
N TYR A 5 7.30 -1.67 14.18
CA TYR A 5 6.33 -2.10 13.12
C TYR A 5 6.68 -3.51 12.63
N LYS A 6 7.92 -3.75 12.31
CA LYS A 6 8.31 -5.10 11.82
C LYS A 6 7.66 -6.19 12.69
N ALA A 7 7.37 -5.86 13.92
CA ALA A 7 6.74 -6.87 14.82
C ALA A 7 5.28 -7.11 14.42
N ALA A 8 4.57 -6.06 14.06
CA ALA A 8 3.15 -6.23 13.65
C ALA A 8 3.06 -7.08 12.39
N VAL A 9 4.16 -7.26 11.70
CA VAL A 9 4.13 -8.09 10.46
C VAL A 9 4.13 -9.58 10.81
N GLU A 10 5.05 -10.01 11.62
CA GLU A 10 5.10 -11.44 11.99
C GLU A 10 3.73 -11.92 12.48
N GLN A 11 2.89 -11.01 12.89
CA GLN A 11 1.53 -11.40 13.37
C GLN A 11 0.53 -11.43 12.21
N LEU A 12 1.02 -11.49 11.00
CA LEU A 12 0.09 -11.52 9.83
C LEU A 12 -0.50 -12.93 9.67
N THR A 13 -1.77 -13.00 9.35
CA THR A 13 -2.41 -14.35 9.18
C THR A 13 -2.38 -14.77 7.71
N GLU A 14 -2.64 -16.01 7.42
CA GLU A 14 -2.64 -16.47 6.01
C GLU A 14 -3.62 -15.64 5.17
N GLU A 15 -4.78 -15.37 5.70
CA GLU A 15 -5.78 -14.56 4.94
C GLU A 15 -5.28 -13.11 4.80
N GLN A 16 -5.09 -12.43 5.89
CA GLN A 16 -4.61 -11.02 5.82
C GLN A 16 -3.42 -10.91 4.86
N LYS A 17 -2.43 -11.74 5.04
CA LYS A 17 -1.24 -11.68 4.14
C LYS A 17 -1.68 -11.64 2.68
N ASN A 18 -2.64 -12.45 2.31
CA ASN A 18 -3.12 -12.45 0.89
C ASN A 18 -3.89 -11.16 0.60
N GLU A 19 -4.32 -10.47 1.63
CA GLU A 19 -5.09 -9.21 1.41
C GLU A 19 -4.17 -8.11 0.87
N PHE A 20 -3.14 -7.76 1.59
CA PHE A 20 -2.22 -6.69 1.10
C PHE A 20 -1.56 -7.12 -0.21
N LYS A 21 -1.05 -8.31 -0.27
CA LYS A 21 -0.40 -8.78 -1.53
C LYS A 21 -1.27 -8.41 -2.73
N ALA A 22 -2.56 -8.39 -2.56
CA ALA A 22 -3.45 -8.03 -3.70
C ALA A 22 -3.31 -6.55 -4.03
N ALA A 23 -3.48 -5.70 -3.06
CA ALA A 23 -3.35 -4.23 -3.32
C ALA A 23 -1.99 -3.92 -3.96
N PHE A 24 -0.95 -4.58 -3.49
CA PHE A 24 0.40 -4.33 -4.07
C PHE A 24 0.41 -4.66 -5.57
N ASP A 25 -0.08 -5.82 -5.94
CA ASP A 25 -0.10 -6.19 -7.38
C ASP A 25 -0.67 -5.06 -8.22
N ILE A 26 -1.77 -4.49 -7.80
CA ILE A 26 -2.38 -3.37 -8.58
C ILE A 26 -1.55 -2.09 -8.45
N PHE A 27 -0.88 -1.92 -7.34
CA PHE A 27 -0.05 -0.70 -7.15
C PHE A 27 1.07 -0.64 -8.19
N VAL A 28 1.40 -1.76 -8.78
CA VAL A 28 2.49 -1.78 -9.80
C VAL A 28 1.91 -2.18 -11.17
N LEU A 29 0.64 -2.01 -11.36
CA LEU A 29 0.01 -2.37 -12.66
C LEU A 29 0.74 -1.67 -13.82
N GLY A 30 1.66 -2.35 -14.45
CA GLY A 30 2.40 -1.74 -15.58
C GLY A 30 3.87 -1.58 -15.22
N ALA A 31 4.19 -1.65 -13.95
CA ALA A 31 5.62 -1.50 -13.53
C ALA A 31 6.52 -2.40 -14.40
N GLU A 32 7.81 -2.28 -14.25
CA GLU A 32 8.74 -3.12 -15.07
C GLU A 32 9.56 -4.03 -14.16
N ASP A 33 9.79 -3.63 -12.94
CA ASP A 33 10.59 -4.49 -12.02
C ASP A 33 9.73 -4.89 -10.80
N GLY A 34 8.56 -4.33 -10.68
CA GLY A 34 7.69 -4.68 -9.53
C GLY A 34 7.84 -3.63 -8.42
N CYS A 35 7.72 -2.37 -8.77
CA CYS A 35 7.86 -1.31 -7.74
C CYS A 35 6.78 -0.24 -7.92
N ILE A 36 6.80 0.79 -7.12
CA ILE A 36 5.76 1.85 -7.25
C ILE A 36 6.41 3.19 -7.60
N SER A 37 5.67 4.08 -8.19
CA SER A 37 6.23 5.41 -8.56
C SER A 37 5.10 6.42 -8.73
N THR A 38 4.07 6.29 -7.96
CA THR A 38 2.89 7.20 -8.06
C THR A 38 2.11 6.89 -9.33
N LYS A 39 2.77 6.86 -10.47
CA LYS A 39 2.04 6.53 -11.73
C LYS A 39 1.27 5.23 -11.54
N GLU A 40 1.84 4.29 -10.85
CA GLU A 40 1.13 2.99 -10.62
C GLU A 40 0.30 3.10 -9.34
N LEU A 41 0.66 3.98 -8.45
CA LEU A 41 -0.11 4.13 -7.19
C LEU A 41 -1.34 5.00 -7.43
N GLY A 42 -1.16 6.22 -7.82
CA GLY A 42 -2.33 7.12 -8.08
C GLY A 42 -3.36 6.36 -8.93
N LYS A 43 -2.91 5.45 -9.75
CA LYS A 43 -3.86 4.69 -10.60
C LYS A 43 -5.00 4.12 -9.75
N VAL A 44 -4.72 3.78 -8.52
CA VAL A 44 -5.79 3.23 -7.64
C VAL A 44 -6.55 4.37 -6.96
N MET A 45 -5.90 5.48 -6.73
CA MET A 45 -6.59 6.63 -6.07
C MET A 45 -7.81 7.06 -6.90
N ARG A 46 -7.72 6.97 -8.20
CA ARG A 46 -8.88 7.37 -9.05
C ARG A 46 -9.97 6.30 -8.98
N MET A 47 -9.63 5.11 -8.56
CA MET A 47 -10.66 4.03 -8.47
C MET A 47 -11.39 4.12 -7.12
N LEU A 48 -10.69 4.49 -6.08
CA LEU A 48 -11.34 4.59 -4.74
C LEU A 48 -12.10 5.91 -4.63
N GLY A 49 -11.97 6.77 -5.60
CA GLY A 49 -12.68 8.07 -5.55
C GLY A 49 -11.72 9.15 -5.06
N GLN A 50 -10.47 9.08 -5.45
CA GLN A 50 -9.49 10.10 -5.00
C GLN A 50 -8.44 10.37 -6.08
N ASN A 51 -7.55 11.28 -5.84
CA ASN A 51 -6.50 11.58 -6.86
C ASN A 51 -5.52 12.62 -6.31
N PRO A 52 -4.56 12.15 -5.57
CA PRO A 52 -3.54 13.06 -4.97
C PRO A 52 -2.59 13.57 -6.05
N THR A 53 -2.16 14.80 -5.93
CA THR A 53 -1.22 15.37 -6.94
C THR A 53 0.04 14.50 -7.04
N PRO A 54 0.84 14.80 -8.04
CA PRO A 54 2.09 14.04 -8.25
C PRO A 54 3.12 14.39 -7.15
N GLU A 55 3.05 15.59 -6.63
CA GLU A 55 4.01 15.97 -5.56
C GLU A 55 3.58 15.37 -4.22
N GLU A 56 2.32 15.02 -4.10
CA GLU A 56 1.83 14.43 -2.83
C GLU A 56 2.07 12.92 -2.82
N LEU A 57 1.94 12.29 -3.95
CA LEU A 57 2.16 10.82 -4.01
C LEU A 57 3.57 10.47 -3.51
N GLN A 58 4.56 11.18 -3.96
CA GLN A 58 5.95 10.89 -3.49
C GLN A 58 5.96 10.72 -1.97
N GLU A 59 5.04 11.33 -1.29
CA GLU A 59 5.00 11.20 0.20
C GLU A 59 4.71 9.74 0.58
N MET A 60 3.87 9.09 -0.17
CA MET A 60 3.55 7.67 0.13
C MET A 60 4.75 6.78 -0.20
N ILE A 61 5.61 7.24 -1.06
CA ILE A 61 6.81 6.43 -1.42
C ILE A 61 7.96 6.74 -0.47
N ASP A 62 8.17 8.00 -0.18
CA ASP A 62 9.28 8.38 0.74
C ASP A 62 8.88 8.06 2.19
N GLU A 63 7.64 7.75 2.42
CA GLU A 63 7.18 7.43 3.80
C GLU A 63 7.77 6.10 4.25
N VAL A 64 8.26 5.30 3.33
CA VAL A 64 8.83 3.98 3.72
C VAL A 64 10.06 3.67 2.87
N ASP A 65 10.58 4.64 2.17
CA ASP A 65 11.79 4.40 1.33
C ASP A 65 13.03 4.28 2.20
N GLU A 66 13.31 3.10 2.70
CA GLU A 66 14.51 2.92 3.57
C GLU A 66 15.77 2.73 2.70
N ASP A 67 15.65 2.97 1.43
CA ASP A 67 16.83 2.82 0.53
C ASP A 67 17.00 4.06 -0.34
N GLY A 68 16.12 5.01 -0.20
CA GLY A 68 16.23 6.25 -1.02
C GLY A 68 16.17 5.90 -2.52
N SER A 69 15.35 4.95 -2.87
CA SER A 69 15.25 4.56 -4.31
C SER A 69 14.08 5.31 -4.97
N GLY A 70 13.28 5.98 -4.20
CA GLY A 70 12.14 6.74 -4.79
C GLY A 70 11.09 5.74 -5.31
N THR A 71 11.11 4.53 -4.82
CA THR A 71 10.12 3.52 -5.30
C THR A 71 9.78 2.54 -4.17
N VAL A 72 8.60 2.00 -4.18
CA VAL A 72 8.20 1.04 -3.10
C VAL A 72 8.25 -0.40 -3.63
N ASP A 73 8.61 -1.33 -2.79
CA ASP A 73 8.66 -2.75 -3.23
C ASP A 73 7.70 -3.60 -2.40
N PHE A 74 7.50 -4.84 -2.78
CA PHE A 74 6.56 -5.71 -2.01
C PHE A 74 6.99 -5.77 -0.54
N ASP A 75 8.21 -5.40 -0.25
CA ASP A 75 8.68 -5.43 1.16
C ASP A 75 8.30 -4.13 1.87
N GLU A 76 8.61 -3.01 1.27
CA GLU A 76 8.27 -1.70 1.91
C GLU A 76 6.76 -1.50 1.96
N PHE A 77 6.05 -2.08 1.03
CA PHE A 77 4.57 -1.93 1.01
C PHE A 77 3.96 -2.40 2.33
N LEU A 78 4.30 -3.58 2.76
CA LEU A 78 3.73 -4.10 4.04
C LEU A 78 3.97 -3.11 5.18
N VAL A 79 5.17 -2.59 5.29
CA VAL A 79 5.46 -1.62 6.38
C VAL A 79 4.54 -0.39 6.28
N MET A 80 4.30 0.09 5.09
CA MET A 80 3.43 1.29 4.94
C MET A 80 2.02 0.99 5.46
N MET A 81 1.61 -0.24 5.43
CA MET A 81 0.24 -0.58 5.93
C MET A 81 0.22 -0.62 7.46
N VAL A 82 1.15 -1.32 8.07
CA VAL A 82 1.18 -1.39 9.56
C VAL A 82 0.92 0.00 10.16
N ARG A 83 1.62 0.99 9.70
CA ARG A 83 1.42 2.36 10.25
C ARG A 83 -0.07 2.71 10.26
N CYS A 84 -0.75 2.51 9.17
CA CYS A 84 -2.21 2.84 9.11
C CYS A 84 -2.99 1.91 10.05
N MET A 85 -2.42 0.80 10.41
CA MET A 85 -3.13 -0.15 11.31
C MET A 85 -2.67 0.05 12.76
N LYS A 86 -3.59 0.05 13.69
CA LYS A 86 -3.21 0.24 15.11
C LYS A 86 -2.57 1.62 15.31
N ASP A 87 -3.12 2.42 16.19
CA ASP A 87 -2.55 3.78 16.42
C ASP A 87 -1.96 3.86 17.84
N ASP A 88 -1.38 4.98 18.16
CA ASP A 88 -0.77 5.13 19.52
C ASP A 88 -1.62 6.08 20.38
N SER A 89 -1.32 6.17 21.64
CA SER A 89 -2.11 7.09 22.52
C SER A 89 -3.60 6.72 22.47
N ARG B 1 -4.27 9.76 3.44
CA ARG B 1 -5.51 9.20 4.06
C ARG B 1 -5.93 7.92 3.35
N ILE B 2 -5.21 6.85 3.54
CA ILE B 2 -5.58 5.56 2.87
C ILE B 2 -6.35 4.66 3.83
N SER B 3 -7.61 4.96 4.06
CA SER B 3 -8.40 4.11 4.99
C SER B 3 -8.35 2.64 4.54
N ALA B 4 -7.67 1.81 5.30
CA ALA B 4 -7.58 0.37 4.91
C ALA B 4 -8.92 -0.15 4.42
N ASP B 5 -10.00 0.27 5.04
CA ASP B 5 -11.34 -0.20 4.61
C ASP B 5 -11.74 0.44 3.28
N ALA B 6 -11.22 1.60 2.97
CA ALA B 6 -11.58 2.27 1.71
C ALA B 6 -10.83 1.64 0.53
N MET B 7 -9.57 1.36 0.70
CA MET B 7 -8.78 0.75 -0.41
C MET B 7 -9.51 -0.47 -0.98
N MET B 8 -10.15 -1.24 -0.14
CA MET B 8 -10.87 -2.44 -0.64
C MET B 8 -12.26 -2.05 -1.17
N GLN B 9 -12.64 -0.81 -1.04
CA GLN B 9 -13.97 -0.39 -1.53
C GLN B 9 -14.02 -0.42 -3.07
N ALA B 10 -13.07 0.19 -3.72
CA ALA B 10 -13.08 0.20 -5.21
C ALA B 10 -12.40 -1.05 -5.77
N LEU B 11 -11.21 -1.37 -5.30
CA LEU B 11 -10.52 -2.58 -5.82
C LEU B 11 -10.29 -3.61 -4.71
N LEU B 12 -9.53 -4.63 -4.98
CA LEU B 12 -9.28 -5.68 -3.94
C LEU B 12 -10.60 -6.30 -3.49
N GLY B 13 -10.71 -7.60 -3.60
CA GLY B 13 -11.98 -8.27 -3.17
C GLY B 13 -12.94 -8.37 -4.37
N ALA B 14 -14.20 -8.11 -4.16
CA ALA B 14 -15.16 -8.19 -5.28
C ALA B 14 -16.46 -7.46 -4.91
N ARG B 15 -17.54 -7.75 -5.59
CA ARG B 15 -18.82 -7.07 -5.27
C ARG B 15 -19.48 -7.72 -4.05
N ALA B 16 -20.75 -7.50 -3.85
CA ALA B 16 -21.43 -8.10 -2.68
C ALA B 16 -21.82 -9.55 -2.97
N LYS B 17 -21.15 -10.49 -2.36
CA LYS B 17 -21.48 -11.93 -2.61
C LYS B 17 -21.03 -12.78 -1.42
CA CA C . 12.51 1.75 -1.58
N MET A 1 16.94 3.47 16.31
CA MET A 1 16.31 2.55 17.31
C MET A 1 14.82 2.40 17.03
N ASP A 2 14.39 1.23 16.63
CA ASP A 2 12.94 1.01 16.35
C ASP A 2 12.61 -0.48 16.41
N ASP A 3 11.46 -0.82 16.95
CA ASP A 3 11.08 -2.25 17.03
C ASP A 3 9.60 -2.38 17.43
N ILE A 4 8.75 -1.58 16.83
CA ILE A 4 7.30 -1.66 17.17
C ILE A 4 6.50 -2.10 15.95
N TYR A 5 6.78 -1.55 14.80
CA TYR A 5 6.03 -1.93 13.57
C TYR A 5 6.57 -3.25 13.01
N LYS A 6 7.85 -3.34 12.80
CA LYS A 6 8.44 -4.60 12.26
C LYS A 6 7.84 -5.81 12.99
N ALA A 7 7.39 -5.62 14.20
CA ALA A 7 6.80 -6.75 14.97
C ALA A 7 5.42 -7.10 14.40
N ALA A 8 4.53 -6.15 14.33
CA ALA A 8 3.18 -6.44 13.78
C ALA A 8 3.29 -7.20 12.47
N VAL A 9 4.34 -6.99 11.73
CA VAL A 9 4.50 -7.71 10.43
C VAL A 9 4.68 -9.21 10.68
N GLU A 10 5.66 -9.58 11.45
CA GLU A 10 5.89 -11.03 11.73
C GLU A 10 4.65 -11.64 12.37
N GLN A 11 3.85 -10.85 13.03
CA GLN A 11 2.62 -11.38 13.68
C GLN A 11 1.45 -11.41 12.68
N LEU A 12 1.72 -11.13 11.44
CA LEU A 12 0.62 -11.13 10.42
C LEU A 12 0.04 -12.56 10.29
N THR A 13 -0.87 -12.74 9.38
CA THR A 13 -1.47 -14.10 9.20
C THR A 13 -1.37 -14.52 7.73
N GLU A 14 -1.17 -15.78 7.48
CA GLU A 14 -1.06 -16.26 6.07
C GLU A 14 -2.20 -15.68 5.23
N GLU A 15 -3.42 -15.84 5.67
CA GLU A 15 -4.57 -15.29 4.90
C GLU A 15 -4.41 -13.79 4.70
N GLN A 16 -4.03 -13.09 5.73
CA GLN A 16 -3.85 -11.60 5.61
C GLN A 16 -2.83 -11.30 4.52
N LYS A 17 -1.68 -11.90 4.59
CA LYS A 17 -0.64 -11.64 3.54
C LYS A 17 -1.28 -11.63 2.15
N ASN A 18 -2.29 -12.44 1.95
CA ASN A 18 -2.96 -12.47 0.61
C ASN A 18 -3.84 -11.24 0.45
N GLU A 19 -4.32 -10.69 1.53
CA GLU A 19 -5.19 -9.48 1.43
C GLU A 19 -4.43 -8.35 0.74
N PHE A 20 -3.32 -7.93 1.30
CA PHE A 20 -2.54 -6.83 0.67
C PHE A 20 -2.10 -7.25 -0.74
N LYS A 21 -1.85 -8.51 -0.94
CA LYS A 21 -1.42 -8.98 -2.29
C LYS A 21 -2.39 -8.46 -3.35
N ALA A 22 -3.64 -8.34 -3.03
CA ALA A 22 -4.63 -7.84 -4.01
C ALA A 22 -4.35 -6.37 -4.33
N ALA A 23 -4.34 -5.53 -3.32
CA ALA A 23 -4.05 -4.08 -3.57
C ALA A 23 -2.65 -3.93 -4.18
N PHE A 24 -1.72 -4.71 -3.74
CA PHE A 24 -0.33 -4.61 -4.29
C PHE A 24 -0.36 -4.88 -5.79
N ASP A 25 -0.91 -5.99 -6.20
CA ASP A 25 -0.97 -6.32 -7.65
C ASP A 25 -1.47 -5.11 -8.43
N ILE A 26 -2.48 -4.45 -7.94
CA ILE A 26 -3.01 -3.25 -8.65
C ILE A 26 -2.06 -2.06 -8.48
N PHE A 27 -1.22 -2.11 -7.49
CA PHE A 27 -0.26 -0.99 -7.26
C PHE A 27 0.91 -1.07 -8.24
N VAL A 28 1.11 -2.22 -8.82
CA VAL A 28 2.24 -2.37 -9.79
C VAL A 28 1.71 -2.87 -11.14
N LEU A 29 0.43 -2.76 -11.37
CA LEU A 29 -0.14 -3.23 -12.67
C LEU A 29 0.66 -2.65 -13.84
N GLY A 30 1.29 -1.53 -13.65
CA GLY A 30 2.09 -0.92 -14.76
C GLY A 30 3.52 -0.69 -14.28
N ALA A 31 4.10 -1.62 -13.58
CA ALA A 31 5.49 -1.44 -13.10
C ALA A 31 6.47 -2.24 -13.98
N GLU A 32 7.74 -2.16 -13.69
CA GLU A 32 8.73 -2.91 -14.51
C GLU A 32 9.41 -4.00 -13.67
N ASP A 33 9.53 -3.78 -12.39
CA ASP A 33 10.19 -4.80 -11.52
C ASP A 33 9.36 -5.05 -10.26
N GLY A 34 8.10 -5.38 -10.42
CA GLY A 34 7.24 -5.63 -9.23
C GLY A 34 7.42 -4.50 -8.22
N CYS A 35 7.62 -3.30 -8.70
CA CYS A 35 7.80 -2.14 -7.77
C CYS A 35 6.72 -1.09 -8.00
N ILE A 36 6.60 -0.15 -7.12
CA ILE A 36 5.56 0.91 -7.29
C ILE A 36 6.24 2.28 -7.40
N SER A 37 5.59 3.22 -8.03
CA SER A 37 6.19 4.58 -8.19
C SER A 37 5.08 5.60 -8.45
N THR A 38 3.98 5.45 -7.76
CA THR A 38 2.82 6.37 -7.95
C THR A 38 2.20 6.11 -9.32
N LYS A 39 2.95 6.27 -10.38
CA LYS A 39 2.37 6.00 -11.72
C LYS A 39 1.64 4.66 -11.68
N GLU A 40 2.11 3.76 -10.85
CA GLU A 40 1.43 2.44 -10.71
C GLU A 40 0.45 2.49 -9.54
N LEU A 41 0.84 3.16 -8.49
CA LEU A 41 -0.05 3.28 -7.29
C LEU A 41 -1.13 4.33 -7.54
N GLY A 42 -0.76 5.54 -7.84
CA GLY A 42 -1.75 6.61 -8.08
C GLY A 42 -2.93 6.05 -8.91
N LYS A 43 -2.66 5.08 -9.72
CA LYS A 43 -3.76 4.49 -10.54
C LYS A 43 -4.98 4.22 -9.67
N VAL A 44 -4.77 3.95 -8.41
CA VAL A 44 -5.92 3.68 -7.51
C VAL A 44 -6.54 5.00 -7.03
N MET A 45 -5.72 5.97 -6.73
CA MET A 45 -6.26 7.27 -6.26
C MET A 45 -7.45 7.68 -7.13
N ARG A 46 -7.23 7.83 -8.41
CA ARG A 46 -8.36 8.21 -9.30
C ARG A 46 -9.47 7.17 -9.17
N MET A 47 -9.13 5.98 -8.76
CA MET A 47 -10.17 4.91 -8.61
C MET A 47 -10.82 5.02 -7.23
N LEU A 48 -10.07 5.44 -6.25
CA LEU A 48 -10.63 5.57 -4.88
C LEU A 48 -11.67 6.70 -4.85
N GLY A 49 -11.50 7.68 -5.71
CA GLY A 49 -12.46 8.82 -5.73
C GLY A 49 -11.72 10.11 -5.38
N GLN A 50 -10.42 10.12 -5.57
CA GLN A 50 -9.63 11.34 -5.24
C GLN A 50 -8.48 11.51 -6.24
N ASN A 51 -7.53 12.34 -5.92
CA ASN A 51 -6.38 12.55 -6.85
C ASN A 51 -5.37 13.52 -6.22
N PRO A 52 -4.46 12.95 -5.45
CA PRO A 52 -3.42 13.77 -4.79
C PRO A 52 -2.39 14.27 -5.80
N THR A 53 -1.83 15.42 -5.57
CA THR A 53 -0.82 15.97 -6.52
C THR A 53 0.31 14.95 -6.72
N PRO A 54 1.16 15.24 -7.67
CA PRO A 54 2.30 14.33 -7.97
C PRO A 54 3.34 14.43 -6.85
N GLU A 55 3.28 15.46 -6.07
CA GLU A 55 4.26 15.61 -4.95
C GLU A 55 3.83 14.76 -3.75
N GLU A 56 2.55 14.73 -3.47
CA GLU A 56 2.06 13.91 -2.33
C GLU A 56 2.31 12.43 -2.60
N LEU A 57 2.05 11.98 -3.80
CA LEU A 57 2.28 10.56 -4.14
C LEU A 57 3.72 10.17 -3.81
N GLN A 58 4.67 10.83 -4.43
CA GLN A 58 6.10 10.51 -4.14
C GLN A 58 6.33 10.49 -2.62
N GLU A 59 5.96 11.56 -1.95
CA GLU A 59 6.15 11.60 -0.47
C GLU A 59 5.44 10.41 0.16
N MET A 60 4.20 10.19 -0.18
CA MET A 60 3.46 9.03 0.40
C MET A 60 4.36 7.79 0.39
N ILE A 61 5.01 7.53 -0.72
CA ILE A 61 5.91 6.35 -0.79
C ILE A 61 7.09 6.54 0.17
N ASP A 62 7.68 7.71 0.17
CA ASP A 62 8.82 7.96 1.08
C ASP A 62 8.43 7.60 2.52
N GLU A 63 7.15 7.57 2.79
CA GLU A 63 6.70 7.23 4.18
C GLU A 63 7.10 5.80 4.52
N VAL A 64 7.43 5.01 3.53
CA VAL A 64 7.83 3.61 3.80
C VAL A 64 9.01 3.20 2.90
N ASP A 65 9.97 4.07 2.75
CA ASP A 65 11.14 3.73 1.89
C ASP A 65 12.44 3.93 2.67
N GLU A 66 13.05 2.86 3.10
CA GLU A 66 14.32 2.99 3.88
C GLU A 66 15.52 2.77 2.94
N ASP A 67 15.54 3.41 1.81
CA ASP A 67 16.68 3.24 0.88
C ASP A 67 16.87 4.51 0.03
N GLY A 68 15.80 5.09 -0.42
CA GLY A 68 15.91 6.33 -1.25
C GLY A 68 15.77 5.96 -2.74
N SER A 69 15.03 4.93 -3.04
CA SER A 69 14.87 4.53 -4.46
C SER A 69 13.70 5.29 -5.08
N GLY A 70 12.82 5.82 -4.28
CA GLY A 70 11.66 6.58 -4.83
C GLY A 70 10.54 5.60 -5.20
N THR A 71 10.77 4.32 -5.06
CA THR A 71 9.71 3.33 -5.40
C THR A 71 9.38 2.47 -4.18
N VAL A 72 8.43 1.58 -4.31
CA VAL A 72 8.08 0.71 -3.16
C VAL A 72 7.93 -0.74 -3.62
N ASP A 73 8.24 -1.67 -2.76
CA ASP A 73 8.11 -3.11 -3.13
C ASP A 73 7.15 -3.82 -2.20
N PHE A 74 6.71 -5.00 -2.56
CA PHE A 74 5.76 -5.75 -1.69
C PHE A 74 6.26 -5.74 -0.23
N ASP A 75 7.54 -5.57 -0.04
CA ASP A 75 8.09 -5.54 1.35
C ASP A 75 7.72 -4.23 2.04
N GLU A 76 8.06 -3.13 1.43
CA GLU A 76 7.73 -1.80 2.05
C GLU A 76 6.20 -1.61 2.09
N PHE A 77 5.53 -1.93 1.02
CA PHE A 77 4.05 -1.77 1.01
C PHE A 77 3.44 -2.30 2.31
N LEU A 78 3.79 -3.50 2.69
CA LEU A 78 3.24 -4.08 3.94
C LEU A 78 3.48 -3.13 5.12
N VAL A 79 4.62 -2.49 5.15
CA VAL A 79 4.92 -1.54 6.27
C VAL A 79 4.00 -0.32 6.17
N MET A 80 3.61 0.04 4.98
CA MET A 80 2.71 1.23 4.81
C MET A 80 1.29 0.87 5.26
N MET A 81 1.07 -0.35 5.65
CA MET A 81 -0.29 -0.75 6.10
C MET A 81 -0.33 -0.86 7.63
N VAL A 82 0.76 -1.22 8.23
CA VAL A 82 0.79 -1.34 9.73
C VAL A 82 0.67 0.05 10.36
N ARG A 83 1.29 1.03 9.77
CA ARG A 83 1.22 2.41 10.34
C ARG A 83 -0.21 2.94 10.27
N CYS A 84 -1.06 2.32 9.50
CA CYS A 84 -2.47 2.82 9.39
C CYS A 84 -3.45 1.77 9.93
N MET A 85 -2.95 0.74 10.58
CA MET A 85 -3.85 -0.30 11.12
C MET A 85 -5.02 0.35 11.88
N LYS A 86 -6.19 -0.21 11.79
CA LYS A 86 -7.36 0.37 12.51
C LYS A 86 -8.55 -0.58 12.45
N ASP A 87 -9.73 -0.06 12.66
CA ASP A 87 -10.95 -0.94 12.63
C ASP A 87 -10.92 -1.94 13.77
N ASP A 88 -9.93 -2.79 13.81
CA ASP A 88 -9.85 -3.79 14.92
C ASP A 88 -11.14 -4.61 14.98
N SER A 89 -11.58 -5.13 13.87
CA SER A 89 -12.84 -5.93 13.86
C SER A 89 -12.90 -6.82 12.62
N ARG B 1 -3.48 10.53 2.56
CA ARG B 1 -2.98 9.24 3.13
C ARG B 1 -3.75 8.06 2.53
N ILE B 2 -3.55 6.89 3.05
CA ILE B 2 -4.27 5.70 2.53
C ILE B 2 -4.70 4.79 3.68
N SER B 3 -5.91 4.28 3.62
CA SER B 3 -6.38 3.39 4.72
C SER B 3 -6.38 1.93 4.26
N ALA B 4 -6.81 1.03 5.10
CA ALA B 4 -6.83 -0.40 4.72
C ALA B 4 -8.25 -0.83 4.33
N ASP B 5 -9.24 -0.38 5.05
CA ASP B 5 -10.64 -0.76 4.72
C ASP B 5 -11.21 0.17 3.65
N ALA B 6 -10.62 1.32 3.49
CA ALA B 6 -11.12 2.28 2.45
C ALA B 6 -10.52 1.94 1.08
N MET B 7 -9.22 1.83 1.02
CA MET B 7 -8.56 1.51 -0.29
C MET B 7 -9.21 0.26 -0.91
N MET B 8 -9.74 -0.61 -0.10
CA MET B 8 -10.38 -1.84 -0.64
C MET B 8 -11.83 -1.57 -1.04
N GLN B 9 -12.61 -1.07 -0.12
CA GLN B 9 -14.04 -0.78 -0.44
C GLN B 9 -14.15 0.20 -1.61
N ALA B 10 -13.19 1.07 -1.75
CA ALA B 10 -13.24 2.05 -2.88
C ALA B 10 -12.64 1.45 -4.15
N LEU B 11 -11.43 0.97 -4.08
CA LEU B 11 -10.78 0.39 -5.29
C LEU B 11 -11.14 -1.08 -5.45
N LEU B 12 -11.28 -1.80 -4.37
CA LEU B 12 -11.63 -3.24 -4.47
C LEU B 12 -13.07 -3.49 -3.98
N GLY B 13 -13.87 -2.46 -3.91
CA GLY B 13 -15.27 -2.65 -3.43
C GLY B 13 -16.23 -1.83 -4.30
N ALA B 14 -16.48 -2.27 -5.50
CA ALA B 14 -17.41 -1.52 -6.39
C ALA B 14 -18.75 -2.25 -6.48
N ARG B 15 -19.26 -2.71 -5.38
CA ARG B 15 -20.57 -3.44 -5.40
C ARG B 15 -20.48 -4.64 -6.34
N ALA B 16 -19.38 -5.34 -6.34
CA ALA B 16 -19.25 -6.52 -7.23
C ALA B 16 -20.43 -7.48 -7.04
N LYS B 17 -20.71 -8.28 -8.02
CA LYS B 17 -21.85 -9.24 -7.90
C LYS B 17 -21.47 -10.39 -6.95
CA CA C . 11.83 1.33 -1.82
N MET A 1 11.03 -3.29 19.97
CA MET A 1 11.53 -1.94 19.57
C MET A 1 12.30 -2.04 18.25
N ASP A 2 13.53 -2.46 18.30
CA ASP A 2 14.33 -2.57 17.05
C ASP A 2 13.48 -3.16 15.91
N ASP A 3 13.19 -2.38 14.92
CA ASP A 3 12.35 -2.90 13.80
C ASP A 3 11.00 -3.41 14.32
N ILE A 4 10.20 -2.54 14.86
CA ILE A 4 8.87 -2.97 15.38
C ILE A 4 7.95 -3.37 14.23
N TYR A 5 8.12 -2.77 13.07
CA TYR A 5 7.26 -3.12 11.92
C TYR A 5 7.56 -4.55 11.45
N LYS A 6 8.81 -4.84 11.20
CA LYS A 6 9.17 -6.21 10.75
C LYS A 6 8.45 -7.26 11.58
N ALA A 7 8.13 -6.94 12.81
CA ALA A 7 7.41 -7.92 13.67
C ALA A 7 5.95 -8.05 13.24
N ALA A 8 5.19 -6.99 13.38
CA ALA A 8 3.76 -7.05 12.97
C ALA A 8 3.62 -7.72 11.60
N VAL A 9 4.59 -7.56 10.75
CA VAL A 9 4.51 -8.19 9.40
C VAL A 9 4.52 -9.71 9.54
N GLU A 10 5.51 -10.25 10.21
CA GLU A 10 5.58 -11.73 10.37
C GLU A 10 4.42 -12.23 11.22
N GLN A 11 3.67 -11.34 11.81
CA GLN A 11 2.52 -11.76 12.65
C GLN A 11 1.20 -11.40 11.96
N LEU A 12 1.21 -11.27 10.68
CA LEU A 12 -0.04 -10.91 9.94
C LEU A 12 -0.95 -12.14 9.81
N THR A 13 -2.23 -11.94 9.88
CA THR A 13 -3.17 -13.10 9.75
C THR A 13 -3.21 -13.58 8.30
N GLU A 14 -3.36 -14.86 8.10
CA GLU A 14 -3.40 -15.41 6.71
C GLU A 14 -4.27 -14.52 5.81
N GLU A 15 -5.47 -14.25 6.21
CA GLU A 15 -6.37 -13.40 5.37
C GLU A 15 -5.81 -11.97 5.26
N GLN A 16 -5.25 -11.45 6.33
CA GLN A 16 -4.69 -10.06 6.27
C GLN A 16 -3.59 -9.97 5.22
N LYS A 17 -2.50 -10.68 5.41
CA LYS A 17 -1.40 -10.63 4.42
C LYS A 17 -1.93 -11.02 3.03
N ASN A 18 -3.00 -11.78 2.99
CA ASN A 18 -3.57 -12.20 1.69
C ASN A 18 -4.33 -11.02 1.06
N GLU A 19 -4.77 -10.09 1.86
CA GLU A 19 -5.52 -8.93 1.31
C GLU A 19 -4.55 -7.91 0.70
N PHE A 20 -3.45 -7.66 1.35
CA PHE A 20 -2.46 -6.69 0.81
C PHE A 20 -1.77 -7.26 -0.42
N LYS A 21 -1.26 -8.46 -0.33
CA LYS A 21 -0.57 -9.08 -1.50
C LYS A 21 -1.40 -8.83 -2.76
N ALA A 22 -2.69 -8.68 -2.62
CA ALA A 22 -3.54 -8.41 -3.81
C ALA A 22 -3.34 -6.96 -4.27
N ALA A 23 -3.67 -6.01 -3.45
CA ALA A 23 -3.48 -4.59 -3.83
C ALA A 23 -2.05 -4.37 -4.32
N PHE A 24 -1.09 -4.84 -3.58
CA PHE A 24 0.34 -4.67 -4.00
C PHE A 24 0.50 -5.08 -5.46
N ASP A 25 -0.20 -6.10 -5.88
CA ASP A 25 -0.09 -6.54 -7.31
C ASP A 25 -0.77 -5.52 -8.22
N ILE A 26 -1.89 -5.00 -7.79
CA ILE A 26 -2.61 -3.99 -8.64
C ILE A 26 -1.79 -2.70 -8.69
N PHE A 27 -1.08 -2.40 -7.64
CA PHE A 27 -0.26 -1.15 -7.62
C PHE A 27 0.83 -1.20 -8.69
N VAL A 28 1.69 -2.18 -8.62
CA VAL A 28 2.79 -2.29 -9.63
C VAL A 28 2.26 -2.91 -10.93
N LEU A 29 0.99 -3.18 -11.01
CA LEU A 29 0.44 -3.79 -12.25
C LEU A 29 0.99 -3.06 -13.48
N GLY A 30 1.97 -3.63 -14.13
CA GLY A 30 2.55 -2.97 -15.33
C GLY A 30 3.98 -2.51 -15.01
N ALA A 31 4.33 -2.44 -13.76
CA ALA A 31 5.70 -1.99 -13.39
C ALA A 31 6.75 -2.92 -13.99
N GLU A 32 7.86 -3.09 -13.34
CA GLU A 32 8.92 -3.99 -13.88
C GLU A 32 9.57 -4.79 -12.75
N ASP A 33 10.17 -4.12 -11.81
CA ASP A 33 10.83 -4.85 -10.68
C ASP A 33 9.88 -4.96 -9.49
N GLY A 34 8.60 -4.92 -9.74
CA GLY A 34 7.63 -5.03 -8.61
C GLY A 34 7.80 -3.85 -7.66
N CYS A 35 8.07 -2.69 -8.18
CA CYS A 35 8.26 -1.50 -7.30
C CYS A 35 7.17 -0.47 -7.58
N ILE A 36 6.98 0.47 -6.69
CA ILE A 36 5.92 1.50 -6.90
C ILE A 36 6.55 2.90 -6.99
N SER A 37 5.90 3.80 -7.69
CA SER A 37 6.44 5.18 -7.82
C SER A 37 5.31 6.13 -8.19
N THR A 38 4.19 5.96 -7.58
CA THR A 38 2.99 6.81 -7.87
C THR A 38 2.43 6.41 -9.25
N LYS A 39 3.25 6.45 -10.27
CA LYS A 39 2.76 6.04 -11.62
C LYS A 39 2.04 4.70 -11.49
N GLU A 40 2.55 3.83 -10.66
CA GLU A 40 1.89 2.51 -10.45
C GLU A 40 0.92 2.62 -9.28
N LEU A 41 1.25 3.45 -8.33
CA LEU A 41 0.37 3.64 -7.14
C LEU A 41 -0.82 4.53 -7.50
N GLY A 42 -0.56 5.76 -7.86
CA GLY A 42 -1.68 6.69 -8.20
C GLY A 42 -2.73 5.96 -9.05
N LYS A 43 -2.32 4.95 -9.78
CA LYS A 43 -3.31 4.21 -10.62
C LYS A 43 -4.45 3.69 -9.76
N VAL A 44 -4.20 3.43 -8.50
CA VAL A 44 -5.28 2.93 -7.61
C VAL A 44 -6.08 4.09 -7.02
N MET A 45 -5.42 5.16 -6.67
CA MET A 45 -6.14 6.33 -6.10
C MET A 45 -7.30 6.73 -7.02
N ARG A 46 -7.16 6.50 -8.30
CA ARG A 46 -8.24 6.88 -9.24
C ARG A 46 -9.37 5.85 -9.16
N MET A 47 -9.05 4.64 -8.79
CA MET A 47 -10.11 3.59 -8.68
C MET A 47 -10.81 3.68 -7.33
N LEU A 48 -10.14 4.22 -6.34
CA LEU A 48 -10.78 4.34 -5.00
C LEU A 48 -11.84 5.45 -5.02
N GLY A 49 -11.94 6.17 -6.10
CA GLY A 49 -12.96 7.25 -6.19
C GLY A 49 -12.31 8.58 -5.78
N GLN A 50 -11.02 8.69 -5.94
CA GLN A 50 -10.33 9.96 -5.57
C GLN A 50 -9.17 10.25 -6.51
N ASN A 51 -8.30 11.15 -6.15
CA ASN A 51 -7.14 11.48 -7.01
C ASN A 51 -6.30 12.59 -6.38
N PRO A 52 -5.29 12.18 -5.66
CA PRO A 52 -4.40 13.15 -4.97
C PRO A 52 -3.49 13.86 -5.99
N THR A 53 -2.74 14.82 -5.54
CA THR A 53 -1.83 15.54 -6.48
C THR A 53 -0.53 14.75 -6.68
N PRO A 54 0.21 15.13 -7.69
CA PRO A 54 1.49 14.45 -7.99
C PRO A 54 2.54 14.83 -6.95
N GLU A 55 2.37 15.95 -6.29
CA GLU A 55 3.36 16.37 -5.25
C GLU A 55 3.10 15.63 -3.94
N GLU A 56 1.86 15.30 -3.68
CA GLU A 56 1.52 14.57 -2.43
C GLU A 56 1.75 13.07 -2.62
N LEU A 57 1.73 12.61 -3.84
CA LEU A 57 1.95 11.15 -4.09
C LEU A 57 3.31 10.72 -3.55
N GLN A 58 4.34 11.44 -3.91
CA GLN A 58 5.71 11.08 -3.41
C GLN A 58 5.70 11.04 -1.88
N GLU A 59 4.76 11.70 -1.27
CA GLU A 59 4.69 11.70 0.22
C GLU A 59 4.27 10.32 0.73
N MET A 60 3.39 9.66 0.02
CA MET A 60 2.95 8.31 0.46
C MET A 60 4.09 7.31 0.32
N ILE A 61 5.07 7.62 -0.49
CA ILE A 61 6.22 6.69 -0.67
C ILE A 61 7.34 7.03 0.32
N ASP A 62 7.48 8.29 0.65
CA ASP A 62 8.56 8.70 1.60
C ASP A 62 8.17 8.33 3.03
N GLU A 63 6.98 7.82 3.22
CA GLU A 63 6.55 7.44 4.60
C GLU A 63 7.18 6.10 4.99
N VAL A 64 7.46 5.26 4.03
CA VAL A 64 8.06 3.94 4.36
C VAL A 64 9.45 3.83 3.72
N ASP A 65 9.85 4.80 2.95
CA ASP A 65 11.18 4.75 2.29
C ASP A 65 12.29 4.91 3.33
N GLU A 66 12.76 3.82 3.88
CA GLU A 66 13.84 3.90 4.91
C GLU A 66 15.21 4.03 4.23
N ASP A 67 15.22 4.23 2.94
CA ASP A 67 16.52 4.38 2.22
C ASP A 67 16.46 5.59 1.28
N GLY A 68 15.45 6.40 1.42
CA GLY A 68 15.33 7.60 0.54
C GLY A 68 15.57 7.19 -0.91
N SER A 69 15.17 6.00 -1.27
CA SER A 69 15.38 5.54 -2.68
C SER A 69 14.42 6.27 -3.62
N GLY A 70 13.14 6.12 -3.40
CA GLY A 70 12.15 6.81 -4.29
C GLY A 70 11.10 5.80 -4.76
N THR A 71 11.21 4.57 -4.35
CA THR A 71 10.21 3.54 -4.77
C THR A 71 9.82 2.65 -3.59
N VAL A 72 8.82 1.83 -3.74
CA VAL A 72 8.40 0.96 -2.62
C VAL A 72 8.26 -0.49 -3.10
N ASP A 73 8.58 -1.43 -2.27
CA ASP A 73 8.47 -2.87 -2.66
C ASP A 73 7.58 -3.61 -1.68
N PHE A 74 7.39 -4.89 -1.85
CA PHE A 74 6.54 -5.66 -0.92
C PHE A 74 6.99 -5.42 0.52
N ASP A 75 8.20 -4.96 0.70
CA ASP A 75 8.71 -4.71 2.07
C ASP A 75 8.18 -3.36 2.58
N GLU A 76 8.63 -2.28 2.00
CA GLU A 76 8.14 -0.94 2.45
C GLU A 76 6.63 -0.84 2.24
N PHE A 77 6.08 -1.61 1.34
CA PHE A 77 4.62 -1.55 1.11
C PHE A 77 3.87 -2.17 2.30
N LEU A 78 4.08 -3.43 2.57
CA LEU A 78 3.38 -4.06 3.72
C LEU A 78 3.58 -3.23 4.98
N VAL A 79 4.71 -2.58 5.10
CA VAL A 79 4.96 -1.75 6.30
C VAL A 79 4.08 -0.49 6.26
N MET A 80 3.90 0.07 5.09
CA MET A 80 3.05 1.29 4.98
C MET A 80 1.62 0.98 5.45
N MET A 81 1.24 -0.25 5.42
CA MET A 81 -0.14 -0.62 5.88
C MET A 81 -0.15 -0.81 7.39
N VAL A 82 1.00 -0.86 8.00
CA VAL A 82 1.05 -1.04 9.48
C VAL A 82 1.13 0.31 10.18
N ARG A 83 1.78 1.26 9.57
CA ARG A 83 1.89 2.61 10.21
C ARG A 83 0.51 3.25 10.35
N CYS A 84 -0.46 2.75 9.64
CA CYS A 84 -1.84 3.35 9.74
C CYS A 84 -2.80 2.34 10.37
N MET A 85 -2.38 1.11 10.52
CA MET A 85 -3.28 0.09 11.12
C MET A 85 -3.88 0.62 12.42
N LYS A 86 -5.18 0.76 12.47
CA LYS A 86 -5.84 1.27 13.71
C LYS A 86 -7.11 0.48 14.00
N ASP A 87 -7.89 0.92 14.95
CA ASP A 87 -9.15 0.20 15.27
C ASP A 87 -8.88 -1.30 15.42
N ASP A 88 -8.31 -1.71 16.52
CA ASP A 88 -8.03 -3.16 16.72
C ASP A 88 -8.65 -3.64 18.04
N SER A 89 -9.94 -3.61 18.14
CA SER A 89 -10.61 -4.06 19.40
C SER A 89 -12.08 -4.38 19.14
N ARG B 1 -4.38 10.41 -0.72
CA ARG B 1 -5.00 9.86 0.51
C ARG B 1 -5.45 8.41 0.28
N ILE B 2 -4.76 7.46 0.84
CA ILE B 2 -5.14 6.04 0.65
C ILE B 2 -5.80 5.49 1.92
N SER B 3 -6.74 4.60 1.77
CA SER B 3 -7.43 4.03 2.96
C SER B 3 -7.22 2.51 3.01
N ALA B 4 -7.97 1.82 3.83
CA ALA B 4 -7.82 0.34 3.92
C ALA B 4 -9.16 -0.35 3.70
N ASP B 5 -10.23 0.22 4.21
CA ASP B 5 -11.57 -0.41 4.02
C ASP B 5 -12.15 -0.02 2.65
N ALA B 6 -12.16 1.25 2.34
CA ALA B 6 -12.72 1.68 1.03
C ALA B 6 -11.78 1.28 -0.12
N MET B 7 -10.54 0.98 0.19
CA MET B 7 -9.59 0.59 -0.88
C MET B 7 -9.92 -0.82 -1.40
N MET B 8 -10.23 -1.72 -0.52
CA MET B 8 -10.56 -3.11 -0.97
C MET B 8 -11.94 -3.15 -1.65
N GLN B 9 -12.80 -2.24 -1.30
CA GLN B 9 -14.16 -2.23 -1.92
C GLN B 9 -14.15 -1.44 -3.23
N ALA B 10 -13.11 -0.68 -3.48
CA ALA B 10 -13.06 0.10 -4.75
C ALA B 10 -12.52 -0.75 -5.89
N LEU B 11 -11.35 -1.32 -5.72
CA LEU B 11 -10.76 -2.16 -6.81
C LEU B 11 -10.20 -3.46 -6.24
N LEU B 12 -10.98 -4.16 -5.46
CA LEU B 12 -10.48 -5.44 -4.88
C LEU B 12 -11.64 -6.22 -4.25
N GLY B 13 -12.59 -6.61 -5.04
CA GLY B 13 -13.75 -7.39 -4.49
C GLY B 13 -14.79 -7.60 -5.58
N ALA B 14 -15.39 -8.76 -5.63
CA ALA B 14 -16.43 -9.02 -6.67
C ALA B 14 -17.81 -8.59 -6.17
N ARG B 15 -18.65 -8.10 -7.03
CA ARG B 15 -20.01 -7.67 -6.59
C ARG B 15 -21.08 -8.53 -7.26
N ALA B 16 -20.93 -8.82 -8.52
CA ALA B 16 -21.95 -9.65 -9.22
C ALA B 16 -21.51 -9.96 -10.65
N LYS B 17 -20.22 -10.08 -10.88
CA LYS B 17 -19.74 -10.38 -12.25
C LYS B 17 -18.20 -10.39 -12.27
CA CA C . 11.94 3.01 -0.22
N MET A 1 14.16 4.23 17.99
CA MET A 1 13.67 3.67 19.29
C MET A 1 13.76 2.15 19.28
N ASP A 2 12.80 1.48 18.68
CA ASP A 2 12.84 0.00 18.64
C ASP A 2 12.11 -0.51 17.39
N ASP A 3 12.03 -1.81 17.23
CA ASP A 3 11.34 -2.38 16.04
C ASP A 3 9.87 -2.65 16.36
N ILE A 4 9.06 -1.62 16.36
CA ILE A 4 7.61 -1.81 16.67
C ILE A 4 6.86 -2.29 15.42
N TYR A 5 7.08 -1.64 14.31
CA TYR A 5 6.38 -2.05 13.06
C TYR A 5 7.07 -3.27 12.45
N LYS A 6 8.35 -3.18 12.21
CA LYS A 6 9.08 -4.35 11.61
C LYS A 6 8.66 -5.64 12.32
N ALA A 7 8.27 -5.55 13.57
CA ALA A 7 7.84 -6.77 14.31
C ALA A 7 6.41 -7.14 13.96
N ALA A 8 5.51 -6.20 14.04
CA ALA A 8 4.08 -6.49 13.71
C ALA A 8 3.98 -7.08 12.30
N VAL A 9 4.84 -6.66 11.41
CA VAL A 9 4.80 -7.19 10.02
C VAL A 9 4.94 -8.72 10.03
N GLU A 10 5.95 -9.22 10.68
CA GLU A 10 6.15 -10.69 10.73
C GLU A 10 5.01 -11.34 11.52
N GLN A 11 4.34 -10.59 12.34
CA GLN A 11 3.21 -11.16 13.14
C GLN A 11 1.94 -11.21 12.28
N LEU A 12 2.06 -10.87 11.03
CA LEU A 12 0.86 -10.90 10.14
C LEU A 12 0.52 -12.34 9.75
N THR A 13 -0.63 -12.56 9.18
CA THR A 13 -1.02 -13.94 8.77
C THR A 13 -1.44 -13.97 7.29
N GLU A 14 -1.66 -15.14 6.75
CA GLU A 14 -2.07 -15.23 5.33
C GLU A 14 -3.45 -14.58 5.13
N GLU A 15 -4.23 -14.49 6.17
CA GLU A 15 -5.58 -13.86 6.03
C GLU A 15 -5.44 -12.37 5.72
N GLN A 16 -4.59 -11.68 6.43
CA GLN A 16 -4.40 -10.22 6.16
C GLN A 16 -3.49 -10.05 4.95
N LYS A 17 -2.33 -10.66 4.98
CA LYS A 17 -1.40 -10.53 3.82
C LYS A 17 -2.18 -10.67 2.51
N ASN A 18 -3.12 -11.58 2.46
CA ASN A 18 -3.92 -11.76 1.21
C ASN A 18 -4.51 -10.41 0.78
N GLU A 19 -5.16 -9.73 1.68
CA GLU A 19 -5.75 -8.41 1.31
C GLU A 19 -4.68 -7.50 0.71
N PHE A 20 -3.50 -7.53 1.26
CA PHE A 20 -2.41 -6.66 0.73
C PHE A 20 -1.93 -7.18 -0.63
N LYS A 21 -1.67 -8.46 -0.74
CA LYS A 21 -1.19 -9.02 -2.04
C LYS A 21 -2.04 -8.50 -3.19
N ALA A 22 -3.27 -8.14 -2.93
CA ALA A 22 -4.15 -7.62 -4.02
C ALA A 22 -3.66 -6.23 -4.48
N ALA A 23 -3.63 -5.29 -3.59
CA ALA A 23 -3.17 -3.91 -3.97
C ALA A 23 -1.82 -4.00 -4.70
N PHE A 24 -0.82 -4.54 -4.05
CA PHE A 24 0.51 -4.64 -4.71
C PHE A 24 0.37 -5.09 -6.17
N ASP A 25 -0.47 -6.05 -6.42
CA ASP A 25 -0.65 -6.54 -7.81
C ASP A 25 -1.19 -5.41 -8.70
N ILE A 26 -2.16 -4.67 -8.22
CA ILE A 26 -2.73 -3.56 -9.04
C ILE A 26 -1.85 -2.31 -8.91
N PHE A 27 -1.19 -2.14 -7.80
CA PHE A 27 -0.32 -0.94 -7.63
C PHE A 27 0.73 -0.88 -8.74
N VAL A 28 1.04 -2.00 -9.33
CA VAL A 28 2.06 -2.00 -10.42
C VAL A 28 1.39 -2.28 -11.77
N LEU A 29 0.08 -2.30 -11.80
CA LEU A 29 -0.64 -2.56 -13.08
C LEU A 29 -0.12 -1.63 -14.18
N GLY A 30 0.89 -2.06 -14.90
CA GLY A 30 1.44 -1.19 -15.99
C GLY A 30 2.95 -1.01 -15.78
N ALA A 31 3.44 -1.34 -14.63
CA ALA A 31 4.90 -1.18 -14.37
C ALA A 31 5.70 -2.10 -15.29
N GLU A 32 7.00 -2.10 -15.16
CA GLU A 32 7.84 -2.98 -16.03
C GLU A 32 8.45 -4.11 -15.19
N ASP A 33 9.15 -3.77 -14.15
CA ASP A 33 9.76 -4.81 -13.28
C ASP A 33 8.72 -5.39 -12.31
N GLY A 34 8.20 -4.58 -11.45
CA GLY A 34 7.18 -5.07 -10.49
C GLY A 34 7.25 -4.26 -9.18
N CYS A 35 7.40 -2.97 -9.29
CA CYS A 35 7.48 -2.13 -8.05
C CYS A 35 6.51 -0.96 -8.16
N ILE A 36 6.54 -0.06 -7.22
CA ILE A 36 5.62 1.10 -7.27
C ILE A 36 6.41 2.41 -7.21
N SER A 37 5.94 3.42 -7.91
CA SER A 37 6.64 4.73 -7.91
C SER A 37 5.64 5.84 -8.16
N THR A 38 4.47 5.68 -7.63
CA THR A 38 3.36 6.68 -7.82
C THR A 38 2.77 6.54 -9.22
N LYS A 39 3.59 6.50 -10.23
CA LYS A 39 3.05 6.33 -11.61
C LYS A 39 2.04 5.18 -11.64
N GLU A 40 2.37 4.09 -10.99
CA GLU A 40 1.41 2.95 -10.96
C GLU A 40 0.53 3.05 -9.72
N LEU A 41 1.08 3.56 -8.65
CA LEU A 41 0.28 3.71 -7.40
C LEU A 41 -0.82 4.75 -7.60
N GLY A 42 -0.53 5.82 -8.29
CA GLY A 42 -1.56 6.87 -8.51
C GLY A 42 -2.73 6.28 -9.29
N LYS A 43 -2.46 5.43 -10.24
CA LYS A 43 -3.56 4.83 -11.05
C LYS A 43 -4.64 4.27 -10.12
N VAL A 44 -4.26 3.81 -8.95
CA VAL A 44 -5.25 3.27 -8.00
C VAL A 44 -6.02 4.41 -7.32
N MET A 45 -5.34 5.49 -7.01
CA MET A 45 -6.02 6.63 -6.36
C MET A 45 -7.30 6.99 -7.12
N ARG A 46 -7.25 6.95 -8.42
CA ARG A 46 -8.47 7.30 -9.23
C ARG A 46 -9.58 6.28 -8.96
N MET A 47 -9.24 5.09 -8.57
CA MET A 47 -10.28 4.06 -8.30
C MET A 47 -11.00 4.36 -6.98
N LEU A 48 -10.29 4.79 -5.98
CA LEU A 48 -10.94 5.10 -4.68
C LEU A 48 -11.53 6.52 -4.70
N GLY A 49 -11.51 7.15 -5.83
CA GLY A 49 -12.06 8.54 -5.93
C GLY A 49 -11.28 9.46 -4.99
N GLN A 50 -9.99 9.52 -5.15
CA GLN A 50 -9.17 10.41 -4.27
C GLN A 50 -8.04 11.06 -5.08
N ASN A 51 -8.19 11.12 -6.38
CA ASN A 51 -7.15 11.72 -7.26
C ASN A 51 -6.37 12.83 -6.53
N PRO A 52 -5.31 12.42 -5.89
CA PRO A 52 -4.46 13.35 -5.14
C PRO A 52 -3.46 14.05 -6.08
N THR A 53 -2.50 14.75 -5.52
CA THR A 53 -1.49 15.44 -6.39
C THR A 53 -0.27 14.55 -6.59
N PRO A 54 0.59 14.97 -7.47
CA PRO A 54 1.83 14.21 -7.77
C PRO A 54 2.84 14.36 -6.64
N GLU A 55 3.05 15.55 -6.17
CA GLU A 55 4.04 15.77 -5.08
C GLU A 55 3.60 15.01 -3.82
N GLU A 56 2.33 14.96 -3.56
CA GLU A 56 1.83 14.23 -2.35
C GLU A 56 1.88 12.72 -2.59
N LEU A 57 2.01 12.31 -3.82
CA LEU A 57 2.06 10.85 -4.12
C LEU A 57 3.30 10.24 -3.47
N GLN A 58 4.47 10.60 -3.92
CA GLN A 58 5.72 10.02 -3.34
C GLN A 58 5.60 9.94 -1.82
N GLU A 59 4.93 10.87 -1.20
CA GLU A 59 4.78 10.84 0.28
C GLU A 59 4.33 9.45 0.74
N MET A 60 3.41 8.86 0.02
CA MET A 60 2.92 7.50 0.41
C MET A 60 4.08 6.50 0.33
N ILE A 61 4.90 6.59 -0.67
CA ILE A 61 6.04 5.64 -0.80
C ILE A 61 7.10 5.95 0.27
N ASP A 62 7.26 7.19 0.62
CA ASP A 62 8.26 7.54 1.66
C ASP A 62 7.86 6.94 3.01
N GLU A 63 6.62 7.04 3.37
CA GLU A 63 6.16 6.46 4.67
C GLU A 63 6.75 5.06 4.85
N VAL A 64 7.05 4.39 3.77
CA VAL A 64 7.63 3.02 3.89
C VAL A 64 8.81 2.87 2.92
N ASP A 65 9.75 3.76 2.99
CA ASP A 65 10.94 3.68 2.08
C ASP A 65 12.23 3.57 2.89
N GLU A 66 12.68 2.38 3.17
CA GLU A 66 13.94 2.22 3.96
C GLU A 66 15.13 2.02 3.02
N ASP A 67 14.98 2.37 1.77
CA ASP A 67 16.11 2.20 0.82
C ASP A 67 16.22 3.42 -0.10
N GLY A 68 15.56 4.50 0.24
CA GLY A 68 15.63 5.72 -0.62
C GLY A 68 15.48 5.32 -2.09
N SER A 69 14.64 4.38 -2.38
CA SER A 69 14.44 3.96 -3.80
C SER A 69 13.30 4.75 -4.44
N GLY A 70 12.63 5.56 -3.67
CA GLY A 70 11.50 6.36 -4.23
C GLY A 70 10.41 5.41 -4.73
N THR A 71 10.45 4.18 -4.31
CA THR A 71 9.41 3.20 -4.74
C THR A 71 9.00 2.30 -3.58
N VAL A 72 8.13 1.36 -3.83
CA VAL A 72 7.69 0.45 -2.73
C VAL A 72 7.62 -0.99 -3.23
N ASP A 73 7.99 -1.92 -2.40
CA ASP A 73 7.95 -3.35 -2.82
C ASP A 73 7.04 -4.15 -1.89
N PHE A 74 6.75 -5.38 -2.25
CA PHE A 74 5.87 -6.22 -1.39
C PHE A 74 6.34 -6.16 0.06
N ASP A 75 7.59 -5.83 0.27
CA ASP A 75 8.12 -5.76 1.67
C ASP A 75 7.72 -4.43 2.32
N GLU A 76 8.04 -3.33 1.68
CA GLU A 76 7.68 -2.00 2.26
C GLU A 76 6.16 -1.85 2.37
N PHE A 77 5.45 -2.25 1.35
CA PHE A 77 3.96 -2.13 1.39
C PHE A 77 3.42 -2.71 2.69
N LEU A 78 3.89 -3.86 3.08
CA LEU A 78 3.41 -4.48 4.34
C LEU A 78 3.55 -3.49 5.51
N VAL A 79 4.67 -2.83 5.59
CA VAL A 79 4.87 -1.85 6.70
C VAL A 79 3.90 -0.67 6.56
N MET A 80 3.36 -0.47 5.39
CA MET A 80 2.40 0.66 5.20
C MET A 80 1.07 0.34 5.88
N MET A 81 0.57 -0.85 5.73
CA MET A 81 -0.73 -1.21 6.37
C MET A 81 -0.59 -1.17 7.89
N VAL A 82 0.55 -1.52 8.41
CA VAL A 82 0.74 -1.51 9.89
C VAL A 82 0.49 -0.09 10.43
N ARG A 83 1.08 0.90 9.83
CA ARG A 83 0.88 2.30 10.31
C ARG A 83 -0.51 2.80 9.88
N CYS A 84 -1.21 2.05 9.09
CA CYS A 84 -2.56 2.49 8.63
C CYS A 84 -3.64 1.68 9.36
N MET A 85 -3.25 0.85 10.29
CA MET A 85 -4.25 0.04 11.05
C MET A 85 -3.96 0.12 12.55
N LYS A 86 -3.92 1.30 13.10
CA LYS A 86 -3.65 1.44 14.55
C LYS A 86 -4.95 1.47 15.34
N ASP A 87 -4.89 1.76 16.62
CA ASP A 87 -6.13 1.81 17.44
C ASP A 87 -6.59 3.26 17.62
N ASP A 88 -7.65 3.64 16.98
CA ASP A 88 -8.15 5.04 17.13
C ASP A 88 -9.52 5.06 17.81
N SER A 89 -10.33 4.07 17.55
CA SER A 89 -11.69 4.03 18.18
C SER A 89 -11.56 3.63 19.65
N ARG B 1 -2.50 10.43 0.67
CA ARG B 1 -3.46 9.93 1.70
C ARG B 1 -4.24 8.73 1.15
N ILE B 2 -4.50 7.75 1.97
CA ILE B 2 -5.24 6.55 1.49
C ILE B 2 -5.87 5.80 2.67
N SER B 3 -6.99 5.18 2.47
CA SER B 3 -7.64 4.43 3.58
C SER B 3 -7.20 2.96 3.56
N ALA B 4 -8.08 2.06 3.90
CA ALA B 4 -7.72 0.61 3.90
C ALA B 4 -8.87 -0.22 3.33
N ASP B 5 -10.07 0.02 3.79
CA ASP B 5 -11.23 -0.76 3.27
C ASP B 5 -11.60 -0.29 1.87
N ALA B 6 -11.60 0.99 1.64
CA ALA B 6 -11.96 1.52 0.29
C ALA B 6 -11.18 0.77 -0.79
N MET B 7 -9.90 0.58 -0.58
CA MET B 7 -9.08 -0.15 -1.60
C MET B 7 -9.83 -1.39 -2.08
N MET B 8 -10.62 -1.99 -1.22
CA MET B 8 -11.39 -3.21 -1.63
C MET B 8 -12.67 -2.80 -2.34
N GLN B 9 -13.33 -1.78 -1.86
CA GLN B 9 -14.60 -1.34 -2.50
C GLN B 9 -14.28 -0.56 -3.78
N ALA B 10 -13.24 0.23 -3.77
CA ALA B 10 -12.87 1.01 -4.98
C ALA B 10 -12.24 0.08 -6.03
N LEU B 11 -11.22 -0.63 -5.66
CA LEU B 11 -10.56 -1.54 -6.64
C LEU B 11 -10.23 -2.89 -5.96
N LEU B 12 -9.34 -3.64 -6.53
CA LEU B 12 -8.98 -4.96 -5.93
C LEU B 12 -10.20 -5.89 -5.91
N GLY B 13 -10.23 -6.81 -4.99
CA GLY B 13 -11.38 -7.75 -4.92
C GLY B 13 -12.11 -7.56 -3.59
N ALA B 14 -13.16 -8.31 -3.35
CA ALA B 14 -13.90 -8.18 -2.06
C ALA B 14 -15.17 -9.04 -2.11
N ARG B 15 -15.91 -9.06 -1.03
CA ARG B 15 -17.16 -9.89 -1.01
C ARG B 15 -18.34 -9.04 -0.53
N ALA B 16 -18.93 -8.29 -1.41
CA ALA B 16 -20.10 -7.45 -1.02
C ALA B 16 -21.39 -8.26 -1.06
N LYS B 17 -21.57 -9.15 -0.13
CA LYS B 17 -22.81 -9.98 -0.10
C LYS B 17 -23.11 -10.51 -1.50
CA CA C . 11.51 1.32 -1.66
N MET A 1 15.97 -1.31 21.45
CA MET A 1 15.10 -2.35 20.87
C MET A 1 13.63 -1.96 21.02
N ASP A 2 12.98 -1.61 19.95
CA ASP A 2 11.54 -1.22 20.03
C ASP A 2 10.82 -1.57 18.72
N ASP A 3 10.73 -2.84 18.40
CA ASP A 3 10.05 -3.25 17.14
C ASP A 3 8.54 -3.08 17.28
N ILE A 4 8.02 -1.94 16.89
CA ILE A 4 6.54 -1.73 16.99
C ILE A 4 5.85 -2.08 15.68
N TYR A 5 6.56 -1.95 14.59
CA TYR A 5 5.95 -2.28 13.26
C TYR A 5 6.32 -3.71 12.85
N LYS A 6 7.59 -3.98 12.71
CA LYS A 6 8.02 -5.35 12.30
C LYS A 6 7.23 -6.38 13.10
N ALA A 7 6.92 -6.10 14.34
CA ALA A 7 6.15 -7.07 15.16
C ALA A 7 4.77 -7.30 14.54
N ALA A 8 4.13 -6.25 14.08
CA ALA A 8 2.80 -6.42 13.45
C ALA A 8 2.93 -7.13 12.10
N VAL A 9 4.08 -7.03 11.49
CA VAL A 9 4.29 -7.70 10.18
C VAL A 9 4.47 -9.21 10.38
N GLU A 10 5.28 -9.58 11.33
CA GLU A 10 5.50 -11.03 11.59
C GLU A 10 4.18 -11.71 11.99
N GLN A 11 3.25 -10.95 12.52
CA GLN A 11 1.95 -11.55 12.92
C GLN A 11 1.09 -11.83 11.67
N LEU A 12 1.60 -11.53 10.51
CA LEU A 12 0.82 -11.77 9.28
C LEU A 12 0.47 -13.26 9.14
N THR A 13 -0.78 -13.57 8.96
CA THR A 13 -1.18 -15.00 8.83
C THR A 13 -1.36 -15.35 7.35
N GLU A 14 -1.63 -16.59 7.05
CA GLU A 14 -1.82 -16.98 5.62
C GLU A 14 -3.07 -16.32 5.05
N GLU A 15 -4.18 -16.41 5.75
CA GLU A 15 -5.43 -15.80 5.25
C GLU A 15 -5.25 -14.29 5.06
N GLN A 16 -4.76 -13.61 6.07
CA GLN A 16 -4.56 -12.13 5.94
C GLN A 16 -3.52 -11.83 4.86
N LYS A 17 -2.41 -12.50 4.89
CA LYS A 17 -1.36 -12.25 3.85
C LYS A 17 -1.99 -12.20 2.46
N ASN A 18 -3.08 -12.88 2.27
CA ASN A 18 -3.74 -12.87 0.93
C ASN A 18 -4.42 -11.52 0.69
N GLU A 19 -4.89 -10.90 1.75
CA GLU A 19 -5.57 -9.57 1.58
C GLU A 19 -4.54 -8.49 1.25
N PHE A 20 -3.34 -8.62 1.75
CA PHE A 20 -2.29 -7.60 1.46
C PHE A 20 -1.74 -7.81 0.05
N LYS A 21 -1.46 -9.02 -0.32
CA LYS A 21 -0.91 -9.27 -1.68
C LYS A 21 -1.79 -8.61 -2.74
N ALA A 22 -3.05 -8.42 -2.42
CA ALA A 22 -3.96 -7.78 -3.41
C ALA A 22 -3.57 -6.31 -3.62
N ALA A 23 -3.64 -5.52 -2.59
CA ALA A 23 -3.26 -4.09 -2.72
C ALA A 23 -1.88 -3.98 -3.36
N PHE A 24 -1.02 -4.92 -3.09
CA PHE A 24 0.35 -4.87 -3.68
C PHE A 24 0.27 -5.10 -5.20
N ASP A 25 -0.51 -6.05 -5.62
CA ASP A 25 -0.64 -6.33 -7.08
C ASP A 25 -1.23 -5.10 -7.79
N ILE A 26 -2.01 -4.33 -7.10
CA ILE A 26 -2.61 -3.12 -7.74
C ILE A 26 -1.67 -1.91 -7.59
N PHE A 27 -0.97 -1.83 -6.50
CA PHE A 27 -0.04 -0.68 -6.30
C PHE A 27 1.11 -0.74 -7.30
N VAL A 28 1.51 -1.92 -7.70
CA VAL A 28 2.64 -2.03 -8.67
C VAL A 28 2.09 -2.30 -10.07
N LEU A 29 0.80 -2.17 -10.25
CA LEU A 29 0.20 -2.42 -11.59
C LEU A 29 1.00 -1.69 -12.68
N GLY A 30 1.83 -2.38 -13.39
CA GLY A 30 2.64 -1.72 -14.45
C GLY A 30 4.09 -1.57 -13.99
N ALA A 31 4.32 -1.59 -12.70
CA ALA A 31 5.70 -1.45 -12.18
C ALA A 31 6.67 -2.31 -13.01
N GLU A 32 7.82 -1.78 -13.33
CA GLU A 32 8.80 -2.58 -14.13
C GLU A 32 9.61 -3.49 -13.21
N ASP A 33 9.54 -3.27 -11.93
CA ASP A 33 10.31 -4.12 -10.98
C ASP A 33 9.39 -4.64 -9.87
N GLY A 34 8.11 -4.66 -10.11
CA GLY A 34 7.16 -5.16 -9.07
C GLY A 34 7.11 -4.16 -7.92
N CYS A 35 7.41 -2.92 -8.18
CA CYS A 35 7.38 -1.89 -7.10
C CYS A 35 6.36 -0.81 -7.43
N ILE A 36 6.41 0.30 -6.75
CA ILE A 36 5.43 1.39 -7.02
C ILE A 36 6.16 2.69 -7.36
N SER A 37 5.52 3.58 -8.05
CA SER A 37 6.16 4.87 -8.44
C SER A 37 5.10 5.91 -8.74
N THR A 38 4.05 5.91 -7.97
CA THR A 38 2.92 6.87 -8.18
C THR A 38 2.15 6.47 -9.43
N LYS A 39 2.82 6.35 -10.55
CA LYS A 39 2.12 5.94 -11.79
C LYS A 39 1.29 4.69 -11.50
N GLU A 40 1.80 3.81 -10.67
CA GLU A 40 1.05 2.58 -10.32
C GLU A 40 0.11 2.88 -9.15
N LEU A 41 0.53 3.75 -8.28
CA LEU A 41 -0.31 4.10 -7.09
C LEU A 41 -1.36 5.16 -7.48
N GLY A 42 -0.92 6.33 -7.83
CA GLY A 42 -1.90 7.41 -8.21
C GLY A 42 -2.94 6.85 -9.18
N LYS A 43 -2.59 5.86 -9.95
CA LYS A 43 -3.57 5.28 -10.91
C LYS A 43 -4.80 4.76 -10.15
N VAL A 44 -4.60 4.29 -8.95
CA VAL A 44 -5.75 3.76 -8.17
C VAL A 44 -6.44 4.92 -7.42
N MET A 45 -5.70 5.93 -7.06
CA MET A 45 -6.31 7.09 -6.34
C MET A 45 -7.66 7.44 -6.96
N ARG A 46 -7.65 7.89 -8.19
CA ARG A 46 -8.93 8.24 -8.85
C ARG A 46 -9.93 7.08 -8.67
N MET A 47 -9.43 5.88 -8.60
CA MET A 47 -10.35 4.71 -8.42
C MET A 47 -10.82 4.64 -6.96
N LEU A 48 -9.96 4.95 -6.03
CA LEU A 48 -10.38 4.89 -4.60
C LEU A 48 -11.29 6.08 -4.28
N GLY A 49 -11.08 7.19 -4.94
CA GLY A 49 -11.93 8.39 -4.69
C GLY A 49 -11.04 9.55 -4.23
N GLN A 50 -9.87 9.67 -4.78
CA GLN A 50 -8.97 10.78 -4.37
C GLN A 50 -8.06 11.20 -5.54
N ASN A 51 -7.80 12.48 -5.67
CA ASN A 51 -6.92 12.94 -6.78
C ASN A 51 -5.85 13.89 -6.24
N PRO A 52 -4.85 13.31 -5.64
CA PRO A 52 -3.74 14.12 -5.05
C PRO A 52 -2.81 14.64 -6.16
N THR A 53 -1.91 15.51 -5.82
CA THR A 53 -0.97 16.05 -6.85
C THR A 53 0.16 15.05 -7.10
N PRO A 54 0.83 15.23 -8.20
CA PRO A 54 1.95 14.33 -8.56
C PRO A 54 3.16 14.60 -7.65
N GLU A 55 3.34 15.83 -7.24
CA GLU A 55 4.50 16.15 -6.35
C GLU A 55 4.26 15.60 -4.95
N GLU A 56 3.01 15.44 -4.57
CA GLU A 56 2.71 14.91 -3.21
C GLU A 56 2.59 13.38 -3.25
N LEU A 57 2.04 12.85 -4.30
CA LEU A 57 1.91 11.36 -4.40
C LEU A 57 3.18 10.67 -3.90
N GLN A 58 4.32 11.21 -4.20
CA GLN A 58 5.58 10.58 -3.74
C GLN A 58 5.58 10.45 -2.22
N GLU A 59 4.93 11.35 -1.54
CA GLU A 59 4.88 11.28 -0.05
C GLU A 59 4.56 9.84 0.38
N MET A 60 3.82 9.12 -0.41
CA MET A 60 3.49 7.72 -0.04
C MET A 60 4.71 6.82 -0.25
N ILE A 61 5.55 7.15 -1.18
CA ILE A 61 6.76 6.32 -1.44
C ILE A 61 7.93 6.83 -0.61
N ASP A 62 8.03 8.13 -0.45
CA ASP A 62 9.16 8.69 0.35
C ASP A 62 8.87 8.52 1.85
N GLU A 63 7.72 8.00 2.18
CA GLU A 63 7.40 7.81 3.62
C GLU A 63 8.01 6.51 4.13
N VAL A 64 8.21 5.56 3.27
CA VAL A 64 8.80 4.26 3.70
C VAL A 64 9.98 3.89 2.78
N ASP A 65 10.67 4.87 2.26
CA ASP A 65 11.82 4.57 1.36
C ASP A 65 13.13 4.62 2.16
N GLU A 66 13.78 3.49 2.32
CA GLU A 66 15.06 3.47 3.09
C GLU A 66 16.23 3.11 2.17
N ASP A 67 16.07 3.30 0.89
CA ASP A 67 17.17 2.97 -0.07
C ASP A 67 17.28 4.06 -1.15
N GLY A 68 16.57 5.14 -0.98
CA GLY A 68 16.63 6.24 -2.00
C GLY A 68 16.41 5.65 -3.39
N SER A 69 15.49 4.73 -3.52
CA SER A 69 15.22 4.13 -4.86
C SER A 69 14.09 4.87 -5.56
N GLY A 70 13.20 5.46 -4.81
CA GLY A 70 12.07 6.20 -5.43
C GLY A 70 10.95 5.23 -5.79
N THR A 71 10.96 4.06 -5.20
CA THR A 71 9.90 3.06 -5.50
C THR A 71 9.62 2.20 -4.27
N VAL A 72 8.43 1.67 -4.15
CA VAL A 72 8.11 0.81 -2.98
C VAL A 72 7.89 -0.63 -3.42
N ASP A 73 8.13 -1.57 -2.54
CA ASP A 73 7.95 -3.00 -2.91
C ASP A 73 7.18 -3.73 -1.80
N PHE A 74 6.85 -4.97 -2.02
CA PHE A 74 6.10 -5.73 -0.97
C PHE A 74 6.81 -5.58 0.39
N ASP A 75 8.07 -5.24 0.37
CA ASP A 75 8.81 -5.08 1.65
C ASP A 75 8.51 -3.70 2.26
N GLU A 76 8.70 -2.65 1.51
CA GLU A 76 8.42 -1.29 2.04
C GLU A 76 6.92 -1.02 2.04
N PHE A 77 6.18 -1.68 1.20
CA PHE A 77 4.70 -1.45 1.16
C PHE A 77 4.04 -2.02 2.43
N LEU A 78 4.23 -3.29 2.69
CA LEU A 78 3.60 -3.89 3.90
C LEU A 78 3.77 -2.94 5.09
N VAL A 79 4.88 -2.28 5.19
CA VAL A 79 5.10 -1.34 6.33
C VAL A 79 4.20 -0.11 6.17
N MET A 80 3.90 0.27 4.96
CA MET A 80 3.03 1.46 4.74
C MET A 80 1.60 1.16 5.21
N MET A 81 1.32 -0.08 5.51
CA MET A 81 -0.05 -0.43 5.98
C MET A 81 -0.11 -0.47 7.50
N VAL A 82 0.86 -1.09 8.12
CA VAL A 82 0.86 -1.16 9.61
C VAL A 82 0.70 0.25 10.20
N ARG A 83 1.28 1.23 9.58
CA ARG A 83 1.16 2.62 10.09
C ARG A 83 -0.31 2.98 10.31
N CYS A 84 -1.18 2.48 9.48
CA CYS A 84 -2.64 2.79 9.65
C CYS A 84 -3.18 2.10 10.89
N MET A 85 -2.39 1.27 11.53
CA MET A 85 -2.86 0.57 12.76
C MET A 85 -1.67 0.15 13.61
N LYS A 86 -1.25 0.99 14.53
CA LYS A 86 -0.10 0.63 15.40
C LYS A 86 -0.24 -0.80 15.92
N ASP A 87 -1.09 -1.01 16.90
CA ASP A 87 -1.27 -2.39 17.44
C ASP A 87 -2.56 -2.46 18.28
N ASP A 88 -3.47 -3.32 17.90
CA ASP A 88 -4.74 -3.43 18.67
C ASP A 88 -5.61 -4.54 18.08
N SER A 89 -5.77 -5.63 18.78
CA SER A 89 -6.61 -6.74 18.26
C SER A 89 -6.16 -7.13 16.85
N ARG B 1 -3.97 9.14 2.54
CA ARG B 1 -3.96 7.99 3.48
C ARG B 1 -4.62 6.77 2.84
N ILE B 2 -3.92 5.67 2.75
CA ILE B 2 -4.51 4.45 2.14
C ILE B 2 -5.11 3.55 3.23
N SER B 3 -6.18 3.98 3.84
CA SER B 3 -6.81 3.14 4.90
C SER B 3 -7.31 1.83 4.31
N ALA B 4 -8.32 1.24 4.89
CA ALA B 4 -8.84 -0.05 4.36
C ALA B 4 -10.35 0.04 4.14
N ASP B 5 -11.03 0.89 4.86
CA ASP B 5 -12.50 1.02 4.69
C ASP B 5 -12.85 1.42 3.25
N ALA B 6 -12.21 2.44 2.75
CA ALA B 6 -12.50 2.89 1.36
C ALA B 6 -11.73 2.03 0.35
N MET B 7 -10.50 1.70 0.66
CA MET B 7 -9.69 0.86 -0.27
C MET B 7 -10.44 -0.41 -0.65
N MET B 8 -10.99 -1.11 0.31
CA MET B 8 -11.72 -2.37 -0.02
C MET B 8 -13.01 -2.06 -0.79
N GLN B 9 -13.46 -0.84 -0.78
CA GLN B 9 -14.71 -0.50 -1.51
C GLN B 9 -14.41 -0.21 -2.98
N ALA B 10 -13.52 0.72 -3.24
CA ALA B 10 -13.20 1.06 -4.65
C ALA B 10 -12.12 0.10 -5.18
N LEU B 11 -11.02 -0.02 -4.47
CA LEU B 11 -9.94 -0.93 -4.92
C LEU B 11 -10.38 -2.39 -4.79
N LEU B 12 -10.27 -3.14 -5.85
CA LEU B 12 -10.67 -4.58 -5.81
C LEU B 12 -11.95 -4.74 -4.98
N GLY B 13 -13.03 -4.14 -5.42
CA GLY B 13 -14.31 -4.26 -4.65
C GLY B 13 -15.23 -5.25 -5.35
N ALA B 14 -15.86 -4.84 -6.42
CA ALA B 14 -16.79 -5.76 -7.15
C ALA B 14 -17.86 -6.29 -6.19
N ARG B 15 -18.10 -5.60 -5.11
CA ARG B 15 -19.14 -6.06 -4.14
C ARG B 15 -18.82 -7.49 -3.67
N ALA B 16 -17.57 -7.77 -3.41
CA ALA B 16 -17.20 -9.14 -2.94
C ALA B 16 -17.86 -9.43 -1.60
N LYS B 17 -18.28 -8.41 -0.89
CA LYS B 17 -18.94 -8.65 0.42
C LYS B 17 -20.27 -9.36 0.23
CA CA C . 12.33 1.98 -1.56
N MET A 1 16.35 2.45 16.00
CA MET A 1 16.06 2.71 17.43
C MET A 1 14.85 1.89 17.89
N ASP A 2 13.75 2.01 17.19
CA ASP A 2 12.54 1.23 17.60
C ASP A 2 11.87 0.62 16.37
N ASP A 3 11.94 -0.67 16.21
CA ASP A 3 11.31 -1.32 15.03
C ASP A 3 9.95 -1.92 15.41
N ILE A 4 8.91 -1.14 15.36
CA ILE A 4 7.56 -1.67 15.71
C ILE A 4 6.88 -2.27 14.47
N TYR A 5 6.72 -1.50 13.44
CA TYR A 5 6.08 -2.03 12.21
C TYR A 5 6.76 -3.33 11.77
N LYS A 6 8.00 -3.25 11.38
CA LYS A 6 8.72 -4.47 10.94
C LYS A 6 8.44 -5.62 11.92
N ALA A 7 8.29 -5.32 13.18
CA ALA A 7 8.01 -6.39 14.17
C ALA A 7 6.59 -6.92 14.00
N ALA A 8 5.66 -6.06 13.63
CA ALA A 8 4.26 -6.51 13.45
C ALA A 8 4.14 -7.32 12.14
N VAL A 9 4.76 -6.85 11.09
CA VAL A 9 4.68 -7.58 9.80
C VAL A 9 5.08 -9.04 9.99
N GLU A 10 6.17 -9.28 10.67
CA GLU A 10 6.62 -10.68 10.91
C GLU A 10 5.52 -11.48 11.62
N GLN A 11 4.55 -10.80 12.18
CA GLN A 11 3.45 -11.53 12.89
C GLN A 11 2.16 -11.46 12.05
N LEU A 12 2.26 -11.04 10.83
CA LEU A 12 1.03 -10.96 9.97
C LEU A 12 0.54 -12.37 9.62
N THR A 13 -0.74 -12.58 9.68
CA THR A 13 -1.29 -13.93 9.35
C THR A 13 -1.35 -14.10 7.83
N GLU A 14 -1.03 -15.26 7.34
CA GLU A 14 -1.07 -15.50 5.87
C GLU A 14 -2.38 -14.96 5.28
N GLU A 15 -3.44 -15.02 6.02
CA GLU A 15 -4.75 -14.51 5.50
C GLU A 15 -4.69 -12.99 5.32
N GLN A 16 -4.44 -12.27 6.38
CA GLN A 16 -4.39 -10.78 6.27
C GLN A 16 -3.47 -10.37 5.10
N LYS A 17 -2.48 -11.16 4.80
CA LYS A 17 -1.57 -10.82 3.69
C LYS A 17 -2.22 -11.17 2.34
N ASN A 18 -2.97 -12.24 2.31
CA ASN A 18 -3.63 -12.64 1.02
C ASN A 18 -4.63 -11.55 0.59
N GLU A 19 -5.01 -10.69 1.50
CA GLU A 19 -5.98 -9.61 1.15
C GLU A 19 -5.22 -8.42 0.56
N PHE A 20 -4.22 -7.94 1.25
CA PHE A 20 -3.45 -6.78 0.71
C PHE A 20 -2.75 -7.16 -0.59
N LYS A 21 -2.32 -8.38 -0.72
CA LYS A 21 -1.64 -8.81 -1.97
C LYS A 21 -2.40 -8.28 -3.18
N ALA A 22 -3.71 -8.28 -3.12
CA ALA A 22 -4.51 -7.77 -4.26
C ALA A 22 -4.12 -6.33 -4.58
N ALA A 23 -4.18 -5.46 -3.60
CA ALA A 23 -3.79 -4.04 -3.85
C ALA A 23 -2.34 -3.96 -4.34
N PHE A 24 -1.46 -4.68 -3.70
CA PHE A 24 -0.03 -4.66 -4.12
C PHE A 24 0.07 -4.98 -5.62
N ASP A 25 -0.79 -5.84 -6.11
CA ASP A 25 -0.74 -6.18 -7.56
C ASP A 25 -1.07 -4.95 -8.40
N ILE A 26 -2.20 -4.35 -8.15
CA ILE A 26 -2.58 -3.14 -8.93
C ILE A 26 -1.58 -2.01 -8.68
N PHE A 27 -0.89 -2.04 -7.57
CA PHE A 27 0.10 -0.97 -7.26
C PHE A 27 1.31 -1.09 -8.19
N VAL A 28 1.53 -2.24 -8.76
CA VAL A 28 2.70 -2.42 -9.66
C VAL A 28 2.26 -2.97 -11.02
N LEU A 29 0.98 -2.99 -11.28
CA LEU A 29 0.50 -3.51 -12.59
C LEU A 29 1.36 -2.97 -13.73
N GLY A 30 1.68 -1.71 -13.68
CA GLY A 30 2.52 -1.12 -14.77
C GLY A 30 3.94 -0.90 -14.25
N ALA A 31 4.32 -1.59 -13.22
CA ALA A 31 5.70 -1.42 -12.66
C ALA A 31 6.74 -1.92 -13.68
N GLU A 32 7.91 -2.27 -13.22
CA GLU A 32 8.96 -2.78 -14.15
C GLU A 32 9.63 -4.03 -13.57
N ASP A 33 9.83 -4.05 -12.27
CA ASP A 33 10.48 -5.24 -11.65
C ASP A 33 9.60 -5.80 -10.53
N GLY A 34 8.80 -4.96 -9.93
CA GLY A 34 7.91 -5.45 -8.83
C GLY A 34 7.89 -4.43 -7.69
N CYS A 35 7.86 -3.17 -8.03
CA CYS A 35 7.84 -2.11 -6.97
C CYS A 35 6.77 -1.06 -7.28
N ILE A 36 6.84 0.07 -6.63
CA ILE A 36 5.84 1.14 -6.89
C ILE A 36 6.53 2.49 -7.09
N SER A 37 5.92 3.38 -7.81
CA SER A 37 6.55 4.72 -8.05
C SER A 37 5.46 5.75 -8.33
N THR A 38 4.35 5.63 -7.66
CA THR A 38 3.21 6.57 -7.87
C THR A 38 2.55 6.29 -9.22
N LYS A 39 3.31 6.31 -10.29
CA LYS A 39 2.71 6.03 -11.62
C LYS A 39 1.82 4.79 -11.50
N GLU A 40 2.24 3.83 -10.74
CA GLU A 40 1.42 2.59 -10.55
C GLU A 40 0.54 2.76 -9.31
N LEU A 41 1.01 3.51 -8.35
CA LEU A 41 0.21 3.73 -7.11
C LEU A 41 -0.93 4.71 -7.38
N GLY A 42 -0.61 5.87 -7.91
CA GLY A 42 -1.68 6.87 -8.19
C GLY A 42 -2.80 6.20 -8.98
N LYS A 43 -2.46 5.23 -9.80
CA LYS A 43 -3.52 4.54 -10.60
C LYS A 43 -4.67 4.13 -9.69
N VAL A 44 -4.38 3.73 -8.48
CA VAL A 44 -5.46 3.32 -7.55
C VAL A 44 -6.22 4.56 -7.07
N MET A 45 -5.53 5.61 -6.74
CA MET A 45 -6.22 6.85 -6.28
C MET A 45 -7.39 7.18 -7.21
N ARG A 46 -7.17 7.11 -8.50
CA ARG A 46 -8.27 7.41 -9.45
C ARG A 46 -9.46 6.47 -9.21
N MET A 47 -9.19 5.20 -9.02
CA MET A 47 -10.30 4.24 -8.77
C MET A 47 -10.71 4.31 -7.29
N LEU A 48 -9.78 4.61 -6.43
CA LEU A 48 -10.11 4.69 -4.98
C LEU A 48 -11.15 5.79 -4.76
N GLY A 49 -11.34 6.64 -5.73
CA GLY A 49 -12.35 7.74 -5.58
C GLY A 49 -11.63 9.05 -5.27
N GLN A 50 -10.42 9.21 -5.73
CA GLN A 50 -9.69 10.48 -5.44
C GLN A 50 -8.69 10.79 -6.57
N ASN A 51 -7.82 11.73 -6.35
CA ASN A 51 -6.82 12.09 -7.39
C ASN A 51 -5.88 13.18 -6.86
N PRO A 52 -4.96 12.76 -6.02
CA PRO A 52 -4.00 13.70 -5.42
C PRO A 52 -2.97 14.17 -6.46
N THR A 53 -2.02 14.97 -6.06
CA THR A 53 -1.00 15.47 -7.02
C THR A 53 0.24 14.57 -6.99
N PRO A 54 1.06 14.72 -7.99
CA PRO A 54 2.31 13.91 -8.08
C PRO A 54 3.35 14.40 -7.06
N GLU A 55 3.12 15.54 -6.46
CA GLU A 55 4.09 16.05 -5.46
C GLU A 55 3.85 15.38 -4.10
N GLU A 56 2.62 15.10 -3.78
CA GLU A 56 2.33 14.44 -2.47
C GLU A 56 2.47 12.93 -2.59
N LEU A 57 2.25 12.39 -3.75
CA LEU A 57 2.38 10.91 -3.92
C LEU A 57 3.72 10.43 -3.35
N GLN A 58 4.81 10.93 -3.87
CA GLN A 58 6.15 10.49 -3.36
C GLN A 58 6.13 10.46 -1.82
N GLU A 59 5.30 11.26 -1.22
CA GLU A 59 5.24 11.29 0.28
C GLU A 59 4.77 9.93 0.81
N MET A 60 3.78 9.35 0.20
CA MET A 60 3.29 8.03 0.68
C MET A 60 4.40 6.98 0.57
N ILE A 61 5.26 7.11 -0.40
CA ILE A 61 6.37 6.13 -0.56
C ILE A 61 7.49 6.44 0.45
N ASP A 62 7.94 7.67 0.49
CA ASP A 62 9.02 8.03 1.45
C ASP A 62 8.63 7.62 2.88
N GLU A 63 7.36 7.46 3.13
CA GLU A 63 6.92 7.07 4.49
C GLU A 63 7.48 5.69 4.85
N VAL A 64 7.59 4.81 3.89
CA VAL A 64 8.12 3.46 4.19
C VAL A 64 9.23 3.11 3.19
N ASP A 65 10.27 3.88 3.15
CA ASP A 65 11.39 3.60 2.20
C ASP A 65 12.72 3.50 2.95
N GLU A 66 13.14 2.32 3.29
CA GLU A 66 14.43 2.17 4.02
C GLU A 66 15.56 1.81 3.05
N ASP A 67 15.39 2.12 1.79
CA ASP A 67 16.44 1.80 0.79
C ASP A 67 16.73 3.02 -0.09
N GLY A 68 16.15 4.15 0.24
CA GLY A 68 16.40 5.37 -0.58
C GLY A 68 16.20 5.04 -2.06
N SER A 69 15.45 4.02 -2.35
CA SER A 69 15.22 3.65 -3.78
C SER A 69 14.14 4.54 -4.39
N GLY A 70 13.31 5.13 -3.57
CA GLY A 70 12.23 6.02 -4.10
C GLY A 70 11.05 5.16 -4.57
N THR A 71 11.03 3.91 -4.19
CA THR A 71 9.91 3.03 -4.61
C THR A 71 9.47 2.14 -3.44
N VAL A 72 8.46 1.34 -3.63
CA VAL A 72 7.99 0.46 -2.52
C VAL A 72 7.88 -0.99 -3.01
N ASP A 73 7.84 -1.93 -2.11
CA ASP A 73 7.72 -3.35 -2.51
C ASP A 73 6.77 -4.09 -1.56
N PHE A 74 6.36 -5.28 -1.93
CA PHE A 74 5.44 -6.03 -1.03
C PHE A 74 5.96 -6.02 0.41
N ASP A 75 7.24 -5.81 0.58
CA ASP A 75 7.80 -5.77 1.96
C ASP A 75 7.45 -4.45 2.63
N GLU A 76 7.77 -3.34 2.00
CA GLU A 76 7.44 -2.02 2.61
C GLU A 76 5.94 -1.75 2.54
N PHE A 77 5.32 -2.11 1.44
CA PHE A 77 3.85 -1.88 1.32
C PHE A 77 3.13 -2.39 2.57
N LEU A 78 3.32 -3.63 2.91
CA LEU A 78 2.65 -4.19 4.12
C LEU A 78 2.85 -3.26 5.32
N VAL A 79 4.04 -2.78 5.51
CA VAL A 79 4.30 -1.86 6.67
C VAL A 79 3.32 -0.69 6.65
N MET A 80 3.09 -0.12 5.49
CA MET A 80 2.14 1.03 5.40
C MET A 80 0.76 0.62 5.93
N MET A 81 0.29 -0.53 5.55
CA MET A 81 -1.05 -0.99 6.03
C MET A 81 -1.05 -1.06 7.56
N VAL A 82 0.08 -1.27 8.16
CA VAL A 82 0.13 -1.35 9.65
C VAL A 82 0.05 0.05 10.26
N ARG A 83 0.74 0.99 9.68
CA ARG A 83 0.70 2.38 10.21
C ARG A 83 -0.73 2.91 10.20
N CYS A 84 -1.55 2.39 9.34
CA CYS A 84 -2.97 2.87 9.29
C CYS A 84 -3.80 2.22 10.39
N MET A 85 -3.17 1.47 11.27
CA MET A 85 -3.92 0.82 12.37
C MET A 85 -3.00 0.54 13.56
N LYS A 86 -3.40 0.88 14.75
CA LYS A 86 -2.54 0.62 15.94
C LYS A 86 -3.40 0.35 17.17
N ASP A 87 -2.93 -0.48 18.06
CA ASP A 87 -3.73 -0.78 19.29
C ASP A 87 -2.88 -0.54 20.54
N ASP A 88 -3.16 0.51 21.26
CA ASP A 88 -2.37 0.80 22.49
C ASP A 88 -2.48 -0.35 23.49
N SER A 89 -2.09 -0.13 24.71
CA SER A 89 -2.18 -1.22 25.74
C SER A 89 -3.52 -1.14 26.47
N ARG B 1 -2.33 10.29 3.94
CA ARG B 1 -1.81 8.90 3.80
C ARG B 1 -2.82 8.03 3.04
N ILE B 2 -2.44 6.83 2.69
CA ILE B 2 -3.39 5.94 1.95
C ILE B 2 -4.47 5.42 2.90
N SER B 3 -5.65 5.18 2.39
CA SER B 3 -6.76 4.68 3.26
C SER B 3 -6.83 3.16 3.18
N ALA B 4 -7.82 2.57 3.79
CA ALA B 4 -7.96 1.09 3.74
C ALA B 4 -9.43 0.69 3.53
N ASP B 5 -10.34 1.42 4.11
CA ASP B 5 -11.78 1.08 3.95
C ASP B 5 -12.22 1.30 2.49
N ALA B 6 -11.78 2.36 1.88
CA ALA B 6 -12.18 2.63 0.47
C ALA B 6 -11.25 1.89 -0.49
N MET B 7 -10.00 1.74 -0.14
CA MET B 7 -9.04 1.04 -1.04
C MET B 7 -9.58 -0.33 -1.45
N MET B 8 -10.36 -0.95 -0.60
CA MET B 8 -10.91 -2.30 -0.95
C MET B 8 -12.19 -2.16 -1.77
N GLN B 9 -13.16 -1.44 -1.26
CA GLN B 9 -14.45 -1.29 -2.01
C GLN B 9 -14.24 -0.47 -3.28
N ALA B 10 -13.27 0.41 -3.29
CA ALA B 10 -13.02 1.25 -4.50
C ALA B 10 -12.14 0.50 -5.50
N LEU B 11 -11.40 -0.47 -5.05
CA LEU B 11 -10.51 -1.22 -5.98
C LEU B 11 -10.74 -2.73 -5.85
N LEU B 12 -10.31 -3.31 -4.76
CA LEU B 12 -10.50 -4.77 -4.56
C LEU B 12 -11.82 -5.04 -3.83
N GLY B 13 -12.92 -4.91 -4.52
CA GLY B 13 -14.24 -5.16 -3.88
C GLY B 13 -15.35 -4.53 -4.72
N ALA B 14 -16.49 -5.17 -4.78
CA ALA B 14 -17.61 -4.60 -5.59
C ALA B 14 -18.93 -5.28 -5.22
N ARG B 15 -19.92 -4.52 -4.85
CA ARG B 15 -21.24 -5.13 -4.47
C ARG B 15 -21.63 -6.21 -5.47
N ALA B 16 -22.52 -7.09 -5.10
CA ALA B 16 -22.94 -8.17 -6.04
C ALA B 16 -24.19 -7.73 -6.81
N LYS B 17 -25.36 -8.04 -6.29
CA LYS B 17 -26.60 -7.64 -7.00
C LYS B 17 -27.11 -6.29 -6.47
CA CA C . 12.06 0.76 -1.26
N MET A 1 12.86 2.05 21.34
CA MET A 1 13.66 1.25 20.36
C MET A 1 12.94 1.20 19.01
N ASP A 2 11.70 1.57 18.98
CA ASP A 2 10.94 1.54 17.69
C ASP A 2 10.81 0.09 17.20
N ASP A 3 9.64 -0.49 17.34
CA ASP A 3 9.47 -1.90 16.88
C ASP A 3 7.98 -2.26 16.84
N ILE A 4 7.14 -1.32 16.53
CA ILE A 4 5.67 -1.62 16.47
C ILE A 4 5.24 -1.90 15.02
N TYR A 5 6.11 -1.62 14.08
CA TYR A 5 5.75 -1.88 12.66
C TYR A 5 6.30 -3.23 12.21
N LYS A 6 7.59 -3.36 12.10
CA LYS A 6 8.19 -4.65 11.66
C LYS A 6 7.64 -5.79 12.53
N ALA A 7 7.48 -5.56 13.80
CA ALA A 7 6.94 -6.63 14.69
C ALA A 7 5.51 -6.97 14.31
N ALA A 8 4.70 -5.98 14.06
CA ALA A 8 3.29 -6.25 13.67
C ALA A 8 3.22 -6.93 12.31
N VAL A 9 4.28 -6.89 11.56
CA VAL A 9 4.29 -7.53 10.22
C VAL A 9 4.57 -9.02 10.35
N GLU A 10 5.59 -9.38 11.07
CA GLU A 10 5.93 -10.84 11.24
C GLU A 10 4.74 -11.58 11.83
N GLN A 11 3.90 -10.91 12.57
CA GLN A 11 2.72 -11.59 13.19
C GLN A 11 1.56 -11.63 12.19
N LEU A 12 1.80 -11.30 10.95
CA LEU A 12 0.70 -11.33 9.95
C LEU A 12 0.06 -12.72 9.91
N THR A 13 -1.21 -12.79 9.61
CA THR A 13 -1.89 -14.11 9.55
C THR A 13 -1.78 -14.70 8.14
N GLU A 14 -1.65 -16.00 8.04
CA GLU A 14 -1.55 -16.65 6.70
C GLU A 14 -2.63 -16.09 5.76
N GLU A 15 -3.80 -15.84 6.28
CA GLU A 15 -4.89 -15.30 5.41
C GLU A 15 -4.65 -13.81 5.12
N GLN A 16 -4.34 -13.04 6.11
CA GLN A 16 -4.10 -11.59 5.89
C GLN A 16 -3.10 -11.39 4.76
N LYS A 17 -2.01 -12.11 4.78
CA LYS A 17 -0.99 -11.96 3.69
C LYS A 17 -1.66 -12.04 2.32
N ASN A 18 -2.65 -12.87 2.18
CA ASN A 18 -3.34 -12.99 0.86
C ASN A 18 -4.15 -11.73 0.57
N GLU A 19 -4.58 -11.04 1.59
CA GLU A 19 -5.38 -9.80 1.37
C GLU A 19 -4.47 -8.68 0.83
N PHE A 20 -3.23 -8.66 1.24
CA PHE A 20 -2.30 -7.61 0.74
C PHE A 20 -1.91 -7.88 -0.71
N LYS A 21 -1.59 -9.10 -1.02
CA LYS A 21 -1.20 -9.44 -2.42
C LYS A 21 -2.14 -8.73 -3.41
N ALA A 22 -3.34 -8.46 -2.99
CA ALA A 22 -4.31 -7.78 -3.91
C ALA A 22 -3.87 -6.33 -4.15
N ALA A 23 -3.94 -5.50 -3.15
CA ALA A 23 -3.53 -4.08 -3.33
C ALA A 23 -2.11 -4.01 -3.92
N PHE A 24 -1.35 -5.06 -3.78
CA PHE A 24 0.04 -5.06 -4.33
C PHE A 24 -0.01 -5.34 -5.84
N ASP A 25 -0.89 -6.20 -6.26
CA ASP A 25 -0.98 -6.51 -7.72
C ASP A 25 -1.43 -5.27 -8.51
N ILE A 26 -2.24 -4.44 -7.91
CA ILE A 26 -2.72 -3.22 -8.63
C ILE A 26 -1.68 -2.11 -8.52
N PHE A 27 -1.08 -1.95 -7.37
CA PHE A 27 -0.06 -0.88 -7.19
C PHE A 27 1.06 -1.03 -8.23
N VAL A 28 1.17 -2.20 -8.83
CA VAL A 28 2.23 -2.40 -9.85
C VAL A 28 1.60 -2.77 -11.20
N LEU A 29 0.30 -2.74 -11.28
CA LEU A 29 -0.38 -3.10 -12.56
C LEU A 29 0.22 -2.31 -13.72
N GLY A 30 0.84 -1.20 -13.43
CA GLY A 30 1.45 -0.38 -14.53
C GLY A 30 2.95 -0.65 -14.60
N ALA A 31 3.48 -1.38 -13.66
CA ALA A 31 4.95 -1.68 -13.68
C ALA A 31 5.20 -3.04 -14.33
N GLU A 32 6.43 -3.34 -14.65
CA GLU A 32 6.74 -4.66 -15.28
C GLU A 32 7.67 -5.47 -14.38
N ASP A 33 8.60 -4.82 -13.73
CA ASP A 33 9.54 -5.56 -12.85
C ASP A 33 8.80 -6.06 -11.60
N GLY A 34 7.90 -5.27 -11.08
CA GLY A 34 7.14 -5.70 -9.86
C GLY A 34 7.36 -4.68 -8.74
N CYS A 35 7.23 -3.43 -9.04
CA CYS A 35 7.43 -2.38 -7.99
C CYS A 35 6.51 -1.18 -8.25
N ILE A 36 6.54 -0.21 -7.38
CA ILE A 36 5.66 0.98 -7.58
C ILE A 36 6.51 2.24 -7.74
N SER A 37 5.93 3.28 -8.28
CA SER A 37 6.69 4.55 -8.48
C SER A 37 5.71 5.72 -8.60
N THR A 38 4.63 5.64 -7.90
CA THR A 38 3.58 6.71 -7.95
C THR A 38 2.82 6.61 -9.26
N LYS A 39 3.51 6.60 -10.37
CA LYS A 39 2.80 6.49 -11.68
C LYS A 39 1.79 5.34 -11.60
N GLU A 40 2.11 4.34 -10.82
CA GLU A 40 1.17 3.18 -10.66
C GLU A 40 0.22 3.47 -9.50
N LEU A 41 0.63 4.34 -8.62
CA LEU A 41 -0.22 4.69 -7.45
C LEU A 41 -1.38 5.60 -7.88
N GLY A 42 -1.07 6.74 -8.42
CA GLY A 42 -2.14 7.68 -8.85
C GLY A 42 -3.29 6.90 -9.50
N LYS A 43 -2.98 5.96 -10.36
CA LYS A 43 -4.06 5.17 -11.02
C LYS A 43 -5.01 4.62 -9.97
N VAL A 44 -4.49 4.18 -8.85
CA VAL A 44 -5.38 3.64 -7.78
C VAL A 44 -6.02 4.80 -7.00
N MET A 45 -5.33 5.90 -6.88
CA MET A 45 -5.91 7.07 -6.14
C MET A 45 -7.29 7.42 -6.70
N ARG A 46 -7.35 7.80 -7.95
CA ARG A 46 -8.66 8.16 -8.56
C ARG A 46 -9.68 7.05 -8.32
N MET A 47 -9.24 5.84 -8.11
CA MET A 47 -10.19 4.72 -7.89
C MET A 47 -10.70 4.73 -6.44
N LEU A 48 -9.85 5.07 -5.51
CA LEU A 48 -10.29 5.08 -4.09
C LEU A 48 -11.21 6.29 -3.84
N GLY A 49 -11.36 7.15 -4.82
CA GLY A 49 -12.23 8.33 -4.65
C GLY A 49 -11.38 9.56 -4.31
N GLN A 50 -10.12 9.51 -4.65
CA GLN A 50 -9.24 10.67 -4.36
C GLN A 50 -8.30 10.94 -5.55
N ASN A 51 -7.36 11.83 -5.39
CA ASN A 51 -6.43 12.14 -6.51
C ASN A 51 -5.31 13.06 -6.03
N PRO A 52 -4.27 12.46 -5.52
CA PRO A 52 -3.11 13.24 -5.01
C PRO A 52 -2.26 13.75 -6.18
N THR A 53 -1.68 14.91 -6.05
CA THR A 53 -0.83 15.45 -7.14
C THR A 53 0.45 14.63 -7.25
N PRO A 54 1.22 14.92 -8.27
CA PRO A 54 2.51 14.20 -8.47
C PRO A 54 3.50 14.56 -7.38
N GLU A 55 3.26 15.64 -6.68
CA GLU A 55 4.19 16.04 -5.58
C GLU A 55 3.84 15.28 -4.31
N GLU A 56 2.58 15.14 -4.00
CA GLU A 56 2.18 14.41 -2.77
C GLU A 56 2.34 12.91 -2.98
N LEU A 57 2.30 12.46 -4.21
CA LEU A 57 2.45 11.00 -4.48
C LEU A 57 3.69 10.45 -3.75
N GLN A 58 4.85 10.91 -4.13
CA GLN A 58 6.10 10.42 -3.47
C GLN A 58 5.89 10.28 -1.97
N GLU A 59 5.02 11.08 -1.41
CA GLU A 59 4.77 10.98 0.06
C GLU A 59 4.25 9.59 0.41
N MET A 60 3.69 8.90 -0.55
CA MET A 60 3.16 7.53 -0.29
C MET A 60 4.31 6.52 -0.32
N ILE A 61 5.30 6.75 -1.14
CA ILE A 61 6.44 5.81 -1.22
C ILE A 61 7.51 6.16 -0.18
N ASP A 62 7.59 7.40 0.21
CA ASP A 62 8.61 7.81 1.22
C ASP A 62 8.14 7.45 2.63
N GLU A 63 6.85 7.44 2.86
CA GLU A 63 6.34 7.10 4.22
C GLU A 63 6.89 5.75 4.68
N VAL A 64 7.28 4.92 3.75
CA VAL A 64 7.82 3.58 4.14
C VAL A 64 9.06 3.25 3.31
N ASP A 65 9.96 4.19 3.17
CA ASP A 65 11.19 3.93 2.37
C ASP A 65 12.44 4.20 3.21
N GLU A 66 13.26 3.21 3.41
CA GLU A 66 14.50 3.41 4.22
C GLU A 66 15.74 3.23 3.34
N ASP A 67 15.58 3.32 2.05
CA ASP A 67 16.75 3.16 1.14
C ASP A 67 16.81 4.32 0.15
N GLY A 68 15.68 4.86 -0.23
CA GLY A 68 15.67 5.99 -1.19
C GLY A 68 15.63 5.45 -2.62
N SER A 69 15.15 4.24 -2.79
CA SER A 69 15.08 3.65 -4.16
C SER A 69 14.00 4.35 -4.99
N GLY A 70 13.03 4.93 -4.34
CA GLY A 70 11.95 5.64 -5.10
C GLY A 70 10.87 4.64 -5.51
N THR A 71 11.02 3.40 -5.13
CA THR A 71 10.00 2.38 -5.50
C THR A 71 9.54 1.62 -4.25
N VAL A 72 8.39 1.00 -4.32
CA VAL A 72 7.88 0.25 -3.14
C VAL A 72 7.65 -1.22 -3.50
N ASP A 73 7.87 -2.11 -2.58
CA ASP A 73 7.65 -3.56 -2.88
C ASP A 73 6.82 -4.20 -1.77
N PHE A 74 6.70 -5.50 -1.78
CA PHE A 74 5.89 -6.19 -0.74
C PHE A 74 6.51 -5.92 0.64
N ASP A 75 7.70 -5.39 0.68
CA ASP A 75 8.35 -5.10 1.98
C ASP A 75 7.92 -3.73 2.50
N GLU A 76 8.28 -2.68 1.81
CA GLU A 76 7.89 -1.32 2.26
C GLU A 76 6.36 -1.19 2.27
N PHE A 77 5.70 -1.82 1.35
CA PHE A 77 4.22 -1.73 1.31
C PHE A 77 3.61 -2.31 2.59
N LEU A 78 3.85 -3.55 2.86
CA LEU A 78 3.30 -4.17 4.10
C LEU A 78 3.50 -3.22 5.29
N VAL A 79 4.65 -2.60 5.38
CA VAL A 79 4.91 -1.65 6.50
C VAL A 79 4.03 -0.40 6.33
N MET A 80 3.75 -0.03 5.12
CA MET A 80 2.91 1.18 4.88
C MET A 80 1.46 0.90 5.29
N MET A 81 1.11 -0.35 5.45
CA MET A 81 -0.29 -0.69 5.85
C MET A 81 -0.40 -0.73 7.38
N VAL A 82 0.70 -0.90 8.06
CA VAL A 82 0.66 -0.96 9.55
C VAL A 82 0.61 0.45 10.12
N ARG A 83 1.39 1.36 9.58
CA ARG A 83 1.39 2.75 10.10
C ARG A 83 -0.05 3.26 10.22
N CYS A 84 -0.90 2.87 9.33
CA CYS A 84 -2.32 3.32 9.40
C CYS A 84 -3.10 2.46 10.39
N MET A 85 -2.65 1.26 10.63
CA MET A 85 -3.36 0.37 11.59
C MET A 85 -2.96 0.71 13.01
N LYS A 86 -3.79 0.39 13.97
CA LYS A 86 -3.46 0.70 15.39
C LYS A 86 -4.40 -0.03 16.34
N ASP A 87 -3.90 -0.52 17.44
CA ASP A 87 -4.77 -1.25 18.40
C ASP A 87 -5.44 -2.45 17.72
N ASP A 88 -4.66 -3.39 17.26
CA ASP A 88 -5.26 -4.58 16.59
C ASP A 88 -4.89 -5.85 17.35
N SER A 89 -5.58 -6.12 18.44
CA SER A 89 -5.28 -7.35 19.23
C SER A 89 -6.22 -8.48 18.82
N ARG B 1 -5.57 10.55 2.44
CA ARG B 1 -4.75 9.34 2.77
C ARG B 1 -5.56 8.07 2.52
N ILE B 2 -4.89 6.96 2.36
CA ILE B 2 -5.63 5.68 2.12
C ILE B 2 -5.86 4.95 3.44
N SER B 3 -7.10 4.69 3.79
CA SER B 3 -7.37 3.97 5.06
C SER B 3 -7.33 2.46 4.84
N ALA B 4 -8.45 1.87 4.51
CA ALA B 4 -8.48 0.40 4.29
C ALA B 4 -9.88 -0.05 3.89
N ASP B 5 -10.89 0.57 4.44
CA ASP B 5 -12.29 0.19 4.10
C ASP B 5 -12.66 0.76 2.73
N ALA B 6 -12.33 2.00 2.48
CA ALA B 6 -12.67 2.62 1.17
C ALA B 6 -11.88 1.94 0.05
N MET B 7 -10.65 1.62 0.29
CA MET B 7 -9.82 0.94 -0.75
C MET B 7 -10.46 -0.39 -1.16
N MET B 8 -10.87 -1.17 -0.20
CA MET B 8 -11.49 -2.48 -0.53
C MET B 8 -12.75 -2.26 -1.39
N GLN B 9 -13.44 -1.17 -1.19
CA GLN B 9 -14.67 -0.89 -1.98
C GLN B 9 -14.31 -0.25 -3.32
N ALA B 10 -13.15 0.37 -3.40
CA ALA B 10 -12.76 1.03 -4.68
C ALA B 10 -12.16 0.00 -5.64
N LEU B 11 -11.14 -0.70 -5.21
CA LEU B 11 -10.51 -1.72 -6.11
C LEU B 11 -10.22 -3.01 -5.33
N LEU B 12 -9.64 -3.99 -5.99
CA LEU B 12 -9.30 -5.29 -5.33
C LEU B 12 -10.16 -5.54 -4.10
N GLY B 13 -11.32 -6.10 -4.27
CA GLY B 13 -12.21 -6.37 -3.10
C GLY B 13 -13.65 -6.00 -3.44
N ALA B 14 -14.48 -6.97 -3.72
CA ALA B 14 -15.90 -6.67 -4.05
C ALA B 14 -16.61 -6.04 -2.84
N ARG B 15 -17.18 -6.83 -2.00
CA ARG B 15 -17.88 -6.27 -0.80
C ARG B 15 -17.63 -7.17 0.42
N ALA B 16 -17.89 -6.66 1.60
CA ALA B 16 -17.67 -7.48 2.82
C ALA B 16 -18.55 -6.97 3.96
N LYS B 17 -19.77 -7.41 4.04
CA LYS B 17 -20.67 -6.95 5.12
C LYS B 17 -20.42 -7.77 6.40
CA CA C . 12.10 1.99 -1.25
N MET A 1 11.58 6.39 15.48
CA MET A 1 11.58 4.93 15.17
C MET A 1 10.29 4.28 15.65
N ASP A 2 10.13 4.18 16.95
CA ASP A 2 8.89 3.55 17.50
C ASP A 2 8.80 2.08 17.08
N ASP A 3 8.74 1.19 18.04
CA ASP A 3 8.65 -0.25 17.69
C ASP A 3 7.20 -0.72 17.74
N ILE A 4 6.39 -0.27 16.83
CA ILE A 4 4.96 -0.68 16.82
C ILE A 4 4.60 -1.34 15.48
N TYR A 5 5.53 -1.39 14.58
CA TYR A 5 5.25 -2.02 13.25
C TYR A 5 6.01 -3.34 13.11
N LYS A 6 7.31 -3.30 13.18
CA LYS A 6 8.10 -4.56 13.07
C LYS A 6 7.44 -5.69 13.85
N ALA A 7 6.72 -5.36 14.88
CA ALA A 7 6.04 -6.43 15.68
C ALA A 7 4.83 -6.98 14.93
N ALA A 8 4.00 -6.10 14.42
CA ALA A 8 2.80 -6.58 13.68
C ALA A 8 3.23 -7.36 12.42
N VAL A 9 4.31 -6.98 11.82
CA VAL A 9 4.78 -7.70 10.60
C VAL A 9 5.13 -9.15 10.94
N GLU A 10 5.82 -9.36 12.03
CA GLU A 10 6.19 -10.75 12.41
C GLU A 10 4.95 -11.51 12.89
N GLN A 11 3.85 -10.83 13.08
CA GLN A 11 2.61 -11.50 13.54
C GLN A 11 1.66 -11.72 12.36
N LEU A 12 2.13 -11.50 11.16
CA LEU A 12 1.25 -11.69 9.97
C LEU A 12 0.91 -13.18 9.80
N THR A 13 0.05 -13.50 8.87
CA THR A 13 -0.32 -14.92 8.66
C THR A 13 -0.53 -15.20 7.17
N GLU A 14 -0.60 -16.45 6.80
CA GLU A 14 -0.81 -16.78 5.36
C GLU A 14 -2.10 -16.13 4.84
N GLU A 15 -3.11 -16.07 5.66
CA GLU A 15 -4.39 -15.45 5.22
C GLU A 15 -4.21 -13.93 5.05
N GLN A 16 -3.90 -13.25 6.12
CA GLN A 16 -3.71 -11.77 6.01
C GLN A 16 -2.79 -11.44 4.84
N LYS A 17 -1.65 -12.06 4.77
CA LYS A 17 -0.70 -11.77 3.66
C LYS A 17 -1.45 -11.76 2.32
N ASN A 18 -2.31 -12.71 2.10
CA ASN A 18 -3.06 -12.76 0.82
C ASN A 18 -4.06 -11.61 0.76
N GLU A 19 -4.19 -10.86 1.82
CA GLU A 19 -5.16 -9.73 1.82
C GLU A 19 -4.52 -8.48 1.21
N PHE A 20 -3.43 -8.02 1.75
CA PHE A 20 -2.78 -6.82 1.19
C PHE A 20 -2.23 -7.13 -0.21
N LYS A 21 -1.73 -8.31 -0.41
CA LYS A 21 -1.19 -8.67 -1.77
C LYS A 21 -2.14 -8.16 -2.85
N ALA A 22 -3.42 -8.11 -2.56
CA ALA A 22 -4.39 -7.62 -3.57
C ALA A 22 -4.05 -6.18 -3.97
N ALA A 23 -4.29 -5.24 -3.10
CA ALA A 23 -3.98 -3.82 -3.43
C ALA A 23 -2.55 -3.72 -3.97
N PHE A 24 -1.69 -4.63 -3.58
CA PHE A 24 -0.29 -4.61 -4.07
C PHE A 24 -0.25 -5.01 -5.55
N ASP A 25 -1.01 -6.00 -5.93
CA ASP A 25 -1.02 -6.44 -7.35
C ASP A 25 -1.50 -5.28 -8.24
N ILE A 26 -2.60 -4.67 -7.91
CA ILE A 26 -3.11 -3.55 -8.74
C ILE A 26 -2.14 -2.36 -8.65
N PHE A 27 -1.44 -2.24 -7.56
CA PHE A 27 -0.48 -1.11 -7.40
C PHE A 27 0.64 -1.23 -8.43
N VAL A 28 0.87 -2.40 -8.94
CA VAL A 28 1.96 -2.59 -9.94
C VAL A 28 1.37 -3.05 -11.28
N LEU A 29 0.08 -3.22 -11.35
CA LEU A 29 -0.55 -3.66 -12.63
C LEU A 29 -0.15 -2.71 -13.76
N GLY A 30 0.96 -2.98 -14.40
CA GLY A 30 1.42 -2.09 -15.51
C GLY A 30 2.90 -1.77 -15.33
N ALA A 31 3.46 -2.11 -14.20
CA ALA A 31 4.91 -1.81 -13.97
C ALA A 31 5.77 -2.57 -14.99
N GLU A 32 7.07 -2.50 -14.84
CA GLU A 32 7.96 -3.21 -15.80
C GLU A 32 8.65 -4.39 -15.10
N ASP A 33 8.61 -4.43 -13.80
CA ASP A 33 9.26 -5.54 -13.06
C ASP A 33 8.31 -6.10 -11.99
N GLY A 34 7.98 -5.29 -11.02
CA GLY A 34 7.06 -5.77 -9.94
C GLY A 34 7.11 -4.80 -8.76
N CYS A 35 7.19 -3.53 -9.03
CA CYS A 35 7.25 -2.53 -7.92
C CYS A 35 6.29 -1.37 -8.20
N ILE A 36 6.38 -0.32 -7.43
CA ILE A 36 5.47 0.84 -7.65
C ILE A 36 6.29 2.14 -7.63
N SER A 37 5.74 3.20 -8.17
CA SER A 37 6.48 4.49 -8.20
C SER A 37 5.47 5.63 -8.38
N THR A 38 4.34 5.51 -7.77
CA THR A 38 3.27 6.54 -7.88
C THR A 38 2.59 6.44 -9.26
N LYS A 39 3.36 6.41 -10.32
CA LYS A 39 2.74 6.29 -11.67
C LYS A 39 1.66 5.20 -11.61
N GLU A 40 1.88 4.18 -10.83
CA GLU A 40 0.87 3.10 -10.70
C GLU A 40 -0.09 3.44 -9.55
N LEU A 41 0.37 4.25 -8.63
CA LEU A 41 -0.48 4.63 -7.47
C LEU A 41 -1.55 5.64 -7.89
N GLY A 42 -1.13 6.78 -8.36
CA GLY A 42 -2.12 7.81 -8.78
C GLY A 42 -3.27 7.15 -9.53
N LYS A 43 -2.99 6.09 -10.25
CA LYS A 43 -4.07 5.40 -11.00
C LYS A 43 -5.08 4.82 -10.01
N VAL A 44 -4.61 4.34 -8.89
CA VAL A 44 -5.54 3.77 -7.87
C VAL A 44 -6.06 4.88 -6.95
N MET A 45 -5.33 5.96 -6.82
CA MET A 45 -5.80 7.07 -5.95
C MET A 45 -7.16 7.59 -6.43
N ARG A 46 -7.34 7.68 -7.73
CA ARG A 46 -8.63 8.17 -8.26
C ARG A 46 -9.75 7.15 -7.96
N MET A 47 -9.40 5.90 -7.84
CA MET A 47 -10.43 4.86 -7.54
C MET A 47 -10.89 4.99 -6.08
N LEU A 48 -10.00 5.39 -5.20
CA LEU A 48 -10.40 5.54 -3.77
C LEU A 48 -11.31 6.75 -3.60
N GLY A 49 -11.13 7.76 -4.41
CA GLY A 49 -12.00 8.97 -4.30
C GLY A 49 -11.12 10.22 -4.19
N GLN A 50 -9.84 10.08 -4.34
CA GLN A 50 -8.93 11.27 -4.24
C GLN A 50 -7.97 11.30 -5.43
N ASN A 51 -6.92 12.08 -5.33
CA ASN A 51 -5.95 12.15 -6.47
C ASN A 51 -4.74 13.00 -6.09
N PRO A 52 -3.75 12.35 -5.54
CA PRO A 52 -2.51 13.06 -5.14
C PRO A 52 -1.66 13.41 -6.36
N THR A 53 -1.31 14.65 -6.52
CA THR A 53 -0.47 15.05 -7.69
C THR A 53 0.79 14.18 -7.76
N PRO A 54 1.55 14.39 -8.81
CA PRO A 54 2.81 13.63 -8.99
C PRO A 54 3.88 14.08 -8.00
N GLU A 55 3.80 15.32 -7.56
CA GLU A 55 4.82 15.82 -6.60
C GLU A 55 4.47 15.35 -5.17
N GLU A 56 3.22 15.41 -4.81
CA GLU A 56 2.83 14.95 -3.45
C GLU A 56 2.71 13.43 -3.40
N LEU A 57 2.70 12.80 -4.55
CA LEU A 57 2.59 11.31 -4.58
C LEU A 57 3.80 10.69 -3.89
N GLN A 58 4.98 10.91 -4.41
CA GLN A 58 6.20 10.32 -3.77
C GLN A 58 6.11 10.41 -2.25
N GLU A 59 5.62 11.50 -1.73
CA GLU A 59 5.51 11.64 -0.25
C GLU A 59 4.83 10.40 0.34
N MET A 60 3.99 9.74 -0.42
CA MET A 60 3.30 8.53 0.10
C MET A 60 4.31 7.37 0.18
N ILE A 61 5.25 7.34 -0.73
CA ILE A 61 6.25 6.23 -0.71
C ILE A 61 7.35 6.54 0.32
N ASP A 62 7.94 7.70 0.24
CA ASP A 62 9.02 8.06 1.21
C ASP A 62 8.60 7.66 2.63
N GLU A 63 7.32 7.60 2.88
CA GLU A 63 6.85 7.21 4.24
C GLU A 63 7.26 5.78 4.56
N VAL A 64 7.25 4.91 3.58
CA VAL A 64 7.64 3.50 3.83
C VAL A 64 8.92 3.16 3.06
N ASP A 65 9.57 4.14 2.51
CA ASP A 65 10.83 3.87 1.75
C ASP A 65 12.03 3.82 2.71
N GLU A 66 12.30 2.69 3.27
CA GLU A 66 13.45 2.58 4.22
C GLU A 66 14.73 2.21 3.47
N ASP A 67 14.85 2.66 2.24
CA ASP A 67 16.08 2.34 1.45
C ASP A 67 16.45 3.52 0.56
N GLY A 68 15.83 4.65 0.76
CA GLY A 68 16.15 5.84 -0.08
C GLY A 68 16.20 5.42 -1.56
N SER A 69 15.35 4.50 -1.95
CA SER A 69 15.36 4.06 -3.37
C SER A 69 14.38 4.90 -4.19
N GLY A 70 13.32 5.34 -3.59
CA GLY A 70 12.32 6.15 -4.34
C GLY A 70 11.23 5.24 -4.91
N THR A 71 11.29 3.98 -4.61
CA THR A 71 10.25 3.04 -5.14
C THR A 71 9.70 2.16 -4.01
N VAL A 72 8.62 1.48 -4.26
CA VAL A 72 8.03 0.61 -3.20
C VAL A 72 8.08 -0.86 -3.63
N ASP A 73 8.36 -1.74 -2.71
CA ASP A 73 8.43 -3.19 -3.08
C ASP A 73 7.37 -3.99 -2.32
N PHE A 74 7.21 -5.24 -2.64
CA PHE A 74 6.20 -6.07 -1.93
C PHE A 74 6.54 -6.17 -0.45
N ASP A 75 7.74 -5.80 -0.08
CA ASP A 75 8.14 -5.87 1.35
C ASP A 75 7.73 -4.59 2.07
N GLU A 76 8.08 -3.45 1.53
CA GLU A 76 7.71 -2.16 2.19
C GLU A 76 6.20 -1.98 2.16
N PHE A 77 5.56 -2.33 1.07
CA PHE A 77 4.08 -2.17 0.98
C PHE A 77 3.42 -2.70 2.26
N LEU A 78 3.97 -3.73 2.83
CA LEU A 78 3.37 -4.30 4.08
C LEU A 78 3.39 -3.26 5.20
N VAL A 79 4.49 -2.55 5.34
CA VAL A 79 4.58 -1.53 6.42
C VAL A 79 3.60 -0.38 6.14
N MET A 80 3.37 -0.09 4.89
CA MET A 80 2.44 1.02 4.55
C MET A 80 1.00 0.64 4.94
N MET A 81 0.75 -0.62 5.18
CA MET A 81 -0.62 -1.05 5.56
C MET A 81 -0.74 -1.10 7.08
N VAL A 82 0.28 -1.57 7.76
CA VAL A 82 0.20 -1.64 9.25
C VAL A 82 -0.13 -0.27 9.82
N ARG A 83 0.26 0.77 9.14
CA ARG A 83 -0.04 2.14 9.65
C ARG A 83 -1.51 2.50 9.42
N CYS A 84 -2.27 1.58 8.88
CA CYS A 84 -3.71 1.86 8.64
C CYS A 84 -4.52 0.57 8.71
N MET A 85 -4.13 -0.34 9.56
CA MET A 85 -4.87 -1.63 9.68
C MET A 85 -6.07 -1.46 10.62
N LYS A 86 -5.83 -1.15 11.86
CA LYS A 86 -6.96 -0.98 12.81
C LYS A 86 -6.99 0.46 13.34
N ASP A 87 -7.34 0.63 14.59
CA ASP A 87 -7.39 2.00 15.15
C ASP A 87 -8.16 2.94 14.22
N ASP A 88 -9.45 3.06 14.40
CA ASP A 88 -10.25 3.96 13.51
C ASP A 88 -10.18 5.40 14.01
N SER A 89 -10.16 6.35 13.12
CA SER A 89 -10.09 7.77 13.55
C SER A 89 -11.14 8.61 12.80
N ARG B 1 -1.22 7.07 5.31
CA ARG B 1 -2.25 8.00 4.77
C ARG B 1 -3.42 7.21 4.17
N ILE B 2 -3.23 6.66 3.00
CA ILE B 2 -4.35 5.88 2.37
C ILE B 2 -5.01 4.99 3.41
N SER B 3 -6.30 4.78 3.30
CA SER B 3 -7.01 3.91 4.27
C SER B 3 -6.68 2.45 4.01
N ALA B 4 -7.52 1.54 4.45
CA ALA B 4 -7.24 0.10 4.22
C ALA B 4 -8.52 -0.60 3.73
N ASP B 5 -9.63 -0.37 4.38
CA ASP B 5 -10.90 -1.03 3.95
C ASP B 5 -11.56 -0.22 2.83
N ALA B 6 -11.59 1.08 2.97
CA ALA B 6 -12.23 1.92 1.92
C ALA B 6 -11.63 1.61 0.54
N MET B 7 -10.46 1.04 0.51
CA MET B 7 -9.83 0.71 -0.81
C MET B 7 -10.33 -0.64 -1.33
N MET B 8 -10.99 -1.39 -0.48
CA MET B 8 -11.51 -2.71 -0.92
C MET B 8 -12.64 -2.54 -1.94
N GLN B 9 -13.61 -1.73 -1.62
CA GLN B 9 -14.74 -1.52 -2.56
C GLN B 9 -14.36 -0.45 -3.60
N ALA B 10 -13.24 0.20 -3.42
CA ALA B 10 -12.83 1.25 -4.39
C ALA B 10 -12.28 0.60 -5.67
N LEU B 11 -11.32 -0.26 -5.53
CA LEU B 11 -10.73 -0.91 -6.76
C LEU B 11 -10.25 -2.33 -6.42
N LEU B 12 -10.64 -2.86 -5.29
CA LEU B 12 -10.19 -4.23 -4.94
C LEU B 12 -11.40 -5.16 -4.79
N GLY B 13 -11.91 -5.66 -5.89
CA GLY B 13 -13.09 -6.57 -5.82
C GLY B 13 -12.64 -8.01 -6.08
N ALA B 14 -13.03 -8.57 -7.18
CA ALA B 14 -12.62 -9.97 -7.50
C ALA B 14 -13.02 -10.33 -8.93
N ARG B 15 -14.14 -10.99 -9.11
CA ARG B 15 -14.57 -11.36 -10.49
C ARG B 15 -16.04 -11.80 -10.46
N ALA B 16 -16.84 -11.18 -9.65
CA ALA B 16 -18.29 -11.57 -9.59
C ALA B 16 -18.42 -13.05 -9.27
N LYS B 17 -17.41 -13.65 -8.70
CA LYS B 17 -17.48 -15.10 -8.37
C LYS B 17 -18.82 -15.43 -7.69
CA CA C . 12.25 1.71 -1.07
N MET A 1 16.20 3.00 17.68
CA MET A 1 15.29 1.84 17.85
C MET A 1 14.19 1.87 16.79
N ASP A 2 14.28 1.02 15.80
CA ASP A 2 13.25 1.00 14.73
C ASP A 2 12.55 -0.37 14.69
N ASP A 3 12.17 -0.88 15.82
CA ASP A 3 11.49 -2.21 15.86
C ASP A 3 10.06 -2.06 16.36
N ILE A 4 9.27 -1.24 15.73
CA ILE A 4 7.86 -1.05 16.18
C ILE A 4 6.90 -1.49 15.06
N TYR A 5 7.36 -1.50 13.85
CA TYR A 5 6.49 -1.94 12.72
C TYR A 5 6.89 -3.33 12.24
N LYS A 6 8.13 -3.51 11.88
CA LYS A 6 8.59 -4.84 11.40
C LYS A 6 8.03 -5.95 12.31
N ALA A 7 7.86 -5.67 13.57
CA ALA A 7 7.32 -6.70 14.50
C ALA A 7 5.87 -7.03 14.15
N ALA A 8 5.12 -6.04 13.71
CA ALA A 8 3.70 -6.30 13.34
C ALA A 8 3.63 -7.18 12.09
N VAL A 9 4.41 -6.87 11.10
CA VAL A 9 4.39 -7.69 9.85
C VAL A 9 4.45 -9.18 10.21
N GLU A 10 5.44 -9.58 10.96
CA GLU A 10 5.54 -11.01 11.35
C GLU A 10 4.33 -11.43 12.18
N GLN A 11 3.57 -10.47 12.65
CA GLN A 11 2.37 -10.81 13.47
C GLN A 11 1.12 -10.88 12.59
N LEU A 12 1.30 -10.86 11.28
CA LEU A 12 0.13 -10.93 10.37
C LEU A 12 -0.36 -12.38 10.23
N THR A 13 -1.03 -12.67 9.15
CA THR A 13 -1.53 -14.07 8.94
C THR A 13 -1.75 -14.31 7.45
N GLU A 14 -1.64 -15.53 7.02
CA GLU A 14 -1.85 -15.83 5.57
C GLU A 14 -3.06 -15.06 5.04
N GLU A 15 -4.23 -15.39 5.51
CA GLU A 15 -5.45 -14.68 5.03
C GLU A 15 -5.21 -13.16 5.01
N GLN A 16 -4.56 -12.63 6.01
CA GLN A 16 -4.28 -11.17 6.03
C GLN A 16 -3.21 -10.81 5.01
N LYS A 17 -2.12 -11.51 5.00
CA LYS A 17 -1.03 -11.22 4.02
C LYS A 17 -1.56 -11.40 2.59
N ASN A 18 -2.45 -12.32 2.39
CA ASN A 18 -3.00 -12.55 1.03
C ASN A 18 -3.86 -11.35 0.61
N GLU A 19 -4.65 -10.82 1.50
CA GLU A 19 -5.50 -9.65 1.15
C GLU A 19 -4.62 -8.48 0.71
N PHE A 20 -3.62 -8.15 1.50
CA PHE A 20 -2.72 -7.02 1.13
C PHE A 20 -2.03 -7.31 -0.21
N LYS A 21 -1.45 -8.48 -0.35
CA LYS A 21 -0.78 -8.82 -1.64
C LYS A 21 -1.66 -8.45 -2.82
N ALA A 22 -2.95 -8.65 -2.70
CA ALA A 22 -3.87 -8.30 -3.83
C ALA A 22 -3.58 -6.88 -4.32
N ALA A 23 -3.77 -5.90 -3.47
CA ALA A 23 -3.52 -4.50 -3.90
C ALA A 23 -2.05 -4.35 -4.34
N PHE A 24 -1.15 -4.98 -3.63
CA PHE A 24 0.29 -4.89 -4.02
C PHE A 24 0.44 -5.24 -5.50
N ASP A 25 -0.33 -6.20 -5.96
CA ASP A 25 -0.24 -6.60 -7.39
C ASP A 25 -0.77 -5.46 -8.27
N ILE A 26 -1.95 -4.99 -7.99
CA ILE A 26 -2.52 -3.87 -8.80
C ILE A 26 -1.64 -2.63 -8.66
N PHE A 27 -0.98 -2.48 -7.54
CA PHE A 27 -0.11 -1.29 -7.33
C PHE A 27 1.00 -1.26 -8.39
N VAL A 28 1.38 -2.39 -8.89
CA VAL A 28 2.47 -2.42 -9.93
C VAL A 28 1.94 -2.98 -11.24
N LEU A 29 0.66 -3.22 -11.33
CA LEU A 29 0.09 -3.77 -12.59
C LEU A 29 0.54 -2.93 -13.79
N GLY A 30 1.56 -3.37 -14.47
CA GLY A 30 2.07 -2.60 -15.64
C GLY A 30 3.56 -2.30 -15.45
N ALA A 31 4.06 -2.50 -14.27
CA ALA A 31 5.51 -2.22 -14.02
C ALA A 31 6.38 -3.29 -14.69
N GLU A 32 7.65 -3.04 -14.81
CA GLU A 32 8.54 -4.05 -15.45
C GLU A 32 9.38 -4.78 -14.39
N ASP A 33 10.06 -4.05 -13.55
CA ASP A 33 10.90 -4.70 -12.50
C ASP A 33 10.01 -5.14 -11.33
N GLY A 34 8.72 -4.92 -11.44
CA GLY A 34 7.81 -5.32 -10.32
C GLY A 34 8.00 -4.37 -9.14
N CYS A 35 7.88 -3.09 -9.37
CA CYS A 35 8.04 -2.12 -8.25
C CYS A 35 7.03 -0.97 -8.40
N ILE A 36 6.85 -0.20 -7.37
CA ILE A 36 5.88 0.94 -7.46
C ILE A 36 6.62 2.28 -7.54
N SER A 37 6.17 3.15 -8.40
CA SER A 37 6.84 4.48 -8.52
C SER A 37 5.79 5.59 -8.49
N THR A 38 4.71 5.34 -7.80
CA THR A 38 3.60 6.34 -7.70
C THR A 38 2.79 6.36 -9.01
N LYS A 39 3.45 6.39 -10.14
CA LYS A 39 2.71 6.39 -11.43
C LYS A 39 1.57 5.38 -11.36
N GLU A 40 1.81 4.24 -10.75
CA GLU A 40 0.75 3.22 -10.62
C GLU A 40 -0.10 3.54 -9.39
N LEU A 41 0.48 4.24 -8.46
CA LEU A 41 -0.26 4.60 -7.21
C LEU A 41 -1.45 5.51 -7.53
N GLY A 42 -1.18 6.75 -7.87
CA GLY A 42 -2.28 7.70 -8.18
C GLY A 42 -3.35 7.00 -9.02
N LYS A 43 -2.95 6.13 -9.90
CA LYS A 43 -3.95 5.42 -10.74
C LYS A 43 -4.96 4.70 -9.85
N VAL A 44 -4.53 4.20 -8.73
CA VAL A 44 -5.47 3.48 -7.81
C VAL A 44 -6.19 4.48 -6.90
N MET A 45 -5.64 5.65 -6.73
CA MET A 45 -6.30 6.67 -5.86
C MET A 45 -7.65 7.07 -6.44
N ARG A 46 -7.68 7.51 -7.66
CA ARG A 46 -8.97 7.90 -8.29
C ARG A 46 -9.98 6.75 -8.16
N MET A 47 -9.49 5.56 -7.97
CA MET A 47 -10.40 4.39 -7.84
C MET A 47 -10.86 4.23 -6.37
N LEU A 48 -10.01 4.55 -5.45
CA LEU A 48 -10.40 4.43 -4.01
C LEU A 48 -11.36 5.55 -3.62
N GLY A 49 -10.96 6.77 -3.79
CA GLY A 49 -11.87 7.90 -3.44
C GLY A 49 -11.04 9.16 -3.13
N GLN A 50 -9.96 9.35 -3.83
CA GLN A 50 -9.11 10.55 -3.57
C GLN A 50 -8.37 10.96 -4.84
N ASN A 51 -7.36 11.77 -4.71
CA ASN A 51 -6.59 12.20 -5.92
C ASN A 51 -5.39 13.03 -5.48
N PRO A 52 -4.39 12.35 -4.97
CA PRO A 52 -3.16 13.03 -4.50
C PRO A 52 -2.34 13.52 -5.70
N THR A 53 -1.77 14.69 -5.59
CA THR A 53 -0.95 15.23 -6.72
C THR A 53 0.29 14.37 -6.94
N PRO A 54 0.95 14.62 -8.03
CA PRO A 54 2.19 13.87 -8.37
C PRO A 54 3.32 14.24 -7.41
N GLU A 55 3.40 15.49 -7.02
CA GLU A 55 4.49 15.90 -6.09
C GLU A 55 4.25 15.28 -4.71
N GLU A 56 3.02 15.22 -4.27
CA GLU A 56 2.73 14.61 -2.94
C GLU A 56 2.72 13.09 -3.05
N LEU A 57 2.49 12.58 -4.23
CA LEU A 57 2.47 11.10 -4.42
C LEU A 57 3.67 10.47 -3.72
N GLN A 58 4.86 10.81 -4.13
CA GLN A 58 6.07 10.24 -3.49
C GLN A 58 5.92 10.24 -1.97
N GLU A 59 5.30 11.26 -1.43
CA GLU A 59 5.12 11.32 0.05
C GLU A 59 4.57 9.98 0.55
N MET A 60 3.77 9.32 -0.25
CA MET A 60 3.21 8.01 0.17
C MET A 60 4.26 6.91 0.02
N ILE A 61 5.41 7.25 -0.47
CA ILE A 61 6.48 6.23 -0.64
C ILE A 61 7.56 6.40 0.44
N ASP A 62 8.14 7.57 0.53
CA ASP A 62 9.19 7.80 1.56
C ASP A 62 8.67 7.45 2.95
N GLU A 63 7.41 7.66 3.19
CA GLU A 63 6.84 7.35 4.54
C GLU A 63 7.13 5.89 4.92
N VAL A 64 6.87 4.98 4.03
CA VAL A 64 7.13 3.53 4.33
C VAL A 64 8.36 3.04 3.56
N ASP A 65 9.39 3.82 3.49
CA ASP A 65 10.62 3.40 2.76
C ASP A 65 11.80 3.31 3.72
N GLU A 66 12.72 2.41 3.48
CA GLU A 66 13.91 2.29 4.38
C GLU A 66 15.20 2.41 3.59
N ASP A 67 15.14 2.95 2.39
CA ASP A 67 16.37 3.10 1.58
C ASP A 67 16.31 4.37 0.74
N GLY A 68 15.15 4.69 0.21
CA GLY A 68 15.03 5.92 -0.63
C GLY A 68 15.25 5.57 -2.10
N SER A 69 14.96 4.36 -2.48
CA SER A 69 15.16 3.96 -3.90
C SER A 69 14.15 4.67 -4.80
N GLY A 70 13.23 5.40 -4.22
CA GLY A 70 12.21 6.11 -5.03
C GLY A 70 11.10 5.13 -5.45
N THR A 71 11.14 3.94 -4.93
CA THR A 71 10.09 2.94 -5.29
C THR A 71 9.70 2.11 -4.07
N VAL A 72 8.74 1.24 -4.21
CA VAL A 72 8.32 0.40 -3.05
C VAL A 72 8.27 -1.07 -3.45
N ASP A 73 8.20 -1.97 -2.50
CA ASP A 73 8.15 -3.42 -2.84
C ASP A 73 7.28 -4.17 -1.83
N PHE A 74 7.11 -5.45 -2.03
CA PHE A 74 6.27 -6.24 -1.08
C PHE A 74 6.80 -6.08 0.35
N ASP A 75 8.01 -5.62 0.49
CA ASP A 75 8.58 -5.45 1.87
C ASP A 75 8.18 -4.08 2.43
N GLU A 76 8.42 -3.03 1.71
CA GLU A 76 8.05 -1.67 2.21
C GLU A 76 6.53 -1.47 2.07
N PHE A 77 5.91 -2.11 1.12
CA PHE A 77 4.44 -1.95 0.95
C PHE A 77 3.69 -2.53 2.15
N LEU A 78 4.16 -3.65 2.66
CA LEU A 78 3.48 -4.26 3.83
C LEU A 78 3.48 -3.29 5.02
N VAL A 79 4.33 -2.30 4.97
CA VAL A 79 4.38 -1.32 6.09
C VAL A 79 3.24 -0.30 5.97
N MET A 80 3.01 0.19 4.78
CA MET A 80 1.91 1.18 4.59
C MET A 80 0.60 0.63 5.16
N MET A 81 0.48 -0.67 5.23
CA MET A 81 -0.77 -1.27 5.77
C MET A 81 -0.77 -1.24 7.30
N VAL A 82 0.37 -1.42 7.91
CA VAL A 82 0.44 -1.40 9.40
C VAL A 82 0.12 0.01 9.92
N ARG A 83 0.47 1.02 9.18
CA ARG A 83 0.20 2.41 9.63
C ARG A 83 -1.30 2.63 9.83
N CYS A 84 -2.12 1.79 9.24
CA CYS A 84 -3.59 1.96 9.39
C CYS A 84 -4.21 0.69 9.97
N MET A 85 -3.61 0.13 10.99
CA MET A 85 -4.17 -1.12 11.60
C MET A 85 -5.05 -0.75 12.80
N LYS A 86 -5.01 0.48 13.23
CA LYS A 86 -5.85 0.89 14.39
C LYS A 86 -5.76 -0.18 15.49
N ASP A 87 -4.61 -0.78 15.66
CA ASP A 87 -4.47 -1.82 16.71
C ASP A 87 -4.60 -1.18 18.10
N ASP A 88 -3.82 -0.18 18.37
CA ASP A 88 -3.91 0.50 19.70
C ASP A 88 -5.20 1.30 19.81
N SER A 89 -6.32 0.64 19.75
CA SER A 89 -7.62 1.37 19.84
C SER A 89 -8.48 0.78 20.97
N ARG B 1 -2.15 8.32 3.89
CA ARG B 1 -3.56 8.28 4.36
C ARG B 1 -4.38 7.32 3.48
N ILE B 2 -4.29 6.05 3.75
CA ILE B 2 -5.07 5.06 2.94
C ILE B 2 -5.93 4.18 3.85
N SER B 3 -7.19 4.07 3.56
CA SER B 3 -8.07 3.22 4.41
C SER B 3 -7.69 1.74 4.27
N ALA B 4 -8.61 0.85 4.54
CA ALA B 4 -8.31 -0.59 4.41
C ALA B 4 -9.48 -1.34 3.79
N ASP B 5 -10.66 -1.18 4.33
CA ASP B 5 -11.85 -1.88 3.77
C ASP B 5 -12.26 -1.24 2.45
N ALA B 6 -12.11 0.04 2.32
CA ALA B 6 -12.50 0.73 1.05
C ALA B 6 -11.51 0.38 -0.06
N MET B 7 -10.25 0.28 0.27
CA MET B 7 -9.23 -0.06 -0.77
C MET B 7 -9.70 -1.27 -1.59
N MET B 8 -10.15 -2.30 -0.93
CA MET B 8 -10.61 -3.51 -1.66
C MET B 8 -12.00 -3.28 -2.26
N GLN B 9 -12.76 -2.38 -1.69
CA GLN B 9 -14.13 -2.11 -2.22
C GLN B 9 -14.06 -1.27 -3.49
N ALA B 10 -13.05 -0.43 -3.61
CA ALA B 10 -12.94 0.43 -4.82
C ALA B 10 -12.45 -0.39 -6.02
N LEU B 11 -11.32 -1.05 -5.88
CA LEU B 11 -10.80 -1.87 -7.01
C LEU B 11 -10.37 -3.25 -6.52
N LEU B 12 -9.35 -3.81 -7.09
CA LEU B 12 -8.89 -5.16 -6.66
C LEU B 12 -10.00 -6.19 -6.89
N GLY B 13 -10.83 -5.97 -7.86
CA GLY B 13 -11.93 -6.95 -8.13
C GLY B 13 -12.97 -6.88 -7.01
N ALA B 14 -14.20 -6.60 -7.33
CA ALA B 14 -15.25 -6.53 -6.28
C ALA B 14 -16.64 -6.62 -6.91
N ARG B 15 -16.96 -5.72 -7.80
CA ARG B 15 -18.30 -5.76 -8.46
C ARG B 15 -19.38 -6.04 -7.42
N ALA B 16 -19.32 -5.40 -6.29
CA ALA B 16 -20.34 -5.61 -5.23
C ALA B 16 -21.34 -4.45 -5.21
N LYS B 17 -22.36 -4.55 -4.41
CA LYS B 17 -23.36 -3.46 -4.34
C LYS B 17 -23.04 -2.51 -3.18
CA CA C . 12.29 1.49 -1.28
N MET A 1 12.15 5.99 16.44
CA MET A 1 12.64 4.73 15.79
C MET A 1 11.45 3.94 15.23
N ASP A 2 11.70 3.08 14.28
CA ASP A 2 10.58 2.28 13.69
C ASP A 2 10.81 0.79 13.96
N ASP A 3 10.74 0.38 15.20
CA ASP A 3 10.94 -1.05 15.52
C ASP A 3 9.66 -1.66 16.09
N ILE A 4 8.62 -0.88 16.19
CA ILE A 4 7.34 -1.41 16.74
C ILE A 4 6.47 -2.00 15.61
N TYR A 5 6.89 -1.81 14.38
CA TYR A 5 6.08 -2.35 13.24
C TYR A 5 6.74 -3.64 12.72
N LYS A 6 8.03 -3.63 12.52
CA LYS A 6 8.71 -4.85 12.01
C LYS A 6 8.15 -6.09 12.71
N ALA A 7 7.67 -5.94 13.91
CA ALA A 7 7.11 -7.11 14.66
C ALA A 7 5.69 -7.39 14.19
N ALA A 8 4.96 -6.38 13.79
CA ALA A 8 3.56 -6.60 13.33
C ALA A 8 3.56 -7.25 11.95
N VAL A 9 4.53 -6.94 11.13
CA VAL A 9 4.58 -7.56 9.77
C VAL A 9 4.75 -9.07 9.88
N GLU A 10 5.74 -9.51 10.59
CA GLU A 10 5.96 -10.98 10.73
C GLU A 10 4.70 -11.65 11.28
N GLN A 11 3.83 -10.89 11.87
CA GLN A 11 2.58 -11.48 12.44
C GLN A 11 1.44 -11.37 11.42
N LEU A 12 1.71 -11.67 10.18
CA LEU A 12 0.64 -11.58 9.13
C LEU A 12 0.26 -12.99 8.65
N THR A 13 -0.68 -13.61 9.28
CA THR A 13 -1.10 -14.98 8.84
C THR A 13 -1.33 -15.00 7.33
N GLU A 14 -0.97 -16.07 6.68
CA GLU A 14 -1.16 -16.13 5.20
C GLU A 14 -2.55 -15.58 4.82
N GLU A 15 -3.54 -15.88 5.60
CA GLU A 15 -4.91 -15.37 5.28
C GLU A 15 -4.89 -13.83 5.19
N GLN A 16 -4.28 -13.19 6.15
CA GLN A 16 -4.21 -11.70 6.12
C GLN A 16 -3.16 -11.25 5.11
N LYS A 17 -2.16 -12.05 4.88
CA LYS A 17 -1.10 -11.67 3.90
C LYS A 17 -1.64 -11.78 2.47
N ASN A 18 -2.64 -12.60 2.26
CA ASN A 18 -3.19 -12.74 0.88
C ASN A 18 -4.04 -11.53 0.52
N GLU A 19 -4.55 -10.83 1.49
CA GLU A 19 -5.38 -9.62 1.20
C GLU A 19 -4.48 -8.45 0.80
N PHE A 20 -3.55 -8.09 1.63
CA PHE A 20 -2.64 -6.95 1.30
C PHE A 20 -2.08 -7.14 -0.12
N LYS A 21 -1.61 -8.31 -0.43
CA LYS A 21 -1.04 -8.54 -1.79
C LYS A 21 -2.03 -8.04 -2.86
N ALA A 22 -3.30 -8.10 -2.57
CA ALA A 22 -4.31 -7.62 -3.56
C ALA A 22 -4.06 -6.15 -3.89
N ALA A 23 -4.16 -5.28 -2.93
CA ALA A 23 -3.93 -3.83 -3.21
C ALA A 23 -2.54 -3.65 -3.85
N PHE A 24 -1.57 -4.41 -3.41
CA PHE A 24 -0.20 -4.27 -3.98
C PHE A 24 -0.24 -4.54 -5.50
N ASP A 25 -1.02 -5.50 -5.91
CA ASP A 25 -1.08 -5.82 -7.37
C ASP A 25 -1.64 -4.63 -8.16
N ILE A 26 -2.80 -4.15 -7.79
CA ILE A 26 -3.38 -2.99 -8.52
C ILE A 26 -2.41 -1.81 -8.48
N PHE A 27 -1.58 -1.75 -7.48
CA PHE A 27 -0.61 -0.63 -7.39
C PHE A 27 0.44 -0.73 -8.50
N VAL A 28 1.14 -1.83 -8.57
CA VAL A 28 2.18 -1.99 -9.63
C VAL A 28 1.54 -2.54 -10.91
N LEU A 29 0.51 -3.32 -10.78
CA LEU A 29 -0.14 -3.89 -12.01
C LEU A 29 0.91 -4.59 -12.86
N GLY A 30 0.84 -4.46 -14.16
CA GLY A 30 1.85 -5.12 -15.02
C GLY A 30 3.14 -4.31 -15.01
N ALA A 31 3.64 -3.96 -13.85
CA ALA A 31 4.89 -3.16 -13.77
C ALA A 31 6.04 -3.90 -14.46
N GLU A 32 7.24 -3.39 -14.35
CA GLU A 32 8.41 -4.07 -14.99
C GLU A 32 9.30 -4.70 -13.93
N ASP A 33 9.42 -4.09 -12.79
CA ASP A 33 10.29 -4.66 -11.72
C ASP A 33 9.43 -5.12 -10.53
N GLY A 34 8.19 -4.72 -10.49
CA GLY A 34 7.31 -5.13 -9.37
C GLY A 34 7.40 -4.10 -8.24
N CYS A 35 7.48 -2.85 -8.58
CA CYS A 35 7.57 -1.79 -7.52
C CYS A 35 6.56 -0.68 -7.80
N ILE A 36 6.56 0.35 -7.00
CA ILE A 36 5.60 1.47 -7.22
C ILE A 36 6.36 2.79 -7.37
N SER A 37 5.77 3.75 -8.03
CA SER A 37 6.45 5.06 -8.22
C SER A 37 5.41 6.15 -8.50
N THR A 38 4.35 6.13 -7.76
CA THR A 38 3.24 7.13 -7.95
C THR A 38 2.49 6.80 -9.24
N LYS A 39 3.14 6.90 -10.37
CA LYS A 39 2.45 6.58 -11.65
C LYS A 39 1.72 5.25 -11.48
N GLU A 40 2.28 4.35 -10.72
CA GLU A 40 1.63 3.03 -10.49
C GLU A 40 0.69 3.14 -9.29
N LEU A 41 1.04 3.97 -8.34
CA LEU A 41 0.18 4.12 -7.12
C LEU A 41 -1.04 5.00 -7.44
N GLY A 42 -0.83 6.15 -8.00
CA GLY A 42 -1.97 7.05 -8.33
C GLY A 42 -3.07 6.25 -9.05
N LYS A 43 -2.68 5.29 -9.85
CA LYS A 43 -3.70 4.48 -10.58
C LYS A 43 -4.84 4.07 -9.64
N VAL A 44 -4.52 3.72 -8.42
CA VAL A 44 -5.59 3.32 -7.46
C VAL A 44 -6.29 4.55 -6.90
N MET A 45 -5.58 5.63 -6.73
CA MET A 45 -6.22 6.86 -6.18
C MET A 45 -7.51 7.17 -6.94
N ARG A 46 -7.44 7.23 -8.25
CA ARG A 46 -8.66 7.54 -9.04
C ARG A 46 -9.75 6.51 -8.72
N MET A 47 -9.37 5.29 -8.48
CA MET A 47 -10.37 4.23 -8.15
C MET A 47 -10.92 4.46 -6.74
N LEU A 48 -10.08 4.90 -5.83
CA LEU A 48 -10.56 5.14 -4.44
C LEU A 48 -11.51 6.34 -4.41
N GLY A 49 -11.31 7.30 -5.29
CA GLY A 49 -12.19 8.49 -5.31
C GLY A 49 -11.36 9.77 -5.22
N GLN A 50 -10.09 9.70 -5.52
CA GLN A 50 -9.23 10.91 -5.45
C GLN A 50 -8.22 10.92 -6.60
N ASN A 51 -7.21 11.73 -6.52
CA ASN A 51 -6.19 11.77 -7.61
C ASN A 51 -5.04 12.71 -7.23
N PRO A 52 -4.15 12.20 -6.43
CA PRO A 52 -2.97 13.00 -5.98
C PRO A 52 -1.96 13.15 -7.12
N THR A 53 -1.35 14.29 -7.25
CA THR A 53 -0.34 14.50 -8.33
C THR A 53 0.88 13.61 -8.09
N PRO A 54 1.67 13.46 -9.12
CA PRO A 54 2.89 12.62 -9.03
C PRO A 54 3.93 13.31 -8.15
N GLU A 55 3.79 14.58 -7.92
CA GLU A 55 4.78 15.29 -7.06
C GLU A 55 4.45 15.06 -5.58
N GLU A 56 3.18 14.96 -5.26
CA GLU A 56 2.79 14.73 -3.84
C GLU A 56 2.68 13.23 -3.56
N LEU A 57 2.58 12.44 -4.59
CA LEU A 57 2.46 10.97 -4.38
C LEU A 57 3.71 10.43 -3.67
N GLN A 58 4.86 10.93 -4.01
CA GLN A 58 6.11 10.45 -3.35
C GLN A 58 5.89 10.33 -1.85
N GLU A 59 5.12 11.21 -1.27
CA GLU A 59 4.88 11.13 0.20
C GLU A 59 4.58 9.69 0.61
N MET A 60 3.61 9.08 0.00
CA MET A 60 3.28 7.67 0.36
C MET A 60 4.50 6.77 0.14
N ILE A 61 5.34 7.12 -0.80
CA ILE A 61 6.55 6.30 -1.07
C ILE A 61 7.63 6.59 -0.03
N ASP A 62 7.93 7.84 0.20
CA ASP A 62 8.99 8.18 1.19
C ASP A 62 8.53 7.81 2.61
N GLU A 63 7.27 7.53 2.78
CA GLU A 63 6.77 7.17 4.13
C GLU A 63 7.32 5.80 4.55
N VAL A 64 7.57 4.94 3.60
CA VAL A 64 8.11 3.60 3.95
C VAL A 64 9.34 3.29 3.07
N ASP A 65 9.88 4.28 2.42
CA ASP A 65 11.07 4.04 1.55
C ASP A 65 12.34 4.44 2.30
N GLU A 66 12.94 3.53 3.02
CA GLU A 66 14.18 3.86 3.77
C GLU A 66 15.41 3.30 3.03
N ASP A 67 15.47 3.49 1.75
CA ASP A 67 16.63 2.97 0.98
C ASP A 67 16.95 3.91 -0.19
N GLY A 68 16.40 5.09 -0.19
CA GLY A 68 16.67 6.05 -1.30
C GLY A 68 16.36 5.38 -2.64
N SER A 69 15.24 4.72 -2.73
CA SER A 69 14.88 4.05 -4.02
C SER A 69 13.84 4.89 -4.78
N GLY A 70 12.91 5.46 -4.07
CA GLY A 70 11.87 6.29 -4.74
C GLY A 70 10.65 5.43 -5.06
N THR A 71 10.69 4.17 -4.71
CA THR A 71 9.53 3.28 -4.98
C THR A 71 9.18 2.47 -3.73
N VAL A 72 8.16 1.66 -3.81
CA VAL A 72 7.77 0.84 -2.62
C VAL A 72 7.72 -0.64 -2.98
N ASP A 73 8.08 -1.50 -2.07
CA ASP A 73 8.05 -2.96 -2.36
C ASP A 73 7.14 -3.69 -1.36
N PHE A 74 6.98 -4.97 -1.51
CA PHE A 74 6.12 -5.73 -0.56
C PHE A 74 6.66 -5.60 0.86
N ASP A 75 7.87 -5.12 1.01
CA ASP A 75 8.46 -4.97 2.37
C ASP A 75 8.08 -3.61 2.96
N GLU A 76 8.15 -2.57 2.18
CA GLU A 76 7.78 -1.22 2.69
C GLU A 76 6.28 -1.00 2.59
N PHE A 77 5.64 -1.70 1.69
CA PHE A 77 4.16 -1.54 1.53
C PHE A 77 3.44 -2.06 2.77
N LEU A 78 3.74 -3.26 3.18
CA LEU A 78 3.07 -3.82 4.39
C LEU A 78 3.12 -2.81 5.54
N VAL A 79 4.26 -2.23 5.78
CA VAL A 79 4.37 -1.24 6.90
C VAL A 79 3.45 -0.04 6.63
N MET A 80 3.24 0.29 5.39
CA MET A 80 2.35 1.46 5.07
C MET A 80 0.93 1.21 5.59
N MET A 81 0.56 -0.03 5.78
CA MET A 81 -0.81 -0.32 6.29
C MET A 81 -0.80 -0.50 7.80
N VAL A 82 0.20 -1.17 8.32
CA VAL A 82 0.27 -1.38 9.80
C VAL A 82 0.06 -0.06 10.54
N ARG A 83 0.65 1.00 10.04
CA ARG A 83 0.49 2.32 10.73
C ARG A 83 -1.00 2.64 10.93
N CYS A 84 -1.87 2.00 10.20
CA CYS A 84 -3.32 2.29 10.37
C CYS A 84 -4.11 0.98 10.57
N MET A 85 -3.63 0.12 11.44
CA MET A 85 -4.35 -1.16 11.67
C MET A 85 -5.83 -0.89 11.94
N LYS A 86 -6.64 -1.91 11.92
CA LYS A 86 -8.10 -1.71 12.17
C LYS A 86 -8.30 -1.02 13.54
N ASP A 87 -8.27 0.28 13.57
CA ASP A 87 -8.46 1.00 14.87
C ASP A 87 -9.20 2.32 14.63
N ASP A 88 -10.05 2.71 15.54
CA ASP A 88 -10.79 3.99 15.39
C ASP A 88 -10.75 4.79 16.69
N SER A 89 -10.87 6.08 16.60
CA SER A 89 -10.85 6.91 17.84
C SER A 89 -11.93 7.99 17.79
N ARG B 1 -0.82 7.73 3.05
CA ARG B 1 -1.96 8.67 3.22
C ARG B 1 -3.22 8.10 2.54
N ILE B 2 -3.43 6.82 2.66
CA ILE B 2 -4.64 6.20 2.03
C ILE B 2 -5.50 5.53 3.10
N SER B 3 -6.79 5.79 3.10
CA SER B 3 -7.68 5.16 4.11
C SER B 3 -7.46 3.65 4.14
N ALA B 4 -8.17 2.94 4.96
CA ALA B 4 -8.01 1.46 5.03
C ALA B 4 -9.26 0.76 4.52
N ASP B 5 -10.40 1.08 5.07
CA ASP B 5 -11.66 0.42 4.62
C ASP B 5 -12.05 0.91 3.22
N ALA B 6 -12.16 2.19 3.04
CA ALA B 6 -12.53 2.73 1.69
C ALA B 6 -11.67 2.10 0.60
N MET B 7 -10.45 1.76 0.92
CA MET B 7 -9.55 1.15 -0.09
C MET B 7 -10.10 -0.22 -0.54
N MET B 8 -10.83 -0.89 0.31
CA MET B 8 -11.38 -2.21 -0.06
C MET B 8 -12.70 -2.06 -0.82
N GLN B 9 -13.57 -1.21 -0.35
CA GLN B 9 -14.88 -1.01 -1.05
C GLN B 9 -14.70 -0.16 -2.30
N ALA B 10 -13.54 0.42 -2.49
CA ALA B 10 -13.31 1.28 -3.68
C ALA B 10 -12.90 0.43 -4.89
N LEU B 11 -11.87 -0.35 -4.75
CA LEU B 11 -11.41 -1.20 -5.89
C LEU B 11 -10.94 -2.56 -5.39
N LEU B 12 -11.37 -2.95 -4.22
CA LEU B 12 -10.95 -4.28 -3.69
C LEU B 12 -12.07 -4.90 -2.84
N GLY B 13 -13.30 -4.76 -3.28
CA GLY B 13 -14.43 -5.33 -2.50
C GLY B 13 -15.68 -5.35 -3.37
N ALA B 14 -16.84 -5.28 -2.77
CA ALA B 14 -18.10 -5.30 -3.57
C ALA B 14 -18.13 -6.53 -4.49
N ARG B 15 -18.29 -7.70 -3.93
CA ARG B 15 -18.33 -8.92 -4.78
C ARG B 15 -19.75 -9.47 -4.86
N ALA B 16 -20.31 -9.53 -6.04
CA ALA B 16 -21.70 -10.06 -6.18
C ALA B 16 -22.04 -10.26 -7.65
N LYS B 17 -21.17 -10.91 -8.39
CA LYS B 17 -21.44 -11.14 -9.84
C LYS B 17 -22.47 -12.27 -10.00
CA CA C . 11.88 1.65 -1.06
N MET A 1 10.04 6.82 15.06
CA MET A 1 9.44 5.59 15.65
C MET A 1 9.56 4.41 14.68
N ASP A 2 10.74 3.86 14.54
CA ASP A 2 10.93 2.72 13.61
C ASP A 2 11.27 1.46 14.40
N ASP A 3 11.75 0.43 13.74
CA ASP A 3 12.11 -0.82 14.45
C ASP A 3 10.91 -1.32 15.27
N ILE A 4 9.73 -0.88 14.93
CA ILE A 4 8.52 -1.33 15.69
C ILE A 4 7.46 -1.87 14.72
N TYR A 5 7.40 -1.33 13.53
CA TYR A 5 6.39 -1.81 12.55
C TYR A 5 6.78 -3.20 12.01
N LYS A 6 8.02 -3.36 11.63
CA LYS A 6 8.46 -4.68 11.09
C LYS A 6 7.88 -5.82 11.94
N ALA A 7 7.59 -5.56 13.19
CA ALA A 7 7.03 -6.63 14.06
C ALA A 7 5.64 -7.03 13.56
N ALA A 8 4.70 -6.11 13.59
CA ALA A 8 3.33 -6.44 13.12
C ALA A 8 3.39 -7.18 11.79
N VAL A 9 4.15 -6.67 10.85
CA VAL A 9 4.24 -7.35 9.52
C VAL A 9 4.59 -8.83 9.71
N GLU A 10 5.67 -9.13 10.36
CA GLU A 10 6.05 -10.55 10.59
C GLU A 10 4.97 -11.26 11.42
N GLN A 11 4.14 -10.51 12.08
CA GLN A 11 3.07 -11.13 12.90
C GLN A 11 1.74 -11.17 12.14
N LEU A 12 1.80 -11.09 10.83
CA LEU A 12 0.54 -11.11 10.03
C LEU A 12 -0.03 -12.53 9.96
N THR A 13 -1.07 -12.72 9.21
CA THR A 13 -1.68 -14.08 9.09
C THR A 13 -1.82 -14.47 7.61
N GLU A 14 -2.34 -15.63 7.36
CA GLU A 14 -2.50 -16.09 5.94
C GLU A 14 -3.61 -15.28 5.25
N GLU A 15 -4.66 -14.96 5.95
CA GLU A 15 -5.77 -14.19 5.33
C GLU A 15 -5.40 -12.70 5.25
N GLN A 16 -4.55 -12.24 6.12
CA GLN A 16 -4.16 -10.81 6.10
C GLN A 16 -3.30 -10.50 4.86
N LYS A 17 -2.13 -11.08 4.78
CA LYS A 17 -1.25 -10.84 3.61
C LYS A 17 -2.05 -11.12 2.32
N ASN A 18 -2.83 -12.17 2.30
CA ASN A 18 -3.62 -12.50 1.09
C ASN A 18 -4.38 -11.25 0.63
N GLU A 19 -4.80 -10.43 1.55
CA GLU A 19 -5.55 -9.19 1.16
C GLU A 19 -4.57 -8.16 0.57
N PHE A 20 -3.48 -7.91 1.24
CA PHE A 20 -2.50 -6.93 0.71
C PHE A 20 -1.99 -7.37 -0.66
N LYS A 21 -1.75 -8.64 -0.83
CA LYS A 21 -1.25 -9.14 -2.15
C LYS A 21 -2.02 -8.47 -3.29
N ALA A 22 -3.33 -8.51 -3.24
CA ALA A 22 -4.13 -7.87 -4.32
C ALA A 22 -3.63 -6.45 -4.57
N ALA A 23 -3.77 -5.58 -3.61
CA ALA A 23 -3.29 -4.19 -3.80
C ALA A 23 -1.85 -4.20 -4.31
N PHE A 24 -0.96 -4.79 -3.57
CA PHE A 24 0.47 -4.84 -4.02
C PHE A 24 0.53 -5.20 -5.51
N ASP A 25 -0.42 -5.97 -5.98
CA ASP A 25 -0.40 -6.36 -7.42
C ASP A 25 -0.76 -5.15 -8.30
N ILE A 26 -1.97 -4.66 -8.16
CA ILE A 26 -2.38 -3.47 -8.98
C ILE A 26 -1.37 -2.34 -8.81
N PHE A 27 -0.65 -2.34 -7.73
CA PHE A 27 0.35 -1.26 -7.49
C PHE A 27 1.59 -1.46 -8.37
N VAL A 28 1.61 -2.50 -9.17
CA VAL A 28 2.80 -2.75 -10.04
C VAL A 28 2.37 -3.33 -11.38
N LEU A 29 1.10 -3.29 -11.69
CA LEU A 29 0.64 -3.85 -12.99
C LEU A 29 1.50 -3.32 -14.14
N GLY A 30 1.63 -2.02 -14.25
CA GLY A 30 2.46 -1.44 -15.35
C GLY A 30 3.95 -1.72 -15.09
N ALA A 31 4.29 -2.03 -13.87
CA ALA A 31 5.72 -2.31 -13.56
C ALA A 31 6.09 -3.72 -14.02
N GLU A 32 7.23 -3.86 -14.65
CA GLU A 32 7.66 -5.21 -15.12
C GLU A 32 8.62 -5.85 -14.12
N ASP A 33 9.06 -5.09 -13.15
CA ASP A 33 10.02 -5.64 -12.14
C ASP A 33 9.27 -6.00 -10.86
N GLY A 34 8.43 -5.12 -10.38
CA GLY A 34 7.67 -5.41 -9.13
C GLY A 34 7.91 -4.29 -8.11
N CYS A 35 7.75 -3.07 -8.53
CA CYS A 35 7.95 -1.93 -7.59
C CYS A 35 6.90 -0.85 -7.83
N ILE A 36 6.83 0.14 -6.99
CA ILE A 36 5.81 1.21 -7.18
C ILE A 36 6.49 2.58 -7.35
N SER A 37 5.79 3.51 -7.94
CA SER A 37 6.36 4.87 -8.14
C SER A 37 5.23 5.87 -8.32
N THR A 38 4.15 5.66 -7.63
CA THR A 38 2.95 6.56 -7.75
C THR A 38 2.23 6.27 -9.07
N LYS A 39 2.93 6.28 -10.16
CA LYS A 39 2.27 5.98 -11.47
C LYS A 39 1.38 4.75 -11.31
N GLU A 40 1.90 3.71 -10.72
CA GLU A 40 1.08 2.47 -10.52
C GLU A 40 0.29 2.60 -9.21
N LEU A 41 0.81 3.36 -8.29
CA LEU A 41 0.11 3.54 -6.99
C LEU A 41 -1.03 4.56 -7.14
N GLY A 42 -0.70 5.79 -7.42
CA GLY A 42 -1.77 6.83 -7.59
C GLY A 42 -2.88 6.28 -8.48
N LYS A 43 -2.53 5.54 -9.49
CA LYS A 43 -3.57 4.97 -10.40
C LYS A 43 -4.70 4.33 -9.58
N VAL A 44 -4.39 3.87 -8.40
CA VAL A 44 -5.45 3.24 -7.55
C VAL A 44 -6.30 4.32 -6.87
N MET A 45 -5.72 5.45 -6.60
CA MET A 45 -6.51 6.55 -5.94
C MET A 45 -7.75 6.87 -6.77
N ARG A 46 -7.68 6.71 -8.05
CA ARG A 46 -8.87 7.00 -8.91
C ARG A 46 -9.97 5.98 -8.65
N MET A 47 -9.60 4.74 -8.47
CA MET A 47 -10.62 3.68 -8.22
C MET A 47 -11.21 3.86 -6.82
N LEU A 48 -10.41 4.27 -5.86
CA LEU A 48 -10.94 4.46 -4.49
C LEU A 48 -11.92 5.62 -4.45
N GLY A 49 -11.92 6.44 -5.47
CA GLY A 49 -12.86 7.60 -5.49
C GLY A 49 -12.14 8.83 -4.93
N GLN A 50 -10.85 8.89 -5.07
CA GLN A 50 -10.09 10.07 -4.55
C GLN A 50 -8.99 10.47 -5.54
N ASN A 51 -8.40 11.61 -5.35
CA ASN A 51 -7.32 12.04 -6.29
C ASN A 51 -6.33 12.97 -5.57
N PRO A 52 -5.32 12.38 -5.00
CA PRO A 52 -4.29 13.18 -4.28
C PRO A 52 -3.40 13.90 -5.28
N THR A 53 -2.23 14.32 -4.86
CA THR A 53 -1.31 15.03 -5.80
C THR A 53 -0.07 14.18 -6.05
N PRO A 54 0.58 14.45 -7.15
CA PRO A 54 1.81 13.70 -7.51
C PRO A 54 2.96 14.13 -6.58
N GLU A 55 2.82 15.26 -5.94
CA GLU A 55 3.90 15.71 -5.02
C GLU A 55 3.80 14.94 -3.69
N GLU A 56 2.60 14.65 -3.27
CA GLU A 56 2.43 13.90 -1.99
C GLU A 56 2.65 12.40 -2.25
N LEU A 57 2.27 11.93 -3.40
CA LEU A 57 2.47 10.48 -3.70
C LEU A 57 3.91 10.08 -3.40
N GLN A 58 4.85 10.68 -4.08
CA GLN A 58 6.28 10.35 -3.82
C GLN A 58 6.55 10.43 -2.31
N GLU A 59 5.86 11.31 -1.63
CA GLU A 59 6.07 11.44 -0.16
C GLU A 59 5.50 10.21 0.54
N MET A 60 4.44 9.65 0.01
CA MET A 60 3.85 8.43 0.63
C MET A 60 4.83 7.27 0.54
N ILE A 61 5.60 7.22 -0.52
CA ILE A 61 6.59 6.12 -0.67
C ILE A 61 7.81 6.38 0.23
N ASP A 62 8.18 7.61 0.40
CA ASP A 62 9.35 7.94 1.26
C ASP A 62 9.03 7.66 2.73
N GLU A 63 7.79 7.79 3.11
CA GLU A 63 7.41 7.54 4.54
C GLU A 63 7.73 6.10 4.94
N VAL A 64 7.50 5.15 4.05
CA VAL A 64 7.79 3.74 4.39
C VAL A 64 9.01 3.24 3.60
N ASP A 65 9.87 4.13 3.19
CA ASP A 65 11.07 3.71 2.41
C ASP A 65 12.33 3.91 3.25
N GLU A 66 13.12 2.88 3.43
CA GLU A 66 14.36 3.02 4.23
C GLU A 66 15.56 2.49 3.43
N ASP A 67 15.47 2.52 2.14
CA ASP A 67 16.60 2.03 1.30
C ASP A 67 16.98 3.09 0.26
N GLY A 68 16.38 4.25 0.34
CA GLY A 68 16.71 5.32 -0.62
C GLY A 68 16.64 4.76 -2.06
N SER A 69 15.55 4.13 -2.40
CA SER A 69 15.43 3.56 -3.76
C SER A 69 14.47 4.41 -4.61
N GLY A 70 13.43 4.92 -4.00
CA GLY A 70 12.46 5.75 -4.76
C GLY A 70 11.21 4.93 -5.07
N THR A 71 11.29 3.63 -4.96
CA THR A 71 10.10 2.78 -5.25
C THR A 71 9.71 1.97 -4.01
N VAL A 72 8.57 1.33 -4.04
CA VAL A 72 8.15 0.52 -2.87
C VAL A 72 7.97 -0.95 -3.27
N ASP A 73 8.38 -1.86 -2.43
CA ASP A 73 8.24 -3.30 -2.78
C ASP A 73 7.34 -4.00 -1.75
N PHE A 74 7.06 -5.25 -1.95
CA PHE A 74 6.20 -5.99 -0.99
C PHE A 74 6.63 -5.69 0.45
N ASP A 75 7.87 -5.29 0.63
CA ASP A 75 8.34 -4.97 2.01
C ASP A 75 7.84 -3.59 2.45
N GLU A 76 8.24 -2.55 1.76
CA GLU A 76 7.78 -1.18 2.13
C GLU A 76 6.26 -1.07 2.02
N PHE A 77 5.64 -1.96 1.29
CA PHE A 77 4.16 -1.90 1.14
C PHE A 77 3.48 -2.37 2.43
N LEU A 78 3.59 -3.63 2.75
CA LEU A 78 2.96 -4.15 4.00
C LEU A 78 3.12 -3.15 5.15
N VAL A 79 4.19 -2.41 5.16
CA VAL A 79 4.40 -1.42 6.25
C VAL A 79 3.39 -0.27 6.14
N MET A 80 3.20 0.23 4.95
CA MET A 80 2.23 1.35 4.77
C MET A 80 0.87 1.01 5.40
N MET A 81 0.47 -0.23 5.31
CA MET A 81 -0.84 -0.62 5.90
C MET A 81 -0.76 -0.65 7.43
N VAL A 82 0.38 -0.98 7.97
CA VAL A 82 0.52 -1.03 9.46
C VAL A 82 0.47 0.39 10.03
N ARG A 83 0.98 1.35 9.32
CA ARG A 83 0.97 2.76 9.84
C ARG A 83 -0.46 3.19 10.18
N CYS A 84 -1.44 2.73 9.44
CA CYS A 84 -2.84 3.14 9.72
C CYS A 84 -3.63 1.97 10.32
N MET A 85 -3.00 0.84 10.50
CA MET A 85 -3.73 -0.33 11.08
C MET A 85 -4.00 -0.10 12.57
N LYS A 86 -4.97 0.71 12.89
CA LYS A 86 -5.28 0.97 14.33
C LYS A 86 -6.66 0.41 14.68
N ASP A 87 -7.70 1.03 14.21
CA ASP A 87 -9.08 0.54 14.52
C ASP A 87 -9.88 0.39 13.23
N ASP A 88 -11.18 0.34 13.33
CA ASP A 88 -12.02 0.20 12.11
C ASP A 88 -11.44 -0.86 11.18
N SER A 89 -11.82 -2.10 11.35
CA SER A 89 -11.29 -3.18 10.47
C SER A 89 -9.76 -3.08 10.38
N ARG B 1 -1.48 7.73 7.29
CA ARG B 1 -2.87 7.19 7.28
C ARG B 1 -3.31 6.86 5.85
N ILE B 2 -3.76 5.66 5.63
CA ILE B 2 -4.20 5.26 4.26
C ILE B 2 -5.53 4.51 4.33
N SER B 3 -6.45 4.83 3.45
CA SER B 3 -7.77 4.13 3.46
C SER B 3 -7.68 2.83 2.67
N ALA B 4 -8.25 1.78 3.18
CA ALA B 4 -8.21 0.48 2.44
C ALA B 4 -9.60 -0.15 2.40
N ASP B 5 -10.36 -0.02 3.46
CA ASP B 5 -11.73 -0.60 3.48
C ASP B 5 -12.44 -0.32 2.15
N ALA B 6 -12.21 0.83 1.59
CA ALA B 6 -12.87 1.17 0.29
C ALA B 6 -12.07 0.61 -0.88
N MET B 7 -10.83 0.25 -0.63
CA MET B 7 -9.99 -0.31 -1.73
C MET B 7 -10.40 -1.75 -2.02
N MET B 8 -10.93 -2.44 -1.05
CA MET B 8 -11.36 -3.85 -1.29
C MET B 8 -12.47 -3.89 -2.35
N GLN B 9 -13.45 -3.04 -2.20
CA GLN B 9 -14.57 -3.01 -3.19
C GLN B 9 -14.18 -2.13 -4.38
N ALA B 10 -13.44 -1.08 -4.14
CA ALA B 10 -13.03 -0.18 -5.26
C ALA B 10 -12.18 -0.96 -6.26
N LEU B 11 -11.23 -1.72 -5.79
CA LEU B 11 -10.37 -2.50 -6.71
C LEU B 11 -9.86 -3.76 -6.01
N LEU B 12 -8.67 -4.20 -6.32
CA LEU B 12 -8.14 -5.43 -5.66
C LEU B 12 -9.04 -6.63 -5.95
N GLY B 13 -8.60 -7.54 -6.77
CA GLY B 13 -9.45 -8.71 -7.09
C GLY B 13 -10.57 -8.29 -8.04
N ALA B 14 -10.34 -7.26 -8.82
CA ALA B 14 -11.39 -6.79 -9.76
C ALA B 14 -11.61 -7.82 -10.87
N ARG B 15 -12.59 -7.61 -11.70
CA ARG B 15 -12.86 -8.57 -12.81
C ARG B 15 -12.47 -7.95 -14.15
N ALA B 16 -12.10 -6.69 -14.15
CA ALA B 16 -11.71 -6.03 -15.42
C ALA B 16 -10.65 -6.86 -16.15
N LYS B 17 -10.14 -6.37 -17.24
CA LYS B 17 -9.10 -7.13 -17.99
C LYS B 17 -7.86 -6.28 -18.18
CA CA C . 12.04 1.76 -1.42
N MET A 1 13.91 5.47 15.26
CA MET A 1 12.98 4.57 16.00
C MET A 1 11.77 4.22 15.11
N ASP A 2 11.55 2.96 14.87
CA ASP A 2 10.39 2.56 14.02
C ASP A 2 10.11 1.06 14.19
N ASP A 3 10.04 0.60 15.41
CA ASP A 3 9.76 -0.85 15.64
C ASP A 3 8.28 -1.06 15.95
N ILE A 4 7.50 -0.02 15.91
CA ILE A 4 6.04 -0.17 16.19
C ILE A 4 5.28 -0.55 14.92
N TYR A 5 5.99 -1.02 13.92
CA TYR A 5 5.32 -1.41 12.64
C TYR A 5 5.88 -2.74 12.14
N LYS A 6 7.16 -2.78 11.86
CA LYS A 6 7.75 -4.05 11.36
C LYS A 6 7.36 -5.21 12.29
N ALA A 7 7.14 -4.93 13.54
CA ALA A 7 6.75 -6.00 14.49
C ALA A 7 5.34 -6.49 14.18
N ALA A 8 4.50 -5.62 13.68
CA ALA A 8 3.11 -6.02 13.34
C ALA A 8 3.11 -6.90 12.09
N VAL A 9 4.03 -6.68 11.19
CA VAL A 9 4.08 -7.50 9.96
C VAL A 9 4.58 -8.92 10.28
N GLU A 10 5.65 -9.02 11.02
CA GLU A 10 6.18 -10.36 11.38
C GLU A 10 5.05 -11.26 11.87
N GLN A 11 4.04 -10.68 12.46
CA GLN A 11 2.90 -11.49 12.96
C GLN A 11 1.83 -11.65 11.88
N LEU A 12 2.17 -11.36 10.66
CA LEU A 12 1.17 -11.48 9.56
C LEU A 12 0.38 -12.79 9.69
N THR A 13 -0.65 -12.95 8.92
CA THR A 13 -1.46 -14.20 9.00
C THR A 13 -1.78 -14.71 7.58
N GLU A 14 -1.85 -16.00 7.41
CA GLU A 14 -2.16 -16.54 6.06
C GLU A 14 -3.39 -15.84 5.47
N GLU A 15 -4.30 -15.43 6.31
CA GLU A 15 -5.52 -14.73 5.80
C GLU A 15 -5.18 -13.28 5.43
N GLN A 16 -4.32 -12.66 6.19
CA GLN A 16 -3.95 -11.24 5.89
C GLN A 16 -3.09 -11.19 4.62
N LYS A 17 -2.14 -12.07 4.50
CA LYS A 17 -1.26 -12.07 3.29
C LYS A 17 -2.12 -11.95 2.03
N ASN A 18 -3.19 -12.69 1.96
CA ASN A 18 -4.07 -12.63 0.75
C ASN A 18 -4.82 -11.30 0.71
N GLU A 19 -4.75 -10.52 1.75
CA GLU A 19 -5.48 -9.22 1.78
C GLU A 19 -4.60 -8.10 1.22
N PHE A 20 -3.39 -7.96 1.70
CA PHE A 20 -2.50 -6.87 1.20
C PHE A 20 -1.93 -7.23 -0.18
N LYS A 21 -1.72 -8.49 -0.45
CA LYS A 21 -1.17 -8.87 -1.77
C LYS A 21 -2.11 -8.43 -2.90
N ALA A 22 -3.35 -8.16 -2.57
CA ALA A 22 -4.30 -7.71 -3.61
C ALA A 22 -3.98 -6.28 -4.04
N ALA A 23 -4.02 -5.35 -3.12
CA ALA A 23 -3.69 -3.95 -3.48
C ALA A 23 -2.26 -3.88 -4.01
N PHE A 24 -1.43 -4.80 -3.59
CA PHE A 24 -0.02 -4.81 -4.07
C PHE A 24 0.00 -5.11 -5.58
N ASP A 25 -0.86 -5.98 -6.03
CA ASP A 25 -0.91 -6.31 -7.48
C ASP A 25 -1.34 -5.07 -8.27
N ILE A 26 -2.37 -4.41 -7.82
CA ILE A 26 -2.85 -3.19 -8.54
C ILE A 26 -1.87 -2.03 -8.31
N PHE A 27 -1.25 -2.00 -7.15
CA PHE A 27 -0.28 -0.89 -6.85
C PHE A 27 0.88 -0.93 -7.85
N VAL A 28 1.10 -2.02 -8.50
CA VAL A 28 2.22 -2.10 -9.48
C VAL A 28 1.67 -2.18 -10.91
N LEU A 29 0.40 -1.92 -11.08
CA LEU A 29 -0.19 -1.98 -12.46
C LEU A 29 0.67 -1.16 -13.43
N GLY A 30 1.63 -1.79 -14.05
CA GLY A 30 2.51 -1.07 -15.01
C GLY A 30 3.97 -1.30 -14.63
N ALA A 31 4.23 -1.58 -13.38
CA ALA A 31 5.64 -1.83 -12.96
C ALA A 31 6.29 -2.90 -13.85
N GLU A 32 7.53 -2.70 -14.22
CA GLU A 32 8.21 -3.71 -15.08
C GLU A 32 8.24 -5.07 -14.40
N ASP A 33 8.60 -5.11 -13.14
CA ASP A 33 8.65 -6.42 -12.42
C ASP A 33 7.57 -6.47 -11.33
N GLY A 34 7.73 -5.72 -10.29
CA GLY A 34 6.72 -5.73 -9.19
C GLY A 34 7.04 -4.63 -8.18
N CYS A 35 7.41 -3.47 -8.66
CA CYS A 35 7.73 -2.35 -7.74
C CYS A 35 6.73 -1.20 -7.93
N ILE A 36 6.60 -0.35 -6.96
CA ILE A 36 5.63 0.78 -7.09
C ILE A 36 6.36 2.13 -6.93
N SER A 37 5.70 3.20 -7.27
CA SER A 37 6.33 4.54 -7.13
C SER A 37 5.26 5.61 -7.08
N THR A 38 4.59 5.84 -8.18
CA THR A 38 3.51 6.87 -8.21
C THR A 38 2.56 6.57 -9.38
N LYS A 39 3.10 6.16 -10.49
CA LYS A 39 2.24 5.83 -11.66
C LYS A 39 1.47 4.53 -11.36
N GLU A 40 2.11 3.62 -10.68
CA GLU A 40 1.42 2.34 -10.34
C GLU A 40 0.56 2.54 -9.09
N LEU A 41 1.01 3.37 -8.20
CA LEU A 41 0.24 3.64 -6.95
C LEU A 41 -0.87 4.65 -7.24
N GLY A 42 -0.54 5.76 -7.84
CA GLY A 42 -1.57 6.79 -8.14
C GLY A 42 -2.74 6.14 -8.87
N LYS A 43 -2.49 5.10 -9.62
CA LYS A 43 -3.59 4.43 -10.36
C LYS A 43 -4.71 4.06 -9.38
N VAL A 44 -4.37 3.78 -8.16
CA VAL A 44 -5.42 3.40 -7.17
C VAL A 44 -6.17 4.65 -6.71
N MET A 45 -5.48 5.75 -6.56
CA MET A 45 -6.16 7.00 -6.12
C MET A 45 -7.44 7.22 -6.92
N ARG A 46 -7.31 7.55 -8.18
CA ARG A 46 -8.53 7.78 -9.01
C ARG A 46 -9.40 6.52 -9.00
N MET A 47 -8.84 5.40 -8.61
CA MET A 47 -9.65 4.14 -8.58
C MET A 47 -10.44 4.06 -7.26
N LEU A 48 -9.89 4.55 -6.18
CA LEU A 48 -10.63 4.50 -4.89
C LEU A 48 -11.76 5.53 -4.89
N GLY A 49 -11.57 6.65 -5.53
CA GLY A 49 -12.62 7.69 -5.57
C GLY A 49 -12.06 9.03 -5.09
N GLN A 50 -10.78 9.24 -5.24
CA GLN A 50 -10.17 10.52 -4.79
C GLN A 50 -8.94 10.84 -5.64
N ASN A 51 -8.19 11.85 -5.26
CA ASN A 51 -6.97 12.21 -6.07
C ASN A 51 -6.22 13.36 -5.41
N PRO A 52 -5.27 13.01 -4.59
CA PRO A 52 -4.47 14.03 -3.88
C PRO A 52 -3.49 14.70 -4.86
N THR A 53 -2.53 15.43 -4.36
CA THR A 53 -1.55 16.10 -5.25
C THR A 53 -0.43 15.12 -5.62
N PRO A 54 0.32 15.47 -6.64
CA PRO A 54 1.45 14.61 -7.09
C PRO A 54 2.58 14.65 -6.06
N GLU A 55 2.56 15.61 -5.18
CA GLU A 55 3.61 15.70 -4.14
C GLU A 55 3.32 14.72 -3.01
N GLU A 56 2.08 14.64 -2.59
CA GLU A 56 1.72 13.71 -1.48
C GLU A 56 1.91 12.26 -1.95
N LEU A 57 1.90 12.04 -3.24
CA LEU A 57 2.07 10.65 -3.76
C LEU A 57 3.48 10.14 -3.40
N GLN A 58 4.50 10.86 -3.77
CA GLN A 58 5.88 10.42 -3.45
C GLN A 58 6.00 10.15 -1.95
N GLU A 59 5.31 10.90 -1.14
CA GLU A 59 5.39 10.69 0.33
C GLU A 59 5.02 9.25 0.66
N MET A 60 4.05 8.70 -0.02
CA MET A 60 3.65 7.29 0.26
C MET A 60 4.80 6.35 -0.06
N ILE A 61 5.80 6.84 -0.74
CA ILE A 61 6.97 5.98 -1.09
C ILE A 61 8.13 6.26 -0.14
N ASP A 62 8.69 7.44 -0.20
CA ASP A 62 9.82 7.79 0.70
C ASP A 62 9.47 7.42 2.15
N GLU A 63 8.20 7.38 2.47
CA GLU A 63 7.80 7.03 3.86
C GLU A 63 8.42 5.69 4.27
N VAL A 64 8.23 4.67 3.48
CA VAL A 64 8.82 3.34 3.83
C VAL A 64 10.02 3.04 2.92
N ASP A 65 10.63 4.07 2.38
CA ASP A 65 11.80 3.84 1.49
C ASP A 65 13.08 3.68 2.32
N GLU A 66 13.70 2.53 2.25
CA GLU A 66 14.95 2.30 3.02
C GLU A 66 16.17 2.34 2.10
N ASP A 67 15.98 2.73 0.87
CA ASP A 67 17.12 2.79 -0.08
C ASP A 67 17.09 4.11 -0.87
N GLY A 68 16.25 5.03 -0.47
CA GLY A 68 16.17 6.32 -1.19
C GLY A 68 16.12 6.06 -2.70
N SER A 69 15.25 5.20 -3.13
CA SER A 69 15.16 4.91 -4.59
C SER A 69 13.94 5.61 -5.20
N GLY A 70 12.89 5.78 -4.44
CA GLY A 70 11.68 6.46 -4.98
C GLY A 70 10.66 5.42 -5.42
N THR A 71 10.83 4.19 -5.01
CA THR A 71 9.86 3.12 -5.40
C THR A 71 9.50 2.27 -4.18
N VAL A 72 8.62 1.32 -4.35
CA VAL A 72 8.24 0.44 -3.21
C VAL A 72 8.04 -1.00 -3.67
N ASP A 73 8.24 -1.94 -2.79
CA ASP A 73 8.07 -3.37 -3.17
C ASP A 73 7.17 -4.09 -2.16
N PHE A 74 6.93 -5.35 -2.36
CA PHE A 74 6.06 -6.09 -1.40
C PHE A 74 6.59 -5.93 0.03
N ASP A 75 7.82 -5.52 0.17
CA ASP A 75 8.39 -5.34 1.54
C ASP A 75 8.09 -3.94 2.06
N GLU A 76 8.51 -2.93 1.35
CA GLU A 76 8.25 -1.54 1.82
C GLU A 76 6.73 -1.25 1.82
N PHE A 77 6.01 -1.84 0.90
CA PHE A 77 4.54 -1.60 0.85
C PHE A 77 3.86 -2.22 2.08
N LEU A 78 4.27 -3.40 2.46
CA LEU A 78 3.66 -4.07 3.65
C LEU A 78 3.73 -3.14 4.86
N VAL A 79 4.62 -2.19 4.85
CA VAL A 79 4.73 -1.25 6.01
C VAL A 79 3.76 -0.08 5.84
N MET A 80 3.62 0.42 4.65
CA MET A 80 2.71 1.58 4.42
C MET A 80 1.26 1.18 4.74
N MET A 81 0.98 -0.09 4.83
CA MET A 81 -0.41 -0.53 5.14
C MET A 81 -0.58 -0.70 6.65
N VAL A 82 0.48 -0.59 7.40
CA VAL A 82 0.36 -0.74 8.88
C VAL A 82 0.23 0.62 9.55
N ARG A 83 1.03 1.56 9.15
CA ARG A 83 0.94 2.92 9.77
C ARG A 83 -0.48 3.47 9.67
N CYS A 84 -1.16 3.18 8.60
CA CYS A 84 -2.56 3.68 8.46
C CYS A 84 -3.48 2.98 9.46
N MET A 85 -3.21 1.74 9.75
CA MET A 85 -4.07 1.00 10.72
C MET A 85 -3.82 1.50 12.14
N LYS A 86 -2.60 1.82 12.47
CA LYS A 86 -2.29 2.32 13.85
C LYS A 86 -2.80 3.75 14.01
N ASP A 87 -3.53 4.02 15.06
CA ASP A 87 -4.05 5.40 15.29
C ASP A 87 -4.69 5.93 14.00
N ASP A 88 -5.12 7.18 14.02
CA ASP A 88 -5.76 7.76 12.80
C ASP A 88 -7.04 7.01 12.47
N SER A 89 -7.75 7.44 11.46
CA SER A 89 -9.02 6.75 11.09
C SER A 89 -9.55 7.29 9.76
N ARG B 1 -6.04 11.53 1.40
CA ARG B 1 -5.02 10.55 1.90
C ARG B 1 -5.52 9.12 1.68
N ILE B 2 -4.76 8.14 2.10
CA ILE B 2 -5.20 6.73 1.93
C ILE B 2 -5.14 5.99 3.26
N SER B 3 -5.69 4.82 3.33
CA SER B 3 -5.66 4.05 4.61
C SER B 3 -5.96 2.57 4.35
N ALA B 4 -6.21 1.82 5.38
CA ALA B 4 -6.50 0.37 5.20
C ALA B 4 -7.95 0.18 4.73
N ASP B 5 -8.89 0.72 5.45
CA ASP B 5 -10.32 0.58 5.03
C ASP B 5 -10.58 1.37 3.75
N ALA B 6 -9.95 2.49 3.59
CA ALA B 6 -10.17 3.30 2.36
C ALA B 6 -9.78 2.52 1.11
N MET B 7 -8.84 1.62 1.24
CA MET B 7 -8.42 0.81 0.06
C MET B 7 -9.34 -0.40 -0.11
N MET B 8 -9.63 -1.09 0.96
CA MET B 8 -10.52 -2.28 0.86
C MET B 8 -11.93 -1.85 0.46
N GLN B 9 -12.39 -0.74 0.95
CA GLN B 9 -13.75 -0.26 0.60
C GLN B 9 -13.79 0.26 -0.83
N ALA B 10 -12.83 1.06 -1.22
CA ALA B 10 -12.81 1.59 -2.61
C ALA B 10 -12.14 0.60 -3.56
N LEU B 11 -11.15 -0.10 -3.10
CA LEU B 11 -10.46 -1.08 -3.99
C LEU B 11 -10.45 -2.47 -3.36
N LEU B 12 -10.02 -3.47 -4.09
CA LEU B 12 -9.99 -4.86 -3.54
C LEU B 12 -11.25 -5.13 -2.71
N GLY B 13 -12.39 -4.71 -3.20
CA GLY B 13 -13.65 -4.95 -2.44
C GLY B 13 -14.85 -4.66 -3.34
N ALA B 14 -15.80 -3.91 -2.85
CA ALA B 14 -17.00 -3.59 -3.68
C ALA B 14 -16.57 -3.10 -5.07
N ARG B 15 -17.04 -3.74 -6.11
CA ARG B 15 -16.65 -3.33 -7.48
C ARG B 15 -17.90 -3.04 -8.32
N ALA B 16 -18.98 -3.72 -8.03
CA ALA B 16 -20.23 -3.49 -8.82
C ALA B 16 -20.85 -2.14 -8.42
N LYS B 17 -21.63 -1.55 -9.29
CA LYS B 17 -22.26 -0.25 -8.96
C LYS B 17 -23.57 -0.47 -8.20
CA CA C . 12.41 1.88 -2.04
N MET A 1 16.45 3.67 14.26
CA MET A 1 16.01 2.48 15.05
C MET A 1 14.50 2.53 15.29
N ASP A 2 13.76 1.72 14.59
CA ASP A 2 12.27 1.73 14.78
C ASP A 2 11.80 0.38 15.34
N ASP A 3 10.82 0.39 16.19
CA ASP A 3 10.33 -0.89 16.77
C ASP A 3 8.80 -0.84 16.92
N ILE A 4 8.08 -1.25 15.92
CA ILE A 4 6.59 -1.23 16.00
C ILE A 4 5.99 -1.77 14.70
N TYR A 5 6.63 -1.55 13.59
CA TYR A 5 6.10 -2.04 12.30
C TYR A 5 6.85 -3.31 11.87
N LYS A 6 8.15 -3.24 11.82
CA LYS A 6 8.93 -4.44 11.41
C LYS A 6 8.53 -5.66 12.24
N ALA A 7 8.07 -5.43 13.46
CA ALA A 7 7.66 -6.57 14.31
C ALA A 7 6.27 -7.08 13.88
N ALA A 8 5.35 -6.18 13.67
CA ALA A 8 3.98 -6.60 13.24
C ALA A 8 4.05 -7.29 11.88
N VAL A 9 4.86 -6.80 10.99
CA VAL A 9 4.98 -7.43 9.64
C VAL A 9 5.40 -8.89 9.78
N GLU A 10 6.37 -9.15 10.61
CA GLU A 10 6.84 -10.56 10.79
C GLU A 10 5.73 -11.40 11.44
N GLN A 11 4.69 -10.77 11.90
CA GLN A 11 3.58 -11.53 12.54
C GLN A 11 2.36 -11.56 11.62
N LEU A 12 2.53 -11.17 10.39
CA LEU A 12 1.38 -11.17 9.44
C LEU A 12 0.91 -12.60 9.18
N THR A 13 -0.39 -12.83 9.17
CA THR A 13 -0.90 -14.21 8.92
C THR A 13 -1.44 -14.31 7.48
N GLU A 14 -1.33 -15.46 6.89
CA GLU A 14 -1.83 -15.61 5.49
C GLU A 14 -3.21 -14.95 5.35
N GLU A 15 -3.99 -14.97 6.39
CA GLU A 15 -5.34 -14.34 6.32
C GLU A 15 -5.22 -12.88 5.86
N GLN A 16 -4.25 -12.17 6.38
CA GLN A 16 -4.07 -10.75 5.99
C GLN A 16 -3.25 -10.66 4.70
N LYS A 17 -2.14 -11.36 4.66
CA LYS A 17 -1.28 -11.32 3.45
C LYS A 17 -2.13 -11.48 2.18
N ASN A 18 -3.29 -12.07 2.29
CA ASN A 18 -4.16 -12.26 1.09
C ASN A 18 -4.75 -10.92 0.64
N GLU A 19 -5.14 -10.08 1.56
CA GLU A 19 -5.73 -8.77 1.17
C GLU A 19 -4.64 -7.83 0.64
N PHE A 20 -3.45 -7.94 1.16
CA PHE A 20 -2.35 -7.05 0.69
C PHE A 20 -1.83 -7.52 -0.68
N LYS A 21 -1.59 -8.79 -0.84
CA LYS A 21 -1.09 -9.30 -2.14
C LYS A 21 -1.91 -8.71 -3.29
N ALA A 22 -3.16 -8.41 -3.05
CA ALA A 22 -4.01 -7.84 -4.13
C ALA A 22 -3.52 -6.45 -4.51
N ALA A 23 -3.55 -5.52 -3.60
CA ALA A 23 -3.08 -4.14 -3.91
C ALA A 23 -1.70 -4.19 -4.56
N PHE A 24 -0.80 -4.95 -4.00
CA PHE A 24 0.57 -5.04 -4.59
C PHE A 24 0.49 -5.48 -6.05
N ASP A 25 -0.33 -6.45 -6.34
CA ASP A 25 -0.46 -6.93 -7.75
C ASP A 25 -0.95 -5.79 -8.64
N ILE A 26 -1.82 -4.97 -8.14
CA ILE A 26 -2.33 -3.82 -8.96
C ILE A 26 -1.38 -2.63 -8.84
N PHE A 27 -0.73 -2.48 -7.72
CA PHE A 27 0.21 -1.34 -7.54
C PHE A 27 1.46 -1.54 -8.40
N VAL A 28 1.75 -2.75 -8.77
CA VAL A 28 2.96 -3.00 -9.61
C VAL A 28 2.55 -3.47 -11.01
N LEU A 29 1.28 -3.67 -11.24
CA LEU A 29 0.84 -4.12 -12.59
C LEU A 29 1.42 -3.20 -13.67
N GLY A 30 2.56 -3.55 -14.19
CA GLY A 30 3.20 -2.69 -15.23
C GLY A 30 4.66 -2.42 -14.86
N ALA A 31 4.97 -2.48 -13.59
CA ALA A 31 6.37 -2.22 -13.16
C ALA A 31 7.27 -3.39 -13.57
N GLU A 32 8.23 -3.14 -14.42
CA GLU A 32 9.15 -4.23 -14.86
C GLU A 32 9.82 -4.89 -13.65
N ASP A 33 10.38 -4.11 -12.77
CA ASP A 33 11.05 -4.70 -11.57
C ASP A 33 10.00 -5.22 -10.58
N GLY A 34 8.74 -4.99 -10.86
CA GLY A 34 7.68 -5.48 -9.93
C GLY A 34 7.69 -4.62 -8.67
N CYS A 35 7.75 -3.32 -8.81
CA CYS A 35 7.76 -2.44 -7.61
C CYS A 35 6.69 -1.36 -7.75
N ILE A 36 6.77 -0.33 -6.96
CA ILE A 36 5.75 0.76 -7.05
C ILE A 36 6.44 2.13 -7.06
N SER A 37 6.41 2.81 -8.18
CA SER A 37 7.05 4.15 -8.27
C SER A 37 5.98 5.23 -8.29
N THR A 38 4.87 4.97 -7.65
CA THR A 38 3.73 5.94 -7.61
C THR A 38 2.97 5.91 -8.95
N LYS A 39 3.66 5.87 -10.06
CA LYS A 39 2.95 5.83 -11.37
C LYS A 39 1.79 4.83 -11.29
N GLU A 40 1.98 3.78 -10.55
CA GLU A 40 0.89 2.77 -10.41
C GLU A 40 0.03 3.13 -9.20
N LEU A 41 0.60 3.85 -8.26
CA LEU A 41 -0.17 4.24 -7.05
C LEU A 41 -1.29 5.23 -7.42
N GLY A 42 -0.93 6.34 -8.00
CA GLY A 42 -1.97 7.34 -8.40
C GLY A 42 -3.14 6.62 -9.04
N LYS A 43 -2.88 5.72 -9.96
CA LYS A 43 -3.99 4.98 -10.62
C LYS A 43 -4.98 4.49 -9.57
N VAL A 44 -4.50 3.99 -8.47
CA VAL A 44 -5.42 3.50 -7.40
C VAL A 44 -6.05 4.68 -6.66
N MET A 45 -5.38 5.80 -6.64
CA MET A 45 -5.94 6.99 -5.93
C MET A 45 -7.25 7.41 -6.58
N ARG A 46 -7.29 7.48 -7.88
CA ARG A 46 -8.56 7.88 -8.57
C ARG A 46 -9.64 6.85 -8.29
N MET A 47 -9.27 5.68 -7.86
CA MET A 47 -10.28 4.63 -7.56
C MET A 47 -10.81 4.79 -6.13
N LEU A 48 -9.96 5.17 -5.21
CA LEU A 48 -10.42 5.35 -3.81
C LEU A 48 -11.30 6.59 -3.69
N GLY A 49 -11.14 7.53 -4.57
CA GLY A 49 -11.97 8.77 -4.52
C GLY A 49 -11.06 9.98 -4.37
N GLN A 50 -9.81 9.85 -4.73
CA GLN A 50 -8.87 11.01 -4.59
C GLN A 50 -7.91 11.04 -5.79
N ASN A 51 -6.92 11.88 -5.74
CA ASN A 51 -5.95 11.96 -6.87
C ASN A 51 -4.77 12.86 -6.50
N PRO A 52 -3.82 12.27 -5.83
CA PRO A 52 -2.62 13.02 -5.41
C PRO A 52 -1.68 13.25 -6.60
N THR A 53 -1.30 14.47 -6.84
CA THR A 53 -0.39 14.75 -7.99
C THR A 53 0.90 13.93 -7.86
N PRO A 54 1.74 14.04 -8.86
CA PRO A 54 3.02 13.28 -8.87
C PRO A 54 3.98 13.86 -7.83
N GLU A 55 3.89 15.15 -7.59
CA GLU A 55 4.80 15.77 -6.59
C GLU A 55 4.43 15.30 -5.17
N GLU A 56 3.16 15.20 -4.89
CA GLU A 56 2.74 14.74 -3.53
C GLU A 56 2.71 13.22 -3.47
N LEU A 57 2.63 12.57 -4.60
CA LEU A 57 2.60 11.07 -4.60
C LEU A 57 3.79 10.52 -3.81
N GLN A 58 4.98 10.85 -4.23
CA GLN A 58 6.19 10.34 -3.51
C GLN A 58 6.03 10.55 -2.01
N GLU A 59 5.41 11.62 -1.59
CA GLU A 59 5.24 11.86 -0.13
C GLU A 59 4.57 10.67 0.53
N MET A 60 3.77 9.93 -0.22
CA MET A 60 3.09 8.74 0.37
C MET A 60 4.05 7.55 0.37
N ILE A 61 5.00 7.53 -0.53
CA ILE A 61 5.97 6.39 -0.57
C ILE A 61 6.97 6.49 0.57
N ASP A 62 7.58 7.63 0.74
CA ASP A 62 8.58 7.79 1.84
C ASP A 62 7.94 7.48 3.19
N GLU A 63 6.66 7.69 3.32
CA GLU A 63 5.98 7.41 4.62
C GLU A 63 6.32 5.99 5.10
N VAL A 64 6.48 5.06 4.20
CA VAL A 64 6.81 3.67 4.62
C VAL A 64 8.07 3.17 3.89
N ASP A 65 9.00 4.05 3.63
CA ASP A 65 10.24 3.63 2.92
C ASP A 65 11.44 3.68 3.88
N GLU A 66 12.32 2.73 3.80
CA GLU A 66 13.51 2.72 4.71
C GLU A 66 14.80 2.67 3.90
N ASP A 67 14.72 2.82 2.60
CA ASP A 67 15.95 2.77 1.77
C ASP A 67 16.07 4.05 0.93
N GLY A 68 15.01 4.82 0.86
CA GLY A 68 15.07 6.08 0.06
C GLY A 68 15.21 5.74 -1.43
N SER A 69 14.84 4.55 -1.81
CA SER A 69 14.94 4.17 -3.25
C SER A 69 13.91 4.93 -4.07
N GLY A 70 12.86 5.40 -3.45
CA GLY A 70 11.82 6.14 -4.20
C GLY A 70 10.64 5.22 -4.51
N THR A 71 10.89 3.95 -4.67
CA THR A 71 9.78 3.00 -4.98
C THR A 71 9.44 2.18 -3.72
N VAL A 72 8.46 1.32 -3.82
CA VAL A 72 8.08 0.51 -2.63
C VAL A 72 8.11 -0.98 -2.98
N ASP A 73 8.28 -1.83 -1.99
CA ASP A 73 8.32 -3.29 -2.25
C ASP A 73 7.23 -4.01 -1.44
N PHE A 74 6.90 -5.21 -1.82
CA PHE A 74 5.85 -5.96 -1.07
C PHE A 74 6.13 -5.92 0.44
N ASP A 75 7.36 -5.67 0.81
CA ASP A 75 7.70 -5.62 2.26
C ASP A 75 7.32 -4.26 2.84
N GLU A 76 7.66 -3.20 2.18
CA GLU A 76 7.31 -1.84 2.71
C GLU A 76 5.81 -1.60 2.58
N PHE A 77 5.18 -2.16 1.58
CA PHE A 77 3.71 -1.95 1.42
C PHE A 77 2.97 -2.39 2.69
N LEU A 78 3.28 -3.57 3.18
CA LEU A 78 2.60 -4.06 4.41
C LEU A 78 2.63 -2.98 5.50
N VAL A 79 3.74 -2.30 5.63
CA VAL A 79 3.84 -1.22 6.66
C VAL A 79 2.69 -0.23 6.51
N MET A 80 2.26 -0.01 5.29
CA MET A 80 1.13 0.95 5.06
C MET A 80 -0.16 0.40 5.66
N MET A 81 -0.20 -0.87 5.95
CA MET A 81 -1.43 -1.47 6.54
C MET A 81 -1.28 -1.60 8.05
N VAL A 82 -0.09 -1.82 8.52
CA VAL A 82 0.13 -1.95 9.99
C VAL A 82 -0.29 -0.66 10.70
N ARG A 83 0.14 0.47 10.21
CA ARG A 83 -0.24 1.75 10.86
C ARG A 83 -1.75 1.84 11.05
N CYS A 84 -2.49 1.05 10.31
CA CYS A 84 -3.98 1.09 10.44
C CYS A 84 -4.46 -0.05 11.33
N MET A 85 -3.58 -0.91 11.77
CA MET A 85 -3.99 -2.04 12.64
C MET A 85 -4.89 -1.54 13.78
N LYS A 86 -4.34 -0.79 14.68
CA LYS A 86 -5.17 -0.25 15.81
C LYS A 86 -6.29 0.64 15.27
N ASP A 87 -7.47 0.10 15.13
CA ASP A 87 -8.60 0.93 14.61
C ASP A 87 -9.92 0.49 15.25
N ASP A 88 -10.70 1.41 15.75
CA ASP A 88 -11.99 1.04 16.39
C ASP A 88 -13.14 1.20 15.39
N SER A 89 -14.01 0.24 15.31
CA SER A 89 -15.15 0.33 14.36
C SER A 89 -15.87 1.67 14.52
N ARG B 1 -2.64 8.15 3.81
CA ARG B 1 -4.08 8.55 3.78
C ARG B 1 -4.89 7.55 2.97
N ILE B 2 -4.94 6.32 3.42
CA ILE B 2 -5.72 5.28 2.67
C ILE B 2 -6.13 4.15 3.61
N SER B 3 -7.36 4.13 4.04
CA SER B 3 -7.82 3.06 4.96
C SER B 3 -7.56 1.69 4.34
N ALA B 4 -7.65 0.65 5.12
CA ALA B 4 -7.41 -0.72 4.58
C ALA B 4 -8.65 -1.24 3.85
N ASP B 5 -9.79 -1.15 4.48
CA ASP B 5 -11.04 -1.64 3.83
C ASP B 5 -11.50 -0.65 2.77
N ALA B 6 -11.42 0.63 3.06
CA ALA B 6 -11.84 1.64 2.05
C ALA B 6 -11.17 1.37 0.71
N MET B 7 -10.00 0.81 0.72
CA MET B 7 -9.30 0.52 -0.56
C MET B 7 -9.94 -0.69 -1.25
N MET B 8 -10.52 -1.58 -0.49
CA MET B 8 -11.16 -2.78 -1.09
C MET B 8 -12.50 -2.40 -1.73
N GLN B 9 -13.17 -1.43 -1.17
CA GLN B 9 -14.48 -1.00 -1.74
C GLN B 9 -14.25 -0.21 -3.04
N ALA B 10 -13.19 0.55 -3.10
CA ALA B 10 -12.90 1.33 -4.33
C ALA B 10 -12.36 0.41 -5.42
N LEU B 11 -11.36 -0.36 -5.10
CA LEU B 11 -10.77 -1.30 -6.11
C LEU B 11 -10.47 -2.65 -5.46
N LEU B 12 -9.97 -3.58 -6.22
CA LEU B 12 -9.66 -4.93 -5.65
C LEU B 12 -10.95 -5.65 -5.27
N GLY B 13 -11.04 -6.93 -5.54
CA GLY B 13 -12.27 -7.68 -5.20
C GLY B 13 -12.43 -8.87 -6.14
N ALA B 14 -13.18 -8.71 -7.20
CA ALA B 14 -13.37 -9.84 -8.17
C ALA B 14 -14.24 -9.39 -9.34
N ARG B 15 -13.78 -8.47 -10.12
CA ARG B 15 -14.60 -7.98 -11.28
C ARG B 15 -14.69 -9.08 -12.35
N ALA B 16 -13.63 -9.29 -13.07
CA ALA B 16 -13.66 -10.35 -14.14
C ALA B 16 -13.26 -11.70 -13.55
N LYS B 17 -14.22 -12.54 -13.24
CA LYS B 17 -13.89 -13.87 -12.67
C LYS B 17 -13.33 -14.79 -13.76
CA CA C . 11.69 1.05 -1.37
N MET A 1 15.08 -2.80 21.85
CA MET A 1 13.91 -2.86 20.94
C MET A 1 14.29 -2.41 19.53
N ASP A 2 14.42 -3.33 18.61
CA ASP A 2 14.80 -2.95 17.22
C ASP A 2 13.77 -3.49 16.22
N ASP A 3 12.51 -3.18 16.44
CA ASP A 3 11.46 -3.67 15.50
C ASP A 3 10.38 -2.60 15.33
N ILE A 4 9.42 -2.56 16.22
CA ILE A 4 8.33 -1.55 16.12
C ILE A 4 7.47 -1.80 14.88
N TYR A 5 8.07 -1.84 13.72
CA TYR A 5 7.28 -2.08 12.48
C TYR A 5 7.29 -3.58 12.12
N LYS A 6 8.44 -4.12 11.87
CA LYS A 6 8.52 -5.56 11.50
C LYS A 6 7.77 -6.40 12.56
N ALA A 7 7.65 -5.90 13.75
CA ALA A 7 6.93 -6.66 14.81
C ALA A 7 5.48 -6.91 14.39
N ALA A 8 4.77 -5.87 14.06
CA ALA A 8 3.34 -6.04 13.63
C ALA A 8 3.26 -6.97 12.42
N VAL A 9 4.30 -7.03 11.64
CA VAL A 9 4.27 -7.91 10.43
C VAL A 9 4.22 -9.38 10.86
N GLU A 10 5.07 -9.77 11.78
CA GLU A 10 5.07 -11.18 12.24
C GLU A 10 3.64 -11.67 12.49
N GLN A 11 2.73 -10.78 12.76
CA GLN A 11 1.32 -11.20 13.01
C GLN A 11 0.58 -11.40 11.69
N LEU A 12 1.21 -11.10 10.58
CA LEU A 12 0.55 -11.27 9.26
C LEU A 12 0.10 -12.72 9.08
N THR A 13 -1.04 -13.08 9.60
CA THR A 13 -1.52 -14.48 9.45
C THR A 13 -1.52 -14.86 7.97
N GLU A 14 -1.91 -16.07 7.66
CA GLU A 14 -1.92 -16.51 6.23
C GLU A 14 -2.97 -15.73 5.44
N GLU A 15 -4.17 -15.64 5.95
CA GLU A 15 -5.23 -14.88 5.21
C GLU A 15 -4.96 -13.38 5.26
N GLN A 16 -4.45 -12.89 6.35
CA GLN A 16 -4.16 -11.42 6.45
C GLN A 16 -3.08 -11.02 5.45
N LYS A 17 -2.08 -11.84 5.27
CA LYS A 17 -1.01 -11.50 4.30
C LYS A 17 -1.54 -11.61 2.87
N ASN A 18 -2.51 -12.45 2.66
CA ASN A 18 -3.08 -12.61 1.29
C ASN A 18 -3.99 -11.42 0.97
N GLU A 19 -4.33 -10.64 1.95
CA GLU A 19 -5.22 -9.46 1.70
C GLU A 19 -4.41 -8.26 1.22
N PHE A 20 -3.38 -7.90 1.93
CA PHE A 20 -2.56 -6.73 1.50
C PHE A 20 -1.84 -7.04 0.18
N LYS A 21 -1.31 -8.23 0.04
CA LYS A 21 -0.60 -8.57 -1.23
C LYS A 21 -1.45 -8.17 -2.44
N ALA A 22 -2.74 -8.11 -2.27
CA ALA A 22 -3.62 -7.72 -3.42
C ALA A 22 -3.44 -6.24 -3.74
N ALA A 23 -3.64 -5.39 -2.76
CA ALA A 23 -3.47 -3.92 -3.01
C ALA A 23 -2.11 -3.64 -3.66
N PHE A 24 -1.08 -4.27 -3.17
CA PHE A 24 0.27 -4.04 -3.75
C PHE A 24 0.32 -4.55 -5.20
N ASP A 25 -0.40 -5.58 -5.49
CA ASP A 25 -0.40 -6.13 -6.89
C ASP A 25 -1.14 -5.16 -7.82
N ILE A 26 -2.35 -4.81 -7.49
CA ILE A 26 -3.11 -3.88 -8.37
C ILE A 26 -2.35 -2.55 -8.50
N PHE A 27 -1.56 -2.21 -7.52
CA PHE A 27 -0.79 -0.94 -7.58
C PHE A 27 0.22 -0.98 -8.74
N VAL A 28 0.95 -2.05 -8.85
CA VAL A 28 1.96 -2.16 -9.95
C VAL A 28 1.34 -2.85 -11.17
N LEU A 29 0.03 -2.99 -11.19
CA LEU A 29 -0.63 -3.64 -12.35
C LEU A 29 -0.08 -3.09 -13.66
N GLY A 30 0.78 -3.83 -14.32
CA GLY A 30 1.36 -3.34 -15.60
C GLY A 30 2.81 -2.91 -15.40
N ALA A 31 3.29 -2.96 -14.18
CA ALA A 31 4.69 -2.55 -13.92
C ALA A 31 5.67 -3.57 -14.52
N GLU A 32 6.70 -3.10 -15.18
CA GLU A 32 7.68 -4.04 -15.79
C GLU A 32 8.41 -4.83 -14.71
N ASP A 33 8.49 -4.30 -13.52
CA ASP A 33 9.20 -5.02 -12.42
C ASP A 33 8.21 -5.37 -11.30
N GLY A 34 7.35 -4.45 -10.93
CA GLY A 34 6.37 -4.72 -9.86
C GLY A 34 6.53 -3.69 -8.74
N CYS A 35 7.32 -2.68 -8.96
CA CYS A 35 7.52 -1.64 -7.90
C CYS A 35 6.47 -0.54 -8.05
N ILE A 36 6.52 0.45 -7.21
CA ILE A 36 5.52 1.56 -7.30
C ILE A 36 6.23 2.92 -7.30
N SER A 37 5.69 3.87 -8.00
CA SER A 37 6.34 5.22 -8.05
C SER A 37 5.29 6.26 -8.46
N THR A 38 4.13 6.17 -7.88
CA THR A 38 3.02 7.11 -8.21
C THR A 38 2.45 6.75 -9.59
N LYS A 39 3.29 6.68 -10.59
CA LYS A 39 2.78 6.30 -11.95
C LYS A 39 1.90 5.06 -11.82
N GLU A 40 2.27 4.16 -10.95
CA GLU A 40 1.46 2.93 -10.75
C GLU A 40 0.47 3.14 -9.60
N LEU A 41 0.88 3.87 -8.60
CA LEU A 41 -0.01 4.12 -7.43
C LEU A 41 -1.09 5.14 -7.79
N GLY A 42 -0.71 6.23 -8.40
CA GLY A 42 -1.72 7.27 -8.77
C GLY A 42 -2.85 6.64 -9.57
N LYS A 43 -2.56 5.66 -10.38
CA LYS A 43 -3.63 5.01 -11.19
C LYS A 43 -4.83 4.64 -10.30
N VAL A 44 -4.59 4.44 -9.03
CA VAL A 44 -5.72 4.10 -8.12
C VAL A 44 -6.43 5.37 -7.63
N MET A 45 -5.67 6.37 -7.27
CA MET A 45 -6.29 7.63 -6.77
C MET A 45 -7.52 7.99 -7.61
N ARG A 46 -7.37 7.98 -8.91
CA ARG A 46 -8.53 8.33 -9.78
C ARG A 46 -9.49 7.13 -9.85
N MET A 47 -9.04 5.97 -9.46
CA MET A 47 -9.94 4.78 -9.50
C MET A 47 -10.75 4.69 -8.20
N LEU A 48 -10.16 5.03 -7.09
CA LEU A 48 -10.91 4.97 -5.80
C LEU A 48 -12.05 6.00 -5.83
N GLY A 49 -11.86 7.09 -6.51
CA GLY A 49 -12.93 8.13 -6.58
C GLY A 49 -12.38 9.46 -6.05
N GLN A 50 -11.10 9.65 -6.10
CA GLN A 50 -10.50 10.92 -5.61
C GLN A 50 -9.25 11.27 -6.41
N ASN A 51 -8.61 12.36 -6.09
CA ASN A 51 -7.37 12.74 -6.84
C ASN A 51 -6.58 13.79 -6.06
N PRO A 52 -5.67 13.32 -5.25
CA PRO A 52 -4.83 14.23 -4.44
C PRO A 52 -3.79 14.91 -5.33
N THR A 53 -2.79 15.52 -4.75
CA THR A 53 -1.75 16.20 -5.58
C THR A 53 -0.64 15.21 -5.94
N PRO A 54 0.09 15.55 -6.97
CA PRO A 54 1.20 14.68 -7.42
C PRO A 54 2.37 14.74 -6.42
N GLU A 55 2.62 15.90 -5.88
CA GLU A 55 3.74 16.02 -4.89
C GLU A 55 3.42 15.20 -3.64
N GLU A 56 2.15 15.05 -3.32
CA GLU A 56 1.79 14.26 -2.11
C GLU A 56 1.85 12.76 -2.43
N LEU A 57 1.68 12.41 -3.68
CA LEU A 57 1.74 10.96 -4.05
C LEU A 57 3.05 10.35 -3.58
N GLN A 58 4.17 10.84 -4.08
CA GLN A 58 5.47 10.29 -3.66
C GLN A 58 5.50 10.07 -2.14
N GLU A 59 4.92 10.98 -1.40
CA GLU A 59 4.90 10.82 0.09
C GLU A 59 4.52 9.38 0.44
N MET A 60 3.44 8.90 -0.10
CA MET A 60 3.02 7.50 0.21
C MET A 60 4.20 6.55 0.00
N ILE A 61 5.03 6.82 -0.97
CA ILE A 61 6.21 5.96 -1.22
C ILE A 61 7.31 6.27 -0.20
N ASP A 62 7.64 7.53 -0.04
CA ASP A 62 8.69 7.91 0.95
C ASP A 62 8.28 7.47 2.35
N GLU A 63 7.01 7.21 2.56
CA GLU A 63 6.54 6.78 3.91
C GLU A 63 7.11 5.39 4.24
N VAL A 64 7.58 4.68 3.25
CA VAL A 64 8.14 3.33 3.51
C VAL A 64 9.38 3.09 2.65
N ASP A 65 10.18 4.11 2.46
CA ASP A 65 11.40 3.95 1.62
C ASP A 65 12.65 3.94 2.51
N GLU A 66 13.11 2.78 2.89
CA GLU A 66 14.32 2.71 3.75
C GLU A 66 15.58 2.58 2.90
N ASP A 67 15.56 3.12 1.71
CA ASP A 67 16.76 3.04 0.82
C ASP A 67 16.92 4.33 0.03
N GLY A 68 15.86 4.81 -0.57
CA GLY A 68 15.95 6.06 -1.36
C GLY A 68 15.78 5.74 -2.84
N SER A 69 15.35 4.54 -3.16
CA SER A 69 15.15 4.18 -4.59
C SER A 69 13.96 4.93 -5.17
N GLY A 70 13.22 5.63 -4.35
CA GLY A 70 12.05 6.38 -4.86
C GLY A 70 10.96 5.40 -5.32
N THR A 71 11.08 4.16 -4.94
CA THR A 71 10.05 3.16 -5.36
C THR A 71 9.72 2.21 -4.20
N VAL A 72 8.67 1.45 -4.32
CA VAL A 72 8.29 0.52 -3.22
C VAL A 72 8.22 -0.92 -3.73
N ASP A 73 8.37 -1.88 -2.87
CA ASP A 73 8.30 -3.30 -3.31
C ASP A 73 7.33 -4.07 -2.41
N PHE A 74 7.07 -5.32 -2.73
CA PHE A 74 6.13 -6.13 -1.91
C PHE A 74 6.64 -6.23 -0.47
N ASP A 75 7.88 -5.88 -0.24
CA ASP A 75 8.45 -5.96 1.13
C ASP A 75 8.17 -4.67 1.90
N GLU A 76 8.60 -3.55 1.38
CA GLU A 76 8.36 -2.25 2.08
C GLU A 76 6.86 -1.93 2.09
N PHE A 77 6.13 -2.43 1.13
CA PHE A 77 4.66 -2.14 1.09
C PHE A 77 4.00 -2.60 2.40
N LEU A 78 4.40 -3.73 2.91
CA LEU A 78 3.79 -4.23 4.19
C LEU A 78 3.88 -3.15 5.27
N VAL A 79 5.01 -2.53 5.40
CA VAL A 79 5.15 -1.46 6.44
C VAL A 79 4.08 -0.40 6.26
N MET A 80 3.93 0.11 5.08
CA MET A 80 2.89 1.16 4.84
C MET A 80 1.55 0.72 5.43
N MET A 81 1.36 -0.56 5.62
CA MET A 81 0.07 -1.05 6.19
C MET A 81 0.17 -1.13 7.72
N VAL A 82 1.36 -1.06 8.24
CA VAL A 82 1.52 -1.12 9.73
C VAL A 82 1.22 0.24 10.36
N ARG A 83 1.71 1.29 9.77
CA ARG A 83 1.46 2.65 10.34
C ARG A 83 -0.03 2.80 10.70
N CYS A 84 -0.89 2.13 9.99
CA CYS A 84 -2.35 2.23 10.30
C CYS A 84 -2.76 1.19 11.34
N MET A 85 -1.88 0.27 11.65
CA MET A 85 -2.22 -0.77 12.66
C MET A 85 -1.80 -0.30 14.06
N LYS A 86 -2.74 0.15 14.85
CA LYS A 86 -2.40 0.62 16.22
C LYS A 86 -3.65 0.64 17.10
N ASP A 87 -4.58 1.51 16.81
CA ASP A 87 -5.82 1.57 17.63
C ASP A 87 -6.81 2.58 17.03
N ASP A 88 -8.01 2.62 17.54
CA ASP A 88 -9.03 3.57 17.01
C ASP A 88 -8.40 4.95 16.79
N SER A 89 -8.10 5.30 15.57
CA SER A 89 -7.50 6.63 15.30
C SER A 89 -6.45 6.97 16.35
N ARG B 1 -2.07 9.28 1.96
CA ARG B 1 -2.44 8.13 2.83
C ARG B 1 -3.35 7.16 2.06
N ILE B 2 -3.25 5.89 2.35
CA ILE B 2 -4.11 4.90 1.63
C ILE B 2 -5.15 4.31 2.58
N SER B 3 -6.22 5.03 2.82
CA SER B 3 -7.28 4.52 3.74
C SER B 3 -7.63 3.06 3.38
N ALA B 4 -7.28 2.14 4.23
CA ALA B 4 -7.60 0.72 3.94
C ALA B 4 -9.11 0.53 3.75
N ASP B 5 -9.88 1.49 4.18
CA ASP B 5 -11.37 1.38 4.04
C ASP B 5 -11.79 1.81 2.62
N ALA B 6 -11.41 2.98 2.22
CA ALA B 6 -11.80 3.45 0.86
C ALA B 6 -10.98 2.72 -0.22
N MET B 7 -9.70 2.54 0.01
CA MET B 7 -8.86 1.84 -1.00
C MET B 7 -9.44 0.45 -1.32
N MET B 8 -9.66 -0.36 -0.31
CA MET B 8 -10.20 -1.72 -0.56
C MET B 8 -11.64 -1.64 -1.09
N GLN B 9 -12.40 -0.67 -0.68
CA GLN B 9 -13.81 -0.58 -1.17
C GLN B 9 -13.86 0.17 -2.51
N ALA B 10 -13.00 1.13 -2.70
CA ALA B 10 -13.01 1.90 -3.99
C ALA B 10 -12.20 1.18 -5.06
N LEU B 11 -10.96 0.87 -4.77
CA LEU B 11 -10.12 0.18 -5.78
C LEU B 11 -10.71 -1.18 -6.13
N LEU B 12 -10.63 -2.12 -5.23
CA LEU B 12 -11.20 -3.48 -5.52
C LEU B 12 -12.57 -3.63 -4.85
N GLY B 13 -12.60 -4.06 -3.63
CA GLY B 13 -13.92 -4.22 -2.94
C GLY B 13 -14.55 -5.55 -3.35
N ALA B 14 -14.43 -6.55 -2.52
CA ALA B 14 -15.02 -7.88 -2.86
C ALA B 14 -16.55 -7.77 -2.95
N ARG B 15 -17.17 -7.07 -2.04
CA ARG B 15 -18.65 -6.92 -2.09
C ARG B 15 -19.08 -5.65 -1.36
N ALA B 16 -18.64 -4.52 -1.83
CA ALA B 16 -19.02 -3.23 -1.18
C ALA B 16 -18.95 -2.08 -2.18
N LYS B 17 -20.07 -1.49 -2.49
CA LYS B 17 -20.06 -0.35 -3.46
C LYS B 17 -21.44 0.30 -3.53
CA CA C . 12.52 1.43 -1.58
N MET A 1 17.24 2.37 13.82
CA MET A 1 16.52 1.06 13.84
C MET A 1 15.07 1.25 14.27
N ASP A 2 14.29 0.20 14.26
CA ASP A 2 12.87 0.33 14.67
C ASP A 2 12.32 -1.03 15.09
N ASP A 3 12.44 -1.37 16.35
CA ASP A 3 11.93 -2.69 16.82
C ASP A 3 10.44 -2.57 17.19
N ILE A 4 9.61 -2.26 16.23
CA ILE A 4 8.16 -2.13 16.52
C ILE A 4 7.35 -2.66 15.33
N TYR A 5 7.62 -2.18 14.15
CA TYR A 5 6.85 -2.66 12.96
C TYR A 5 7.23 -4.11 12.65
N LYS A 6 8.49 -4.42 12.58
CA LYS A 6 8.91 -5.82 12.29
C LYS A 6 8.11 -6.79 13.17
N ALA A 7 7.65 -6.36 14.30
CA ALA A 7 6.87 -7.25 15.19
C ALA A 7 5.44 -7.39 14.66
N ALA A 8 5.00 -6.47 13.85
CA ALA A 8 3.62 -6.54 13.30
C ALA A 8 3.59 -7.48 12.08
N VAL A 9 4.55 -7.34 11.20
CA VAL A 9 4.57 -8.21 9.99
C VAL A 9 4.82 -9.67 10.40
N GLU A 10 5.71 -9.89 11.32
CA GLU A 10 5.99 -11.29 11.77
C GLU A 10 4.80 -11.86 12.53
N GLN A 11 3.79 -11.07 12.77
CA GLN A 11 2.60 -11.59 13.50
C GLN A 11 1.37 -11.63 12.58
N LEU A 12 1.57 -11.50 11.30
CA LEU A 12 0.42 -11.53 10.36
C LEU A 12 0.04 -12.98 10.02
N THR A 13 -1.14 -13.20 9.51
CA THR A 13 -1.55 -14.58 9.16
C THR A 13 -1.64 -14.74 7.64
N GLU A 14 -1.37 -15.91 7.12
CA GLU A 14 -1.43 -16.11 5.65
C GLU A 14 -2.66 -15.41 5.07
N GLU A 15 -3.84 -15.76 5.54
CA GLU A 15 -5.06 -15.11 5.01
C GLU A 15 -4.88 -13.59 4.96
N GLN A 16 -4.49 -12.99 6.04
CA GLN A 16 -4.28 -11.52 6.05
C GLN A 16 -3.27 -11.12 4.98
N LYS A 17 -2.12 -11.75 4.96
CA LYS A 17 -1.11 -11.42 3.93
C LYS A 17 -1.71 -11.57 2.53
N ASN A 18 -2.70 -12.43 2.40
CA ASN A 18 -3.34 -12.63 1.08
C ASN A 18 -4.20 -11.41 0.73
N GLU A 19 -4.73 -10.75 1.72
CA GLU A 19 -5.58 -9.55 1.44
C GLU A 19 -4.71 -8.35 1.05
N PHE A 20 -3.49 -8.31 1.53
CA PHE A 20 -2.59 -7.17 1.18
C PHE A 20 -1.96 -7.39 -0.19
N LYS A 21 -1.52 -8.59 -0.47
CA LYS A 21 -0.88 -8.85 -1.79
C LYS A 21 -1.80 -8.38 -2.92
N ALA A 22 -3.07 -8.25 -2.64
CA ALA A 22 -4.02 -7.79 -3.70
C ALA A 22 -3.73 -6.33 -4.06
N ALA A 23 -3.89 -5.43 -3.14
CA ALA A 23 -3.63 -3.99 -3.43
C ALA A 23 -2.17 -3.82 -3.88
N PHE A 24 -1.27 -4.55 -3.28
CA PHE A 24 0.16 -4.43 -3.67
C PHE A 24 0.31 -4.65 -5.18
N ASP A 25 -0.23 -5.71 -5.70
CA ASP A 25 -0.12 -5.98 -7.16
C ASP A 25 -0.68 -4.78 -7.94
N ILE A 26 -1.83 -4.30 -7.57
CA ILE A 26 -2.43 -3.14 -8.29
C ILE A 26 -1.45 -1.95 -8.28
N PHE A 27 -0.88 -1.65 -7.15
CA PHE A 27 0.07 -0.51 -7.08
C PHE A 27 1.21 -0.69 -8.09
N VAL A 28 1.39 -1.87 -8.60
CA VAL A 28 2.47 -2.10 -9.59
C VAL A 28 1.90 -2.69 -10.87
N LEU A 29 0.64 -2.47 -11.13
CA LEU A 29 0.02 -3.02 -12.36
C LEU A 29 0.77 -2.56 -13.61
N GLY A 30 1.84 -3.24 -13.95
CA GLY A 30 2.62 -2.84 -15.16
C GLY A 30 4.00 -2.34 -14.75
N ALA A 31 4.20 -2.09 -13.48
CA ALA A 31 5.53 -1.59 -13.02
C ALA A 31 6.65 -2.46 -13.60
N GLU A 32 7.86 -1.99 -13.58
CA GLU A 32 8.99 -2.79 -14.13
C GLU A 32 9.34 -3.94 -13.17
N ASP A 33 9.94 -3.64 -12.06
CA ASP A 33 10.30 -4.71 -11.09
C ASP A 33 9.21 -4.84 -10.01
N GLY A 34 7.98 -4.95 -10.42
CA GLY A 34 6.89 -5.08 -9.41
C GLY A 34 7.06 -4.03 -8.31
N CYS A 35 7.48 -2.85 -8.68
CA CYS A 35 7.67 -1.78 -7.65
C CYS A 35 6.66 -0.66 -7.86
N ILE A 36 6.64 0.31 -7.00
CA ILE A 36 5.68 1.44 -7.16
C ILE A 36 6.43 2.75 -7.40
N SER A 37 5.82 3.68 -8.07
CA SER A 37 6.49 4.98 -8.35
C SER A 37 5.44 6.05 -8.63
N THR A 38 4.36 6.00 -7.93
CA THR A 38 3.25 6.99 -8.12
C THR A 38 2.50 6.69 -9.42
N LYS A 39 3.20 6.66 -10.52
CA LYS A 39 2.52 6.37 -11.81
C LYS A 39 1.66 5.10 -11.65
N GLU A 40 2.11 4.17 -10.86
CA GLU A 40 1.32 2.93 -10.65
C GLU A 40 0.43 3.10 -9.42
N LEU A 41 0.82 3.95 -8.51
CA LEU A 41 0.01 4.16 -7.28
C LEU A 41 -1.13 5.15 -7.58
N GLY A 42 -0.83 6.23 -8.23
CA GLY A 42 -1.89 7.23 -8.56
C GLY A 42 -3.03 6.54 -9.31
N LYS A 43 -2.73 5.48 -10.01
CA LYS A 43 -3.80 4.76 -10.77
C LYS A 43 -5.01 4.49 -9.86
N VAL A 44 -4.76 4.18 -8.61
CA VAL A 44 -5.90 3.90 -7.69
C VAL A 44 -6.55 5.21 -7.23
N MET A 45 -5.75 6.22 -6.97
CA MET A 45 -6.32 7.52 -6.51
C MET A 45 -7.57 7.87 -7.33
N ARG A 46 -7.46 7.87 -8.62
CA ARG A 46 -8.65 8.20 -9.46
C ARG A 46 -9.75 7.16 -9.24
N MET A 47 -9.39 5.97 -8.86
CA MET A 47 -10.41 4.91 -8.63
C MET A 47 -10.98 5.00 -7.21
N LEU A 48 -10.18 5.42 -6.27
CA LEU A 48 -10.69 5.53 -4.87
C LEU A 48 -11.78 6.60 -4.79
N GLY A 49 -11.94 7.36 -5.84
CA GLY A 49 -12.99 8.42 -5.84
C GLY A 49 -12.32 9.78 -5.58
N GLN A 50 -11.06 9.90 -5.88
CA GLN A 50 -10.37 11.19 -5.65
C GLN A 50 -9.23 11.38 -6.66
N ASN A 51 -8.38 12.35 -6.44
CA ASN A 51 -7.25 12.59 -7.38
C ASN A 51 -6.31 13.66 -6.82
N PRO A 52 -5.36 13.21 -6.04
CA PRO A 52 -4.38 14.14 -5.43
C PRO A 52 -3.40 14.66 -6.49
N THR A 53 -2.28 15.18 -6.06
CA THR A 53 -1.29 15.71 -7.03
C THR A 53 -0.12 14.73 -7.19
N PRO A 54 0.49 14.77 -8.34
CA PRO A 54 1.64 13.89 -8.64
C PRO A 54 2.86 14.35 -7.85
N GLU A 55 2.82 15.55 -7.33
CA GLU A 55 3.98 16.05 -6.54
C GLU A 55 3.95 15.47 -5.13
N GLU A 56 2.77 15.33 -4.57
CA GLU A 56 2.66 14.76 -3.20
C GLU A 56 2.64 13.23 -3.27
N LEU A 57 2.31 12.70 -4.41
CA LEU A 57 2.28 11.22 -4.55
C LEU A 57 3.57 10.60 -3.98
N GLN A 58 4.70 11.11 -4.40
CA GLN A 58 5.99 10.56 -3.90
C GLN A 58 5.90 10.29 -2.40
N GLU A 59 5.40 11.22 -1.64
CA GLU A 59 5.29 11.01 -0.17
C GLU A 59 4.70 9.62 0.13
N MET A 60 3.59 9.29 -0.48
CA MET A 60 2.99 7.96 -0.23
C MET A 60 4.06 6.87 -0.29
N ILE A 61 4.93 6.95 -1.26
CA ILE A 61 6.01 5.93 -1.39
C ILE A 61 7.19 6.29 -0.48
N ASP A 62 7.52 7.55 -0.39
CA ASP A 62 8.65 7.97 0.48
C ASP A 62 8.24 7.92 1.95
N GLU A 63 7.02 7.53 2.23
CA GLU A 63 6.56 7.46 3.64
C GLU A 63 7.05 6.17 4.30
N VAL A 64 7.06 5.08 3.57
CA VAL A 64 7.53 3.80 4.16
C VAL A 64 8.87 3.37 3.54
N ASP A 65 9.36 4.14 2.61
CA ASP A 65 10.66 3.78 1.97
C ASP A 65 11.80 3.86 2.98
N GLU A 66 12.50 2.78 3.19
CA GLU A 66 13.62 2.80 4.17
C GLU A 66 14.95 2.56 3.45
N ASP A 67 14.97 2.72 2.16
CA ASP A 67 16.23 2.49 1.40
C ASP A 67 16.59 3.74 0.59
N GLY A 68 15.64 4.62 0.40
CA GLY A 68 15.93 5.87 -0.38
C GLY A 68 15.91 5.54 -1.88
N SER A 69 15.00 4.72 -2.31
CA SER A 69 14.93 4.37 -3.76
C SER A 69 13.81 5.16 -4.44
N GLY A 70 12.84 5.58 -3.70
CA GLY A 70 11.72 6.36 -4.29
C GLY A 70 10.59 5.41 -4.69
N THR A 71 10.81 4.13 -4.56
CA THR A 71 9.75 3.14 -4.93
C THR A 71 9.37 2.30 -3.71
N VAL A 72 8.36 1.49 -3.84
CA VAL A 72 7.94 0.64 -2.70
C VAL A 72 8.00 -0.84 -3.09
N ASP A 73 8.22 -1.71 -2.15
CA ASP A 73 8.29 -3.17 -2.47
C ASP A 73 7.37 -3.95 -1.54
N PHE A 74 7.21 -5.22 -1.78
CA PHE A 74 6.32 -6.04 -0.91
C PHE A 74 6.70 -5.86 0.56
N ASP A 75 7.89 -5.38 0.82
CA ASP A 75 8.31 -5.17 2.25
C ASP A 75 7.85 -3.79 2.74
N GLU A 76 8.18 -2.76 2.03
CA GLU A 76 7.77 -1.39 2.47
C GLU A 76 6.24 -1.26 2.37
N PHE A 77 5.64 -1.88 1.40
CA PHE A 77 4.16 -1.79 1.25
C PHE A 77 3.47 -2.30 2.52
N LEU A 78 3.88 -3.44 3.02
CA LEU A 78 3.25 -3.99 4.24
C LEU A 78 3.33 -2.97 5.38
N VAL A 79 4.48 -2.36 5.56
CA VAL A 79 4.63 -1.36 6.65
C VAL A 79 3.61 -0.23 6.48
N MET A 80 3.26 0.09 5.26
CA MET A 80 2.27 1.18 5.03
C MET A 80 0.93 0.82 5.67
N MET A 81 0.64 -0.45 5.80
CA MET A 81 -0.65 -0.86 6.42
C MET A 81 -0.48 -1.02 7.93
N VAL A 82 0.58 -1.65 8.35
CA VAL A 82 0.80 -1.84 9.82
C VAL A 82 0.54 -0.52 10.55
N ARG A 83 0.97 0.57 10.00
CA ARG A 83 0.75 1.88 10.67
C ARG A 83 -0.74 2.10 10.93
N CYS A 84 -1.58 1.65 10.04
CA CYS A 84 -3.05 1.82 10.24
C CYS A 84 -3.76 0.47 10.10
N MET A 85 -3.08 -0.59 10.38
CA MET A 85 -3.73 -1.94 10.26
C MET A 85 -4.66 -2.20 11.43
N LYS A 86 -5.69 -2.98 11.23
CA LYS A 86 -6.64 -3.28 12.34
C LYS A 86 -6.63 -4.78 12.65
N ASP A 87 -6.95 -5.15 13.86
CA ASP A 87 -6.96 -6.60 14.20
C ASP A 87 -7.59 -6.81 15.58
N ASP A 88 -8.89 -6.64 15.69
CA ASP A 88 -9.54 -6.84 17.01
C ASP A 88 -10.41 -8.11 16.98
N SER A 89 -10.79 -8.56 15.81
CA SER A 89 -11.63 -9.78 15.72
C SER A 89 -10.88 -10.98 16.31
N ARG B 1 -0.71 8.57 2.99
CA ARG B 1 -2.01 9.31 3.06
C ARG B 1 -3.02 8.70 2.09
N ILE B 2 -3.78 7.73 2.53
CA ILE B 2 -4.78 7.10 1.62
C ILE B 2 -5.77 6.26 2.43
N SER B 3 -5.96 6.60 3.68
CA SER B 3 -6.93 5.82 4.51
C SER B 3 -6.55 4.34 4.51
N ALA B 4 -7.48 3.47 4.78
CA ALA B 4 -7.18 2.02 4.79
C ALA B 4 -8.38 1.22 4.30
N ASP B 5 -9.54 1.48 4.85
CA ASP B 5 -10.76 0.74 4.41
C ASP B 5 -11.22 1.25 3.04
N ALA B 6 -11.28 2.53 2.85
CA ALA B 6 -11.72 3.08 1.54
C ALA B 6 -10.83 2.55 0.43
N MET B 7 -9.60 2.22 0.73
CA MET B 7 -8.69 1.69 -0.32
C MET B 7 -9.23 0.37 -0.87
N MET B 8 -9.76 -0.46 -0.03
CA MET B 8 -10.31 -1.77 -0.50
C MET B 8 -11.73 -1.58 -1.05
N GLN B 9 -12.46 -0.63 -0.53
CA GLN B 9 -13.85 -0.40 -1.03
C GLN B 9 -13.84 0.52 -2.25
N ALA B 10 -13.22 1.66 -2.15
CA ALA B 10 -13.18 2.60 -3.30
C ALA B 10 -12.42 1.99 -4.48
N LEU B 11 -11.60 1.01 -4.22
CA LEU B 11 -10.82 0.38 -5.33
C LEU B 11 -11.25 -1.08 -5.53
N LEU B 12 -11.16 -1.88 -4.50
CA LEU B 12 -11.55 -3.30 -4.64
C LEU B 12 -12.94 -3.53 -4.04
N GLY B 13 -13.89 -2.71 -4.39
CA GLY B 13 -15.27 -2.89 -3.84
C GLY B 13 -16.29 -2.53 -4.91
N ALA B 14 -15.86 -2.43 -6.14
CA ALA B 14 -16.81 -2.09 -7.24
C ALA B 14 -17.69 -3.29 -7.59
N ARG B 15 -18.56 -3.67 -6.69
CA ARG B 15 -19.46 -4.84 -6.97
C ARG B 15 -20.89 -4.36 -7.17
N ALA B 16 -21.50 -3.83 -6.14
CA ALA B 16 -22.90 -3.35 -6.28
C ALA B 16 -22.91 -1.83 -6.53
N LYS B 17 -21.85 -1.15 -6.20
CA LYS B 17 -21.81 0.32 -6.42
C LYS B 17 -22.23 0.65 -7.86
CA CA C . 11.73 1.04 -2.09
N MET A 1 13.52 2.77 14.40
CA MET A 1 14.85 2.08 14.30
C MET A 1 14.76 0.68 14.91
N ASP A 2 13.64 0.33 15.47
CA ASP A 2 13.50 -1.02 16.09
C ASP A 2 12.33 -1.78 15.44
N ASP A 3 11.93 -2.88 16.02
CA ASP A 3 10.79 -3.66 15.45
C ASP A 3 9.46 -3.12 15.96
N ILE A 4 9.08 -1.94 15.53
CA ILE A 4 7.78 -1.38 15.98
C ILE A 4 6.72 -1.55 14.89
N TYR A 5 7.15 -1.66 13.66
CA TYR A 5 6.18 -1.84 12.54
C TYR A 5 6.47 -3.16 11.83
N LYS A 6 7.71 -3.45 11.59
CA LYS A 6 8.06 -4.72 10.91
C LYS A 6 7.62 -5.91 11.76
N ALA A 7 7.48 -5.70 13.05
CA ALA A 7 7.05 -6.81 13.94
C ALA A 7 5.58 -7.13 13.72
N ALA A 8 4.75 -6.12 13.64
CA ALA A 8 3.29 -6.37 13.41
C ALA A 8 3.08 -7.16 12.13
N VAL A 9 3.96 -6.99 11.17
CA VAL A 9 3.81 -7.74 9.89
C VAL A 9 4.11 -9.22 10.11
N GLU A 10 5.31 -9.54 10.52
CA GLU A 10 5.65 -10.97 10.76
C GLU A 10 4.57 -11.64 11.61
N GLN A 11 3.85 -10.88 12.39
CA GLN A 11 2.77 -11.47 13.24
C GLN A 11 1.52 -11.73 12.39
N LEU A 12 1.53 -11.33 11.17
CA LEU A 12 0.33 -11.55 10.29
C LEU A 12 0.25 -13.02 9.89
N THR A 13 -0.84 -13.40 9.28
CA THR A 13 -0.99 -14.82 8.85
C THR A 13 -1.17 -14.89 7.32
N GLU A 14 -1.29 -16.06 6.78
CA GLU A 14 -1.47 -16.18 5.30
C GLU A 14 -2.75 -15.47 4.86
N GLU A 15 -3.85 -15.76 5.52
CA GLU A 15 -5.13 -15.11 5.14
C GLU A 15 -4.98 -13.58 5.21
N GLN A 16 -4.22 -13.09 6.14
CA GLN A 16 -4.04 -11.62 6.26
C GLN A 16 -3.05 -11.12 5.20
N LYS A 17 -1.91 -11.72 5.11
CA LYS A 17 -0.91 -11.29 4.09
C LYS A 17 -1.47 -11.54 2.69
N ASN A 18 -2.47 -12.37 2.57
CA ASN A 18 -3.07 -12.64 1.23
C ASN A 18 -3.94 -11.45 0.80
N GLU A 19 -4.48 -10.74 1.75
CA GLU A 19 -5.33 -9.57 1.40
C GLU A 19 -4.45 -8.39 0.99
N PHE A 20 -3.43 -8.10 1.75
CA PHE A 20 -2.53 -6.97 1.40
C PHE A 20 -1.77 -7.28 0.11
N LYS A 21 -1.54 -8.53 -0.17
CA LYS A 21 -0.79 -8.89 -1.41
C LYS A 21 -1.58 -8.41 -2.64
N ALA A 22 -2.87 -8.30 -2.54
CA ALA A 22 -3.69 -7.82 -3.69
C ALA A 22 -3.39 -6.35 -3.95
N ALA A 23 -3.54 -5.51 -2.96
CA ALA A 23 -3.26 -4.06 -3.16
C ALA A 23 -1.87 -3.88 -3.77
N PHE A 24 -0.85 -4.36 -3.11
CA PHE A 24 0.53 -4.22 -3.65
C PHE A 24 0.53 -4.54 -5.15
N ASP A 25 -0.13 -5.61 -5.54
CA ASP A 25 -0.16 -5.96 -6.99
C ASP A 25 -0.73 -4.81 -7.80
N ILE A 26 -1.85 -4.28 -7.40
CA ILE A 26 -2.47 -3.14 -8.15
C ILE A 26 -1.51 -1.95 -8.14
N PHE A 27 -0.84 -1.72 -7.05
CA PHE A 27 0.10 -0.57 -6.96
C PHE A 27 1.27 -0.77 -7.93
N VAL A 28 1.56 -1.99 -8.29
CA VAL A 28 2.69 -2.24 -9.24
C VAL A 28 2.17 -2.87 -10.52
N LEU A 29 0.91 -2.69 -10.82
CA LEU A 29 0.34 -3.29 -12.07
C LEU A 29 1.34 -3.13 -13.22
N GLY A 30 1.95 -4.20 -13.65
CA GLY A 30 2.93 -4.10 -14.76
C GLY A 30 3.95 -3.01 -14.43
N ALA A 31 4.50 -3.04 -13.25
CA ALA A 31 5.51 -2.01 -12.87
C ALA A 31 6.91 -2.41 -13.32
N GLU A 32 7.00 -3.24 -14.31
CA GLU A 32 8.35 -3.68 -14.80
C GLU A 32 9.07 -4.47 -13.70
N ASP A 33 9.53 -3.81 -12.68
CA ASP A 33 10.25 -4.52 -11.59
C ASP A 33 9.25 -5.10 -10.58
N GLY A 34 8.08 -4.53 -10.51
CA GLY A 34 7.06 -5.05 -9.55
C GLY A 34 7.03 -4.16 -8.31
N CYS A 35 7.47 -2.93 -8.44
CA CYS A 35 7.46 -2.02 -7.26
C CYS A 35 6.46 -0.87 -7.50
N ILE A 36 6.62 0.22 -6.81
CA ILE A 36 5.68 1.36 -7.00
C ILE A 36 6.43 2.64 -7.35
N SER A 37 5.77 3.57 -7.98
CA SER A 37 6.41 4.85 -8.35
C SER A 37 5.33 5.91 -8.56
N THR A 38 4.22 5.76 -7.88
CA THR A 38 3.09 6.71 -8.02
C THR A 38 2.40 6.50 -9.37
N LYS A 39 3.14 6.52 -10.44
CA LYS A 39 2.51 6.30 -11.77
C LYS A 39 1.60 5.08 -11.69
N GLU A 40 1.93 4.12 -10.87
CA GLU A 40 1.06 2.92 -10.73
C GLU A 40 0.10 3.13 -9.56
N LEU A 41 0.47 4.01 -8.65
CA LEU A 41 -0.40 4.27 -7.48
C LEU A 41 -1.51 5.28 -7.86
N GLY A 42 -1.13 6.47 -8.24
CA GLY A 42 -2.15 7.49 -8.61
C GLY A 42 -3.20 6.85 -9.52
N LYS A 43 -2.83 5.85 -10.27
CA LYS A 43 -3.80 5.19 -11.19
C LYS A 43 -5.03 4.72 -10.40
N VAL A 44 -4.84 4.26 -9.19
CA VAL A 44 -6.01 3.80 -8.39
C VAL A 44 -6.64 4.98 -7.65
N MET A 45 -5.85 5.96 -7.30
CA MET A 45 -6.41 7.14 -6.58
C MET A 45 -7.73 7.57 -7.22
N ARG A 46 -7.71 7.87 -8.49
CA ARG A 46 -8.97 8.28 -9.18
C ARG A 46 -9.98 7.13 -9.14
N MET A 47 -9.49 5.93 -8.91
CA MET A 47 -10.41 4.76 -8.85
C MET A 47 -11.11 4.71 -7.49
N LEU A 48 -10.41 4.99 -6.42
CA LEU A 48 -11.03 4.95 -5.07
C LEU A 48 -11.85 6.23 -4.85
N GLY A 49 -11.61 7.25 -5.61
CA GLY A 49 -12.38 8.51 -5.44
C GLY A 49 -11.45 9.63 -5.00
N GLN A 50 -10.19 9.55 -5.35
CA GLN A 50 -9.22 10.61 -4.95
C GLN A 50 -8.20 10.84 -6.06
N ASN A 51 -7.31 11.78 -5.88
CA ASN A 51 -6.28 12.05 -6.93
C ASN A 51 -5.19 12.97 -6.38
N PRO A 52 -4.18 12.35 -5.82
CA PRO A 52 -3.05 13.12 -5.24
C PRO A 52 -2.11 13.61 -6.34
N THR A 53 -1.57 14.78 -6.20
CA THR A 53 -0.64 15.32 -7.24
C THR A 53 0.64 14.48 -7.28
N PRO A 54 1.49 14.81 -8.21
CA PRO A 54 2.77 14.07 -8.37
C PRO A 54 3.72 14.39 -7.22
N GLU A 55 3.45 15.44 -6.48
CA GLU A 55 4.34 15.80 -5.34
C GLU A 55 3.97 14.97 -4.10
N GLU A 56 2.72 14.99 -3.71
CA GLU A 56 2.30 14.22 -2.52
C GLU A 56 2.33 12.71 -2.82
N LEU A 57 2.18 12.35 -4.07
CA LEU A 57 2.21 10.90 -4.43
C LEU A 57 3.49 10.25 -3.92
N GLN A 58 4.62 10.78 -4.28
CA GLN A 58 5.91 10.19 -3.82
C GLN A 58 5.89 10.01 -2.29
N GLU A 59 5.15 10.82 -1.59
CA GLU A 59 5.09 10.69 -0.11
C GLU A 59 4.60 9.29 0.27
N MET A 60 3.51 8.85 -0.31
CA MET A 60 2.98 7.49 0.01
C MET A 60 4.12 6.46 -0.07
N ILE A 61 5.03 6.66 -1.00
CA ILE A 61 6.17 5.70 -1.13
C ILE A 61 7.28 6.06 -0.14
N ASP A 62 7.74 7.27 -0.15
CA ASP A 62 8.82 7.66 0.79
C ASP A 62 8.42 7.30 2.22
N GLU A 63 7.15 7.12 2.46
CA GLU A 63 6.70 6.76 3.83
C GLU A 63 7.34 5.44 4.28
N VAL A 64 7.74 4.62 3.35
CA VAL A 64 8.36 3.32 3.73
C VAL A 64 9.52 2.98 2.79
N ASP A 65 10.30 3.97 2.42
CA ASP A 65 11.45 3.70 1.49
C ASP A 65 12.76 3.75 2.27
N GLU A 66 13.14 2.65 2.88
CA GLU A 66 14.41 2.63 3.65
C GLU A 66 15.51 1.93 2.85
N ASP A 67 15.54 2.13 1.57
CA ASP A 67 16.58 1.47 0.74
C ASP A 67 17.21 2.48 -0.23
N GLY A 68 16.79 3.71 -0.17
CA GLY A 68 17.36 4.74 -1.08
C GLY A 68 17.04 4.37 -2.52
N SER A 69 15.88 3.84 -2.78
CA SER A 69 15.50 3.46 -4.17
C SER A 69 14.51 4.47 -4.75
N GLY A 70 13.33 4.55 -4.20
CA GLY A 70 12.32 5.51 -4.71
C GLY A 70 11.00 4.78 -4.98
N THR A 71 11.00 3.48 -4.86
CA THR A 71 9.73 2.72 -5.10
C THR A 71 9.40 1.86 -3.89
N VAL A 72 8.19 1.36 -3.83
CA VAL A 72 7.80 0.51 -2.66
C VAL A 72 7.73 -0.96 -3.08
N ASP A 73 8.00 -1.87 -2.18
CA ASP A 73 7.94 -3.31 -2.52
C ASP A 73 6.99 -4.05 -1.57
N PHE A 74 6.69 -5.29 -1.83
CA PHE A 74 5.77 -6.04 -0.93
C PHE A 74 6.29 -5.99 0.51
N ASP A 75 7.55 -5.70 0.67
CA ASP A 75 8.13 -5.64 2.06
C ASP A 75 7.79 -4.30 2.71
N GLU A 76 8.20 -3.21 2.11
CA GLU A 76 7.89 -1.88 2.69
C GLU A 76 6.40 -1.60 2.61
N PHE A 77 5.75 -2.08 1.60
CA PHE A 77 4.28 -1.83 1.46
C PHE A 77 3.53 -2.39 2.68
N LEU A 78 3.90 -3.55 3.13
CA LEU A 78 3.21 -4.14 4.32
C LEU A 78 3.42 -3.24 5.54
N VAL A 79 4.45 -2.44 5.55
CA VAL A 79 4.71 -1.54 6.71
C VAL A 79 3.82 -0.30 6.63
N MET A 80 3.30 0.00 5.47
CA MET A 80 2.43 1.20 5.33
C MET A 80 1.06 0.96 5.98
N MET A 81 0.64 -0.27 6.04
CA MET A 81 -0.68 -0.57 6.66
C MET A 81 -0.55 -0.71 8.18
N VAL A 82 0.66 -0.81 8.66
CA VAL A 82 0.86 -0.95 10.15
C VAL A 82 0.86 0.43 10.81
N ARG A 83 1.53 1.39 10.23
CA ARG A 83 1.59 2.75 10.83
C ARG A 83 0.18 3.34 10.92
N CYS A 84 -0.60 3.22 9.86
CA CYS A 84 -1.98 3.77 9.90
C CYS A 84 -2.87 2.92 10.80
N MET A 85 -2.35 1.83 11.29
CA MET A 85 -3.16 0.95 12.18
C MET A 85 -2.75 1.14 13.64
N LYS A 86 -3.49 0.58 14.55
CA LYS A 86 -3.14 0.73 16.00
C LYS A 86 -1.97 -0.19 16.35
N ASP A 87 -1.07 0.28 17.17
CA ASP A 87 0.09 -0.57 17.56
C ASP A 87 0.04 -0.89 19.06
N ASP A 88 -0.20 -2.14 19.39
CA ASP A 88 -0.27 -2.52 20.84
C ASP A 88 0.26 -3.95 21.02
N SER A 89 1.54 -4.14 20.89
CA SER A 89 2.11 -5.51 21.06
C SER A 89 3.47 -5.43 21.77
N ARG B 1 -2.06 9.48 4.91
CA ARG B 1 -3.06 8.87 5.83
C ARG B 1 -4.11 8.09 5.04
N ILE B 2 -3.79 6.88 4.66
CA ILE B 2 -4.78 6.07 3.88
C ILE B 2 -5.68 5.28 4.83
N SER B 3 -6.85 4.90 4.38
CA SER B 3 -7.77 4.12 5.25
C SER B 3 -7.78 2.65 4.82
N ALA B 4 -8.93 2.03 4.77
CA ALA B 4 -8.99 0.60 4.36
C ALA B 4 -10.39 0.26 3.84
N ASP B 5 -11.41 0.82 4.43
CA ASP B 5 -12.80 0.52 3.97
C ASP B 5 -12.97 0.93 2.51
N ALA B 6 -12.61 2.14 2.17
CA ALA B 6 -12.76 2.60 0.75
C ALA B 6 -11.90 1.74 -0.19
N MET B 7 -10.63 1.64 0.08
CA MET B 7 -9.74 0.82 -0.81
C MET B 7 -10.38 -0.53 -1.11
N MET B 8 -10.73 -1.27 -0.09
CA MET B 8 -11.36 -2.61 -0.32
C MET B 8 -12.70 -2.45 -1.04
N GLN B 9 -13.32 -1.31 -0.92
CA GLN B 9 -14.63 -1.11 -1.60
C GLN B 9 -14.41 -0.72 -3.06
N ALA B 10 -13.64 0.30 -3.29
CA ALA B 10 -13.37 0.73 -4.70
C ALA B 10 -12.22 -0.07 -5.29
N LEU B 11 -11.13 -0.18 -4.58
CA LEU B 11 -9.97 -0.94 -5.10
C LEU B 11 -10.23 -2.44 -5.04
N LEU B 12 -9.99 -3.14 -6.13
CA LEU B 12 -10.21 -4.62 -6.18
C LEU B 12 -11.24 -5.08 -5.14
N GLY B 13 -12.50 -4.81 -5.38
CA GLY B 13 -13.54 -5.24 -4.40
C GLY B 13 -14.92 -5.11 -5.05
N ALA B 14 -15.95 -4.94 -4.27
CA ALA B 14 -17.32 -4.81 -4.85
C ALA B 14 -17.29 -3.89 -6.06
N ARG B 15 -17.14 -4.43 -7.24
CA ARG B 15 -17.11 -3.56 -8.45
C ARG B 15 -17.40 -4.40 -9.70
N ALA B 16 -18.04 -3.81 -10.68
CA ALA B 16 -18.36 -4.57 -11.91
C ALA B 16 -17.44 -4.13 -13.05
N LYS B 17 -16.96 -5.06 -13.85
CA LYS B 17 -16.05 -4.69 -14.97
C LYS B 17 -15.91 -5.87 -15.93
CA CA C . 11.99 0.88 -1.59
N MET A 1 19.87 -2.53 15.17
CA MET A 1 18.66 -3.35 15.44
C MET A 1 17.46 -2.45 15.76
N ASP A 2 17.03 -1.67 14.81
CA ASP A 2 15.86 -0.76 15.06
C ASP A 2 14.59 -1.37 14.48
N ASP A 3 14.04 -2.36 15.14
CA ASP A 3 12.79 -3.00 14.62
C ASP A 3 11.58 -2.49 15.40
N ILE A 4 10.41 -2.56 14.82
CA ILE A 4 9.19 -2.09 15.52
C ILE A 4 7.95 -2.34 14.67
N TYR A 5 8.03 -2.05 13.40
CA TYR A 5 6.86 -2.28 12.50
C TYR A 5 7.01 -3.62 11.78
N LYS A 6 8.14 -3.85 11.17
CA LYS A 6 8.34 -5.15 10.45
C LYS A 6 7.95 -6.32 11.36
N ALA A 7 8.05 -6.14 12.65
CA ALA A 7 7.67 -7.24 13.57
C ALA A 7 6.19 -7.60 13.40
N ALA A 8 5.34 -6.61 13.38
CA ALA A 8 3.89 -6.89 13.21
C ALA A 8 3.65 -7.68 11.92
N VAL A 9 4.43 -7.41 10.90
CA VAL A 9 4.27 -8.14 9.62
C VAL A 9 4.56 -9.63 9.82
N GLU A 10 5.67 -9.93 10.42
CA GLU A 10 6.03 -11.37 10.65
C GLU A 10 4.94 -12.06 11.47
N GLN A 11 4.23 -11.31 12.27
CA GLN A 11 3.15 -11.92 13.10
C GLN A 11 1.80 -11.75 12.40
N LEU A 12 1.81 -11.52 11.12
CA LEU A 12 0.52 -11.33 10.38
C LEU A 12 -0.21 -12.68 10.23
N THR A 13 -1.47 -12.65 9.95
CA THR A 13 -2.24 -13.93 9.79
C THR A 13 -2.24 -14.35 8.32
N GLU A 14 -2.67 -15.55 8.05
CA GLU A 14 -2.70 -16.02 6.63
C GLU A 14 -3.74 -15.24 5.83
N GLU A 15 -4.86 -14.95 6.44
CA GLU A 15 -5.92 -14.18 5.71
C GLU A 15 -5.40 -12.79 5.31
N GLN A 16 -4.79 -12.09 6.23
CA GLN A 16 -4.27 -10.73 5.91
C GLN A 16 -3.23 -10.82 4.78
N LYS A 17 -2.20 -11.59 4.97
CA LYS A 17 -1.15 -11.72 3.91
C LYS A 17 -1.80 -11.90 2.54
N ASN A 18 -2.97 -12.49 2.50
CA ASN A 18 -3.66 -12.70 1.20
C ASN A 18 -4.28 -11.39 0.70
N GLU A 19 -4.58 -10.49 1.58
CA GLU A 19 -5.20 -9.19 1.14
C GLU A 19 -4.12 -8.20 0.71
N PHE A 20 -2.91 -8.40 1.17
CA PHE A 20 -1.82 -7.46 0.80
C PHE A 20 -1.37 -7.73 -0.64
N LYS A 21 -1.16 -8.96 -0.99
CA LYS A 21 -0.73 -9.30 -2.37
C LYS A 21 -1.64 -8.59 -3.39
N ALA A 22 -2.91 -8.50 -3.10
CA ALA A 22 -3.84 -7.82 -4.05
C ALA A 22 -3.42 -6.37 -4.29
N ALA A 23 -3.35 -5.59 -3.25
CA ALA A 23 -2.94 -4.16 -3.43
C ALA A 23 -1.59 -4.07 -4.14
N PHE A 24 -0.63 -4.85 -3.70
CA PHE A 24 0.71 -4.81 -4.35
C PHE A 24 0.59 -5.07 -5.86
N ASP A 25 -0.18 -6.05 -6.24
CA ASP A 25 -0.34 -6.34 -7.70
C ASP A 25 -0.88 -5.13 -8.45
N ILE A 26 -1.90 -4.50 -7.94
CA ILE A 26 -2.48 -3.31 -8.62
C ILE A 26 -1.49 -2.13 -8.58
N PHE A 27 -0.77 -2.00 -7.51
CA PHE A 27 0.20 -0.87 -7.40
C PHE A 27 1.39 -1.10 -8.35
N VAL A 28 1.52 -2.28 -8.89
CA VAL A 28 2.66 -2.55 -9.80
C VAL A 28 2.15 -3.19 -11.10
N LEU A 29 0.93 -2.91 -11.47
CA LEU A 29 0.38 -3.49 -12.73
C LEU A 29 1.23 -3.07 -13.93
N GLY A 30 2.25 -3.84 -14.25
CA GLY A 30 3.11 -3.48 -15.41
C GLY A 30 4.53 -3.18 -14.92
N ALA A 31 4.75 -3.26 -13.64
CA ALA A 31 6.11 -2.98 -13.10
C ALA A 31 7.12 -4.02 -13.60
N GLU A 32 8.37 -3.67 -13.67
CA GLU A 32 9.39 -4.64 -14.15
C GLU A 32 10.06 -5.33 -12.95
N ASP A 33 10.58 -4.56 -12.03
CA ASP A 33 11.24 -5.18 -10.85
C ASP A 33 10.23 -5.39 -9.71
N GLY A 34 8.96 -5.30 -10.02
CA GLY A 34 7.93 -5.50 -8.97
C GLY A 34 8.01 -4.38 -7.94
N CYS A 35 8.04 -3.15 -8.38
CA CYS A 35 8.13 -2.01 -7.41
C CYS A 35 7.07 -0.95 -7.75
N ILE A 36 6.92 0.03 -6.91
CA ILE A 36 5.91 1.09 -7.19
C ILE A 36 6.58 2.47 -7.32
N SER A 37 5.92 3.40 -7.92
CA SER A 37 6.52 4.76 -8.09
C SER A 37 5.40 5.78 -8.32
N THR A 38 4.28 5.57 -7.71
CA THR A 38 3.11 6.49 -7.87
C THR A 38 2.48 6.28 -9.25
N LYS A 39 3.25 6.32 -10.30
CA LYS A 39 2.67 6.10 -11.65
C LYS A 39 1.75 4.89 -11.62
N GLU A 40 2.09 3.89 -10.85
CA GLU A 40 1.22 2.68 -10.74
C GLU A 40 0.26 2.84 -9.58
N LEU A 41 0.70 3.50 -8.54
CA LEU A 41 -0.16 3.71 -7.34
C LEU A 41 -1.23 4.78 -7.65
N GLY A 42 -0.84 5.89 -8.20
CA GLY A 42 -1.84 6.96 -8.50
C GLY A 42 -3.00 6.37 -9.30
N LYS A 43 -2.72 5.51 -10.24
CA LYS A 43 -3.82 4.91 -11.05
C LYS A 43 -4.98 4.47 -10.16
N VAL A 44 -4.71 4.17 -8.92
CA VAL A 44 -5.80 3.72 -7.99
C VAL A 44 -6.49 4.94 -7.34
N MET A 45 -5.75 5.97 -7.06
CA MET A 45 -6.35 7.17 -6.41
C MET A 45 -7.72 7.48 -7.01
N ARG A 46 -7.79 7.64 -8.31
CA ARG A 46 -9.10 7.94 -8.95
C ARG A 46 -10.03 6.72 -8.85
N MET A 47 -9.48 5.57 -8.61
CA MET A 47 -10.32 4.34 -8.50
C MET A 47 -10.89 4.22 -7.09
N LEU A 48 -10.15 4.64 -6.10
CA LEU A 48 -10.66 4.55 -4.70
C LEU A 48 -11.67 5.67 -4.43
N GLY A 49 -11.71 6.65 -5.27
CA GLY A 49 -12.67 7.77 -5.06
C GLY A 49 -11.91 9.03 -4.65
N GLN A 50 -10.65 9.10 -4.97
CA GLN A 50 -9.85 10.30 -4.59
C GLN A 50 -8.90 10.69 -5.73
N ASN A 51 -8.26 11.81 -5.64
CA ASN A 51 -7.32 12.23 -6.72
C ASN A 51 -6.39 13.35 -6.21
N PRO A 52 -5.41 12.94 -5.47
CA PRO A 52 -4.42 13.91 -4.90
C PRO A 52 -3.49 14.41 -6.01
N THR A 53 -2.36 14.95 -5.63
CA THR A 53 -1.41 15.47 -6.65
C THR A 53 -0.19 14.54 -6.77
N PRO A 54 0.51 14.68 -7.86
CA PRO A 54 1.71 13.85 -8.09
C PRO A 54 2.87 14.30 -7.20
N GLU A 55 2.87 15.54 -6.80
CA GLU A 55 3.97 16.05 -5.93
C GLU A 55 3.95 15.31 -4.59
N GLU A 56 2.79 15.11 -4.02
CA GLU A 56 2.72 14.41 -2.71
C GLU A 56 2.76 12.89 -2.92
N LEU A 57 2.36 12.42 -4.07
CA LEU A 57 2.41 10.95 -4.33
C LEU A 57 3.73 10.38 -3.83
N GLN A 58 4.83 10.98 -4.20
CA GLN A 58 6.14 10.47 -3.74
C GLN A 58 6.16 10.41 -2.20
N GLU A 59 5.52 11.33 -1.56
CA GLU A 59 5.48 11.32 -0.07
C GLU A 59 4.96 9.97 0.43
N MET A 60 3.93 9.46 -0.18
CA MET A 60 3.39 8.14 0.24
C MET A 60 4.50 7.10 0.24
N ILE A 61 5.38 7.17 -0.73
CA ILE A 61 6.50 6.20 -0.78
C ILE A 61 7.53 6.50 0.31
N ASP A 62 7.98 7.73 0.37
CA ASP A 62 8.97 8.10 1.42
C ASP A 62 8.39 7.85 2.81
N GLU A 63 7.09 7.86 2.93
CA GLU A 63 6.46 7.63 4.26
C GLU A 63 6.86 6.25 4.80
N VAL A 64 6.80 5.25 3.98
CA VAL A 64 7.18 3.88 4.45
C VAL A 64 8.38 3.35 3.66
N ASP A 65 9.42 4.14 3.55
CA ASP A 65 10.63 3.68 2.80
C ASP A 65 11.82 3.56 3.75
N GLU A 66 12.48 2.43 3.75
CA GLU A 66 13.65 2.25 4.66
C GLU A 66 14.96 2.39 3.87
N ASP A 67 14.88 2.72 2.61
CA ASP A 67 16.11 2.89 1.80
C ASP A 67 16.01 4.15 0.94
N GLY A 68 14.95 4.90 1.07
CA GLY A 68 14.81 6.14 0.26
C GLY A 68 15.23 5.86 -1.18
N SER A 69 14.80 4.75 -1.72
CA SER A 69 15.17 4.42 -3.13
C SER A 69 14.24 5.14 -4.11
N GLY A 70 13.09 5.55 -3.66
CA GLY A 70 12.14 6.27 -4.57
C GLY A 70 10.93 5.38 -4.83
N THR A 71 11.12 4.10 -5.00
CA THR A 71 9.97 3.19 -5.26
C THR A 71 9.62 2.41 -4.00
N VAL A 72 8.56 1.65 -4.04
CA VAL A 72 8.16 0.86 -2.83
C VAL A 72 8.12 -0.63 -3.16
N ASP A 73 8.29 -1.47 -2.18
CA ASP A 73 8.28 -2.94 -2.43
C ASP A 73 7.30 -3.63 -1.47
N PHE A 74 7.08 -4.91 -1.66
CA PHE A 74 6.15 -5.64 -0.75
C PHE A 74 6.59 -5.48 0.71
N ASP A 75 7.81 -5.07 0.93
CA ASP A 75 8.30 -4.90 2.32
C ASP A 75 7.89 -3.53 2.87
N GLU A 76 8.03 -2.50 2.09
CA GLU A 76 7.64 -1.14 2.56
C GLU A 76 6.13 -0.97 2.50
N PHE A 77 5.47 -1.66 1.61
CA PHE A 77 3.99 -1.55 1.50
C PHE A 77 3.33 -2.03 2.80
N LEU A 78 3.70 -3.18 3.27
CA LEU A 78 3.08 -3.71 4.53
C LEU A 78 3.19 -2.67 5.64
N VAL A 79 4.29 -1.97 5.71
CA VAL A 79 4.46 -0.95 6.78
C VAL A 79 3.39 0.15 6.62
N MET A 80 2.80 0.25 5.48
CA MET A 80 1.76 1.30 5.26
C MET A 80 0.47 0.93 6.00
N MET A 81 0.11 -0.32 6.02
CA MET A 81 -1.13 -0.74 6.72
C MET A 81 -0.89 -0.86 8.22
N VAL A 82 0.27 -1.30 8.62
CA VAL A 82 0.56 -1.44 10.07
C VAL A 82 0.53 -0.07 10.76
N ARG A 83 1.04 0.94 10.10
CA ARG A 83 1.05 2.30 10.72
C ARG A 83 -0.38 2.76 11.01
N CYS A 84 -1.33 2.31 10.23
CA CYS A 84 -2.75 2.73 10.47
C CYS A 84 -3.52 1.62 11.17
N MET A 85 -2.87 0.52 11.47
CA MET A 85 -3.57 -0.59 12.17
C MET A 85 -3.42 -0.46 13.69
N LYS A 86 -2.22 -0.59 14.17
CA LYS A 86 -1.99 -0.47 15.65
C LYS A 86 -1.38 0.89 15.98
N ASP A 87 -1.54 1.34 17.19
CA ASP A 87 -0.97 2.67 17.57
C ASP A 87 -1.53 3.77 16.66
N ASP A 88 -2.72 4.24 16.94
CA ASP A 88 -3.32 5.31 16.09
C ASP A 88 -2.90 6.69 16.60
N SER A 89 -1.76 6.79 17.22
CA SER A 89 -1.31 8.10 17.74
C SER A 89 -2.40 8.74 18.60
N ARG B 1 -1.34 7.36 4.26
CA ARG B 1 -2.82 7.30 4.44
C ARG B 1 -3.51 7.17 3.09
N ILE B 2 -4.28 6.12 2.90
CA ILE B 2 -4.98 5.94 1.60
C ILE B 2 -6.30 5.21 1.81
N SER B 3 -7.12 5.68 2.71
CA SER B 3 -8.42 5.00 2.95
C SER B 3 -8.21 3.49 3.07
N ALA B 4 -7.58 3.05 4.14
CA ALA B 4 -7.34 1.59 4.31
C ALA B 4 -8.63 0.79 4.06
N ASP B 5 -9.68 1.11 4.76
CA ASP B 5 -10.95 0.36 4.57
C ASP B 5 -11.62 0.77 3.26
N ALA B 6 -11.45 1.99 2.83
CA ALA B 6 -12.08 2.43 1.55
C ALA B 6 -11.35 1.81 0.36
N MET B 7 -10.08 1.53 0.50
CA MET B 7 -9.32 0.93 -0.63
C MET B 7 -9.89 -0.45 -0.98
N MET B 8 -10.37 -1.17 -0.01
CA MET B 8 -10.94 -2.52 -0.30
C MET B 8 -12.30 -2.39 -0.99
N GLN B 9 -12.85 -1.21 -1.02
CA GLN B 9 -14.18 -1.02 -1.67
C GLN B 9 -14.03 -0.78 -3.18
N ALA B 10 -13.25 0.20 -3.55
CA ALA B 10 -13.08 0.49 -5.01
C ALA B 10 -11.99 -0.38 -5.63
N LEU B 11 -10.81 -0.32 -5.07
CA LEU B 11 -9.68 -1.13 -5.62
C LEU B 11 -10.03 -2.61 -5.66
N LEU B 12 -9.86 -3.31 -4.56
CA LEU B 12 -10.18 -4.76 -4.55
C LEU B 12 -11.44 -5.02 -3.73
N GLY B 13 -12.52 -5.36 -4.37
CA GLY B 13 -13.79 -5.63 -3.63
C GLY B 13 -13.82 -7.10 -3.23
N ALA B 14 -13.98 -7.38 -1.96
CA ALA B 14 -14.02 -8.80 -1.51
C ALA B 14 -15.46 -9.23 -1.21
N ARG B 15 -16.27 -8.33 -0.72
CA ARG B 15 -17.68 -8.70 -0.42
C ARG B 15 -17.72 -9.95 0.47
N ALA B 16 -17.63 -9.77 1.76
CA ALA B 16 -17.67 -10.95 2.68
C ALA B 16 -18.90 -11.80 2.41
N LYS B 17 -18.95 -12.98 2.98
CA LYS B 17 -20.14 -13.86 2.76
C LYS B 17 -20.68 -14.36 4.10
CA CA C . 11.79 1.51 -1.16
N MET A 1 17.43 2.76 14.94
CA MET A 1 17.08 1.43 14.37
C MET A 1 15.58 1.35 14.11
N ASP A 2 15.16 0.45 13.25
CA ASP A 2 13.70 0.33 12.96
C ASP A 2 13.06 -0.70 13.88
N ASP A 3 12.06 -0.31 14.62
CA ASP A 3 11.40 -1.27 15.54
C ASP A 3 9.89 -0.96 15.64
N ILE A 4 9.21 -1.56 16.57
CA ILE A 4 7.75 -1.31 16.71
C ILE A 4 7.04 -1.49 15.37
N TYR A 5 7.64 -2.21 14.46
CA TYR A 5 7.01 -2.43 13.12
C TYR A 5 7.13 -3.89 12.72
N LYS A 6 8.32 -4.43 12.74
CA LYS A 6 8.50 -5.85 12.34
C LYS A 6 7.66 -6.76 13.25
N ALA A 7 7.21 -6.26 14.36
CA ALA A 7 6.39 -7.09 15.29
C ALA A 7 5.01 -7.34 14.66
N ALA A 8 4.34 -6.30 14.26
CA ALA A 8 3.00 -6.47 13.63
C ALA A 8 3.13 -7.28 12.34
N VAL A 9 4.12 -6.98 11.54
CA VAL A 9 4.31 -7.74 10.28
C VAL A 9 4.48 -9.23 10.58
N GLU A 10 5.52 -9.58 11.30
CA GLU A 10 5.74 -11.02 11.62
C GLU A 10 4.48 -11.61 12.25
N GLN A 11 3.64 -10.77 12.82
CA GLN A 11 2.40 -11.29 13.46
C GLN A 11 1.24 -11.24 12.45
N LEU A 12 1.54 -11.05 11.20
CA LEU A 12 0.46 -10.99 10.17
C LEU A 12 -0.03 -12.41 9.84
N THR A 13 -1.29 -12.56 9.55
CA THR A 13 -1.83 -13.90 9.22
C THR A 13 -1.99 -14.05 7.71
N GLU A 14 -1.78 -15.24 7.19
CA GLU A 14 -1.93 -15.44 5.73
C GLU A 14 -3.17 -14.72 5.21
N GLU A 15 -4.27 -14.84 5.91
CA GLU A 15 -5.52 -14.15 5.46
C GLU A 15 -5.25 -12.66 5.24
N GLN A 16 -4.61 -12.01 6.19
CA GLN A 16 -4.31 -10.57 6.03
C GLN A 16 -3.39 -10.33 4.82
N LYS A 17 -2.21 -10.90 4.84
CA LYS A 17 -1.29 -10.71 3.68
C LYS A 17 -2.05 -10.85 2.37
N ASN A 18 -2.88 -11.86 2.25
CA ASN A 18 -3.65 -12.03 0.99
C ASN A 18 -4.35 -10.72 0.62
N GLU A 19 -4.68 -9.91 1.58
CA GLU A 19 -5.36 -8.62 1.28
C GLU A 19 -4.33 -7.60 0.81
N PHE A 20 -3.22 -7.50 1.49
CA PHE A 20 -2.17 -6.53 1.07
C PHE A 20 -1.58 -6.93 -0.28
N LYS A 21 -1.17 -8.16 -0.42
CA LYS A 21 -0.59 -8.60 -1.72
C LYS A 21 -1.55 -8.27 -2.86
N ALA A 22 -2.83 -8.18 -2.58
CA ALA A 22 -3.80 -7.85 -3.64
C ALA A 22 -3.70 -6.37 -4.02
N ALA A 23 -3.88 -5.49 -3.07
CA ALA A 23 -3.78 -4.03 -3.38
C ALA A 23 -2.43 -3.73 -4.01
N PHE A 24 -1.40 -4.42 -3.60
CA PHE A 24 -0.05 -4.17 -4.18
C PHE A 24 -0.01 -4.64 -5.63
N ASP A 25 -0.78 -5.64 -5.96
CA ASP A 25 -0.79 -6.15 -7.37
C ASP A 25 -1.41 -5.10 -8.30
N ILE A 26 -2.54 -4.56 -7.93
CA ILE A 26 -3.19 -3.54 -8.79
C ILE A 26 -2.33 -2.27 -8.86
N PHE A 27 -1.50 -2.06 -7.88
CA PHE A 27 -0.64 -0.84 -7.87
C PHE A 27 0.31 -0.85 -9.07
N VAL A 28 0.95 -1.96 -9.32
CA VAL A 28 1.90 -2.02 -10.49
C VAL A 28 1.17 -2.50 -11.75
N LEU A 29 0.33 -3.49 -11.61
CA LEU A 29 -0.42 -4.02 -12.80
C LEU A 29 0.51 -4.17 -14.02
N GLY A 30 0.60 -3.17 -14.85
CA GLY A 30 1.47 -3.28 -16.05
C GLY A 30 2.86 -2.73 -15.74
N ALA A 31 3.42 -3.10 -14.61
CA ALA A 31 4.78 -2.59 -14.26
C ALA A 31 5.85 -3.42 -14.98
N GLU A 32 7.08 -3.01 -14.89
CA GLU A 32 8.18 -3.77 -15.57
C GLU A 32 8.93 -4.63 -14.54
N ASP A 33 8.99 -4.18 -13.31
CA ASP A 33 9.70 -4.96 -12.27
C ASP A 33 8.80 -5.17 -11.05
N GLY A 34 7.52 -5.22 -11.26
CA GLY A 34 6.58 -5.42 -10.12
C GLY A 34 6.93 -4.43 -9.00
N CYS A 35 6.96 -3.17 -9.30
CA CYS A 35 7.29 -2.15 -8.26
C CYS A 35 6.32 -0.96 -8.36
N ILE A 36 6.32 -0.11 -7.37
CA ILE A 36 5.40 1.07 -7.40
C ILE A 36 6.21 2.37 -7.39
N SER A 37 5.65 3.43 -7.92
CA SER A 37 6.37 4.73 -7.97
C SER A 37 5.37 5.86 -8.11
N THR A 38 4.27 5.76 -7.42
CA THR A 38 3.19 6.80 -7.52
C THR A 38 2.52 6.70 -8.88
N LYS A 39 3.26 6.87 -9.94
CA LYS A 39 2.63 6.76 -11.30
C LYS A 39 1.85 5.45 -11.36
N GLU A 40 2.33 4.44 -10.68
CA GLU A 40 1.62 3.13 -10.66
C GLU A 40 0.58 3.15 -9.54
N LEU A 41 0.91 3.78 -8.43
CA LEU A 41 -0.04 3.84 -7.29
C LEU A 41 -1.20 4.79 -7.62
N GLY A 42 -0.89 5.99 -8.03
CA GLY A 42 -1.96 6.97 -8.37
C GLY A 42 -3.08 6.28 -9.15
N LYS A 43 -2.73 5.33 -9.98
CA LYS A 43 -3.78 4.61 -10.78
C LYS A 43 -4.98 4.27 -9.89
N VAL A 44 -4.74 3.78 -8.71
CA VAL A 44 -5.87 3.42 -7.81
C VAL A 44 -6.59 4.69 -7.35
N MET A 45 -5.84 5.73 -7.07
CA MET A 45 -6.49 6.99 -6.61
C MET A 45 -7.71 7.29 -7.48
N ARG A 46 -7.58 7.14 -8.77
CA ARG A 46 -8.75 7.41 -9.67
C ARG A 46 -9.70 6.21 -9.64
N MET A 47 -9.19 5.04 -9.39
CA MET A 47 -10.06 3.84 -9.35
C MET A 47 -10.98 3.89 -8.13
N LEU A 48 -10.53 4.51 -7.06
CA LEU A 48 -11.37 4.61 -5.84
C LEU A 48 -12.37 5.75 -6.00
N GLY A 49 -11.99 6.80 -6.68
CA GLY A 49 -12.90 7.95 -6.86
C GLY A 49 -12.24 9.22 -6.32
N GLN A 50 -10.93 9.27 -6.33
CA GLN A 50 -10.22 10.47 -5.80
C GLN A 50 -8.99 10.77 -6.66
N ASN A 51 -8.13 11.64 -6.20
CA ASN A 51 -6.91 11.97 -7.01
C ASN A 51 -6.03 12.97 -6.26
N PRO A 52 -5.05 12.45 -5.57
CA PRO A 52 -4.11 13.30 -4.80
C PRO A 52 -3.16 14.03 -5.74
N THR A 53 -2.59 15.11 -5.31
CA THR A 53 -1.64 15.86 -6.18
C THR A 53 -0.39 15.02 -6.45
N PRO A 54 0.42 15.49 -7.37
CA PRO A 54 1.66 14.76 -7.72
C PRO A 54 2.69 14.91 -6.60
N GLU A 55 2.56 15.92 -5.80
CA GLU A 55 3.53 16.12 -4.68
C GLU A 55 3.18 15.21 -3.51
N GLU A 56 1.93 14.87 -3.36
CA GLU A 56 1.52 13.98 -2.24
C GLU A 56 1.77 12.52 -2.60
N LEU A 57 1.64 12.18 -3.85
CA LEU A 57 1.87 10.77 -4.27
C LEU A 57 3.21 10.27 -3.71
N GLN A 58 4.29 10.90 -4.09
CA GLN A 58 5.63 10.46 -3.58
C GLN A 58 5.56 10.18 -2.08
N GLU A 59 4.74 10.89 -1.37
CA GLU A 59 4.64 10.66 0.10
C GLU A 59 4.40 9.17 0.38
N MET A 60 3.44 8.58 -0.27
CA MET A 60 3.17 7.12 -0.03
C MET A 60 4.45 6.31 -0.25
N ILE A 61 5.36 6.81 -1.03
CA ILE A 61 6.63 6.07 -1.28
C ILE A 61 7.61 6.30 -0.13
N ASP A 62 8.02 7.51 0.08
CA ASP A 62 8.97 7.80 1.18
C ASP A 62 8.46 7.20 2.50
N GLU A 63 7.17 7.19 2.68
CA GLU A 63 6.61 6.61 3.94
C GLU A 63 7.28 5.27 4.26
N VAL A 64 7.65 4.53 3.24
CA VAL A 64 8.30 3.21 3.48
C VAL A 64 9.51 3.04 2.55
N ASP A 65 10.15 4.12 2.20
CA ASP A 65 11.33 4.03 1.29
C ASP A 65 12.63 4.12 2.10
N GLU A 66 13.36 3.04 2.18
CA GLU A 66 14.64 3.05 2.95
C GLU A 66 15.79 2.54 2.08
N ASP A 67 15.74 2.81 0.80
CA ASP A 67 16.82 2.34 -0.11
C ASP A 67 17.14 3.41 -1.16
N GLY A 68 16.58 4.58 -1.01
CA GLY A 68 16.84 5.66 -2.01
C GLY A 68 16.44 5.19 -3.40
N SER A 69 15.34 4.49 -3.51
CA SER A 69 14.90 4.01 -4.85
C SER A 69 13.65 4.76 -5.30
N GLY A 70 13.21 5.72 -4.52
CA GLY A 70 12.00 6.49 -4.92
C GLY A 70 10.91 5.53 -5.39
N THR A 71 10.94 4.31 -4.92
CA THR A 71 9.90 3.32 -5.34
C THR A 71 9.48 2.47 -4.15
N VAL A 72 8.65 1.48 -4.38
CA VAL A 72 8.20 0.61 -3.26
C VAL A 72 8.07 -0.84 -3.74
N ASP A 73 8.06 -1.77 -2.83
CA ASP A 73 7.94 -3.21 -3.22
C ASP A 73 7.20 -3.99 -2.12
N PHE A 74 6.94 -5.26 -2.35
CA PHE A 74 6.23 -6.05 -1.32
C PHE A 74 7.01 -6.03 0.00
N ASP A 75 8.25 -5.61 -0.04
CA ASP A 75 9.05 -5.56 1.21
C ASP A 75 8.72 -4.28 1.99
N GLU A 76 8.68 -3.16 1.31
CA GLU A 76 8.36 -1.87 1.99
C GLU A 76 6.84 -1.70 2.09
N PHE A 77 6.12 -2.11 1.07
CA PHE A 77 4.63 -1.96 1.12
C PHE A 77 4.09 -2.59 2.40
N LEU A 78 4.59 -3.73 2.77
CA LEU A 78 4.09 -4.40 4.01
C LEU A 78 4.37 -3.51 5.23
N VAL A 79 5.29 -2.59 5.11
CA VAL A 79 5.59 -1.69 6.26
C VAL A 79 4.64 -0.50 6.27
N MET A 80 4.18 -0.10 5.12
CA MET A 80 3.23 1.06 5.06
C MET A 80 1.88 0.65 5.62
N MET A 81 1.58 -0.62 5.59
CA MET A 81 0.27 -1.09 6.12
C MET A 81 0.32 -1.16 7.66
N VAL A 82 1.50 -1.20 8.22
CA VAL A 82 1.60 -1.27 9.71
C VAL A 82 1.40 0.13 10.31
N ARG A 83 2.08 1.11 9.78
CA ARG A 83 1.93 2.50 10.32
C ARG A 83 0.45 2.90 10.38
N CYS A 84 -0.36 2.34 9.53
CA CYS A 84 -1.81 2.70 9.53
C CYS A 84 -2.55 1.91 10.62
N MET A 85 -2.02 0.80 11.04
CA MET A 85 -2.69 -0.01 12.09
C MET A 85 -3.00 0.86 13.31
N LYS A 86 -4.26 1.15 13.54
CA LYS A 86 -4.64 1.99 14.70
C LYS A 86 -3.83 3.29 14.71
N ASP A 87 -3.65 3.88 15.87
CA ASP A 87 -2.87 5.15 15.94
C ASP A 87 -1.55 4.92 16.67
N ASP A 88 -0.45 5.17 16.02
CA ASP A 88 0.88 4.96 16.68
C ASP A 88 1.60 6.30 16.86
N SER A 89 1.07 7.36 16.31
CA SER A 89 1.73 8.68 16.46
C SER A 89 0.92 9.76 15.73
N ARG B 1 -1.03 5.60 5.31
CA ARG B 1 -1.93 6.50 4.53
C ARG B 1 -2.99 5.67 3.79
N ILE B 2 -2.61 4.55 3.24
CA ILE B 2 -3.58 3.69 2.51
C ILE B 2 -4.16 2.63 3.44
N SER B 3 -5.07 3.00 4.30
CA SER B 3 -5.66 2.00 5.24
C SER B 3 -6.20 0.79 4.46
N ALA B 4 -7.49 0.76 4.20
CA ALA B 4 -8.07 -0.39 3.44
C ALA B 4 -9.54 -0.16 3.17
N ASP B 5 -10.29 0.28 4.16
CA ASP B 5 -11.74 0.53 3.96
C ASP B 5 -11.97 1.31 2.66
N ALA B 6 -11.29 2.42 2.49
CA ALA B 6 -11.47 3.22 1.25
C ALA B 6 -10.78 2.54 0.07
N MET B 7 -9.71 1.83 0.31
CA MET B 7 -8.99 1.15 -0.80
C MET B 7 -9.77 -0.10 -1.25
N MET B 8 -10.12 -0.95 -0.33
CA MET B 8 -10.88 -2.19 -0.69
C MET B 8 -12.26 -1.83 -1.23
N GLN B 9 -13.01 -1.08 -0.48
CA GLN B 9 -14.38 -0.70 -0.93
C GLN B 9 -14.31 0.07 -2.26
N ALA B 10 -13.38 0.98 -2.38
CA ALA B 10 -13.27 1.76 -3.65
C ALA B 10 -12.43 1.02 -4.69
N LEU B 11 -11.87 -0.10 -4.33
CA LEU B 11 -11.03 -0.86 -5.31
C LEU B 11 -11.23 -2.37 -5.14
N LEU B 12 -10.71 -2.93 -4.09
CA LEU B 12 -10.88 -4.40 -3.87
C LEU B 12 -11.94 -4.67 -2.80
N GLY B 13 -13.10 -5.12 -3.20
CA GLY B 13 -14.17 -5.41 -2.22
C GLY B 13 -13.84 -6.71 -1.47
N ALA B 14 -14.84 -7.35 -0.93
CA ALA B 14 -14.58 -8.62 -0.19
C ALA B 14 -14.39 -9.77 -1.18
N ARG B 15 -15.36 -10.02 -2.02
CA ARG B 15 -15.23 -11.13 -3.01
C ARG B 15 -14.17 -10.79 -4.05
N ALA B 16 -13.94 -11.67 -4.99
CA ALA B 16 -12.92 -11.40 -6.04
C ALA B 16 -13.44 -10.33 -7.02
N LYS B 17 -13.00 -10.39 -8.24
CA LYS B 17 -13.46 -9.38 -9.24
C LYS B 17 -14.96 -9.53 -9.50
CA CA C . 11.95 2.13 -1.55
N MET A 1 15.16 5.32 11.79
CA MET A 1 13.68 5.13 11.91
C MET A 1 13.37 3.96 12.83
N ASP A 2 12.58 4.17 13.85
CA ASP A 2 12.24 3.06 14.78
C ASP A 2 11.85 1.81 13.99
N ASP A 3 12.33 0.66 14.42
CA ASP A 3 11.98 -0.59 13.70
C ASP A 3 10.90 -1.36 14.46
N ILE A 4 10.09 -0.67 15.22
CA ILE A 4 9.02 -1.35 15.99
C ILE A 4 7.91 -1.82 15.06
N TYR A 5 8.01 -1.53 13.79
CA TYR A 5 6.96 -1.96 12.83
C TYR A 5 7.35 -3.30 12.19
N LYS A 6 8.56 -3.41 11.71
CA LYS A 6 8.99 -4.68 11.08
C LYS A 6 8.60 -5.87 11.96
N ALA A 7 8.42 -5.65 13.24
CA ALA A 7 8.04 -6.77 14.14
C ALA A 7 6.54 -7.05 14.01
N ALA A 8 5.73 -6.03 14.06
CA ALA A 8 4.26 -6.23 13.95
C ALA A 8 3.93 -6.98 12.66
N VAL A 9 4.78 -6.88 11.67
CA VAL A 9 4.53 -7.60 10.39
C VAL A 9 4.62 -9.10 10.60
N GLU A 10 5.65 -9.55 11.24
CA GLU A 10 5.80 -11.02 11.48
C GLU A 10 4.57 -11.57 12.19
N GLN A 11 3.85 -10.74 12.88
CA GLN A 11 2.63 -11.22 13.60
C GLN A 11 1.46 -11.37 12.63
N LEU A 12 1.55 -10.78 11.47
CA LEU A 12 0.44 -10.88 10.49
C LEU A 12 -0.01 -12.33 10.35
N THR A 13 -1.08 -12.57 9.65
CA THR A 13 -1.56 -13.97 9.47
C THR A 13 -1.57 -14.36 7.99
N GLU A 14 -1.55 -15.62 7.69
CA GLU A 14 -1.55 -16.05 6.27
C GLU A 14 -2.70 -15.39 5.51
N GLU A 15 -3.92 -15.62 5.94
CA GLU A 15 -5.09 -15.00 5.25
C GLU A 15 -4.84 -13.50 5.03
N GLN A 16 -4.59 -12.77 6.07
CA GLN A 16 -4.34 -11.31 5.93
C GLN A 16 -3.25 -11.05 4.88
N LYS A 17 -2.15 -11.77 4.96
CA LYS A 17 -1.06 -11.57 3.98
C LYS A 17 -1.59 -11.70 2.55
N ASN A 18 -2.48 -12.63 2.33
CA ASN A 18 -3.05 -12.82 0.97
C ASN A 18 -3.98 -11.66 0.61
N GLU A 19 -4.37 -10.88 1.59
CA GLU A 19 -5.26 -9.72 1.30
C GLU A 19 -4.46 -8.55 0.73
N PHE A 20 -3.35 -8.23 1.33
CA PHE A 20 -2.52 -7.11 0.82
C PHE A 20 -1.91 -7.49 -0.52
N LYS A 21 -1.49 -8.72 -0.68
CA LYS A 21 -0.89 -9.15 -1.97
C LYS A 21 -1.73 -8.61 -3.14
N ALA A 22 -2.99 -8.38 -2.92
CA ALA A 22 -3.86 -7.86 -4.02
C ALA A 22 -3.47 -6.42 -4.36
N ALA A 23 -3.61 -5.52 -3.42
CA ALA A 23 -3.26 -4.10 -3.68
C ALA A 23 -1.87 -4.01 -4.34
N PHE A 24 -0.93 -4.78 -3.86
CA PHE A 24 0.43 -4.74 -4.45
C PHE A 24 0.39 -5.11 -5.94
N ASP A 25 -0.42 -6.06 -6.30
CA ASP A 25 -0.52 -6.46 -7.73
C ASP A 25 -1.19 -5.36 -8.56
N ILE A 26 -2.15 -4.68 -7.98
CA ILE A 26 -2.85 -3.60 -8.74
C ILE A 26 -2.01 -2.32 -8.74
N PHE A 27 -1.32 -2.05 -7.67
CA PHE A 27 -0.48 -0.82 -7.62
C PHE A 27 0.57 -0.85 -8.74
N VAL A 28 0.80 -1.99 -9.32
CA VAL A 28 1.81 -2.07 -10.42
C VAL A 28 1.18 -2.64 -11.69
N LEU A 29 -0.11 -2.54 -11.84
CA LEU A 29 -0.77 -3.08 -13.06
C LEU A 29 -0.21 -2.38 -14.30
N GLY A 30 0.68 -3.02 -15.01
CA GLY A 30 1.25 -2.38 -16.23
C GLY A 30 2.73 -2.07 -15.99
N ALA A 31 3.10 -1.79 -14.77
CA ALA A 31 4.53 -1.48 -14.47
C ALA A 31 5.45 -2.51 -15.13
N GLU A 32 6.70 -2.18 -15.30
CA GLU A 32 7.64 -3.13 -15.94
C GLU A 32 8.67 -3.64 -14.92
N ASP A 33 8.81 -2.95 -13.82
CA ASP A 33 9.80 -3.40 -12.79
C ASP A 33 9.09 -4.22 -11.70
N GLY A 34 7.79 -4.25 -11.73
CA GLY A 34 7.04 -5.03 -10.69
C GLY A 34 7.03 -4.24 -9.38
N CYS A 35 7.32 -2.97 -9.44
CA CYS A 35 7.33 -2.15 -8.19
C CYS A 35 6.38 -0.97 -8.34
N ILE A 36 6.38 -0.06 -7.39
CA ILE A 36 5.46 1.10 -7.48
C ILE A 36 6.27 2.40 -7.64
N SER A 37 5.67 3.41 -8.19
CA SER A 37 6.39 4.71 -8.37
C SER A 37 5.36 5.83 -8.55
N THR A 38 4.23 5.70 -7.90
CA THR A 38 3.14 6.72 -8.01
C THR A 38 2.46 6.60 -9.38
N LYS A 39 3.23 6.62 -10.44
CA LYS A 39 2.61 6.49 -11.79
C LYS A 39 1.60 5.35 -11.80
N GLU A 40 1.87 4.30 -11.06
CA GLU A 40 0.91 3.16 -11.02
C GLU A 40 -0.04 3.33 -9.83
N LEU A 41 0.47 3.85 -8.75
CA LEU A 41 -0.38 4.05 -7.55
C LEU A 41 -1.44 5.13 -7.82
N GLY A 42 -1.01 6.31 -8.16
CA GLY A 42 -1.98 7.42 -8.43
C GLY A 42 -3.04 6.94 -9.43
N LYS A 43 -2.75 5.94 -10.20
CA LYS A 43 -3.76 5.44 -11.19
C LYS A 43 -5.01 4.97 -10.46
N VAL A 44 -4.86 4.44 -9.29
CA VAL A 44 -6.05 3.96 -8.52
C VAL A 44 -6.76 5.16 -7.86
N MET A 45 -6.00 6.15 -7.45
CA MET A 45 -6.62 7.33 -6.79
C MET A 45 -7.88 7.77 -7.56
N ARG A 46 -7.75 7.99 -8.85
CA ARG A 46 -8.93 8.41 -9.66
C ARG A 46 -10.02 7.33 -9.60
N MET A 47 -9.63 6.11 -9.30
CA MET A 47 -10.63 5.02 -9.23
C MET A 47 -11.28 4.97 -7.84
N LEU A 48 -10.53 5.26 -6.82
CA LEU A 48 -11.09 5.24 -5.44
C LEU A 48 -11.96 6.48 -5.22
N GLY A 49 -11.93 7.41 -6.13
CA GLY A 49 -12.74 8.65 -5.97
C GLY A 49 -11.87 9.75 -5.37
N GLN A 50 -10.59 9.71 -5.62
CA GLN A 50 -9.67 10.76 -5.05
C GLN A 50 -8.65 11.19 -6.11
N ASN A 51 -7.67 11.96 -5.72
CA ASN A 51 -6.64 12.42 -6.70
C ASN A 51 -5.60 13.28 -5.99
N PRO A 52 -4.59 12.64 -5.48
CA PRO A 52 -3.50 13.34 -4.76
C PRO A 52 -2.60 14.09 -5.75
N THR A 53 -1.71 14.90 -5.25
CA THR A 53 -0.80 15.65 -6.15
C THR A 53 0.46 14.82 -6.46
N PRO A 54 1.23 15.31 -7.39
CA PRO A 54 2.47 14.60 -7.79
C PRO A 54 3.57 14.80 -6.74
N GLU A 55 3.65 15.97 -6.16
CA GLU A 55 4.72 16.22 -5.14
C GLU A 55 4.46 15.39 -3.88
N GLU A 56 3.22 15.24 -3.50
CA GLU A 56 2.92 14.44 -2.27
C GLU A 56 2.80 12.96 -2.63
N LEU A 57 2.45 12.65 -3.84
CA LEU A 57 2.32 11.22 -4.24
C LEU A 57 3.49 10.40 -3.69
N GLN A 58 4.70 10.78 -4.00
CA GLN A 58 5.88 10.03 -3.50
C GLN A 58 5.71 9.73 -2.00
N GLU A 59 5.06 10.60 -1.27
CA GLU A 59 4.87 10.35 0.18
C GLU A 59 4.40 8.91 0.42
N MET A 60 3.36 8.50 -0.24
CA MET A 60 2.86 7.11 -0.05
C MET A 60 4.02 6.12 -0.13
N ILE A 61 4.88 6.27 -1.09
CA ILE A 61 6.03 5.34 -1.22
C ILE A 61 7.14 5.74 -0.23
N ASP A 62 7.24 7.00 0.10
CA ASP A 62 8.29 7.45 1.05
C ASP A 62 7.99 6.93 2.46
N GLU A 63 6.77 7.05 2.90
CA GLU A 63 6.42 6.57 4.26
C GLU A 63 7.00 5.16 4.49
N VAL A 64 7.22 4.43 3.43
CA VAL A 64 7.78 3.06 3.60
C VAL A 64 8.93 2.82 2.60
N ASP A 65 9.96 3.62 2.67
CA ASP A 65 11.11 3.44 1.73
C ASP A 65 12.40 3.24 2.52
N GLU A 66 12.74 2.02 2.82
CA GLU A 66 13.99 1.76 3.59
C GLU A 66 15.15 1.46 2.63
N ASP A 67 15.00 1.80 1.37
CA ASP A 67 16.08 1.55 0.39
C ASP A 67 16.26 2.75 -0.52
N GLY A 68 15.64 3.85 -0.19
CA GLY A 68 15.76 5.07 -1.04
C GLY A 68 15.50 4.71 -2.51
N SER A 69 14.77 3.67 -2.75
CA SER A 69 14.48 3.26 -4.16
C SER A 69 13.36 4.12 -4.74
N GLY A 70 12.66 4.85 -3.91
CA GLY A 70 11.56 5.71 -4.42
C GLY A 70 10.42 4.83 -4.94
N THR A 71 10.45 3.56 -4.64
CA THR A 71 9.38 2.65 -5.12
C THR A 71 9.03 1.61 -4.04
N VAL A 72 7.93 0.92 -4.19
CA VAL A 72 7.56 -0.10 -3.18
C VAL A 72 7.94 -1.50 -3.70
N ASP A 73 8.20 -2.42 -2.81
CA ASP A 73 8.58 -3.79 -3.24
C ASP A 73 7.75 -4.83 -2.52
N PHE A 74 6.69 -4.41 -1.88
CA PHE A 74 5.80 -5.34 -1.10
C PHE A 74 6.39 -5.60 0.28
N ASP A 75 7.69 -5.48 0.41
CA ASP A 75 8.33 -5.71 1.74
C ASP A 75 8.10 -4.48 2.62
N GLU A 76 8.18 -3.32 2.04
CA GLU A 76 7.95 -2.08 2.83
C GLU A 76 6.45 -1.77 2.87
N PHE A 77 5.72 -2.28 1.92
CA PHE A 77 4.24 -2.05 1.90
C PHE A 77 3.61 -2.58 3.19
N LEU A 78 3.87 -3.82 3.52
CA LEU A 78 3.29 -4.40 4.77
C LEU A 78 3.41 -3.40 5.92
N VAL A 79 4.42 -2.58 5.90
CA VAL A 79 4.59 -1.59 7.00
C VAL A 79 3.63 -0.42 6.83
N MET A 80 3.37 -0.02 5.61
CA MET A 80 2.43 1.12 5.37
C MET A 80 1.05 0.82 5.99
N MET A 81 0.62 -0.41 5.92
CA MET A 81 -0.72 -0.75 6.50
C MET A 81 -0.65 -0.78 8.03
N VAL A 82 0.45 -1.25 8.57
CA VAL A 82 0.57 -1.30 10.05
C VAL A 82 0.32 0.09 10.65
N ARG A 83 0.92 1.10 10.08
CA ARG A 83 0.72 2.47 10.61
C ARG A 83 -0.77 2.78 10.76
N CYS A 84 -1.59 2.19 9.92
CA CYS A 84 -3.05 2.46 10.01
C CYS A 84 -3.66 1.66 11.18
N MET A 85 -2.86 0.91 11.87
CA MET A 85 -3.39 0.11 13.02
C MET A 85 -2.31 -0.05 14.09
N LYS A 86 -1.58 0.99 14.38
CA LYS A 86 -0.52 0.89 15.42
C LYS A 86 -0.43 2.19 16.22
N ASP A 87 -1.51 2.93 16.28
CA ASP A 87 -1.50 4.21 17.05
C ASP A 87 -1.81 3.94 18.52
N ASP A 88 -1.46 4.86 19.39
CA ASP A 88 -1.74 4.65 20.83
C ASP A 88 -1.83 6.00 21.54
N SER A 89 -1.52 6.04 22.82
CA SER A 89 -1.59 7.32 23.57
C SER A 89 -0.27 8.10 23.41
N ARG B 1 -2.05 8.32 4.41
CA ARG B 1 -2.97 7.55 5.29
C ARG B 1 -4.03 6.83 4.46
N ILE B 2 -3.61 6.05 3.49
CA ILE B 2 -4.60 5.33 2.65
C ILE B 2 -5.53 4.48 3.52
N SER B 3 -6.75 4.30 3.09
CA SER B 3 -7.71 3.49 3.89
C SER B 3 -7.59 2.01 3.53
N ALA B 4 -8.68 1.30 3.53
CA ALA B 4 -8.64 -0.15 3.17
C ALA B 4 -9.99 -0.60 2.61
N ASP B 5 -11.08 -0.21 3.23
CA ASP B 5 -12.41 -0.61 2.73
C ASP B 5 -12.81 0.26 1.52
N ALA B 6 -12.43 1.51 1.55
CA ALA B 6 -12.78 2.41 0.40
C ALA B 6 -12.00 1.99 -0.85
N MET B 7 -10.81 1.51 -0.68
CA MET B 7 -9.99 1.09 -1.85
C MET B 7 -10.57 -0.19 -2.47
N MET B 8 -10.80 -1.20 -1.67
CA MET B 8 -11.36 -2.46 -2.21
C MET B 8 -12.74 -2.22 -2.81
N GLN B 9 -13.34 -1.09 -2.53
CA GLN B 9 -14.68 -0.79 -3.08
C GLN B 9 -14.55 -0.31 -4.53
N ALA B 10 -13.79 0.72 -4.76
CA ALA B 10 -13.61 1.23 -6.15
C ALA B 10 -12.49 0.46 -6.85
N LEU B 11 -11.41 0.22 -6.16
CA LEU B 11 -10.28 -0.53 -6.77
C LEU B 11 -10.62 -2.01 -6.92
N LEU B 12 -10.71 -2.73 -5.83
CA LEU B 12 -11.04 -4.18 -5.92
C LEU B 12 -12.51 -4.42 -5.55
N GLY B 13 -13.41 -3.71 -6.16
CA GLY B 13 -14.85 -3.90 -5.84
C GLY B 13 -15.59 -4.42 -7.08
N ALA B 14 -15.72 -5.71 -7.20
CA ALA B 14 -16.43 -6.27 -8.39
C ALA B 14 -16.78 -7.74 -8.14
N ARG B 15 -17.80 -8.23 -8.80
CA ARG B 15 -18.19 -9.66 -8.61
C ARG B 15 -17.47 -10.56 -9.61
N ALA B 16 -17.96 -11.75 -9.82
CA ALA B 16 -17.30 -12.67 -10.79
C ALA B 16 -18.16 -12.81 -12.05
N LYS B 17 -18.77 -11.75 -12.49
CA LYS B 17 -19.63 -11.83 -13.71
C LYS B 17 -18.88 -12.55 -14.84
CA CA C . 11.30 1.08 -1.12
N MET A 1 14.16 1.67 19.14
CA MET A 1 13.10 0.74 19.65
C MET A 1 11.83 0.88 18.81
N ASP A 2 11.92 1.54 17.69
CA ASP A 2 10.71 1.71 16.83
C ASP A 2 10.28 0.36 16.25
N ASP A 3 9.81 -0.53 17.10
CA ASP A 3 9.37 -1.86 16.60
C ASP A 3 7.85 -1.88 16.43
N ILE A 4 7.30 -0.89 15.79
CA ILE A 4 5.82 -0.86 15.59
C ILE A 4 5.45 -1.44 14.22
N TYR A 5 6.36 -1.40 13.29
CA TYR A 5 6.06 -1.94 11.93
C TYR A 5 6.79 -3.27 11.72
N LYS A 6 8.09 -3.25 11.61
CA LYS A 6 8.85 -4.51 11.41
C LYS A 6 8.31 -5.59 12.35
N ALA A 7 7.81 -5.22 13.49
CA ALA A 7 7.27 -6.23 14.44
C ALA A 7 5.87 -6.65 13.99
N ALA A 8 5.04 -5.73 13.61
CA ALA A 8 3.68 -6.09 13.16
C ALA A 8 3.75 -7.00 11.94
N VAL A 9 4.62 -6.69 11.01
CA VAL A 9 4.74 -7.54 9.79
C VAL A 9 4.90 -9.01 10.20
N GLU A 10 5.80 -9.29 11.11
CA GLU A 10 6.00 -10.70 11.55
C GLU A 10 4.75 -11.18 12.30
N GLN A 11 3.86 -10.28 12.63
CA GLN A 11 2.62 -10.69 13.35
C GLN A 11 1.44 -10.80 12.38
N LEU A 12 1.73 -10.98 11.12
CA LEU A 12 0.62 -11.09 10.11
C LEU A 12 0.15 -12.54 9.99
N THR A 13 -0.91 -12.76 9.25
CA THR A 13 -1.42 -14.15 9.08
C THR A 13 -1.50 -14.50 7.59
N GLU A 14 -1.36 -15.75 7.25
CA GLU A 14 -1.43 -16.16 5.82
C GLU A 14 -2.67 -15.55 5.15
N GLU A 15 -3.74 -15.42 5.87
CA GLU A 15 -4.97 -14.84 5.27
C GLU A 15 -4.86 -13.32 5.17
N GLN A 16 -4.65 -12.65 6.27
CA GLN A 16 -4.54 -11.16 6.21
C GLN A 16 -3.44 -10.73 5.23
N LYS A 17 -2.31 -11.39 5.26
CA LYS A 17 -1.21 -11.03 4.32
C LYS A 17 -1.61 -11.41 2.89
N ASN A 18 -2.48 -12.38 2.75
CA ASN A 18 -2.91 -12.78 1.38
C ASN A 18 -3.89 -11.76 0.81
N GLU A 19 -4.54 -11.03 1.66
CA GLU A 19 -5.52 -10.01 1.18
C GLU A 19 -4.79 -8.76 0.65
N PHE A 20 -3.75 -8.35 1.31
CA PHE A 20 -3.00 -7.15 0.85
C PHE A 20 -2.22 -7.48 -0.43
N LYS A 21 -1.67 -8.67 -0.52
CA LYS A 21 -0.91 -9.05 -1.74
C LYS A 21 -1.64 -8.56 -2.99
N ALA A 22 -2.89 -8.90 -3.14
CA ALA A 22 -3.65 -8.46 -4.34
C ALA A 22 -3.37 -6.98 -4.63
N ALA A 23 -3.66 -6.11 -3.70
CA ALA A 23 -3.40 -4.66 -3.93
C ALA A 23 -1.98 -4.45 -4.43
N PHE A 24 -1.01 -4.90 -3.69
CA PHE A 24 0.41 -4.73 -4.12
C PHE A 24 0.54 -5.07 -5.60
N ASP A 25 -0.18 -6.06 -6.07
CA ASP A 25 -0.09 -6.44 -7.51
C ASP A 25 -0.73 -5.34 -8.38
N ILE A 26 -1.84 -4.81 -7.96
CA ILE A 26 -2.51 -3.75 -8.77
C ILE A 26 -1.66 -2.47 -8.76
N PHE A 27 -0.81 -2.31 -7.79
CA PHE A 27 0.03 -1.09 -7.72
C PHE A 27 1.24 -1.19 -8.66
N VAL A 28 1.61 -2.39 -9.03
CA VAL A 28 2.79 -2.54 -9.94
C VAL A 28 2.37 -3.28 -11.22
N LEU A 29 1.10 -3.56 -11.38
CA LEU A 29 0.64 -4.27 -12.60
C LEU A 29 1.22 -3.61 -13.86
N GLY A 30 1.19 -2.31 -13.91
CA GLY A 30 1.73 -1.60 -15.11
C GLY A 30 3.17 -1.17 -14.85
N ALA A 31 3.81 -1.75 -13.88
CA ALA A 31 5.22 -1.37 -13.58
C ALA A 31 6.19 -2.22 -14.40
N GLU A 32 7.45 -1.86 -14.43
CA GLU A 32 8.43 -2.65 -15.21
C GLU A 32 9.21 -3.59 -14.29
N ASP A 33 9.59 -3.12 -13.13
CA ASP A 33 10.35 -3.99 -12.19
C ASP A 33 9.41 -4.55 -11.10
N GLY A 34 8.18 -4.13 -11.10
CA GLY A 34 7.23 -4.64 -10.08
C GLY A 34 7.23 -3.71 -8.86
N CYS A 35 7.70 -2.50 -9.02
CA CYS A 35 7.73 -1.55 -7.87
C CYS A 35 6.62 -0.51 -8.02
N ILE A 36 6.58 0.46 -7.14
CA ILE A 36 5.51 1.49 -7.25
C ILE A 36 6.11 2.90 -7.18
N SER A 37 6.34 3.50 -8.32
CA SER A 37 6.92 4.87 -8.33
C SER A 37 5.79 5.91 -8.41
N THR A 38 4.66 5.57 -7.85
CA THR A 38 3.46 6.49 -7.88
C THR A 38 2.76 6.42 -9.24
N LYS A 39 3.51 6.38 -10.32
CA LYS A 39 2.86 6.30 -11.65
C LYS A 39 1.71 5.29 -11.61
N GLU A 40 1.89 4.23 -10.86
CA GLU A 40 0.81 3.20 -10.76
C GLU A 40 -0.06 3.50 -9.54
N LEU A 41 0.50 4.18 -8.57
CA LEU A 41 -0.26 4.51 -7.33
C LEU A 41 -1.42 5.45 -7.64
N GLY A 42 -1.13 6.66 -8.05
CA GLY A 42 -2.22 7.63 -8.35
C GLY A 42 -3.35 6.93 -9.11
N LYS A 43 -3.02 5.98 -9.94
CA LYS A 43 -4.08 5.25 -10.69
C LYS A 43 -5.05 4.58 -9.71
N VAL A 44 -4.55 4.10 -8.61
CA VAL A 44 -5.43 3.43 -7.61
C VAL A 44 -6.06 4.48 -6.68
N MET A 45 -5.50 5.66 -6.62
CA MET A 45 -6.07 6.71 -5.73
C MET A 45 -7.39 7.23 -6.31
N ARG A 46 -7.46 7.36 -7.61
CA ARG A 46 -8.73 7.86 -8.23
C ARG A 46 -9.84 6.82 -8.07
N MET A 47 -9.48 5.57 -7.96
CA MET A 47 -10.52 4.51 -7.80
C MET A 47 -10.99 4.43 -6.35
N LEU A 48 -10.15 4.82 -5.43
CA LEU A 48 -10.55 4.78 -3.99
C LEU A 48 -11.21 6.09 -3.57
N GLY A 49 -11.50 6.94 -4.52
CA GLY A 49 -12.15 8.24 -4.17
C GLY A 49 -11.10 9.21 -3.64
N GLN A 50 -9.87 9.06 -4.05
CA GLN A 50 -8.81 9.98 -3.57
C GLN A 50 -7.89 10.36 -4.73
N ASN A 51 -6.84 11.11 -4.46
CA ASN A 51 -5.92 11.51 -5.56
C ASN A 51 -4.80 12.40 -5.02
N PRO A 52 -3.73 11.76 -4.60
CA PRO A 52 -2.57 12.51 -4.07
C PRO A 52 -1.81 13.18 -5.21
N THR A 53 -1.52 14.45 -5.08
CA THR A 53 -0.80 15.16 -6.17
C THR A 53 0.49 14.40 -6.54
N PRO A 54 1.14 14.87 -7.57
CA PRO A 54 2.39 14.23 -8.03
C PRO A 54 3.52 14.52 -7.05
N GLU A 55 3.55 15.69 -6.49
CA GLU A 55 4.62 16.04 -5.51
C GLU A 55 4.38 15.31 -4.19
N GLU A 56 3.14 15.04 -3.87
CA GLU A 56 2.84 14.34 -2.59
C GLU A 56 2.99 12.83 -2.78
N LEU A 57 2.64 12.33 -3.94
CA LEU A 57 2.76 10.87 -4.20
C LEU A 57 4.10 10.34 -3.68
N GLN A 58 5.18 10.75 -4.30
CA GLN A 58 6.52 10.27 -3.85
C GLN A 58 6.61 10.31 -2.31
N GLU A 59 5.91 11.21 -1.69
CA GLU A 59 5.95 11.29 -0.19
C GLU A 59 5.19 10.10 0.41
N MET A 60 4.23 9.59 -0.28
CA MET A 60 3.45 8.43 0.25
C MET A 60 4.35 7.19 0.26
N ILE A 61 5.26 7.09 -0.67
CA ILE A 61 6.18 5.93 -0.71
C ILE A 61 7.26 6.06 0.36
N ASP A 62 7.89 7.21 0.43
CA ASP A 62 8.96 7.42 1.45
C ASP A 62 8.39 7.22 2.86
N GLU A 63 7.13 7.51 3.04
CA GLU A 63 6.52 7.36 4.40
C GLU A 63 6.64 5.92 4.89
N VAL A 64 6.49 4.96 4.01
CA VAL A 64 6.60 3.54 4.44
C VAL A 64 7.77 2.86 3.73
N ASP A 65 8.68 3.62 3.19
CA ASP A 65 9.84 3.01 2.49
C ASP A 65 11.08 3.06 3.39
N GLU A 66 11.87 2.02 3.38
CA GLU A 66 13.09 2.00 4.24
C GLU A 66 14.34 1.80 3.37
N ASP A 67 14.29 2.21 2.14
CA ASP A 67 15.48 2.03 1.24
C ASP A 67 15.85 3.37 0.59
N GLY A 68 15.00 4.35 0.68
CA GLY A 68 15.31 5.67 0.06
C GLY A 68 15.34 5.52 -1.47
N SER A 69 14.93 4.39 -1.96
CA SER A 69 14.94 4.19 -3.44
C SER A 69 13.83 5.02 -4.10
N GLY A 70 12.85 5.42 -3.34
CA GLY A 70 11.74 6.23 -3.93
C GLY A 70 10.65 5.30 -4.47
N THR A 71 10.84 4.01 -4.33
CA THR A 71 9.81 3.06 -4.84
C THR A 71 9.41 2.09 -3.72
N VAL A 72 8.26 1.48 -3.84
CA VAL A 72 7.81 0.53 -2.79
C VAL A 72 7.86 -0.91 -3.31
N ASP A 73 7.97 -1.87 -2.43
CA ASP A 73 8.04 -3.29 -2.87
C ASP A 73 7.05 -4.14 -2.05
N PHE A 74 7.03 -5.42 -2.29
CA PHE A 74 6.08 -6.29 -1.52
C PHE A 74 6.45 -6.28 -0.04
N ASP A 75 7.58 -5.73 0.30
CA ASP A 75 7.99 -5.69 1.73
C ASP A 75 7.53 -4.37 2.38
N GLU A 76 7.73 -3.26 1.72
CA GLU A 76 7.31 -1.96 2.30
C GLU A 76 5.78 -1.81 2.23
N PHE A 77 5.18 -2.23 1.15
CA PHE A 77 3.70 -2.09 1.03
C PHE A 77 3.02 -2.48 2.35
N LEU A 78 3.53 -3.48 3.03
CA LEU A 78 2.92 -3.89 4.32
C LEU A 78 3.00 -2.74 5.32
N VAL A 79 4.09 -2.04 5.34
CA VAL A 79 4.25 -0.89 6.29
C VAL A 79 3.11 0.11 6.08
N MET A 80 2.61 0.22 4.88
CA MET A 80 1.49 1.18 4.62
C MET A 80 0.20 0.66 5.25
N MET A 81 -0.03 -0.63 5.19
CA MET A 81 -1.27 -1.19 5.78
C MET A 81 -1.14 -1.30 7.30
N VAL A 82 0.07 -1.48 7.79
CA VAL A 82 0.26 -1.61 9.26
C VAL A 82 -0.04 -0.26 9.94
N ARG A 83 0.60 0.79 9.51
CA ARG A 83 0.36 2.12 10.13
C ARG A 83 -1.14 2.38 10.27
N CYS A 84 -1.94 1.75 9.45
CA CYS A 84 -3.42 1.96 9.53
C CYS A 84 -4.08 0.82 10.31
N MET A 85 -3.34 0.14 11.15
CA MET A 85 -3.94 -0.98 11.93
C MET A 85 -4.58 -0.44 13.21
N LYS A 86 -5.28 0.66 13.12
CA LYS A 86 -5.93 1.23 14.34
C LYS A 86 -4.87 1.67 15.35
N ASP A 87 -4.91 2.92 15.75
CA ASP A 87 -3.90 3.40 16.74
C ASP A 87 -4.61 4.02 17.95
N ASP A 88 -5.35 5.08 17.73
CA ASP A 88 -6.06 5.73 18.87
C ASP A 88 -7.43 6.25 18.41
N SER A 89 -8.40 6.24 19.29
CA SER A 89 -9.76 6.72 18.90
C SER A 89 -10.60 7.01 20.14
N ARG B 1 -2.01 7.57 3.73
CA ARG B 1 -3.22 7.02 4.42
C ARG B 1 -4.30 6.68 3.40
N ILE B 2 -4.80 5.48 3.44
CA ILE B 2 -5.87 5.08 2.46
C ILE B 2 -7.01 4.36 3.21
N SER B 3 -8.23 4.64 2.84
CA SER B 3 -9.37 3.96 3.52
C SER B 3 -9.31 2.46 3.26
N ALA B 4 -9.24 1.67 4.29
CA ALA B 4 -9.17 0.19 4.09
C ALA B 4 -10.47 -0.34 3.49
N ASP B 5 -11.58 0.29 3.79
CA ASP B 5 -12.87 -0.19 3.22
C ASP B 5 -12.93 0.09 1.72
N ALA B 6 -12.74 1.31 1.32
CA ALA B 6 -12.80 1.64 -0.14
C ALA B 6 -11.71 0.87 -0.90
N MET B 7 -10.76 0.31 -0.21
CA MET B 7 -9.68 -0.45 -0.91
C MET B 7 -10.26 -1.64 -1.67
N MET B 8 -11.03 -2.46 -1.01
CA MET B 8 -11.62 -3.64 -1.69
C MET B 8 -12.86 -3.24 -2.50
N GLN B 9 -13.41 -2.09 -2.23
CA GLN B 9 -14.61 -1.64 -2.99
C GLN B 9 -14.18 -1.00 -4.31
N ALA B 10 -13.27 -0.07 -4.26
CA ALA B 10 -12.82 0.60 -5.51
C ALA B 10 -12.18 -0.43 -6.46
N LEU B 11 -11.20 -1.15 -5.98
CA LEU B 11 -10.53 -2.18 -6.84
C LEU B 11 -10.33 -3.47 -6.06
N LEU B 12 -9.44 -4.32 -6.50
CA LEU B 12 -9.20 -5.60 -5.78
C LEU B 12 -10.51 -6.38 -5.67
N GLY B 13 -11.24 -6.49 -6.74
CA GLY B 13 -12.53 -7.23 -6.70
C GLY B 13 -13.41 -6.76 -7.87
N ALA B 14 -14.49 -6.09 -7.57
CA ALA B 14 -15.39 -5.60 -8.66
C ALA B 14 -15.55 -6.68 -9.73
N ARG B 15 -16.34 -7.69 -9.46
CA ARG B 15 -16.54 -8.76 -10.46
C ARG B 15 -18.02 -9.13 -10.55
N ALA B 16 -18.73 -8.54 -11.46
CA ALA B 16 -20.18 -8.86 -11.59
C ALA B 16 -20.36 -10.26 -12.19
N LYS B 17 -19.87 -11.26 -11.53
CA LYS B 17 -20.01 -12.65 -12.05
C LYS B 17 -19.57 -12.71 -13.52
CA CA C . 12.10 0.66 -1.25
N MET A 1 16.49 2.02 10.00
CA MET A 1 15.72 0.90 10.59
C MET A 1 14.63 1.45 11.53
N ASP A 2 13.80 0.60 12.06
CA ASP A 2 12.72 1.08 12.96
C ASP A 2 12.11 -0.10 13.72
N ASP A 3 11.54 0.16 14.87
CA ASP A 3 10.93 -0.95 15.66
C ASP A 3 9.41 -0.73 15.80
N ILE A 4 8.79 -1.41 16.72
CA ILE A 4 7.32 -1.24 16.93
C ILE A 4 6.55 -1.75 15.70
N TYR A 5 6.83 -1.21 14.54
CA TYR A 5 6.12 -1.66 13.32
C TYR A 5 6.65 -3.03 12.87
N LYS A 6 7.94 -3.19 12.83
CA LYS A 6 8.51 -4.51 12.40
C LYS A 6 7.79 -5.65 13.10
N ALA A 7 7.21 -5.39 14.24
CA ALA A 7 6.49 -6.47 14.97
C ALA A 7 5.22 -6.86 14.22
N ALA A 8 4.47 -5.90 13.75
CA ALA A 8 3.23 -6.21 13.00
C ALA A 8 3.57 -6.93 11.70
N VAL A 9 4.59 -6.47 11.01
CA VAL A 9 4.97 -7.11 9.72
C VAL A 9 5.22 -8.61 9.96
N GLU A 10 5.99 -8.94 10.95
CA GLU A 10 6.26 -10.38 11.22
C GLU A 10 5.00 -11.07 11.75
N GLN A 11 4.01 -10.30 12.14
CA GLN A 11 2.76 -10.90 12.67
C GLN A 11 1.65 -10.83 11.62
N LEU A 12 1.95 -11.18 10.39
CA LEU A 12 0.90 -11.13 9.33
C LEU A 12 0.45 -12.54 8.96
N THR A 13 -0.55 -13.05 9.63
CA THR A 13 -1.03 -14.42 9.32
C THR A 13 -1.25 -14.58 7.81
N GLU A 14 -1.25 -15.80 7.32
CA GLU A 14 -1.46 -16.02 5.86
C GLU A 14 -2.69 -15.26 5.38
N GLU A 15 -3.76 -15.30 6.13
CA GLU A 15 -5.00 -14.59 5.71
C GLU A 15 -4.75 -13.07 5.67
N GLN A 16 -3.67 -12.62 6.26
CA GLN A 16 -3.38 -11.16 6.24
C GLN A 16 -2.63 -10.77 4.98
N LYS A 17 -1.46 -11.34 4.77
CA LYS A 17 -0.67 -11.00 3.55
C LYS A 17 -1.48 -11.30 2.29
N ASN A 18 -2.21 -12.38 2.27
CA ASN A 18 -3.00 -12.72 1.06
C ASN A 18 -4.08 -11.65 0.82
N GLU A 19 -4.35 -10.83 1.80
CA GLU A 19 -5.38 -9.78 1.62
C GLU A 19 -4.73 -8.50 1.07
N PHE A 20 -3.53 -8.22 1.49
CA PHE A 20 -2.83 -6.99 0.99
C PHE A 20 -2.27 -7.24 -0.41
N LYS A 21 -1.83 -8.45 -0.67
CA LYS A 21 -1.26 -8.75 -2.02
C LYS A 21 -2.22 -8.27 -3.12
N ALA A 22 -3.51 -8.38 -2.89
CA ALA A 22 -4.48 -7.93 -3.91
C ALA A 22 -4.26 -6.45 -4.25
N ALA A 23 -4.35 -5.59 -3.27
CA ALA A 23 -4.14 -4.14 -3.53
C ALA A 23 -2.72 -3.90 -4.04
N PHE A 24 -1.74 -4.37 -3.32
CA PHE A 24 -0.33 -4.17 -3.77
C PHE A 24 -0.20 -4.47 -5.26
N ASP A 25 -0.89 -5.48 -5.74
CA ASP A 25 -0.79 -5.82 -7.19
C ASP A 25 -1.52 -4.76 -8.03
N ILE A 26 -2.72 -4.42 -7.65
CA ILE A 26 -3.48 -3.39 -8.42
C ILE A 26 -2.60 -2.18 -8.71
N PHE A 27 -1.87 -1.72 -7.74
CA PHE A 27 -0.99 -0.54 -7.96
C PHE A 27 -0.04 -0.80 -9.13
N VAL A 28 0.66 -1.90 -9.10
CA VAL A 28 1.61 -2.22 -10.21
C VAL A 28 0.92 -3.08 -11.26
N LEU A 29 -0.35 -2.89 -11.49
CA LEU A 29 -1.05 -3.71 -12.51
C LEU A 29 -0.46 -3.44 -13.90
N GLY A 30 0.36 -2.44 -14.02
CA GLY A 30 0.96 -2.13 -15.35
C GLY A 30 2.47 -1.92 -15.19
N ALA A 31 3.08 -2.62 -14.27
CA ALA A 31 4.54 -2.46 -14.07
C ALA A 31 5.28 -3.71 -14.55
N GLU A 32 6.54 -3.59 -14.86
CA GLU A 32 7.32 -4.77 -15.34
C GLU A 32 8.21 -5.30 -14.23
N ASP A 33 8.75 -4.43 -13.42
CA ASP A 33 9.64 -4.88 -12.32
C ASP A 33 8.81 -5.46 -11.16
N GLY A 34 7.68 -4.86 -10.89
CA GLY A 34 6.82 -5.37 -9.78
C GLY A 34 6.92 -4.42 -8.58
N CYS A 35 7.42 -3.23 -8.79
CA CYS A 35 7.55 -2.27 -7.67
C CYS A 35 6.70 -1.02 -7.94
N ILE A 36 6.23 -0.37 -6.92
CA ILE A 36 5.38 0.85 -7.12
C ILE A 36 6.27 2.08 -7.30
N SER A 37 5.74 3.10 -7.91
CA SER A 37 6.54 4.34 -8.13
C SER A 37 5.59 5.52 -8.35
N THR A 38 4.50 5.52 -7.64
CA THR A 38 3.47 6.61 -7.78
C THR A 38 2.73 6.44 -9.12
N LYS A 39 3.45 6.37 -10.21
CA LYS A 39 2.77 6.18 -11.52
C LYS A 39 1.88 4.94 -11.45
N GLU A 40 2.32 3.93 -10.73
CA GLU A 40 1.51 2.69 -10.60
C GLU A 40 0.52 2.84 -9.45
N LEU A 41 0.93 3.51 -8.40
CA LEU A 41 0.02 3.71 -7.23
C LEU A 41 -1.04 4.76 -7.57
N GLY A 42 -0.62 5.92 -8.01
CA GLY A 42 -1.61 6.98 -8.36
C GLY A 42 -2.77 6.38 -9.15
N LYS A 43 -2.50 5.39 -9.96
CA LYS A 43 -3.60 4.76 -10.75
C LYS A 43 -4.83 4.53 -9.87
N VAL A 44 -4.63 4.06 -8.68
CA VAL A 44 -5.79 3.82 -7.77
C VAL A 44 -6.41 5.17 -7.36
N MET A 45 -5.59 6.13 -7.04
CA MET A 45 -6.12 7.46 -6.64
C MET A 45 -7.30 7.84 -7.54
N ARG A 46 -7.24 7.49 -8.79
CA ARG A 46 -8.36 7.83 -9.72
C ARG A 46 -9.44 6.74 -9.64
N MET A 47 -9.03 5.50 -9.50
CA MET A 47 -10.02 4.40 -9.41
C MET A 47 -10.88 4.53 -8.15
N LEU A 48 -10.32 5.08 -7.10
CA LEU A 48 -11.11 5.25 -5.84
C LEU A 48 -12.13 6.37 -6.04
N GLY A 49 -11.76 7.43 -6.70
CA GLY A 49 -12.71 8.55 -6.92
C GLY A 49 -12.08 9.85 -6.42
N GLN A 50 -10.78 9.96 -6.45
CA GLN A 50 -10.12 11.21 -5.98
C GLN A 50 -8.82 11.45 -6.76
N ASN A 51 -8.00 12.36 -6.30
CA ASN A 51 -6.72 12.65 -7.02
C ASN A 51 -5.82 13.53 -6.16
N PRO A 52 -4.89 12.90 -5.50
CA PRO A 52 -3.95 13.64 -4.63
C PRO A 52 -2.91 14.38 -5.47
N THR A 53 -2.15 15.26 -4.86
CA THR A 53 -1.12 16.00 -5.64
C THR A 53 0.09 15.10 -5.92
N PRO A 54 0.99 15.60 -6.71
CA PRO A 54 2.20 14.85 -7.07
C PRO A 54 3.16 14.78 -5.88
N GLU A 55 3.03 15.69 -4.95
CA GLU A 55 3.93 15.68 -3.77
C GLU A 55 3.47 14.61 -2.77
N GLU A 56 2.20 14.42 -2.64
CA GLU A 56 1.69 13.39 -1.69
C GLU A 56 1.99 11.99 -2.22
N LEU A 57 2.01 11.83 -3.52
CA LEU A 57 2.30 10.49 -4.11
C LEU A 57 3.62 9.94 -3.56
N GLN A 58 4.71 10.60 -3.84
CA GLN A 58 6.02 10.12 -3.33
C GLN A 58 5.91 9.77 -1.84
N GLU A 59 5.06 10.47 -1.12
CA GLU A 59 4.91 10.18 0.33
C GLU A 59 4.53 8.71 0.52
N MET A 60 3.50 8.26 -0.15
CA MET A 60 3.09 6.83 -0.01
C MET A 60 4.29 5.92 -0.19
N ILE A 61 5.20 6.28 -1.05
CA ILE A 61 6.41 5.43 -1.27
C ILE A 61 7.49 5.79 -0.25
N ASP A 62 7.81 7.05 -0.12
CA ASP A 62 8.85 7.48 0.86
C ASP A 62 8.50 6.95 2.26
N GLU A 63 7.25 6.82 2.55
CA GLU A 63 6.84 6.31 3.90
C GLU A 63 7.44 4.93 4.14
N VAL A 64 7.71 4.18 3.10
CA VAL A 64 8.30 2.82 3.29
C VAL A 64 9.40 2.59 2.26
N ASP A 65 10.46 3.35 2.32
CA ASP A 65 11.57 3.17 1.34
C ASP A 65 12.92 3.13 2.08
N GLU A 66 13.56 1.99 2.10
CA GLU A 66 14.87 1.90 2.79
C GLU A 66 15.96 1.45 1.81
N ASP A 67 15.86 1.87 0.58
CA ASP A 67 16.88 1.48 -0.43
C ASP A 67 17.19 2.66 -1.36
N GLY A 68 16.85 3.85 -0.96
CA GLY A 68 17.11 5.04 -1.82
C GLY A 68 16.74 4.71 -3.27
N SER A 69 15.75 3.88 -3.45
CA SER A 69 15.33 3.52 -4.85
C SER A 69 14.13 4.37 -5.27
N GLY A 70 13.28 4.70 -4.34
CA GLY A 70 12.09 5.53 -4.69
C GLY A 70 10.91 4.60 -5.02
N THR A 71 11.15 3.33 -5.15
CA THR A 71 10.05 2.38 -5.48
C THR A 71 9.70 1.53 -4.25
N VAL A 72 8.52 0.99 -4.21
CA VAL A 72 8.12 0.16 -3.04
C VAL A 72 7.94 -1.30 -3.46
N ASP A 73 8.45 -2.23 -2.69
CA ASP A 73 8.30 -3.66 -3.04
C ASP A 73 7.25 -4.31 -2.13
N PHE A 74 6.93 -5.56 -2.36
CA PHE A 74 5.91 -6.22 -1.50
C PHE A 74 6.36 -6.21 -0.04
N ASP A 75 7.61 -5.92 0.21
CA ASP A 75 8.10 -5.88 1.62
C ASP A 75 7.94 -4.49 2.21
N GLU A 76 8.04 -3.47 1.40
CA GLU A 76 7.88 -2.08 1.92
C GLU A 76 6.41 -1.68 1.96
N PHE A 77 5.62 -2.19 1.06
CA PHE A 77 4.17 -1.84 1.05
C PHE A 77 3.49 -2.38 2.30
N LEU A 78 3.97 -3.47 2.83
CA LEU A 78 3.33 -4.05 4.06
C LEU A 78 3.45 -3.08 5.24
N VAL A 79 4.53 -2.35 5.30
CA VAL A 79 4.70 -1.39 6.44
C VAL A 79 3.78 -0.17 6.25
N MET A 80 3.46 0.15 5.04
CA MET A 80 2.57 1.33 4.80
C MET A 80 1.16 1.05 5.34
N MET A 81 0.88 -0.17 5.70
CA MET A 81 -0.47 -0.51 6.24
C MET A 81 -0.42 -0.60 7.76
N VAL A 82 0.75 -0.60 8.33
CA VAL A 82 0.86 -0.68 9.82
C VAL A 82 0.89 0.72 10.42
N ARG A 83 1.61 1.62 9.81
CA ARG A 83 1.69 3.01 10.35
C ARG A 83 0.28 3.60 10.50
N CYS A 84 -0.62 3.24 9.63
CA CYS A 84 -2.00 3.79 9.72
C CYS A 84 -2.97 2.69 10.17
N MET A 85 -2.48 1.73 10.91
CA MET A 85 -3.37 0.63 11.37
C MET A 85 -4.06 1.01 12.68
N LYS A 86 -3.32 1.10 13.75
CA LYS A 86 -3.93 1.47 15.06
C LYS A 86 -4.48 2.90 15.00
N ASP A 87 -3.70 3.86 15.39
CA ASP A 87 -4.19 5.28 15.35
C ASP A 87 -5.48 5.41 16.14
N ASP A 88 -5.41 5.87 17.36
CA ASP A 88 -6.65 6.02 18.19
C ASP A 88 -7.70 6.80 17.40
N SER A 89 -7.71 8.10 17.55
CA SER A 89 -8.72 8.92 16.82
C SER A 89 -8.28 10.39 16.76
N ARG B 1 0.26 7.96 3.51
CA ARG B 1 -1.00 7.74 4.28
C ARG B 1 -2.15 7.40 3.32
N ILE B 2 -2.85 6.32 3.59
CA ILE B 2 -3.97 5.93 2.70
C ILE B 2 -5.16 5.43 3.54
N SER B 3 -6.35 5.87 3.22
CA SER B 3 -7.53 5.42 3.99
C SER B 3 -7.71 3.91 3.87
N ALA B 4 -8.61 3.34 4.62
CA ALA B 4 -8.82 1.86 4.55
C ALA B 4 -10.25 1.56 4.05
N ASP B 5 -11.21 2.29 4.54
CA ASP B 5 -12.62 2.05 4.10
C ASP B 5 -12.81 2.57 2.67
N ALA B 6 -12.22 3.68 2.34
CA ALA B 6 -12.37 4.22 0.96
C ALA B 6 -11.44 3.47 -0.01
N MET B 7 -10.18 3.44 0.28
CA MET B 7 -9.23 2.73 -0.61
C MET B 7 -9.79 1.38 -1.04
N MET B 8 -10.51 0.72 -0.16
CA MET B 8 -11.08 -0.61 -0.53
C MET B 8 -12.42 -0.45 -1.24
N GLN B 9 -13.36 0.24 -0.63
CA GLN B 9 -14.69 0.43 -1.27
C GLN B 9 -14.55 1.22 -2.57
N ALA B 10 -13.58 2.08 -2.67
CA ALA B 10 -13.40 2.87 -3.91
C ALA B 10 -12.60 2.08 -4.95
N LEU B 11 -12.06 0.96 -4.55
CA LEU B 11 -11.25 0.15 -5.51
C LEU B 11 -11.75 -1.30 -5.54
N LEU B 12 -11.21 -2.10 -6.41
CA LEU B 12 -11.63 -3.52 -6.49
C LEU B 12 -13.14 -3.64 -6.36
N GLY B 13 -13.88 -2.73 -6.96
CA GLY B 13 -15.37 -2.80 -6.87
C GLY B 13 -15.82 -4.19 -7.30
N ALA B 14 -15.05 -4.86 -8.12
CA ALA B 14 -15.44 -6.22 -8.58
C ALA B 14 -16.81 -6.19 -9.25
N ARG B 15 -17.05 -5.21 -10.08
CA ARG B 15 -18.38 -5.14 -10.77
C ARG B 15 -18.72 -6.48 -11.43
N ALA B 16 -19.96 -6.70 -11.73
CA ALA B 16 -20.34 -8.00 -12.37
C ALA B 16 -19.62 -8.16 -13.71
N LYS B 17 -18.65 -9.04 -13.78
CA LYS B 17 -17.92 -9.23 -15.06
C LYS B 17 -18.00 -10.69 -15.50
CA CA C . 12.10 1.35 -1.80
N MET A 1 10.90 6.13 18.52
CA MET A 1 10.10 5.02 17.92
C MET A 1 10.84 3.69 18.08
N ASP A 2 10.30 2.80 18.87
CA ASP A 2 10.98 1.48 19.07
C ASP A 2 10.39 0.43 18.12
N ASP A 3 10.29 -0.79 18.55
CA ASP A 3 9.73 -1.84 17.66
C ASP A 3 8.20 -1.81 17.70
N ILE A 4 7.59 -1.10 16.78
CA ILE A 4 6.10 -1.03 16.77
C ILE A 4 5.57 -1.39 15.38
N TYR A 5 6.32 -1.10 14.35
CA TYR A 5 5.85 -1.43 12.98
C TYR A 5 6.34 -2.83 12.58
N LYS A 6 7.64 -3.02 12.50
CA LYS A 6 8.18 -4.36 12.12
C LYS A 6 7.42 -5.46 12.88
N ALA A 7 7.04 -5.21 14.09
CA ALA A 7 6.30 -6.25 14.86
C ALA A 7 4.94 -6.52 14.22
N ALA A 8 4.09 -5.54 14.14
CA ALA A 8 2.76 -5.76 13.52
C ALA A 8 2.90 -6.54 12.21
N VAL A 9 4.03 -6.40 11.56
CA VAL A 9 4.24 -7.13 10.27
C VAL A 9 4.48 -8.61 10.54
N GLU A 10 5.49 -8.93 11.30
CA GLU A 10 5.78 -10.36 11.60
C GLU A 10 4.54 -11.04 12.17
N GLN A 11 3.62 -10.27 12.68
CA GLN A 11 2.38 -10.87 13.25
C GLN A 11 1.40 -11.22 12.13
N LEU A 12 1.53 -10.59 11.00
CA LEU A 12 0.61 -10.88 9.86
C LEU A 12 0.44 -12.40 9.71
N THR A 13 -0.48 -12.81 8.88
CA THR A 13 -0.71 -14.27 8.68
C THR A 13 -0.68 -14.62 7.19
N GLU A 14 -0.62 -15.88 6.87
CA GLU A 14 -0.60 -16.28 5.43
C GLU A 14 -1.83 -15.74 4.72
N GLU A 15 -3.00 -16.00 5.25
CA GLU A 15 -4.24 -15.51 4.60
C GLU A 15 -4.25 -13.98 4.58
N GLN A 16 -3.95 -13.36 5.69
CA GLN A 16 -3.94 -11.88 5.74
C GLN A 16 -2.99 -11.32 4.67
N LYS A 17 -1.82 -11.90 4.55
CA LYS A 17 -0.86 -11.41 3.53
C LYS A 17 -1.49 -11.54 2.14
N ASN A 18 -2.20 -12.62 1.89
CA ASN A 18 -2.85 -12.80 0.57
C ASN A 18 -3.89 -11.70 0.35
N GLU A 19 -4.38 -11.13 1.42
CA GLU A 19 -5.40 -10.05 1.29
C GLU A 19 -4.75 -8.77 0.73
N PHE A 20 -3.76 -8.25 1.41
CA PHE A 20 -3.09 -7.03 0.91
C PHE A 20 -2.41 -7.31 -0.43
N LYS A 21 -1.95 -8.52 -0.64
CA LYS A 21 -1.30 -8.84 -1.94
C LYS A 21 -2.14 -8.33 -3.10
N ALA A 22 -3.45 -8.39 -2.96
CA ALA A 22 -4.33 -7.90 -4.06
C ALA A 22 -3.94 -6.48 -4.45
N ALA A 23 -4.11 -5.53 -3.57
CA ALA A 23 -3.73 -4.12 -3.89
C ALA A 23 -2.27 -4.07 -4.35
N PHE A 24 -1.40 -4.77 -3.67
CA PHE A 24 0.03 -4.77 -4.07
C PHE A 24 0.15 -4.95 -5.59
N ASP A 25 -0.62 -5.85 -6.15
CA ASP A 25 -0.56 -6.07 -7.62
C ASP A 25 -1.14 -4.86 -8.37
N ILE A 26 -2.38 -4.54 -8.10
CA ILE A 26 -3.00 -3.38 -8.80
C ILE A 26 -2.16 -2.12 -8.59
N PHE A 27 -1.36 -2.08 -7.56
CA PHE A 27 -0.52 -0.88 -7.32
C PHE A 27 0.68 -0.87 -8.27
N VAL A 28 1.10 -2.01 -8.73
CA VAL A 28 2.26 -2.06 -9.67
C VAL A 28 1.84 -2.64 -11.02
N LEU A 29 0.57 -2.87 -11.21
CA LEU A 29 0.10 -3.44 -12.51
C LEU A 29 0.74 -2.71 -13.68
N GLY A 30 1.08 -1.46 -13.52
CA GLY A 30 1.70 -0.70 -14.63
C GLY A 30 3.22 -0.63 -14.42
N ALA A 31 3.70 -1.09 -13.30
CA ALA A 31 5.17 -1.05 -13.04
C ALA A 31 5.89 -2.06 -13.93
N GLU A 32 6.93 -1.64 -14.60
CA GLU A 32 7.67 -2.59 -15.49
C GLU A 32 8.73 -3.34 -14.67
N ASP A 33 8.78 -3.12 -13.39
CA ASP A 33 9.79 -3.82 -12.55
C ASP A 33 9.09 -4.63 -11.45
N GLY A 34 7.84 -4.35 -11.20
CA GLY A 34 7.10 -5.10 -10.14
C GLY A 34 7.06 -4.27 -8.86
N CYS A 35 7.48 -3.03 -8.93
CA CYS A 35 7.46 -2.17 -7.71
C CYS A 35 6.49 -1.01 -7.91
N ILE A 36 6.28 -0.21 -6.90
CA ILE A 36 5.33 0.93 -7.04
C ILE A 36 6.11 2.23 -7.26
N SER A 37 5.48 3.22 -7.82
CA SER A 37 6.17 4.52 -8.08
C SER A 37 5.13 5.63 -8.21
N THR A 38 4.05 5.51 -7.51
CA THR A 38 2.95 6.52 -7.58
C THR A 38 2.26 6.40 -8.94
N LYS A 39 3.00 6.53 -10.01
CA LYS A 39 2.38 6.39 -11.35
C LYS A 39 1.48 5.16 -11.36
N GLU A 40 1.86 4.13 -10.66
CA GLU A 40 1.04 2.89 -10.59
C GLU A 40 0.14 2.97 -9.36
N LEU A 41 0.64 3.52 -8.30
CA LEU A 41 -0.15 3.64 -7.04
C LEU A 41 -1.26 4.70 -7.23
N GLY A 42 -0.88 5.91 -7.58
CA GLY A 42 -1.90 6.97 -7.76
C GLY A 42 -3.04 6.45 -8.64
N LYS A 43 -2.72 5.72 -9.68
CA LYS A 43 -3.78 5.19 -10.58
C LYS A 43 -4.92 4.57 -9.77
N VAL A 44 -4.62 4.07 -8.60
CA VAL A 44 -5.69 3.45 -7.77
C VAL A 44 -6.46 4.52 -7.00
N MET A 45 -5.85 5.65 -6.76
CA MET A 45 -6.55 6.73 -6.02
C MET A 45 -7.80 7.18 -6.78
N ARG A 46 -7.69 7.35 -8.06
CA ARG A 46 -8.88 7.78 -8.86
C ARG A 46 -9.98 6.72 -8.79
N MET A 47 -9.63 5.51 -8.42
CA MET A 47 -10.66 4.43 -8.34
C MET A 47 -11.37 4.48 -6.98
N LEU A 48 -10.69 4.88 -5.94
CA LEU A 48 -11.34 4.94 -4.60
C LEU A 48 -12.17 6.21 -4.47
N GLY A 49 -12.30 6.96 -5.52
CA GLY A 49 -13.11 8.22 -5.44
C GLY A 49 -12.22 9.37 -4.97
N GLN A 50 -10.92 9.21 -5.06
CA GLN A 50 -10.00 10.29 -4.62
C GLN A 50 -8.87 10.46 -5.64
N ASN A 51 -7.96 11.35 -5.38
CA ASN A 51 -6.84 11.56 -6.35
C ASN A 51 -5.80 12.53 -5.76
N PRO A 52 -4.81 11.98 -5.13
CA PRO A 52 -3.74 12.79 -4.51
C PRO A 52 -2.82 13.38 -5.60
N THR A 53 -1.97 14.30 -5.24
CA THR A 53 -1.05 14.90 -6.25
C THR A 53 0.22 14.07 -6.37
N PRO A 54 0.94 14.31 -7.44
CA PRO A 54 2.21 13.57 -7.68
C PRO A 54 3.30 14.05 -6.70
N GLU A 55 3.29 15.32 -6.37
CA GLU A 55 4.32 15.83 -5.43
C GLU A 55 4.21 15.11 -4.08
N GLU A 56 3.02 14.89 -3.61
CA GLU A 56 2.85 14.18 -2.31
C GLU A 56 2.89 12.66 -2.53
N LEU A 57 2.48 12.21 -3.68
CA LEU A 57 2.48 10.75 -3.95
C LEU A 57 3.82 10.15 -3.52
N GLN A 58 4.90 10.60 -4.10
CA GLN A 58 6.23 10.07 -3.71
C GLN A 58 6.41 10.17 -2.20
N GLU A 59 5.74 11.12 -1.59
CA GLU A 59 5.86 11.29 -0.11
C GLU A 59 5.38 10.02 0.61
N MET A 60 4.52 9.26 -0.02
CA MET A 60 4.02 8.02 0.62
C MET A 60 5.07 6.91 0.47
N ILE A 61 5.78 6.90 -0.63
CA ILE A 61 6.83 5.85 -0.83
C ILE A 61 8.06 6.21 0.01
N ASP A 62 8.33 7.47 0.18
CA ASP A 62 9.52 7.88 0.98
C ASP A 62 9.29 7.56 2.46
N GLU A 63 8.05 7.46 2.87
CA GLU A 63 7.77 7.15 4.30
C GLU A 63 8.05 5.67 4.58
N VAL A 64 7.99 4.84 3.58
CA VAL A 64 8.26 3.39 3.79
C VAL A 64 9.21 2.87 2.71
N ASP A 65 10.33 3.51 2.53
CA ASP A 65 11.29 3.05 1.50
C ASP A 65 12.74 3.25 1.98
N GLU A 66 13.30 2.26 2.62
CA GLU A 66 14.70 2.39 3.12
C GLU A 66 15.68 1.96 2.04
N ASP A 67 15.38 2.25 0.81
CA ASP A 67 16.31 1.86 -0.30
C ASP A 67 16.70 3.10 -1.11
N GLY A 68 15.83 4.06 -1.20
CA GLY A 68 16.16 5.29 -1.98
C GLY A 68 15.70 5.11 -3.44
N SER A 69 15.03 4.02 -3.72
CA SER A 69 14.57 3.79 -5.12
C SER A 69 13.25 4.53 -5.36
N GLY A 70 12.69 5.14 -4.34
CA GLY A 70 11.42 5.88 -4.52
C GLY A 70 10.33 4.92 -4.98
N THR A 71 10.35 3.70 -4.53
CA THR A 71 9.31 2.71 -4.94
C THR A 71 9.01 1.74 -3.80
N VAL A 72 7.88 1.08 -3.86
CA VAL A 72 7.52 0.12 -2.78
C VAL A 72 7.34 -1.29 -3.36
N ASP A 73 7.72 -2.29 -2.63
CA ASP A 73 7.58 -3.68 -3.14
C ASP A 73 6.61 -4.47 -2.26
N PHE A 74 6.36 -5.72 -2.59
CA PHE A 74 5.43 -6.54 -1.76
C PHE A 74 5.86 -6.51 -0.30
N ASP A 75 7.08 -6.13 -0.03
CA ASP A 75 7.55 -6.11 1.39
C ASP A 75 7.29 -4.73 2.01
N GLU A 76 7.85 -3.70 1.45
CA GLU A 76 7.63 -2.33 2.01
C GLU A 76 6.14 -1.99 2.05
N PHE A 77 5.35 -2.69 1.28
CA PHE A 77 3.88 -2.41 1.27
C PHE A 77 3.25 -2.73 2.62
N LEU A 78 3.65 -3.82 3.23
CA LEU A 78 3.08 -4.19 4.55
C LEU A 78 3.31 -3.06 5.56
N VAL A 79 4.46 -2.45 5.54
CA VAL A 79 4.75 -1.35 6.50
C VAL A 79 3.79 -0.17 6.28
N MET A 80 3.73 0.33 5.08
CA MET A 80 2.83 1.49 4.79
C MET A 80 1.45 1.28 5.42
N MET A 81 0.90 0.10 5.29
CA MET A 81 -0.45 -0.16 5.88
C MET A 81 -0.40 -0.14 7.41
N VAL A 82 0.67 -0.62 7.99
CA VAL A 82 0.77 -0.63 9.48
C VAL A 82 0.65 0.79 10.03
N ARG A 83 1.24 1.74 9.36
CA ARG A 83 1.18 3.16 9.85
C ARG A 83 -0.26 3.55 10.20
N CYS A 84 -1.14 3.61 9.23
CA CYS A 84 -2.55 4.00 9.53
C CYS A 84 -3.14 3.14 10.65
N MET A 85 -2.68 1.92 10.76
CA MET A 85 -3.23 1.03 11.84
C MET A 85 -2.63 1.42 13.19
N LYS A 86 -3.45 1.84 14.11
CA LYS A 86 -2.93 2.23 15.46
C LYS A 86 -3.77 1.59 16.56
N ASP A 87 -4.17 2.35 17.55
CA ASP A 87 -4.98 1.77 18.65
C ASP A 87 -6.46 2.12 18.48
N ASP A 88 -7.32 1.14 18.43
CA ASP A 88 -8.78 1.43 18.28
C ASP A 88 -9.53 1.05 19.55
N SER A 89 -10.66 1.65 19.79
CA SER A 89 -11.44 1.31 21.02
C SER A 89 -11.79 -0.18 21.02
N ARG B 1 -2.30 7.76 6.00
CA ARG B 1 -3.76 7.97 6.24
C ARG B 1 -4.57 7.35 5.11
N ILE B 2 -4.30 6.12 4.77
CA ILE B 2 -5.07 5.46 3.68
C ILE B 2 -5.80 4.22 4.22
N SER B 3 -7.09 4.30 4.36
CA SER B 3 -7.85 3.13 4.88
C SER B 3 -7.69 1.93 3.94
N ALA B 4 -7.90 0.75 4.44
CA ALA B 4 -7.75 -0.46 3.57
C ALA B 4 -9.12 -0.94 3.10
N ASP B 5 -10.12 -0.85 3.95
CA ASP B 5 -11.48 -1.30 3.55
C ASP B 5 -11.92 -0.57 2.29
N ALA B 6 -11.37 0.59 2.04
CA ALA B 6 -11.76 1.35 0.82
C ALA B 6 -11.22 0.66 -0.44
N MET B 7 -9.93 0.41 -0.48
CA MET B 7 -9.34 -0.25 -1.68
C MET B 7 -10.16 -1.51 -2.04
N MET B 8 -10.85 -2.06 -1.09
CA MET B 8 -11.66 -3.29 -1.39
C MET B 8 -13.03 -2.88 -1.94
N GLN B 9 -13.60 -1.82 -1.44
CA GLN B 9 -14.94 -1.38 -1.94
C GLN B 9 -14.80 -0.70 -3.31
N ALA B 10 -13.72 -0.01 -3.53
CA ALA B 10 -13.53 0.67 -4.84
C ALA B 10 -12.99 -0.30 -5.88
N LEU B 11 -11.96 -1.04 -5.54
CA LEU B 11 -11.39 -2.02 -6.50
C LEU B 11 -10.93 -3.27 -5.77
N LEU B 12 -10.10 -4.07 -6.41
CA LEU B 12 -9.61 -5.31 -5.74
C LEU B 12 -10.76 -6.27 -5.46
N GLY B 13 -11.33 -6.84 -6.48
CA GLY B 13 -12.46 -7.79 -6.27
C GLY B 13 -13.68 -7.05 -5.70
N ALA B 14 -14.83 -7.29 -6.26
CA ALA B 14 -16.06 -6.60 -5.76
C ALA B 14 -17.27 -7.52 -5.89
N ARG B 15 -17.04 -8.79 -6.14
CA ARG B 15 -18.17 -9.74 -6.27
C ARG B 15 -17.67 -11.18 -6.14
N ALA B 16 -18.47 -12.14 -6.53
CA ALA B 16 -18.03 -13.57 -6.42
C ALA B 16 -17.41 -13.84 -5.06
N LYS B 17 -18.18 -14.36 -4.14
CA LYS B 17 -17.63 -14.64 -2.79
C LYS B 17 -16.34 -15.47 -2.89
CA CA C . 12.23 1.03 -1.85
N MET A 1 15.00 2.78 12.66
CA MET A 1 14.83 3.23 14.07
C MET A 1 13.72 2.44 14.76
N ASP A 2 12.50 2.61 14.32
CA ASP A 2 11.37 1.87 14.95
C ASP A 2 11.67 0.37 14.98
N ASP A 3 11.10 -0.35 15.91
CA ASP A 3 11.35 -1.82 16.00
C ASP A 3 10.09 -2.54 16.47
N ILE A 4 8.94 -1.99 16.22
CA ILE A 4 7.68 -2.65 16.66
C ILE A 4 6.84 -3.07 15.45
N TYR A 5 7.03 -2.42 14.34
CA TYR A 5 6.23 -2.79 13.12
C TYR A 5 6.84 -4.03 12.46
N LYS A 6 8.13 -4.06 12.30
CA LYS A 6 8.78 -5.25 11.66
C LYS A 6 8.14 -6.53 12.20
N ALA A 7 7.66 -6.49 13.42
CA ALA A 7 7.00 -7.69 14.01
C ALA A 7 5.55 -7.81 13.52
N ALA A 8 4.77 -6.78 13.71
CA ALA A 8 3.35 -6.84 13.26
C ALA A 8 3.27 -7.40 11.84
N VAL A 9 4.17 -7.01 10.97
CA VAL A 9 4.14 -7.53 9.58
C VAL A 9 4.29 -9.05 9.57
N GLU A 10 5.42 -9.54 10.00
CA GLU A 10 5.64 -11.02 10.02
C GLU A 10 4.60 -11.71 10.91
N GLN A 11 4.01 -11.00 11.83
CA GLN A 11 2.99 -11.63 12.72
C GLN A 11 1.65 -11.77 11.99
N LEU A 12 1.52 -11.15 10.85
CA LEU A 12 0.24 -11.25 10.09
C LEU A 12 -0.22 -12.70 10.01
N THR A 13 -1.48 -12.93 9.77
CA THR A 13 -1.98 -14.34 9.67
C THR A 13 -1.97 -14.81 8.22
N GLU A 14 -1.87 -16.09 8.00
CA GLU A 14 -1.87 -16.61 6.59
C GLU A 14 -2.98 -15.95 5.78
N GLU A 15 -4.13 -15.75 6.37
CA GLU A 15 -5.24 -15.12 5.61
C GLU A 15 -4.91 -13.65 5.31
N GLN A 16 -4.76 -12.85 6.33
CA GLN A 16 -4.42 -11.41 6.10
C GLN A 16 -3.28 -11.28 5.09
N LYS A 17 -2.32 -12.17 5.15
CA LYS A 17 -1.17 -12.09 4.21
C LYS A 17 -1.68 -11.97 2.77
N ASN A 18 -2.46 -12.91 2.32
CA ASN A 18 -2.98 -12.84 0.93
C ASN A 18 -3.92 -11.64 0.76
N GLU A 19 -4.24 -10.97 1.84
CA GLU A 19 -5.15 -9.79 1.74
C GLU A 19 -4.40 -8.58 1.19
N PHE A 20 -3.37 -8.15 1.86
CA PHE A 20 -2.60 -6.95 1.37
C PHE A 20 -1.91 -7.27 0.05
N LYS A 21 -1.56 -8.51 -0.17
CA LYS A 21 -0.87 -8.88 -1.45
C LYS A 21 -1.71 -8.38 -2.64
N ALA A 22 -3.00 -8.41 -2.51
CA ALA A 22 -3.87 -7.94 -3.64
C ALA A 22 -3.63 -6.46 -3.92
N ALA A 23 -3.89 -5.61 -2.96
CA ALA A 23 -3.66 -4.15 -3.17
C ALA A 23 -2.26 -3.93 -3.74
N PHE A 24 -1.26 -4.48 -3.12
CA PHE A 24 0.13 -4.30 -3.64
C PHE A 24 0.16 -4.48 -5.15
N ASP A 25 -0.48 -5.50 -5.64
CA ASP A 25 -0.50 -5.72 -7.12
C ASP A 25 -1.16 -4.54 -7.83
N ILE A 26 -2.38 -4.23 -7.49
CA ILE A 26 -3.07 -3.09 -8.15
C ILE A 26 -2.22 -1.82 -8.02
N PHE A 27 -1.39 -1.75 -7.00
CA PHE A 27 -0.53 -0.55 -6.82
C PHE A 27 0.60 -0.56 -7.86
N VAL A 28 1.07 -1.72 -8.22
CA VAL A 28 2.17 -1.80 -9.23
C VAL A 28 1.60 -2.26 -10.58
N LEU A 29 0.31 -2.27 -10.72
CA LEU A 29 -0.31 -2.70 -12.01
C LEU A 29 0.40 -2.03 -13.19
N GLY A 30 1.38 -2.67 -13.76
CA GLY A 30 2.10 -2.06 -14.92
C GLY A 30 3.60 -2.01 -14.64
N ALA A 31 3.97 -1.91 -13.39
CA ALA A 31 5.43 -1.85 -13.05
C ALA A 31 6.19 -2.97 -13.78
N GLU A 32 7.48 -2.83 -13.90
CA GLU A 32 8.28 -3.88 -14.60
C GLU A 32 8.68 -4.98 -13.62
N ASP A 33 9.21 -4.62 -12.49
CA ASP A 33 9.63 -5.64 -11.48
C ASP A 33 8.50 -5.88 -10.47
N GLY A 34 7.54 -5.01 -10.43
CA GLY A 34 6.41 -5.19 -9.47
C GLY A 34 6.52 -4.15 -8.34
N CYS A 35 7.32 -3.15 -8.53
CA CYS A 35 7.46 -2.12 -7.46
C CYS A 35 6.57 -0.91 -7.78
N ILE A 36 6.45 0.01 -6.87
CA ILE A 36 5.59 1.20 -7.11
C ILE A 36 6.44 2.41 -7.47
N SER A 37 5.89 3.35 -8.20
CA SER A 37 6.65 4.56 -8.59
C SER A 37 5.69 5.71 -8.83
N THR A 38 4.62 5.75 -8.09
CA THR A 38 3.58 6.81 -8.24
C THR A 38 2.77 6.57 -9.52
N LYS A 39 3.43 6.38 -10.63
CA LYS A 39 2.68 6.13 -11.90
C LYS A 39 1.65 5.02 -11.66
N GLU A 40 2.01 4.02 -10.90
CA GLU A 40 1.07 2.91 -10.63
C GLU A 40 0.25 3.22 -9.37
N LEU A 41 0.88 3.72 -8.35
CA LEU A 41 0.15 4.05 -7.10
C LEU A 41 -1.00 5.03 -7.42
N GLY A 42 -0.66 6.23 -7.81
CA GLY A 42 -1.73 7.21 -8.14
C GLY A 42 -2.83 6.53 -8.97
N LYS A 43 -2.44 5.63 -9.83
CA LYS A 43 -3.44 4.92 -10.67
C LYS A 43 -4.63 4.46 -9.83
N VAL A 44 -4.38 4.05 -8.61
CA VAL A 44 -5.50 3.58 -7.74
C VAL A 44 -6.25 4.76 -7.13
N MET A 45 -5.57 5.85 -6.91
CA MET A 45 -6.25 7.04 -6.31
C MET A 45 -7.51 7.40 -7.11
N ARG A 46 -7.42 7.38 -8.40
CA ARG A 46 -8.61 7.72 -9.23
C ARG A 46 -9.67 6.62 -9.09
N MET A 47 -9.26 5.44 -8.70
CA MET A 47 -10.24 4.33 -8.54
C MET A 47 -10.87 4.40 -7.15
N LEU A 48 -10.12 4.76 -6.16
CA LEU A 48 -10.67 4.86 -4.78
C LEU A 48 -11.56 6.10 -4.65
N GLY A 49 -11.43 7.02 -5.56
CA GLY A 49 -12.26 8.25 -5.51
C GLY A 49 -11.37 9.46 -5.18
N GLN A 50 -10.10 9.37 -5.47
CA GLN A 50 -9.18 10.50 -5.16
C GLN A 50 -8.16 10.68 -6.29
N ASN A 51 -7.30 11.65 -6.17
CA ASN A 51 -6.27 11.89 -7.23
C ASN A 51 -5.22 12.87 -6.72
N PRO A 52 -4.24 12.33 -6.05
CA PRO A 52 -3.15 13.17 -5.49
C PRO A 52 -2.23 13.67 -6.61
N THR A 53 -1.82 14.91 -6.54
CA THR A 53 -0.92 15.47 -7.60
C THR A 53 0.38 14.68 -7.63
N PRO A 54 1.17 14.94 -8.65
CA PRO A 54 2.47 14.24 -8.80
C PRO A 54 3.46 14.71 -7.73
N GLU A 55 3.22 15.86 -7.16
CA GLU A 55 4.13 16.37 -6.11
C GLU A 55 3.85 15.67 -4.77
N GLU A 56 2.62 15.31 -4.55
CA GLU A 56 2.27 14.62 -3.27
C GLU A 56 2.40 13.10 -3.44
N LEU A 57 2.45 12.63 -4.65
CA LEU A 57 2.58 11.17 -4.88
C LEU A 57 3.87 10.65 -4.26
N GLN A 58 4.97 11.29 -4.55
CA GLN A 58 6.27 10.85 -3.98
C GLN A 58 6.19 10.82 -2.45
N GLU A 59 5.38 11.66 -1.87
CA GLU A 59 5.26 11.67 -0.38
C GLU A 59 4.78 10.31 0.12
N MET A 60 3.89 9.68 -0.59
CA MET A 60 3.38 8.35 -0.16
C MET A 60 4.53 7.34 -0.10
N ILE A 61 5.35 7.30 -1.14
CA ILE A 61 6.49 6.34 -1.14
C ILE A 61 7.50 6.74 -0.06
N ASP A 62 7.62 8.00 0.23
CA ASP A 62 8.60 8.43 1.27
C ASP A 62 8.03 8.15 2.67
N GLU A 63 6.77 7.83 2.76
CA GLU A 63 6.15 7.54 4.09
C GLU A 63 6.71 6.21 4.64
N VAL A 64 7.15 5.34 3.77
CA VAL A 64 7.69 4.03 4.25
C VAL A 64 8.96 3.68 3.46
N ASP A 65 9.86 4.61 3.31
CA ASP A 65 11.11 4.31 2.56
C ASP A 65 12.33 4.47 3.48
N GLU A 66 12.81 3.39 4.04
CA GLU A 66 13.99 3.49 4.95
C GLU A 66 15.28 3.58 4.13
N ASP A 67 15.17 3.68 2.83
CA ASP A 67 16.39 3.78 1.99
C ASP A 67 16.26 4.94 1.00
N GLY A 68 15.19 5.68 1.08
CA GLY A 68 15.01 6.83 0.14
C GLY A 68 15.38 6.39 -1.28
N SER A 69 14.73 5.38 -1.79
CA SER A 69 15.05 4.90 -3.16
C SER A 69 14.10 5.56 -4.18
N GLY A 70 12.90 5.87 -3.76
CA GLY A 70 11.93 6.51 -4.68
C GLY A 70 10.87 5.48 -5.10
N THR A 71 11.15 4.22 -4.89
CA THR A 71 10.17 3.17 -5.27
C THR A 71 9.80 2.32 -4.06
N VAL A 72 8.67 1.67 -4.08
CA VAL A 72 8.26 0.83 -2.93
C VAL A 72 8.06 -0.62 -3.38
N ASP A 73 8.34 -1.56 -2.52
CA ASP A 73 8.17 -3.00 -2.90
C ASP A 73 7.24 -3.71 -1.91
N PHE A 74 6.99 -4.97 -2.13
CA PHE A 74 6.10 -5.73 -1.22
C PHE A 74 6.58 -5.58 0.23
N ASP A 75 7.81 -5.19 0.42
CA ASP A 75 8.33 -5.03 1.81
C ASP A 75 7.95 -3.65 2.36
N GLU A 76 8.52 -2.60 1.82
CA GLU A 76 8.19 -1.24 2.32
C GLU A 76 6.67 -1.00 2.27
N PHE A 77 5.96 -1.77 1.49
CA PHE A 77 4.48 -1.58 1.40
C PHE A 77 3.80 -2.17 2.64
N LEU A 78 4.15 -3.37 3.01
CA LEU A 78 3.52 -4.00 4.21
C LEU A 78 3.55 -3.03 5.40
N VAL A 79 4.69 -2.49 5.72
CA VAL A 79 4.79 -1.56 6.87
C VAL A 79 3.80 -0.40 6.70
N MET A 80 3.34 -0.17 5.50
CA MET A 80 2.38 0.95 5.26
C MET A 80 0.97 0.54 5.73
N MET A 81 0.66 -0.73 5.72
CA MET A 81 -0.69 -1.16 6.15
C MET A 81 -0.74 -1.31 7.67
N VAL A 82 0.35 -1.64 8.29
CA VAL A 82 0.35 -1.80 9.78
C VAL A 82 0.19 -0.44 10.46
N ARG A 83 0.56 0.63 9.79
CA ARG A 83 0.43 1.98 10.41
C ARG A 83 -0.99 2.52 10.22
N CYS A 84 -1.80 1.85 9.45
CA CYS A 84 -3.19 2.35 9.24
C CYS A 84 -4.21 1.33 9.78
N MET A 85 -3.75 0.31 10.44
CA MET A 85 -4.70 -0.71 10.98
C MET A 85 -4.37 -1.01 12.45
N LYS A 86 -3.57 -2.01 12.70
CA LYS A 86 -3.22 -2.33 14.11
C LYS A 86 -4.47 -2.26 15.01
N ASP A 87 -5.50 -2.98 14.66
CA ASP A 87 -6.74 -2.94 15.48
C ASP A 87 -7.07 -4.35 15.99
N ASP A 88 -7.06 -4.55 17.28
CA ASP A 88 -7.38 -5.90 17.84
C ASP A 88 -8.83 -5.96 18.30
N SER A 89 -9.63 -4.99 17.94
CA SER A 89 -11.05 -5.01 18.37
C SER A 89 -11.76 -6.28 17.84
N ARG B 1 -3.87 10.49 1.83
CA ARG B 1 -3.48 9.21 2.49
C ARG B 1 -4.35 8.06 1.96
N ILE B 2 -3.77 6.90 1.76
CA ILE B 2 -4.58 5.75 1.26
C ILE B 2 -5.61 5.33 2.30
N SER B 3 -6.84 5.17 1.90
CA SER B 3 -7.90 4.75 2.87
C SER B 3 -7.74 3.28 3.24
N ALA B 4 -8.56 2.78 4.12
CA ALA B 4 -8.46 1.36 4.51
C ALA B 4 -9.70 0.58 4.03
N ASP B 5 -10.87 1.07 4.35
CA ASP B 5 -12.11 0.36 3.91
C ASP B 5 -12.49 0.79 2.49
N ALA B 6 -12.31 2.04 2.17
CA ALA B 6 -12.67 2.52 0.80
C ALA B 6 -11.80 1.81 -0.24
N MET B 7 -10.60 1.48 0.11
CA MET B 7 -9.69 0.78 -0.86
C MET B 7 -10.39 -0.47 -1.42
N MET B 8 -11.21 -1.10 -0.63
CA MET B 8 -11.90 -2.34 -1.11
C MET B 8 -13.17 -1.96 -1.89
N GLN B 9 -13.84 -0.92 -1.48
CA GLN B 9 -15.09 -0.52 -2.19
C GLN B 9 -14.79 -0.21 -3.67
N ALA B 10 -13.81 0.61 -3.92
CA ALA B 10 -13.47 0.95 -5.33
C ALA B 10 -12.78 -0.24 -6.02
N LEU B 11 -11.72 -0.73 -5.45
CA LEU B 11 -11.02 -1.89 -6.06
C LEU B 11 -10.74 -2.97 -5.02
N LEU B 12 -10.06 -4.01 -5.39
CA LEU B 12 -9.76 -5.10 -4.41
C LEU B 12 -11.06 -5.66 -3.82
N GLY B 13 -10.96 -6.61 -2.92
CA GLY B 13 -12.20 -7.19 -2.31
C GLY B 13 -12.16 -8.71 -2.46
N ALA B 14 -12.88 -9.41 -1.62
CA ALA B 14 -12.89 -10.89 -1.70
C ALA B 14 -13.85 -11.35 -2.80
N ARG B 15 -13.45 -12.33 -3.58
CA ARG B 15 -14.34 -12.82 -4.67
C ARG B 15 -13.86 -14.17 -5.19
N ALA B 16 -12.71 -14.21 -5.80
CA ALA B 16 -12.19 -15.50 -6.32
C ALA B 16 -10.81 -15.80 -5.74
N LYS B 17 -10.10 -14.79 -5.29
CA LYS B 17 -8.75 -15.03 -4.71
C LYS B 17 -8.59 -14.22 -3.40
CA CA C . 12.47 1.73 -1.19
N MET A 1 11.82 -4.44 21.21
CA MET A 1 12.58 -3.17 21.41
C MET A 1 12.44 -2.27 20.19
N ASP A 2 11.55 -1.31 20.24
CA ASP A 2 11.37 -0.40 19.07
C ASP A 2 10.91 -1.20 17.85
N ASP A 3 10.88 -0.58 16.70
CA ASP A 3 10.45 -1.31 15.47
C ASP A 3 9.09 -1.98 15.70
N ILE A 4 8.07 -1.21 15.96
CA ILE A 4 6.72 -1.81 16.19
C ILE A 4 6.07 -2.18 14.85
N TYR A 5 6.45 -1.50 13.80
CA TYR A 5 5.84 -1.81 12.47
C TYR A 5 6.39 -3.14 11.93
N LYS A 6 7.69 -3.26 11.83
CA LYS A 6 8.27 -4.54 11.31
C LYS A 6 7.73 -5.74 12.11
N ALA A 7 7.35 -5.52 13.34
CA ALA A 7 6.82 -6.64 14.16
C ALA A 7 5.38 -6.97 13.74
N ALA A 8 4.54 -5.97 13.64
CA ALA A 8 3.13 -6.21 13.24
C ALA A 8 3.07 -7.02 11.94
N VAL A 9 4.13 -7.00 11.18
CA VAL A 9 4.13 -7.77 9.90
C VAL A 9 4.51 -9.23 10.15
N GLU A 10 5.66 -9.47 10.70
CA GLU A 10 6.07 -10.89 10.98
C GLU A 10 4.98 -11.61 11.77
N GLN A 11 4.14 -10.89 12.45
CA GLN A 11 3.06 -11.55 13.23
C GLN A 11 1.76 -11.55 12.46
N LEU A 12 1.83 -11.74 11.16
CA LEU A 12 0.59 -11.75 10.34
C LEU A 12 0.07 -13.18 10.17
N THR A 13 -1.01 -13.35 9.46
CA THR A 13 -1.56 -14.72 9.26
C THR A 13 -1.48 -15.12 7.79
N GLU A 14 -1.96 -16.28 7.44
CA GLU A 14 -1.90 -16.73 6.02
C GLU A 14 -2.89 -15.93 5.17
N GLU A 15 -4.14 -15.96 5.52
CA GLU A 15 -5.17 -15.21 4.73
C GLU A 15 -4.85 -13.70 4.75
N GLN A 16 -4.72 -13.13 5.92
CA GLN A 16 -4.41 -11.67 5.98
C GLN A 16 -3.28 -11.32 5.01
N LYS A 17 -2.16 -11.97 5.12
CA LYS A 17 -1.03 -11.67 4.18
C LYS A 17 -1.56 -11.51 2.75
N ASN A 18 -2.34 -12.45 2.30
CA ASN A 18 -2.88 -12.36 0.92
C ASN A 18 -3.78 -11.12 0.80
N GLU A 19 -4.32 -10.66 1.88
CA GLU A 19 -5.20 -9.45 1.83
C GLU A 19 -4.40 -8.26 1.29
N PHE A 20 -3.34 -7.91 1.96
CA PHE A 20 -2.51 -6.75 1.49
C PHE A 20 -2.04 -7.01 0.05
N LYS A 21 -1.86 -8.26 -0.30
CA LYS A 21 -1.40 -8.57 -1.69
C LYS A 21 -2.34 -7.93 -2.70
N ALA A 22 -3.63 -8.04 -2.51
CA ALA A 22 -4.59 -7.43 -3.46
C ALA A 22 -4.19 -5.98 -3.74
N ALA A 23 -4.04 -5.18 -2.72
CA ALA A 23 -3.65 -3.77 -2.92
C ALA A 23 -2.27 -3.69 -3.57
N PHE A 24 -1.35 -4.49 -3.11
CA PHE A 24 0.02 -4.47 -3.70
C PHE A 24 -0.03 -4.87 -5.17
N ASP A 25 -0.83 -5.85 -5.50
CA ASP A 25 -0.92 -6.29 -6.92
C ASP A 25 -1.42 -5.15 -7.81
N ILE A 26 -2.43 -4.45 -7.36
CA ILE A 26 -2.96 -3.32 -8.18
C ILE A 26 -1.96 -2.16 -8.21
N PHE A 27 -1.34 -1.87 -7.10
CA PHE A 27 -0.35 -0.75 -7.06
C PHE A 27 0.76 -0.99 -8.09
N VAL A 28 0.88 -2.18 -8.60
CA VAL A 28 1.95 -2.44 -9.60
C VAL A 28 1.35 -2.98 -10.90
N LEU A 29 0.10 -2.67 -11.16
CA LEU A 29 -0.54 -3.18 -12.41
C LEU A 29 0.23 -2.68 -13.64
N GLY A 30 1.15 -3.46 -14.13
CA GLY A 30 1.93 -3.03 -15.32
C GLY A 30 3.43 -3.10 -14.99
N ALA A 31 3.81 -2.68 -13.82
CA ALA A 31 5.25 -2.72 -13.44
C ALA A 31 5.88 -4.05 -13.86
N GLU A 32 6.93 -3.99 -14.64
CA GLU A 32 7.58 -5.25 -15.09
C GLU A 32 7.74 -6.22 -13.92
N ASP A 33 8.56 -5.88 -12.96
CA ASP A 33 8.76 -6.79 -11.79
C ASP A 33 7.54 -6.74 -10.88
N GLY A 34 7.40 -5.70 -10.10
CA GLY A 34 6.23 -5.60 -9.19
C GLY A 34 6.51 -4.55 -8.11
N CYS A 35 7.14 -3.47 -8.47
CA CYS A 35 7.44 -2.41 -7.46
C CYS A 35 6.61 -1.16 -7.78
N ILE A 36 6.06 -0.54 -6.77
CA ILE A 36 5.25 0.69 -7.01
C ILE A 36 6.16 1.90 -7.23
N SER A 37 5.64 2.92 -7.85
CA SER A 37 6.47 4.15 -8.12
C SER A 37 5.55 5.34 -8.35
N THR A 38 4.43 5.36 -7.68
CA THR A 38 3.43 6.46 -7.84
C THR A 38 2.72 6.32 -9.18
N LYS A 39 3.46 6.21 -10.25
CA LYS A 39 2.81 6.04 -11.58
C LYS A 39 1.78 4.93 -11.51
N GLU A 40 2.06 3.91 -10.73
CA GLU A 40 1.09 2.79 -10.60
C GLU A 40 0.18 3.03 -9.40
N LEU A 41 0.72 3.56 -8.33
CA LEU A 41 -0.10 3.82 -7.12
C LEU A 41 -1.13 4.91 -7.42
N GLY A 42 -0.69 6.09 -7.78
CA GLY A 42 -1.65 7.18 -8.09
C GLY A 42 -2.75 6.65 -9.01
N LYS A 43 -2.42 5.76 -9.90
CA LYS A 43 -3.45 5.20 -10.81
C LYS A 43 -4.71 4.84 -10.02
N VAL A 44 -4.55 4.32 -8.84
CA VAL A 44 -5.73 3.94 -8.02
C VAL A 44 -6.37 5.20 -7.40
N MET A 45 -5.56 6.11 -6.93
CA MET A 45 -6.11 7.34 -6.31
C MET A 45 -7.28 7.88 -7.13
N ARG A 46 -7.14 7.95 -8.42
CA ARG A 46 -8.24 8.46 -9.27
C ARG A 46 -9.27 7.35 -9.55
N MET A 47 -8.89 6.12 -9.36
CA MET A 47 -9.86 5.00 -9.61
C MET A 47 -10.72 4.76 -8.37
N LEU A 48 -10.16 4.90 -7.20
CA LEU A 48 -10.96 4.68 -5.96
C LEU A 48 -12.22 5.56 -5.99
N GLY A 49 -12.05 6.85 -6.00
CA GLY A 49 -13.23 7.76 -6.03
C GLY A 49 -12.81 9.14 -5.50
N GLN A 50 -11.63 9.57 -5.84
CA GLN A 50 -11.15 10.91 -5.36
C GLN A 50 -10.20 11.52 -6.39
N ASN A 51 -9.25 12.30 -5.95
CA ASN A 51 -8.31 12.93 -6.92
C ASN A 51 -7.26 13.77 -6.19
N PRO A 52 -6.32 13.10 -5.58
CA PRO A 52 -5.24 13.79 -4.84
C PRO A 52 -4.24 14.43 -5.81
N THR A 53 -3.07 14.76 -5.34
CA THR A 53 -2.06 15.37 -6.25
C THR A 53 -0.85 14.44 -6.39
N PRO A 54 -0.08 14.68 -7.42
CA PRO A 54 1.12 13.85 -7.68
C PRO A 54 2.22 14.18 -6.67
N GLU A 55 2.32 15.41 -6.26
CA GLU A 55 3.38 15.79 -5.28
C GLU A 55 3.18 15.03 -3.97
N GLU A 56 1.97 14.64 -3.69
CA GLU A 56 1.71 13.89 -2.43
C GLU A 56 1.94 12.39 -2.64
N LEU A 57 1.72 11.92 -3.85
CA LEU A 57 1.93 10.48 -4.13
C LEU A 57 3.26 10.00 -3.54
N GLN A 58 4.35 10.49 -4.05
CA GLN A 58 5.68 10.06 -3.53
C GLN A 58 5.66 9.97 -2.00
N GLU A 59 4.91 10.82 -1.35
CA GLU A 59 4.87 10.77 0.14
C GLU A 59 4.64 9.34 0.61
N MET A 60 3.85 8.58 -0.12
CA MET A 60 3.59 7.16 0.28
C MET A 60 4.78 6.29 -0.13
N ILE A 61 5.77 6.87 -0.74
CA ILE A 61 6.96 6.06 -1.16
C ILE A 61 8.10 6.23 -0.16
N ASP A 62 8.56 7.43 0.04
CA ASP A 62 9.68 7.66 1.01
C ASP A 62 9.25 7.26 2.42
N GLU A 63 7.98 7.37 2.72
CA GLU A 63 7.50 6.99 4.08
C GLU A 63 7.94 5.57 4.42
N VAL A 64 8.12 4.73 3.44
CA VAL A 64 8.54 3.33 3.73
C VAL A 64 9.74 2.95 2.84
N ASP A 65 10.46 3.92 2.35
CA ASP A 65 11.64 3.62 1.49
C ASP A 65 12.94 3.88 2.26
N GLU A 66 13.58 2.84 2.72
CA GLU A 66 14.86 3.04 3.48
C GLU A 66 16.04 3.05 2.51
N ASP A 67 15.83 3.44 1.29
CA ASP A 67 16.94 3.49 0.30
C ASP A 67 16.92 4.82 -0.46
N GLY A 68 15.76 5.28 -0.82
CA GLY A 68 15.67 6.57 -1.58
C GLY A 68 15.62 6.28 -3.08
N SER A 69 15.11 5.14 -3.45
CA SER A 69 15.03 4.79 -4.90
C SER A 69 13.71 5.30 -5.49
N GLY A 70 12.86 5.85 -4.67
CA GLY A 70 11.55 6.35 -5.19
C GLY A 70 10.69 5.17 -5.64
N THR A 71 10.82 4.04 -4.99
CA THR A 71 10.00 2.86 -5.38
C THR A 71 9.59 2.07 -4.14
N VAL A 72 8.52 1.34 -4.21
CA VAL A 72 8.07 0.54 -3.03
C VAL A 72 7.80 -0.91 -3.42
N ASP A 73 7.94 -1.82 -2.51
CA ASP A 73 7.70 -3.25 -2.83
C ASP A 73 6.91 -3.91 -1.70
N PHE A 74 6.39 -5.10 -1.93
CA PHE A 74 5.61 -5.78 -0.86
C PHE A 74 6.34 -5.64 0.48
N ASP A 75 7.64 -5.48 0.45
CA ASP A 75 8.40 -5.32 1.71
C ASP A 75 8.19 -3.92 2.28
N GLU A 76 8.53 -2.91 1.53
CA GLU A 76 8.34 -1.52 2.03
C GLU A 76 6.84 -1.19 2.04
N PHE A 77 6.09 -1.73 1.12
CA PHE A 77 4.64 -1.44 1.08
C PHE A 77 3.96 -1.95 2.36
N LEU A 78 4.37 -3.10 2.83
CA LEU A 78 3.75 -3.65 4.08
C LEU A 78 3.87 -2.63 5.22
N VAL A 79 5.06 -2.15 5.47
CA VAL A 79 5.25 -1.16 6.58
C VAL A 79 4.33 0.05 6.36
N MET A 80 3.83 0.24 5.17
CA MET A 80 2.94 1.41 4.89
C MET A 80 1.51 1.09 5.33
N MET A 81 1.13 -0.16 5.36
CA MET A 81 -0.26 -0.50 5.77
C MET A 81 -0.32 -0.69 7.29
N VAL A 82 0.76 -1.10 7.89
CA VAL A 82 0.77 -1.29 9.37
C VAL A 82 0.54 0.04 10.09
N ARG A 83 1.03 1.11 9.53
CA ARG A 83 0.85 2.44 10.18
C ARG A 83 -0.64 2.77 10.32
N CYS A 84 -1.40 2.59 9.27
CA CYS A 84 -2.86 2.90 9.36
C CYS A 84 -3.66 1.66 9.70
N MET A 85 -3.45 1.09 10.85
CA MET A 85 -4.21 -0.13 11.24
C MET A 85 -4.85 0.06 12.61
N LYS A 86 -5.58 1.14 12.79
CA LYS A 86 -6.23 1.39 14.11
C LYS A 86 -7.61 0.72 14.16
N ASP A 87 -7.79 -0.25 15.01
CA ASP A 87 -9.10 -0.94 15.11
C ASP A 87 -10.08 -0.09 15.92
N ASP A 88 -11.36 -0.30 15.73
CA ASP A 88 -12.36 0.50 16.51
C ASP A 88 -13.52 -0.40 16.94
N SER A 89 -13.60 -0.70 18.21
CA SER A 89 -14.71 -1.57 18.70
C SER A 89 -15.97 -0.72 18.96
N ARG B 1 -4.99 7.93 4.42
CA ARG B 1 -5.90 8.11 3.25
C ARG B 1 -6.32 6.75 2.69
N ILE B 2 -5.65 5.70 3.08
CA ILE B 2 -5.99 4.34 2.57
C ILE B 2 -6.21 3.38 3.74
N SER B 3 -6.99 3.78 4.71
CA SER B 3 -7.23 2.88 5.88
C SER B 3 -7.60 1.48 5.40
N ALA B 4 -8.80 1.31 4.89
CA ALA B 4 -9.21 -0.03 4.41
C ALA B 4 -10.66 0.00 3.92
N ASP B 5 -11.50 0.78 4.54
CA ASP B 5 -12.92 0.86 4.10
C ASP B 5 -13.00 1.37 2.67
N ALA B 6 -12.38 2.49 2.38
CA ALA B 6 -12.44 3.03 0.99
C ALA B 6 -11.45 2.28 0.09
N MET B 7 -10.21 2.22 0.47
CA MET B 7 -9.20 1.50 -0.38
C MET B 7 -9.77 0.17 -0.88
N MET B 8 -10.54 -0.50 -0.06
CA MET B 8 -11.12 -1.80 -0.50
C MET B 8 -12.42 -1.59 -1.28
N GLN B 9 -13.24 -0.67 -0.85
CA GLN B 9 -14.53 -0.42 -1.56
C GLN B 9 -14.31 0.44 -2.81
N ALA B 10 -13.37 1.35 -2.76
CA ALA B 10 -13.12 2.22 -3.95
C ALA B 10 -12.23 1.50 -4.97
N LEU B 11 -11.46 0.55 -4.52
CA LEU B 11 -10.54 -0.17 -5.46
C LEU B 11 -11.02 -1.61 -5.66
N LEU B 12 -10.82 -2.47 -4.70
CA LEU B 12 -11.26 -3.88 -4.86
C LEU B 12 -12.57 -4.10 -4.09
N GLY B 13 -12.65 -5.14 -3.30
CA GLY B 13 -13.91 -5.39 -2.55
C GLY B 13 -14.52 -6.71 -2.99
N ALA B 14 -15.81 -6.74 -3.22
CA ALA B 14 -16.46 -8.00 -3.66
C ALA B 14 -16.38 -8.12 -5.18
N ARG B 15 -17.13 -9.03 -5.75
CA ARG B 15 -17.11 -9.20 -7.24
C ARG B 15 -18.52 -9.16 -7.80
N ALA B 16 -19.04 -7.98 -8.06
CA ALA B 16 -20.42 -7.87 -8.62
C ALA B 16 -21.39 -8.67 -7.75
N LYS B 17 -21.46 -8.37 -6.48
CA LYS B 17 -22.40 -9.11 -5.59
C LYS B 17 -23.30 -8.13 -4.84
CA CA C . 12.46 1.44 -2.25
N MET A 1 17.50 2.22 14.60
CA MET A 1 16.86 2.87 15.79
C MET A 1 15.35 2.66 15.74
N ASP A 2 14.67 3.02 16.79
CA ASP A 2 13.18 2.84 16.81
C ASP A 2 12.83 1.37 16.61
N ASP A 3 11.71 0.94 17.11
CA ASP A 3 11.31 -0.48 16.95
C ASP A 3 9.85 -0.67 17.40
N ILE A 4 8.97 -1.00 16.49
CA ILE A 4 7.54 -1.20 16.88
C ILE A 4 6.76 -1.82 15.73
N TYR A 5 7.05 -1.44 14.51
CA TYR A 5 6.31 -2.01 13.34
C TYR A 5 6.87 -3.40 13.01
N LYS A 6 8.16 -3.58 13.08
CA LYS A 6 8.75 -4.90 12.76
C LYS A 6 7.98 -6.00 13.50
N ALA A 7 7.31 -5.66 14.57
CA ALA A 7 6.53 -6.68 15.32
C ALA A 7 5.23 -6.99 14.59
N ALA A 8 4.46 -5.98 14.29
CA ALA A 8 3.16 -6.21 13.58
C ALA A 8 3.40 -7.08 12.34
N VAL A 9 4.45 -6.82 11.62
CA VAL A 9 4.73 -7.64 10.41
C VAL A 9 4.74 -9.13 10.76
N GLU A 10 5.62 -9.53 11.64
CA GLU A 10 5.67 -10.97 12.04
C GLU A 10 4.35 -11.37 12.70
N GLN A 11 3.56 -10.41 13.10
CA GLN A 11 2.26 -10.74 13.75
C GLN A 11 1.15 -10.85 12.70
N LEU A 12 1.51 -11.08 11.46
CA LEU A 12 0.47 -11.18 10.40
C LEU A 12 0.10 -12.64 10.15
N THR A 13 -0.88 -12.88 9.32
CA THR A 13 -1.29 -14.29 9.04
C THR A 13 -1.21 -14.57 7.54
N GLU A 14 -1.42 -15.79 7.12
CA GLU A 14 -1.34 -16.10 5.67
C GLU A 14 -2.51 -15.45 4.93
N GLU A 15 -3.68 -15.44 5.54
CA GLU A 15 -4.86 -14.82 4.88
C GLU A 15 -4.73 -13.29 4.87
N GLN A 16 -4.58 -12.69 6.01
CA GLN A 16 -4.45 -11.21 6.07
C GLN A 16 -3.33 -10.75 5.13
N LYS A 17 -2.26 -11.49 5.05
CA LYS A 17 -1.15 -11.09 4.16
C LYS A 17 -1.54 -11.34 2.70
N ASN A 18 -2.28 -12.38 2.45
CA ASN A 18 -2.71 -12.67 1.04
C ASN A 18 -3.67 -11.58 0.56
N GLU A 19 -4.25 -10.85 1.48
CA GLU A 19 -5.19 -9.76 1.07
C GLU A 19 -4.41 -8.54 0.60
N PHE A 20 -3.43 -8.12 1.37
CA PHE A 20 -2.63 -6.92 0.95
C PHE A 20 -2.04 -7.16 -0.45
N LYS A 21 -1.41 -8.29 -0.66
CA LYS A 21 -0.82 -8.56 -2.00
C LYS A 21 -1.81 -8.18 -3.09
N ALA A 22 -3.08 -8.21 -2.79
CA ALA A 22 -4.10 -7.84 -3.82
C ALA A 22 -3.85 -6.42 -4.32
N ALA A 23 -4.04 -5.43 -3.47
CA ALA A 23 -3.79 -4.03 -3.91
C ALA A 23 -2.35 -3.88 -4.37
N PHE A 24 -1.43 -4.47 -3.69
CA PHE A 24 0.00 -4.37 -4.10
C PHE A 24 0.15 -4.80 -5.55
N ASP A 25 -0.64 -5.74 -5.98
CA ASP A 25 -0.54 -6.21 -7.39
C ASP A 25 -1.10 -5.13 -8.33
N ILE A 26 -2.26 -4.62 -8.01
CA ILE A 26 -2.86 -3.56 -8.88
C ILE A 26 -2.03 -2.28 -8.79
N PHE A 27 -1.23 -2.16 -7.77
CA PHE A 27 -0.39 -0.93 -7.63
C PHE A 27 0.76 -0.93 -8.64
N VAL A 28 1.11 -2.09 -9.14
CA VAL A 28 2.23 -2.15 -10.13
C VAL A 28 1.73 -2.73 -11.45
N LEU A 29 0.46 -2.96 -11.58
CA LEU A 29 -0.07 -3.52 -12.86
C LEU A 29 0.35 -2.64 -14.04
N GLY A 30 1.44 -2.96 -14.68
CA GLY A 30 1.91 -2.14 -15.83
C GLY A 30 3.33 -1.64 -15.55
N ALA A 31 3.78 -1.75 -14.34
CA ALA A 31 5.17 -1.29 -14.01
C ALA A 31 6.20 -2.07 -14.83
N GLU A 32 7.36 -1.51 -15.03
CA GLU A 32 8.40 -2.22 -15.82
C GLU A 32 9.39 -2.93 -14.89
N ASP A 33 9.15 -2.86 -13.61
CA ASP A 33 10.08 -3.53 -12.65
C ASP A 33 9.28 -4.13 -11.49
N GLY A 34 8.05 -4.48 -11.72
CA GLY A 34 7.22 -5.08 -10.64
C GLY A 34 7.32 -4.22 -9.38
N CYS A 35 7.34 -2.92 -9.52
CA CYS A 35 7.45 -2.04 -8.33
C CYS A 35 6.47 -0.86 -8.46
N ILE A 36 6.39 -0.04 -7.45
CA ILE A 36 5.46 1.13 -7.53
C ILE A 36 6.25 2.43 -7.65
N SER A 37 5.76 3.34 -8.44
CA SER A 37 6.47 4.64 -8.63
C SER A 37 5.45 5.77 -8.77
N THR A 38 4.38 5.66 -8.04
CA THR A 38 3.28 6.68 -8.10
C THR A 38 2.52 6.55 -9.41
N LYS A 39 3.21 6.56 -10.52
CA LYS A 39 2.52 6.41 -11.83
C LYS A 39 1.51 5.26 -11.74
N GLU A 40 1.88 4.21 -11.05
CA GLU A 40 0.95 3.04 -10.90
C GLU A 40 0.15 3.19 -9.61
N LEU A 41 0.73 3.82 -8.63
CA LEU A 41 0.03 4.00 -7.33
C LEU A 41 -1.09 5.04 -7.46
N GLY A 42 -0.81 6.16 -8.07
CA GLY A 42 -1.84 7.22 -8.22
C GLY A 42 -2.98 6.72 -9.11
N LYS A 43 -2.72 5.75 -9.95
CA LYS A 43 -3.80 5.23 -10.83
C LYS A 43 -4.93 4.64 -9.96
N VAL A 44 -4.61 4.23 -8.77
CA VAL A 44 -5.66 3.66 -7.88
C VAL A 44 -6.41 4.77 -7.16
N MET A 45 -5.82 5.93 -7.04
CA MET A 45 -6.52 7.05 -6.35
C MET A 45 -7.80 7.42 -7.10
N ARG A 46 -7.72 7.60 -8.39
CA ARG A 46 -8.93 7.96 -9.17
C ARG A 46 -10.00 6.86 -9.02
N MET A 47 -9.57 5.64 -8.82
CA MET A 47 -10.56 4.53 -8.65
C MET A 47 -11.22 4.62 -7.27
N LEU A 48 -10.49 5.06 -6.29
CA LEU A 48 -11.07 5.18 -4.92
C LEU A 48 -11.81 6.51 -4.78
N GLY A 49 -12.04 7.19 -5.87
CA GLY A 49 -12.74 8.50 -5.78
C GLY A 49 -11.79 9.55 -5.22
N GLN A 50 -10.52 9.38 -5.41
CA GLN A 50 -9.54 10.36 -4.88
C GLN A 50 -8.53 10.77 -5.97
N ASN A 51 -7.73 11.76 -5.70
CA ASN A 51 -6.73 12.19 -6.71
C ASN A 51 -5.66 13.06 -6.04
N PRO A 52 -4.75 12.40 -5.38
CA PRO A 52 -3.66 13.12 -4.67
C PRO A 52 -2.65 13.68 -5.67
N THR A 53 -2.21 14.89 -5.45
CA THR A 53 -1.22 15.50 -6.38
C THR A 53 0.06 14.65 -6.43
N PRO A 54 0.92 15.00 -7.34
CA PRO A 54 2.20 14.28 -7.50
C PRO A 54 3.14 14.61 -6.33
N GLU A 55 2.96 15.75 -5.73
CA GLU A 55 3.83 16.13 -4.58
C GLU A 55 3.53 15.23 -3.39
N GLU A 56 2.28 14.92 -3.16
CA GLU A 56 1.93 14.04 -2.02
C GLU A 56 2.09 12.57 -2.42
N LEU A 57 1.99 12.29 -3.69
CA LEU A 57 2.14 10.88 -4.15
C LEU A 57 3.49 10.31 -3.67
N GLN A 58 4.57 10.81 -4.18
CA GLN A 58 5.90 10.30 -3.75
C GLN A 58 5.92 10.12 -2.23
N GLU A 59 5.18 10.93 -1.52
CA GLU A 59 5.16 10.80 -0.04
C GLU A 59 4.78 9.38 0.37
N MET A 60 3.78 8.83 -0.27
CA MET A 60 3.36 7.43 0.07
C MET A 60 4.55 6.49 -0.04
N ILE A 61 5.36 6.65 -1.05
CA ILE A 61 6.54 5.76 -1.23
C ILE A 61 7.65 6.17 -0.26
N ASP A 62 7.99 7.43 -0.22
CA ASP A 62 9.06 7.88 0.70
C ASP A 62 8.76 7.45 2.13
N GLU A 63 7.51 7.46 2.51
CA GLU A 63 7.14 7.05 3.90
C GLU A 63 7.73 5.67 4.22
N VAL A 64 7.96 4.86 3.22
CA VAL A 64 8.52 3.50 3.47
C VAL A 64 9.66 3.21 2.49
N ASP A 65 10.52 4.16 2.26
CA ASP A 65 11.65 3.93 1.32
C ASP A 65 12.98 3.87 2.09
N GLU A 66 13.47 2.69 2.35
CA GLU A 66 14.76 2.58 3.10
C GLU A 66 15.87 2.09 2.16
N ASP A 67 15.76 2.36 0.90
CA ASP A 67 16.82 1.91 -0.06
C ASP A 67 17.17 3.03 -1.04
N GLY A 68 16.59 4.19 -0.88
CA GLY A 68 16.89 5.32 -1.80
C GLY A 68 16.54 4.91 -3.25
N SER A 69 15.48 4.18 -3.42
CA SER A 69 15.10 3.75 -4.80
C SER A 69 13.96 4.62 -5.32
N GLY A 70 13.05 4.99 -4.48
CA GLY A 70 11.91 5.84 -4.92
C GLY A 70 10.74 4.95 -5.35
N THR A 71 10.76 3.71 -4.96
CA THR A 71 9.65 2.80 -5.35
C THR A 71 9.23 1.93 -4.15
N VAL A 72 8.22 1.13 -4.32
CA VAL A 72 7.77 0.26 -3.19
C VAL A 72 7.57 -1.18 -3.67
N ASP A 73 7.83 -2.13 -2.81
CA ASP A 73 7.65 -3.55 -3.19
C ASP A 73 6.81 -4.28 -2.14
N PHE A 74 6.57 -5.55 -2.31
CA PHE A 74 5.75 -6.29 -1.31
C PHE A 74 6.43 -6.23 0.06
N ASP A 75 7.66 -5.82 0.10
CA ASP A 75 8.38 -5.74 1.41
C ASP A 75 8.07 -4.40 2.08
N GLU A 76 8.18 -3.32 1.35
CA GLU A 76 7.89 -1.99 1.95
C GLU A 76 6.37 -1.78 2.07
N PHE A 77 5.63 -2.26 1.11
CA PHE A 77 4.15 -2.09 1.16
C PHE A 77 3.61 -2.62 2.49
N LEU A 78 3.90 -3.86 2.80
CA LEU A 78 3.40 -4.44 4.09
C LEU A 78 3.58 -3.41 5.22
N VAL A 79 4.75 -2.86 5.35
CA VAL A 79 4.97 -1.85 6.43
C VAL A 79 4.00 -0.68 6.27
N MET A 80 3.84 -0.19 5.07
CA MET A 80 2.91 0.96 4.85
C MET A 80 1.54 0.64 5.47
N MET A 81 0.96 -0.47 5.10
CA MET A 81 -0.37 -0.84 5.67
C MET A 81 -0.34 -0.73 7.20
N VAL A 82 0.74 -1.15 7.81
CA VAL A 82 0.83 -1.07 9.29
C VAL A 82 0.79 0.40 9.75
N ARG A 83 1.63 1.23 9.18
CA ARG A 83 1.63 2.66 9.58
C ARG A 83 0.21 3.22 9.57
N CYS A 84 -0.60 2.76 8.65
CA CYS A 84 -2.00 3.26 8.57
C CYS A 84 -2.97 2.20 9.10
N MET A 85 -2.52 1.38 10.02
CA MET A 85 -3.41 0.33 10.57
C MET A 85 -3.37 0.36 12.11
N LYS A 86 -4.27 1.08 12.72
CA LYS A 86 -4.28 1.15 14.21
C LYS A 86 -5.64 1.66 14.71
N ASP A 87 -6.60 0.78 14.82
CA ASP A 87 -7.94 1.21 15.30
C ASP A 87 -8.68 0.03 15.93
N ASP A 88 -8.43 -0.23 17.18
CA ASP A 88 -9.12 -1.37 17.86
C ASP A 88 -10.64 -1.26 17.65
N SER A 89 -11.34 -2.33 17.89
CA SER A 89 -12.82 -2.31 17.70
C SER A 89 -13.53 -2.25 19.06
N ARG B 1 -2.30 8.06 3.51
CA ARG B 1 -3.70 7.92 4.00
C ARG B 1 -4.52 7.09 3.00
N ILE B 2 -4.48 5.79 3.12
CA ILE B 2 -5.25 4.93 2.18
C ILE B 2 -6.31 4.14 2.95
N SER B 3 -7.55 4.25 2.55
CA SER B 3 -8.63 3.50 3.27
C SER B 3 -8.77 2.10 2.69
N ALA B 4 -8.68 1.09 3.51
CA ALA B 4 -8.81 -0.31 3.01
C ALA B 4 -10.23 -0.54 2.50
N ASP B 5 -11.20 0.08 3.10
CA ASP B 5 -12.61 -0.11 2.66
C ASP B 5 -12.76 0.31 1.19
N ALA B 6 -12.30 1.48 0.85
CA ALA B 6 -12.42 1.94 -0.57
C ALA B 6 -11.55 1.07 -1.48
N MET B 7 -10.31 0.90 -1.13
CA MET B 7 -9.41 0.06 -1.99
C MET B 7 -10.14 -1.21 -2.44
N MET B 8 -10.89 -1.82 -1.56
CA MET B 8 -11.62 -3.07 -1.93
C MET B 8 -12.92 -2.73 -2.67
N GLN B 9 -13.64 -1.75 -2.20
CA GLN B 9 -14.92 -1.39 -2.87
C GLN B 9 -14.66 -0.65 -4.19
N ALA B 10 -13.78 0.30 -4.18
CA ALA B 10 -13.49 1.05 -5.44
C ALA B 10 -12.85 0.11 -6.49
N LEU B 11 -11.82 -0.59 -6.11
CA LEU B 11 -11.16 -1.51 -7.09
C LEU B 11 -10.82 -2.84 -6.41
N LEU B 12 -9.64 -3.36 -6.62
CA LEU B 12 -9.26 -4.65 -5.99
C LEU B 12 -10.25 -5.75 -6.40
N GLY B 13 -10.11 -6.27 -7.58
CA GLY B 13 -11.05 -7.34 -8.04
C GLY B 13 -10.31 -8.68 -8.05
N ALA B 14 -10.99 -9.74 -8.38
CA ALA B 14 -10.32 -11.07 -8.41
C ALA B 14 -10.78 -11.86 -9.63
N ARG B 15 -12.06 -11.92 -9.87
CA ARG B 15 -12.57 -12.67 -11.05
C ARG B 15 -13.11 -11.71 -12.10
N ALA B 16 -12.25 -11.14 -12.90
CA ALA B 16 -12.71 -10.18 -13.94
C ALA B 16 -12.04 -10.49 -15.28
N LYS B 17 -12.79 -10.95 -16.25
CA LYS B 17 -12.18 -11.28 -17.56
C LYS B 17 -11.58 -10.01 -18.20
CA CA C . 12.15 1.17 -1.86
N MET A 1 17.58 -0.47 12.61
CA MET A 1 16.30 -0.40 11.85
C MET A 1 15.17 0.12 12.75
N ASP A 2 13.97 0.18 12.24
CA ASP A 2 12.84 0.68 13.07
C ASP A 2 12.16 -0.49 13.80
N ASP A 3 11.38 -0.19 14.81
CA ASP A 3 10.70 -1.28 15.56
C ASP A 3 9.18 -1.04 15.58
N ILE A 4 8.48 -1.70 16.48
CA ILE A 4 7.00 -1.53 16.56
C ILE A 4 6.32 -2.08 15.30
N TYR A 5 6.70 -1.61 14.15
CA TYR A 5 6.08 -2.10 12.89
C TYR A 5 6.61 -3.50 12.54
N LYS A 6 7.91 -3.67 12.53
CA LYS A 6 8.48 -5.00 12.20
C LYS A 6 7.69 -6.11 12.89
N ALA A 7 7.07 -5.81 14.00
CA ALA A 7 6.28 -6.84 14.73
C ALA A 7 4.91 -7.02 14.07
N ALA A 8 4.25 -5.93 13.74
CA ALA A 8 2.91 -6.03 13.11
C ALA A 8 3.00 -6.76 11.76
N VAL A 9 4.10 -6.62 11.08
CA VAL A 9 4.25 -7.31 9.76
C VAL A 9 4.46 -8.81 9.96
N GLU A 10 5.42 -9.20 10.74
CA GLU A 10 5.67 -10.66 10.97
C GLU A 10 4.42 -11.31 11.58
N GLN A 11 3.53 -10.52 12.13
CA GLN A 11 2.31 -11.11 12.74
C GLN A 11 1.29 -11.46 11.65
N LEU A 12 1.46 -10.96 10.46
CA LEU A 12 0.51 -11.26 9.37
C LEU A 12 0.44 -12.77 9.13
N THR A 13 -0.73 -13.30 8.91
CA THR A 13 -0.87 -14.76 8.68
C THR A 13 -1.12 -15.03 7.19
N GLU A 14 -0.73 -16.19 6.71
CA GLU A 14 -0.94 -16.50 5.27
C GLU A 14 -2.34 -16.06 4.83
N GLU A 15 -3.32 -16.16 5.69
CA GLU A 15 -4.69 -15.75 5.32
C GLU A 15 -4.78 -14.23 5.17
N GLN A 16 -4.03 -13.50 5.95
CA GLN A 16 -4.07 -12.02 5.86
C GLN A 16 -3.14 -11.54 4.74
N LYS A 17 -1.93 -12.02 4.71
CA LYS A 17 -0.97 -11.59 3.66
C LYS A 17 -1.64 -11.61 2.29
N ASN A 18 -2.60 -12.48 2.09
CA ASN A 18 -3.29 -12.54 0.78
C ASN A 18 -4.13 -11.28 0.55
N GLU A 19 -4.86 -10.87 1.55
CA GLU A 19 -5.72 -9.65 1.40
C GLU A 19 -4.85 -8.48 0.93
N PHE A 20 -3.76 -8.22 1.59
CA PHE A 20 -2.88 -7.09 1.18
C PHE A 20 -2.27 -7.36 -0.19
N LYS A 21 -2.01 -8.60 -0.50
CA LYS A 21 -1.41 -8.94 -1.83
C LYS A 21 -2.26 -8.35 -2.95
N ALA A 22 -3.56 -8.29 -2.77
CA ALA A 22 -4.45 -7.74 -3.83
C ALA A 22 -4.06 -6.28 -4.14
N ALA A 23 -4.15 -5.42 -3.17
CA ALA A 23 -3.78 -3.99 -3.41
C ALA A 23 -2.39 -3.88 -4.03
N PHE A 24 -1.42 -4.51 -3.45
CA PHE A 24 -0.03 -4.44 -4.00
C PHE A 24 -0.04 -4.82 -5.48
N ASP A 25 -0.63 -5.94 -5.82
CA ASP A 25 -0.67 -6.37 -7.24
C ASP A 25 -1.09 -5.20 -8.15
N ILE A 26 -2.20 -4.58 -7.85
CA ILE A 26 -2.67 -3.45 -8.69
C ILE A 26 -1.75 -2.23 -8.51
N PHE A 27 -1.07 -2.15 -7.42
CA PHE A 27 -0.17 -0.98 -7.18
C PHE A 27 1.05 -1.08 -8.11
N VAL A 28 1.28 -2.22 -8.70
CA VAL A 28 2.45 -2.38 -9.61
C VAL A 28 1.97 -2.78 -11.01
N LEU A 29 0.99 -3.62 -11.08
CA LEU A 29 0.45 -4.06 -12.42
C LEU A 29 1.59 -4.34 -13.39
N GLY A 30 1.98 -3.37 -14.17
CA GLY A 30 3.09 -3.60 -15.15
C GLY A 30 4.41 -3.11 -14.56
N ALA A 31 4.48 -2.92 -13.28
CA ALA A 31 5.76 -2.46 -12.67
C ALA A 31 6.93 -3.28 -13.22
N GLU A 32 8.04 -2.63 -13.49
CA GLU A 32 9.22 -3.37 -14.03
C GLU A 32 9.71 -4.40 -13.02
N ASP A 33 9.80 -4.02 -11.77
CA ASP A 33 10.27 -4.98 -10.73
C ASP A 33 9.20 -5.17 -9.66
N GLY A 34 7.96 -5.22 -10.05
CA GLY A 34 6.86 -5.40 -9.05
C GLY A 34 6.96 -4.31 -7.99
N CYS A 35 7.44 -3.16 -8.35
CA CYS A 35 7.55 -2.05 -7.36
C CYS A 35 6.48 -1.00 -7.61
N ILE A 36 6.51 0.10 -6.90
CA ILE A 36 5.49 1.16 -7.10
C ILE A 36 6.16 2.53 -7.16
N SER A 37 5.79 3.33 -8.12
CA SER A 37 6.38 4.69 -8.25
C SER A 37 5.27 5.71 -8.46
N THR A 38 4.17 5.51 -7.80
CA THR A 38 2.99 6.43 -7.92
C THR A 38 2.29 6.19 -9.26
N LYS A 39 3.03 6.21 -10.34
CA LYS A 39 2.39 5.96 -11.66
C LYS A 39 1.44 4.77 -11.55
N GLU A 40 1.86 3.73 -10.86
CA GLU A 40 0.98 2.54 -10.69
C GLU A 40 0.16 2.70 -9.42
N LEU A 41 0.67 3.41 -8.46
CA LEU A 41 -0.07 3.61 -7.18
C LEU A 41 -1.19 4.64 -7.39
N GLY A 42 -0.85 5.79 -7.89
CA GLY A 42 -1.90 6.84 -8.11
C GLY A 42 -3.07 6.23 -8.89
N LYS A 43 -2.80 5.31 -9.77
CA LYS A 43 -3.90 4.69 -10.56
C LYS A 43 -5.02 4.24 -9.62
N VAL A 44 -4.69 3.84 -8.43
CA VAL A 44 -5.74 3.39 -7.47
C VAL A 44 -6.39 4.61 -6.81
N MET A 45 -5.62 5.61 -6.48
CA MET A 45 -6.23 6.82 -5.84
C MET A 45 -7.40 7.32 -6.67
N ARG A 46 -7.32 7.20 -7.96
CA ARG A 46 -8.45 7.65 -8.82
C ARG A 46 -9.56 6.61 -8.78
N MET A 47 -9.25 5.41 -8.37
CA MET A 47 -10.28 4.34 -8.28
C MET A 47 -11.02 4.44 -6.95
N LEU A 48 -10.33 4.83 -5.91
CA LEU A 48 -10.98 4.95 -4.58
C LEU A 48 -12.03 6.07 -4.61
N GLY A 49 -11.89 7.01 -5.50
CA GLY A 49 -12.88 8.12 -5.59
C GLY A 49 -12.18 9.45 -5.26
N GLN A 50 -10.88 9.50 -5.43
CA GLN A 50 -10.15 10.76 -5.13
C GLN A 50 -8.97 10.91 -6.09
N ASN A 51 -7.98 11.68 -5.71
CA ASN A 51 -6.80 11.86 -6.59
C ASN A 51 -5.87 12.94 -6.04
N PRO A 52 -4.90 12.52 -5.28
CA PRO A 52 -3.92 13.45 -4.68
C PRO A 52 -2.98 14.01 -5.74
N THR A 53 -2.07 14.86 -5.36
CA THR A 53 -1.12 15.44 -6.36
C THR A 53 0.09 14.52 -6.52
N PRO A 54 0.81 14.73 -7.59
CA PRO A 54 2.02 13.91 -7.87
C PRO A 54 3.13 14.25 -6.88
N GLU A 55 3.31 15.52 -6.59
CA GLU A 55 4.38 15.92 -5.64
C GLU A 55 4.19 15.18 -4.30
N GLU A 56 2.96 14.95 -3.91
CA GLU A 56 2.72 14.23 -2.63
C GLU A 56 2.78 12.72 -2.86
N LEU A 57 2.40 12.27 -4.02
CA LEU A 57 2.45 10.81 -4.30
C LEU A 57 3.83 10.25 -3.98
N GLN A 58 4.86 10.96 -4.35
CA GLN A 58 6.24 10.48 -4.05
C GLN A 58 6.46 10.43 -2.54
N GLU A 59 5.88 11.35 -1.82
CA GLU A 59 6.05 11.36 -0.33
C GLU A 59 5.52 10.05 0.25
N MET A 60 4.36 9.62 -0.18
CA MET A 60 3.79 8.35 0.35
C MET A 60 4.81 7.22 0.23
N ILE A 61 5.61 7.25 -0.81
CA ILE A 61 6.64 6.18 -0.99
C ILE A 61 7.85 6.47 -0.10
N ASP A 62 8.13 7.71 0.16
CA ASP A 62 9.31 8.05 1.01
C ASP A 62 8.98 7.76 2.48
N GLU A 63 7.74 7.75 2.84
CA GLU A 63 7.35 7.48 4.26
C GLU A 63 7.59 6.00 4.59
N VAL A 64 7.99 5.22 3.62
CA VAL A 64 8.24 3.77 3.89
C VAL A 64 9.37 3.26 3.01
N ASP A 65 10.34 4.09 2.70
CA ASP A 65 11.47 3.66 1.85
C ASP A 65 12.78 3.75 2.63
N GLU A 66 13.58 2.72 2.58
CA GLU A 66 14.88 2.76 3.33
C GLU A 66 16.03 2.38 2.40
N ASP A 67 15.88 2.57 1.12
CA ASP A 67 16.97 2.22 0.17
C ASP A 67 17.18 3.35 -0.85
N GLY A 68 16.42 4.41 -0.74
CA GLY A 68 16.58 5.53 -1.71
C GLY A 68 16.33 5.02 -3.13
N SER A 69 15.30 4.26 -3.34
CA SER A 69 15.01 3.73 -4.69
C SER A 69 13.85 4.49 -5.33
N GLY A 70 13.10 5.21 -4.54
CA GLY A 70 11.94 5.98 -5.10
C GLY A 70 10.80 5.02 -5.43
N THR A 71 10.95 3.76 -5.11
CA THR A 71 9.86 2.79 -5.41
C THR A 71 9.54 1.95 -4.17
N VAL A 72 8.35 1.43 -4.08
CA VAL A 72 7.99 0.60 -2.89
C VAL A 72 7.89 -0.88 -3.28
N ASP A 73 8.15 -1.76 -2.36
CA ASP A 73 8.06 -3.22 -2.66
C ASP A 73 7.14 -3.91 -1.66
N PHE A 74 6.70 -5.10 -1.97
CA PHE A 74 5.80 -5.83 -1.02
C PHE A 74 6.35 -5.73 0.41
N ASP A 75 7.63 -5.53 0.55
CA ASP A 75 8.23 -5.41 1.92
C ASP A 75 7.88 -4.05 2.53
N GLU A 76 8.02 -2.99 1.78
CA GLU A 76 7.71 -1.64 2.33
C GLU A 76 6.20 -1.35 2.24
N PHE A 77 5.56 -1.84 1.21
CA PHE A 77 4.10 -1.59 1.06
C PHE A 77 3.34 -2.09 2.28
N LEU A 78 3.89 -3.05 2.99
CA LEU A 78 3.19 -3.57 4.19
C LEU A 78 3.31 -2.59 5.36
N VAL A 79 4.50 -2.12 5.65
CA VAL A 79 4.68 -1.16 6.77
C VAL A 79 3.81 0.09 6.57
N MET A 80 3.68 0.55 5.36
CA MET A 80 2.85 1.76 5.10
C MET A 80 1.44 1.58 5.67
N MET A 81 0.91 0.38 5.59
CA MET A 81 -0.46 0.14 6.12
C MET A 81 -0.43 -0.03 7.64
N VAL A 82 0.50 -0.80 8.15
CA VAL A 82 0.58 -0.99 9.63
C VAL A 82 0.38 0.34 10.35
N ARG A 83 1.01 1.38 9.89
CA ARG A 83 0.87 2.71 10.55
C ARG A 83 -0.61 3.08 10.68
N CYS A 84 -1.34 3.07 9.60
CA CYS A 84 -2.79 3.42 9.69
C CYS A 84 -3.65 2.16 9.66
N MET A 85 -3.39 1.23 10.53
CA MET A 85 -4.21 -0.02 10.57
C MET A 85 -5.24 0.06 11.69
N LYS A 86 -5.24 1.12 12.45
CA LYS A 86 -6.23 1.26 13.56
C LYS A 86 -7.65 1.05 13.03
N ASP A 87 -8.45 0.32 13.76
CA ASP A 87 -9.85 0.09 13.30
C ASP A 87 -10.55 1.42 13.02
N ASP A 88 -11.39 1.46 12.02
CA ASP A 88 -12.11 2.73 11.70
C ASP A 88 -13.21 2.47 10.68
N SER A 89 -14.01 3.46 10.40
CA SER A 89 -15.11 3.26 9.40
C SER A 89 -14.65 3.67 8.01
N ARG B 1 0.54 5.56 4.64
CA ARG B 1 -0.48 6.44 5.29
C ARG B 1 -1.66 6.67 4.34
N ILE B 2 -2.43 5.66 4.07
CA ILE B 2 -3.60 5.82 3.15
C ILE B 2 -4.80 5.05 3.68
N SER B 3 -5.78 4.82 2.85
CA SER B 3 -6.99 4.06 3.31
C SER B 3 -6.72 2.55 3.27
N ALA B 4 -7.16 1.84 4.26
CA ALA B 4 -6.92 0.37 4.28
C ALA B 4 -8.23 -0.38 4.03
N ASP B 5 -9.25 -0.12 4.81
CA ASP B 5 -10.54 -0.82 4.60
C ASP B 5 -11.37 -0.13 3.51
N ALA B 6 -11.05 1.10 3.21
CA ALA B 6 -11.81 1.84 2.16
C ALA B 6 -11.26 1.48 0.77
N MET B 7 -10.01 1.13 0.69
CA MET B 7 -9.43 0.76 -0.63
C MET B 7 -9.96 -0.59 -1.09
N MET B 8 -10.49 -1.37 -0.19
CA MET B 8 -11.02 -2.70 -0.57
C MET B 8 -12.46 -2.56 -1.09
N GLN B 9 -13.09 -1.45 -0.82
CA GLN B 9 -14.49 -1.25 -1.28
C GLN B 9 -14.50 -0.72 -2.72
N ALA B 10 -13.58 0.15 -3.05
CA ALA B 10 -13.55 0.70 -4.43
C ALA B 10 -12.99 -0.35 -5.41
N LEU B 11 -11.82 -0.85 -5.13
CA LEU B 11 -11.22 -1.87 -6.04
C LEU B 11 -10.84 -3.12 -5.24
N LEU B 12 -10.27 -4.10 -5.87
CA LEU B 12 -9.86 -5.33 -5.14
C LEU B 12 -11.10 -6.05 -4.60
N GLY B 13 -10.98 -7.31 -4.27
CA GLY B 13 -12.16 -8.05 -3.74
C GLY B 13 -12.09 -8.07 -2.21
N ALA B 14 -13.18 -7.81 -1.54
CA ALA B 14 -13.16 -7.82 -0.05
C ALA B 14 -14.59 -7.93 0.50
N ARG B 15 -15.42 -8.70 -0.14
CA ARG B 15 -16.81 -8.85 0.36
C ARG B 15 -17.16 -10.33 0.53
N ALA B 16 -18.38 -10.71 0.28
CA ALA B 16 -18.77 -12.14 0.43
C ALA B 16 -18.66 -12.86 -0.91
N LYS B 17 -19.53 -13.79 -1.17
CA LYS B 17 -19.47 -14.53 -2.46
C LYS B 17 -20.74 -14.27 -3.28
CA CA C . 12.23 1.42 -1.47
N MET A 1 15.83 -2.04 11.98
CA MET A 1 14.57 -2.08 11.17
C MET A 1 13.41 -1.50 11.98
N ASP A 2 13.67 -0.52 12.80
CA ASP A 2 12.57 0.08 13.61
C ASP A 2 11.91 -1.00 14.48
N ASP A 3 11.16 -0.60 15.48
CA ASP A 3 10.49 -1.59 16.36
C ASP A 3 8.97 -1.47 16.24
N ILE A 4 8.24 -2.21 17.03
CA ILE A 4 6.75 -2.15 16.96
C ILE A 4 6.25 -2.71 15.62
N TYR A 5 6.71 -2.14 14.54
CA TYR A 5 6.27 -2.63 13.20
C TYR A 5 6.80 -4.04 12.97
N LYS A 6 8.09 -4.23 13.05
CA LYS A 6 8.65 -5.60 12.84
C LYS A 6 7.88 -6.61 13.69
N ALA A 7 7.29 -6.17 14.77
CA ALA A 7 6.51 -7.10 15.63
C ALA A 7 5.12 -7.33 15.03
N ALA A 8 4.63 -6.36 14.31
CA ALA A 8 3.28 -6.52 13.68
C ALA A 8 3.40 -7.34 12.40
N VAL A 9 4.28 -6.94 11.51
CA VAL A 9 4.45 -7.70 10.25
C VAL A 9 4.59 -9.19 10.55
N GLU A 10 5.43 -9.54 11.48
CA GLU A 10 5.62 -10.98 11.83
C GLU A 10 4.30 -11.58 12.34
N GLN A 11 3.50 -10.78 13.00
CA GLN A 11 2.20 -11.29 13.53
C GLN A 11 1.16 -11.35 12.41
N LEU A 12 1.48 -10.83 11.25
CA LEU A 12 0.51 -10.85 10.12
C LEU A 12 -0.05 -12.26 9.93
N THR A 13 -1.35 -12.40 9.93
CA THR A 13 -1.96 -13.75 9.76
C THR A 13 -1.74 -14.23 8.32
N GLU A 14 -1.98 -15.50 8.07
CA GLU A 14 -1.79 -16.03 6.69
C GLU A 14 -2.86 -15.47 5.76
N GLU A 15 -4.06 -15.29 6.25
CA GLU A 15 -5.14 -14.75 5.38
C GLU A 15 -4.94 -13.26 5.14
N GLN A 16 -4.26 -12.58 6.03
CA GLN A 16 -4.03 -11.12 5.85
C GLN A 16 -2.97 -10.89 4.77
N LYS A 17 -1.82 -11.48 4.93
CA LYS A 17 -0.75 -11.28 3.91
C LYS A 17 -1.27 -11.60 2.51
N ASN A 18 -2.20 -12.51 2.41
CA ASN A 18 -2.76 -12.86 1.07
C ASN A 18 -3.69 -11.76 0.58
N GLU A 19 -4.12 -10.89 1.46
CA GLU A 19 -5.04 -9.80 1.03
C GLU A 19 -4.23 -8.64 0.43
N PHE A 20 -3.09 -8.34 1.01
CA PHE A 20 -2.25 -7.23 0.47
C PHE A 20 -1.79 -7.55 -0.96
N LYS A 21 -1.36 -8.76 -1.19
CA LYS A 21 -0.90 -9.14 -2.55
C LYS A 21 -1.85 -8.57 -3.61
N ALA A 22 -3.13 -8.73 -3.41
CA ALA A 22 -4.11 -8.21 -4.42
C ALA A 22 -3.85 -6.72 -4.68
N ALA A 23 -4.03 -5.89 -3.70
CA ALA A 23 -3.79 -4.43 -3.91
C ALA A 23 -2.47 -4.22 -4.64
N PHE A 24 -1.39 -4.74 -4.11
CA PHE A 24 -0.07 -4.57 -4.78
C PHE A 24 -0.21 -4.83 -6.28
N ASP A 25 -0.88 -5.89 -6.65
CA ASP A 25 -1.06 -6.19 -8.10
C ASP A 25 -1.67 -4.99 -8.81
N ILE A 26 -2.66 -4.38 -8.21
CA ILE A 26 -3.31 -3.19 -8.85
C ILE A 26 -2.44 -1.95 -8.66
N PHE A 27 -1.67 -1.92 -7.61
CA PHE A 27 -0.80 -0.72 -7.34
C PHE A 27 0.39 -0.69 -8.31
N VAL A 28 0.72 -1.81 -8.90
CA VAL A 28 1.87 -1.83 -9.85
C VAL A 28 1.39 -2.07 -11.28
N LEU A 29 0.20 -1.64 -11.60
CA LEU A 29 -0.32 -1.84 -12.98
C LEU A 29 0.54 -1.07 -13.99
N GLY A 30 1.54 -1.70 -14.54
CA GLY A 30 2.41 -1.00 -15.52
C GLY A 30 3.88 -1.30 -15.21
N ALA A 31 4.19 -1.54 -13.96
CA ALA A 31 5.61 -1.82 -13.59
C ALA A 31 6.06 -3.15 -14.21
N GLU A 32 7.28 -3.22 -14.68
CA GLU A 32 7.77 -4.48 -15.29
C GLU A 32 8.15 -5.49 -14.21
N ASP A 33 8.94 -5.08 -13.25
CA ASP A 33 9.34 -6.02 -12.16
C ASP A 33 8.22 -6.17 -11.14
N GLY A 34 7.41 -5.16 -10.98
CA GLY A 34 6.29 -5.24 -10.00
C GLY A 34 6.50 -4.23 -8.87
N CYS A 35 7.09 -3.10 -9.18
CA CYS A 35 7.33 -2.07 -8.13
C CYS A 35 6.40 -0.87 -8.35
N ILE A 36 6.28 -0.02 -7.37
CA ILE A 36 5.38 1.16 -7.52
C ILE A 36 6.21 2.45 -7.65
N SER A 37 5.64 3.46 -8.22
CA SER A 37 6.37 4.75 -8.39
C SER A 37 5.38 5.89 -8.57
N THR A 38 4.33 5.86 -7.81
CA THR A 38 3.26 6.90 -7.91
C THR A 38 2.48 6.71 -9.21
N LYS A 39 3.15 6.75 -10.33
CA LYS A 39 2.44 6.53 -11.62
C LYS A 39 1.61 5.26 -11.51
N GLU A 40 2.09 4.30 -10.77
CA GLU A 40 1.33 3.04 -10.58
C GLU A 40 0.44 3.15 -9.34
N LEU A 41 0.86 3.96 -8.40
CA LEU A 41 0.06 4.14 -7.15
C LEU A 41 -1.13 5.07 -7.41
N GLY A 42 -0.87 6.30 -7.73
CA GLY A 42 -1.99 7.26 -8.00
C GLY A 42 -3.04 6.58 -8.88
N LYS A 43 -2.65 5.62 -9.66
CA LYS A 43 -3.63 4.92 -10.54
C LYS A 43 -4.81 4.39 -9.72
N VAL A 44 -4.57 3.97 -8.51
CA VAL A 44 -5.68 3.44 -7.68
C VAL A 44 -6.43 4.59 -6.99
N MET A 45 -5.80 5.71 -6.83
CA MET A 45 -6.47 6.87 -6.16
C MET A 45 -7.76 7.21 -6.91
N ARG A 46 -7.68 7.38 -8.21
CA ARG A 46 -8.91 7.71 -8.99
C ARG A 46 -9.98 6.64 -8.74
N MET A 47 -9.57 5.43 -8.49
CA MET A 47 -10.55 4.35 -8.24
C MET A 47 -10.99 4.36 -6.77
N LEU A 48 -10.14 4.83 -5.90
CA LEU A 48 -10.51 4.87 -4.45
C LEU A 48 -11.33 6.14 -4.16
N GLY A 49 -11.74 6.83 -5.19
CA GLY A 49 -12.54 8.07 -4.98
C GLY A 49 -11.62 9.20 -4.51
N GLN A 50 -10.43 9.27 -5.04
CA GLN A 50 -9.49 10.35 -4.62
C GLN A 50 -8.54 10.70 -5.77
N ASN A 51 -7.77 11.74 -5.61
CA ASN A 51 -6.82 12.15 -6.68
C ASN A 51 -5.78 13.12 -6.13
N PRO A 52 -4.82 12.58 -5.43
CA PRO A 52 -3.75 13.41 -4.84
C PRO A 52 -2.80 13.92 -5.92
N THR A 53 -2.22 15.08 -5.71
CA THR A 53 -1.28 15.63 -6.73
C THR A 53 -0.05 14.73 -6.85
N PRO A 54 0.69 14.93 -7.91
CA PRO A 54 1.91 14.13 -8.15
C PRO A 54 3.02 14.54 -7.17
N GLU A 55 2.93 15.72 -6.62
CA GLU A 55 3.97 16.17 -5.65
C GLU A 55 3.77 15.49 -4.30
N GLU A 56 2.54 15.20 -3.95
CA GLU A 56 2.27 14.54 -2.64
C GLU A 56 2.31 13.01 -2.81
N LEU A 57 2.43 12.55 -4.03
CA LEU A 57 2.47 11.09 -4.27
C LEU A 57 3.77 10.49 -3.70
N GLN A 58 4.89 10.99 -4.12
CA GLN A 58 6.18 10.46 -3.62
C GLN A 58 6.11 10.21 -2.11
N GLU A 59 5.54 11.12 -1.37
CA GLU A 59 5.43 10.92 0.10
C GLU A 59 5.00 9.49 0.41
N MET A 60 3.86 9.08 -0.09
CA MET A 60 3.38 7.69 0.18
C MET A 60 4.53 6.70 -0.02
N ILE A 61 5.22 6.77 -1.11
CA ILE A 61 6.34 5.83 -1.36
C ILE A 61 7.52 6.17 -0.44
N ASP A 62 7.69 7.42 -0.11
CA ASP A 62 8.82 7.82 0.77
C ASP A 62 8.51 7.46 2.23
N GLU A 63 7.25 7.29 2.55
CA GLU A 63 6.89 6.95 3.96
C GLU A 63 7.50 5.60 4.35
N VAL A 64 8.00 4.86 3.41
CA VAL A 64 8.60 3.54 3.74
C VAL A 64 9.78 3.24 2.81
N ASP A 65 10.34 4.26 2.21
CA ASP A 65 11.50 4.03 1.29
C ASP A 65 12.81 4.02 2.08
N GLU A 66 13.22 2.88 2.56
CA GLU A 66 14.49 2.81 3.35
C GLU A 66 15.65 2.44 2.41
N ASP A 67 15.46 2.55 1.13
CA ASP A 67 16.55 2.20 0.18
C ASP A 67 16.92 3.43 -0.66
N GLY A 68 16.00 4.35 -0.79
CA GLY A 68 16.29 5.57 -1.59
C GLY A 68 16.15 5.26 -3.09
N SER A 69 15.65 4.09 -3.41
CA SER A 69 15.50 3.72 -4.85
C SER A 69 14.38 4.55 -5.48
N GLY A 70 13.49 5.07 -4.69
CA GLY A 70 12.37 5.88 -5.26
C GLY A 70 11.14 5.00 -5.44
N THR A 71 11.34 3.78 -5.85
CA THR A 71 10.17 2.86 -6.06
C THR A 71 9.86 2.11 -4.76
N VAL A 72 8.74 1.44 -4.70
CA VAL A 72 8.39 0.68 -3.46
C VAL A 72 8.36 -0.83 -3.76
N ASP A 73 8.53 -1.64 -2.76
CA ASP A 73 8.51 -3.11 -2.98
C ASP A 73 7.53 -3.78 -2.01
N PHE A 74 7.07 -4.96 -2.33
CA PHE A 74 6.10 -5.65 -1.43
C PHE A 74 6.62 -5.60 0.01
N ASP A 75 7.91 -5.51 0.19
CA ASP A 75 8.47 -5.45 1.57
C ASP A 75 8.12 -4.12 2.23
N GLU A 76 8.47 -3.02 1.61
CA GLU A 76 8.15 -1.69 2.20
C GLU A 76 6.65 -1.43 2.12
N PHE A 77 6.04 -1.77 1.02
CA PHE A 77 4.57 -1.55 0.88
C PHE A 77 3.82 -2.14 2.08
N LEU A 78 4.40 -3.12 2.73
CA LEU A 78 3.74 -3.73 3.91
C LEU A 78 3.79 -2.76 5.11
N VAL A 79 4.93 -2.16 5.33
CA VAL A 79 5.04 -1.21 6.48
C VAL A 79 3.95 -0.14 6.36
N MET A 80 3.82 0.47 5.22
CA MET A 80 2.78 1.52 5.04
C MET A 80 1.42 1.01 5.52
N MET A 81 1.11 -0.23 5.24
CA MET A 81 -0.20 -0.77 5.69
C MET A 81 -0.25 -0.90 7.21
N VAL A 82 0.87 -1.19 7.82
CA VAL A 82 0.90 -1.31 9.31
C VAL A 82 0.59 0.05 9.96
N ARG A 83 1.06 1.11 9.36
CA ARG A 83 0.79 2.45 9.94
C ARG A 83 -0.71 2.67 10.14
N CYS A 84 -1.52 1.88 9.50
CA CYS A 84 -3.00 2.04 9.68
C CYS A 84 -3.62 0.73 10.17
N MET A 85 -3.02 0.10 11.13
CA MET A 85 -3.58 -1.18 11.66
C MET A 85 -3.82 -1.08 13.17
N LYS A 86 -2.98 -0.36 13.86
CA LYS A 86 -3.17 -0.22 15.34
C LYS A 86 -3.50 -1.59 15.96
N ASP A 87 -2.63 -2.55 15.81
CA ASP A 87 -2.89 -3.89 16.40
C ASP A 87 -2.60 -3.89 17.90
N ASP A 88 -3.59 -3.60 18.70
CA ASP A 88 -3.36 -3.57 20.18
C ASP A 88 -4.54 -4.23 20.92
N SER A 89 -5.74 -4.05 20.42
CA SER A 89 -6.92 -4.66 21.09
C SER A 89 -7.05 -4.11 22.52
N ARG B 1 -4.35 10.50 -0.35
CA ARG B 1 -3.60 9.47 0.43
C ARG B 1 -4.32 8.12 0.34
N ILE B 2 -4.39 7.40 1.43
CA ILE B 2 -5.08 6.07 1.40
C ILE B 2 -5.14 5.49 2.82
N SER B 3 -6.16 4.73 3.10
CA SER B 3 -6.28 4.12 4.46
C SER B 3 -6.33 2.60 4.38
N ALA B 4 -7.52 2.03 4.34
CA ALA B 4 -7.62 0.55 4.25
C ALA B 4 -9.06 0.13 3.90
N ASP B 5 -10.02 0.68 4.58
CA ASP B 5 -11.44 0.31 4.30
C ASP B 5 -11.87 0.90 2.95
N ALA B 6 -11.54 2.14 2.70
CA ALA B 6 -11.93 2.77 1.41
C ALA B 6 -11.14 2.16 0.26
N MET B 7 -10.20 1.30 0.55
CA MET B 7 -9.40 0.67 -0.54
C MET B 7 -10.11 -0.56 -1.09
N MET B 8 -10.57 -1.43 -0.24
CA MET B 8 -11.27 -2.65 -0.71
C MET B 8 -12.71 -2.31 -1.14
N GLN B 9 -13.19 -1.16 -0.76
CA GLN B 9 -14.58 -0.78 -1.14
C GLN B 9 -14.61 -0.23 -2.57
N ALA B 10 -13.65 0.57 -2.93
CA ALA B 10 -13.63 1.13 -4.31
C ALA B 10 -13.11 0.08 -5.30
N LEU B 11 -12.15 -0.70 -4.88
CA LEU B 11 -11.61 -1.75 -5.79
C LEU B 11 -11.11 -2.94 -4.98
N LEU B 12 -10.51 -3.91 -5.62
CA LEU B 12 -10.01 -5.10 -4.87
C LEU B 12 -11.16 -5.77 -4.10
N GLY B 13 -10.87 -6.83 -3.39
CA GLY B 13 -11.94 -7.51 -2.61
C GLY B 13 -12.77 -8.39 -3.54
N ALA B 14 -13.26 -7.84 -4.63
CA ALA B 14 -14.08 -8.65 -5.57
C ALA B 14 -15.43 -8.99 -4.91
N ARG B 15 -15.39 -9.70 -3.82
CA ARG B 15 -16.66 -10.08 -3.12
C ARG B 15 -17.53 -10.95 -4.02
N ALA B 16 -17.94 -12.08 -3.53
CA ALA B 16 -18.80 -12.99 -4.36
C ALA B 16 -20.07 -13.34 -3.59
N LYS B 17 -20.36 -12.62 -2.54
CA LYS B 17 -21.60 -12.91 -1.76
C LYS B 17 -22.30 -11.61 -1.36
CA CA C . 12.33 1.11 -2.11
N MET A 1 16.28 -2.08 17.94
CA MET A 1 15.81 -0.93 18.77
C MET A 1 14.36 -0.60 18.44
N ASP A 2 13.47 -0.77 19.38
CA ASP A 2 12.04 -0.46 19.11
C ASP A 2 11.49 -1.38 18.01
N ASP A 3 10.90 -2.48 18.38
CA ASP A 3 10.35 -3.40 17.35
C ASP A 3 8.82 -3.33 17.33
N ILE A 4 8.28 -2.22 16.90
CA ILE A 4 6.80 -2.08 16.87
C ILE A 4 6.25 -2.60 15.53
N TYR A 5 6.80 -2.14 14.44
CA TYR A 5 6.30 -2.61 13.11
C TYR A 5 6.98 -3.93 12.73
N LYS A 6 8.29 -3.95 12.68
CA LYS A 6 8.99 -5.21 12.30
C LYS A 6 8.37 -6.40 13.03
N ALA A 7 7.83 -6.18 14.20
CA ALA A 7 7.21 -7.31 14.96
C ALA A 7 5.85 -7.67 14.35
N ALA A 8 4.92 -6.75 14.36
CA ALA A 8 3.58 -7.05 13.79
C ALA A 8 3.72 -7.66 12.39
N VAL A 9 4.62 -7.17 11.60
CA VAL A 9 4.80 -7.72 10.22
C VAL A 9 5.13 -9.22 10.30
N GLU A 10 6.13 -9.58 11.06
CA GLU A 10 6.51 -11.01 11.17
C GLU A 10 5.32 -11.85 11.66
N GLN A 11 4.56 -11.35 12.59
CA GLN A 11 3.39 -12.11 13.11
C GLN A 11 2.14 -11.82 12.28
N LEU A 12 2.30 -11.52 11.02
CA LEU A 12 1.10 -11.22 10.17
C LEU A 12 0.31 -12.51 9.92
N THR A 13 -0.96 -12.38 9.60
CA THR A 13 -1.78 -13.59 9.35
C THR A 13 -1.73 -13.96 7.86
N GLU A 14 -2.14 -15.15 7.52
CA GLU A 14 -2.12 -15.57 6.09
C GLU A 14 -3.16 -14.79 5.30
N GLU A 15 -4.43 -15.00 5.58
CA GLU A 15 -5.48 -14.26 4.84
C GLU A 15 -5.18 -12.75 4.87
N GLN A 16 -4.45 -12.32 5.85
CA GLN A 16 -4.12 -10.86 5.94
C GLN A 16 -3.03 -10.52 4.91
N LYS A 17 -2.04 -11.34 4.78
CA LYS A 17 -0.96 -11.06 3.79
C LYS A 17 -1.47 -11.39 2.39
N ASN A 18 -2.37 -12.33 2.27
CA ASN A 18 -2.91 -12.69 0.93
C ASN A 18 -3.78 -11.55 0.40
N GLU A 19 -4.52 -10.90 1.25
CA GLU A 19 -5.38 -9.77 0.80
C GLU A 19 -4.50 -8.67 0.19
N PHE A 20 -3.42 -8.33 0.83
CA PHE A 20 -2.54 -7.26 0.28
C PHE A 20 -2.01 -7.66 -1.10
N LYS A 21 -1.61 -8.89 -1.26
CA LYS A 21 -1.09 -9.34 -2.58
C LYS A 21 -1.96 -8.78 -3.71
N ALA A 22 -3.24 -8.73 -3.51
CA ALA A 22 -4.15 -8.19 -4.56
C ALA A 22 -3.85 -6.71 -4.81
N ALA A 23 -3.76 -5.93 -3.78
CA ALA A 23 -3.48 -4.48 -3.98
C ALA A 23 -2.16 -4.30 -4.74
N PHE A 24 -1.12 -4.95 -4.31
CA PHE A 24 0.18 -4.81 -5.04
C PHE A 24 -0.06 -4.92 -6.54
N ASP A 25 -0.65 -6.01 -6.96
CA ASP A 25 -0.93 -6.19 -8.41
C ASP A 25 -1.51 -4.90 -8.98
N ILE A 26 -2.49 -4.34 -8.34
CA ILE A 26 -3.09 -3.07 -8.84
C ILE A 26 -2.18 -1.89 -8.53
N PHE A 27 -1.41 -1.99 -7.48
CA PHE A 27 -0.49 -0.88 -7.11
C PHE A 27 0.75 -0.89 -8.01
N VAL A 28 1.10 -2.04 -8.53
CA VAL A 28 2.30 -2.11 -9.41
C VAL A 28 1.89 -2.47 -10.85
N LEU A 29 0.62 -2.48 -11.14
CA LEU A 29 0.19 -2.81 -12.52
C LEU A 29 1.01 -2.03 -13.54
N GLY A 30 1.97 -2.67 -14.15
CA GLY A 30 2.82 -1.97 -15.15
C GLY A 30 4.27 -1.95 -14.67
N ALA A 31 4.48 -2.02 -13.38
CA ALA A 31 5.87 -2.01 -12.85
C ALA A 31 6.66 -3.20 -13.40
N GLU A 32 7.96 -3.12 -13.38
CA GLU A 32 8.78 -4.25 -13.91
C GLU A 32 9.49 -4.98 -12.76
N ASP A 33 9.42 -4.44 -11.58
CA ASP A 33 10.09 -5.10 -10.42
C ASP A 33 9.11 -5.27 -9.26
N GLY A 34 7.86 -5.54 -9.56
CA GLY A 34 6.86 -5.72 -8.48
C GLY A 34 7.05 -4.64 -7.42
N CYS A 35 7.15 -3.40 -7.84
CA CYS A 35 7.33 -2.29 -6.85
C CYS A 35 6.33 -1.17 -7.13
N ILE A 36 6.54 -0.01 -6.56
CA ILE A 36 5.61 1.11 -6.80
C ILE A 36 6.37 2.41 -7.04
N SER A 37 5.79 3.33 -7.76
CA SER A 37 6.48 4.62 -8.03
C SER A 37 5.44 5.71 -8.31
N THR A 38 4.34 5.64 -7.62
CA THR A 38 3.25 6.64 -7.83
C THR A 38 2.57 6.40 -9.17
N LYS A 39 3.31 6.39 -10.24
CA LYS A 39 2.70 6.15 -11.56
C LYS A 39 1.75 4.96 -11.47
N GLU A 40 2.09 3.99 -10.65
CA GLU A 40 1.21 2.80 -10.47
C GLU A 40 0.27 3.04 -9.28
N LEU A 41 0.74 3.73 -8.30
CA LEU A 41 -0.11 4.01 -7.09
C LEU A 41 -1.22 5.00 -7.43
N GLY A 42 -0.86 6.12 -8.01
CA GLY A 42 -1.90 7.13 -8.37
C GLY A 42 -3.05 6.46 -9.13
N LYS A 43 -2.74 5.57 -10.03
CA LYS A 43 -3.81 4.89 -10.81
C LYS A 43 -4.92 4.41 -9.88
N VAL A 44 -4.60 4.06 -8.66
CA VAL A 44 -5.65 3.58 -7.72
C VAL A 44 -6.37 4.77 -7.08
N MET A 45 -5.70 5.88 -6.92
CA MET A 45 -6.35 7.07 -6.29
C MET A 45 -7.61 7.46 -7.07
N ARG A 46 -7.52 7.57 -8.37
CA ARG A 46 -8.71 7.95 -9.17
C ARG A 46 -9.82 6.92 -9.01
N MET A 47 -9.47 5.70 -8.71
CA MET A 47 -10.52 4.65 -8.55
C MET A 47 -11.13 4.74 -7.15
N LEU A 48 -10.34 5.03 -6.15
CA LEU A 48 -10.88 5.12 -4.76
C LEU A 48 -11.75 6.37 -4.61
N GLY A 49 -11.79 7.22 -5.60
CA GLY A 49 -12.63 8.45 -5.49
C GLY A 49 -11.74 9.65 -5.14
N GLN A 50 -10.50 9.61 -5.51
CA GLN A 50 -9.59 10.75 -5.20
C GLN A 50 -8.57 10.94 -6.33
N ASN A 51 -7.62 11.81 -6.16
CA ASN A 51 -6.60 12.03 -7.23
C ASN A 51 -5.55 13.05 -6.76
N PRO A 52 -4.58 12.56 -6.06
CA PRO A 52 -3.49 13.43 -5.55
C PRO A 52 -2.55 13.83 -6.70
N THR A 53 -1.78 14.85 -6.51
CA THR A 53 -0.83 15.29 -7.58
C THR A 53 0.46 14.45 -7.52
N PRO A 54 1.28 14.62 -8.51
CA PRO A 54 2.56 13.86 -8.58
C PRO A 54 3.52 14.33 -7.47
N GLU A 55 3.42 15.58 -7.08
CA GLU A 55 4.31 16.07 -6.00
C GLU A 55 3.93 15.43 -4.67
N GLU A 56 2.67 15.19 -4.46
CA GLU A 56 2.22 14.55 -3.19
C GLU A 56 2.25 13.03 -3.32
N LEU A 57 2.15 12.53 -4.52
CA LEU A 57 2.17 11.05 -4.72
C LEU A 57 3.45 10.46 -4.11
N GLN A 58 4.60 10.90 -4.56
CA GLN A 58 5.88 10.36 -4.01
C GLN A 58 5.83 10.31 -2.48
N GLU A 59 5.04 11.15 -1.88
CA GLU A 59 4.96 11.14 -0.39
C GLU A 59 4.63 9.74 0.12
N MET A 60 3.63 9.10 -0.46
CA MET A 60 3.27 7.73 -0.01
C MET A 60 4.48 6.80 -0.08
N ILE A 61 5.32 6.98 -1.07
CA ILE A 61 6.52 6.11 -1.18
C ILE A 61 7.52 6.43 -0.08
N ASP A 62 8.04 7.63 -0.05
CA ASP A 62 9.01 8.00 1.01
C ASP A 62 8.48 7.59 2.39
N GLU A 63 7.19 7.68 2.58
CA GLU A 63 6.61 7.29 3.89
C GLU A 63 7.13 5.91 4.32
N VAL A 64 7.25 5.01 3.39
CA VAL A 64 7.75 3.65 3.72
C VAL A 64 8.90 3.26 2.79
N ASP A 65 9.97 4.02 2.81
CA ASP A 65 11.13 3.70 1.92
C ASP A 65 12.41 4.32 2.47
N GLU A 66 13.27 3.54 3.04
CA GLU A 66 14.54 4.09 3.59
C GLU A 66 15.74 3.37 2.97
N ASP A 67 15.82 3.36 1.67
CA ASP A 67 16.97 2.69 1.00
C ASP A 67 17.29 3.40 -0.32
N GLY A 68 17.05 4.68 -0.38
CA GLY A 68 17.34 5.43 -1.63
C GLY A 68 16.84 4.63 -2.84
N SER A 69 15.58 4.34 -2.88
CA SER A 69 15.03 3.56 -4.03
C SER A 69 14.01 4.39 -4.80
N GLY A 70 13.18 5.11 -4.09
CA GLY A 70 12.15 5.95 -4.79
C GLY A 70 10.89 5.12 -5.02
N THR A 71 10.97 3.82 -4.81
CA THR A 71 9.77 2.96 -5.01
C THR A 71 9.49 2.15 -3.75
N VAL A 72 8.40 1.42 -3.74
CA VAL A 72 8.06 0.61 -2.54
C VAL A 72 7.98 -0.88 -2.90
N ASP A 73 8.41 -1.74 -2.02
CA ASP A 73 8.36 -3.20 -2.31
C ASP A 73 7.25 -3.87 -1.50
N PHE A 74 7.08 -5.16 -1.67
CA PHE A 74 6.01 -5.86 -0.90
C PHE A 74 6.23 -5.68 0.60
N ASP A 75 7.41 -5.25 0.99
CA ASP A 75 7.68 -5.03 2.44
C ASP A 75 7.30 -3.61 2.85
N GLU A 76 7.87 -2.63 2.21
CA GLU A 76 7.55 -1.22 2.56
C GLU A 76 6.02 -1.03 2.59
N PHE A 77 5.31 -1.86 1.88
CA PHE A 77 3.82 -1.73 1.86
C PHE A 77 3.24 -2.22 3.19
N LEU A 78 3.63 -3.38 3.63
CA LEU A 78 3.10 -3.91 4.91
C LEU A 78 3.30 -2.88 6.03
N VAL A 79 4.52 -2.47 6.27
CA VAL A 79 4.77 -1.46 7.34
C VAL A 79 3.95 -0.19 7.07
N MET A 80 3.52 -0.01 5.86
CA MET A 80 2.71 1.21 5.53
C MET A 80 1.26 1.02 5.99
N MET A 81 0.92 -0.16 6.46
CA MET A 81 -0.47 -0.40 6.92
C MET A 81 -0.51 -0.67 8.42
N VAL A 82 0.55 -1.24 8.95
CA VAL A 82 0.57 -1.52 10.42
C VAL A 82 0.59 -0.20 11.20
N ARG A 83 0.94 0.87 10.54
CA ARG A 83 0.98 2.19 11.23
C ARG A 83 -0.44 2.73 11.44
N CYS A 84 -1.27 2.66 10.43
CA CYS A 84 -2.66 3.17 10.57
C CYS A 84 -3.61 2.04 10.96
N MET A 85 -3.10 1.01 11.60
CA MET A 85 -3.99 -0.13 12.00
C MET A 85 -4.49 0.08 13.43
N LYS A 86 -4.19 1.20 14.02
CA LYS A 86 -4.65 1.47 15.41
C LYS A 86 -6.12 1.88 15.41
N ASP A 87 -6.82 1.62 16.48
CA ASP A 87 -8.26 2.00 16.54
C ASP A 87 -8.41 3.52 16.44
N ASP A 88 -9.58 3.99 16.11
CA ASP A 88 -9.79 5.46 16.00
C ASP A 88 -11.28 5.78 16.00
N SER A 89 -11.74 6.49 16.99
CA SER A 89 -13.19 6.84 17.06
C SER A 89 -13.37 8.30 17.51
N ARG B 1 -2.42 7.80 4.00
CA ARG B 1 -3.85 8.23 3.95
C ARG B 1 -4.65 7.29 3.03
N ILE B 2 -4.72 6.03 3.35
CA ILE B 2 -5.48 5.08 2.51
C ILE B 2 -5.69 3.75 3.26
N SER B 3 -6.50 3.77 4.29
CA SER B 3 -6.74 2.52 5.06
C SER B 3 -7.19 1.40 4.11
N ALA B 4 -7.51 0.25 4.66
CA ALA B 4 -7.96 -0.88 3.79
C ALA B 4 -9.46 -0.77 3.51
N ASP B 5 -10.22 -0.31 4.47
CA ASP B 5 -11.68 -0.19 4.26
C ASP B 5 -11.98 0.73 3.06
N ALA B 6 -11.18 1.74 2.88
CA ALA B 6 -11.42 2.67 1.72
C ALA B 6 -10.75 2.13 0.46
N MET B 7 -9.58 1.56 0.58
CA MET B 7 -8.88 1.04 -0.63
C MET B 7 -9.71 -0.09 -1.27
N MET B 8 -10.39 -0.88 -0.47
CA MET B 8 -11.20 -1.99 -1.03
C MET B 8 -12.54 -1.45 -1.55
N GLN B 9 -12.81 -0.19 -1.35
CA GLN B 9 -14.10 0.39 -1.82
C GLN B 9 -14.16 0.39 -3.35
N ALA B 10 -13.18 0.99 -3.99
CA ALA B 10 -13.18 1.04 -5.48
C ALA B 10 -12.55 -0.22 -6.07
N LEU B 11 -11.39 -0.59 -5.62
CA LEU B 11 -10.73 -1.83 -6.18
C LEU B 11 -10.69 -2.93 -5.13
N LEU B 12 -10.07 -4.04 -5.45
CA LEU B 12 -9.99 -5.18 -4.48
C LEU B 12 -11.40 -5.62 -4.09
N GLY B 13 -11.88 -5.22 -2.94
CA GLY B 13 -13.25 -5.64 -2.52
C GLY B 13 -13.35 -7.16 -2.53
N ALA B 14 -14.37 -7.71 -1.93
CA ALA B 14 -14.52 -9.20 -1.91
C ALA B 14 -15.98 -9.58 -2.09
N ARG B 15 -16.84 -9.14 -1.22
CA ARG B 15 -18.29 -9.49 -1.35
C ARG B 15 -18.47 -11.00 -1.41
N ALA B 16 -18.75 -11.62 -0.29
CA ALA B 16 -18.94 -13.10 -0.28
C ALA B 16 -20.08 -13.47 0.67
N LYS B 17 -20.84 -12.51 1.11
CA LYS B 17 -21.97 -12.82 2.04
C LYS B 17 -23.31 -12.63 1.33
CA CA C . 12.00 1.40 -1.03
N MET A 1 10.44 0.93 21.45
CA MET A 1 9.12 1.46 21.89
C MET A 1 8.10 1.38 20.75
N ASP A 2 8.35 2.08 19.68
CA ASP A 2 7.39 2.05 18.53
C ASP A 2 7.64 0.80 17.68
N ASP A 3 7.69 -0.35 18.28
CA ASP A 3 7.92 -1.60 17.50
C ASP A 3 6.58 -2.22 17.12
N ILE A 4 5.60 -1.41 16.82
CA ILE A 4 4.26 -1.95 16.43
C ILE A 4 4.23 -2.25 14.94
N TYR A 5 4.96 -1.50 14.15
CA TYR A 5 4.96 -1.75 12.68
C TYR A 5 5.85 -2.94 12.34
N LYS A 6 7.15 -2.77 12.43
CA LYS A 6 8.06 -3.90 12.10
C LYS A 6 7.54 -5.22 12.68
N ALA A 7 7.07 -5.19 13.90
CA ALA A 7 6.55 -6.44 14.52
C ALA A 7 5.23 -6.84 13.85
N ALA A 8 4.26 -5.97 13.88
CA ALA A 8 2.94 -6.31 13.26
C ALA A 8 3.14 -6.85 11.84
N VAL A 9 4.26 -6.54 11.23
CA VAL A 9 4.51 -7.04 9.84
C VAL A 9 4.96 -8.49 9.87
N GLU A 10 6.03 -8.78 10.57
CA GLU A 10 6.54 -10.17 10.63
C GLU A 10 5.52 -11.09 11.32
N GLN A 11 4.56 -10.54 12.00
CA GLN A 11 3.54 -11.38 12.70
C GLN A 11 2.28 -11.52 11.84
N LEU A 12 2.37 -11.20 10.58
CA LEU A 12 1.17 -11.33 9.70
C LEU A 12 0.90 -12.80 9.38
N THR A 13 -0.10 -13.08 8.59
CA THR A 13 -0.41 -14.51 8.26
C THR A 13 -1.01 -14.60 6.86
N GLU A 14 -0.94 -15.75 6.25
CA GLU A 14 -1.52 -15.91 4.88
C GLU A 14 -2.91 -15.24 4.81
N GLU A 15 -3.81 -15.65 5.67
CA GLU A 15 -5.16 -15.04 5.65
C GLU A 15 -5.05 -13.52 5.51
N GLN A 16 -4.07 -12.93 6.13
CA GLN A 16 -3.89 -11.46 6.04
C GLN A 16 -3.17 -11.11 4.74
N LYS A 17 -2.04 -11.73 4.51
CA LYS A 17 -1.27 -11.44 3.27
C LYS A 17 -2.22 -11.49 2.06
N ASN A 18 -3.15 -12.39 2.06
CA ASN A 18 -4.11 -12.49 0.92
C ASN A 18 -4.85 -11.15 0.75
N GLU A 19 -4.95 -10.39 1.80
CA GLU A 19 -5.66 -9.08 1.70
C GLU A 19 -4.73 -8.01 1.13
N PHE A 20 -3.54 -7.90 1.67
CA PHE A 20 -2.58 -6.89 1.15
C PHE A 20 -2.25 -7.16 -0.32
N LYS A 21 -2.04 -8.40 -0.67
CA LYS A 21 -1.73 -8.74 -2.09
C LYS A 21 -2.62 -7.93 -3.03
N ALA A 22 -3.90 -7.93 -2.80
CA ALA A 22 -4.82 -7.16 -3.69
C ALA A 22 -4.22 -5.79 -4.02
N ALA A 23 -4.09 -4.93 -3.05
CA ALA A 23 -3.52 -3.58 -3.31
C ALA A 23 -2.08 -3.71 -3.83
N PHE A 24 -1.37 -4.71 -3.40
CA PHE A 24 0.05 -4.88 -3.87
C PHE A 24 0.08 -5.16 -5.37
N ASP A 25 -0.93 -5.82 -5.88
CA ASP A 25 -0.96 -6.14 -7.34
C ASP A 25 -1.21 -4.85 -8.15
N ILE A 26 -2.33 -4.22 -7.93
CA ILE A 26 -2.63 -2.96 -8.69
C ILE A 26 -1.58 -1.90 -8.40
N PHE A 27 -1.02 -1.90 -7.21
CA PHE A 27 0.01 -0.89 -6.86
C PHE A 27 1.20 -0.99 -7.82
N VAL A 28 1.36 -2.09 -8.49
CA VAL A 28 2.50 -2.24 -9.43
C VAL A 28 2.00 -2.47 -10.86
N LEU A 29 0.72 -2.28 -11.08
CA LEU A 29 0.17 -2.49 -12.46
C LEU A 29 0.83 -1.51 -13.44
N GLY A 30 1.92 -1.91 -14.04
CA GLY A 30 2.60 -1.01 -15.01
C GLY A 30 4.08 -0.90 -14.64
N ALA A 31 4.44 -1.29 -13.46
CA ALA A 31 5.87 -1.22 -13.04
C ALA A 31 6.71 -2.21 -13.84
N GLU A 32 7.83 -1.78 -14.37
CA GLU A 32 8.69 -2.71 -15.15
C GLU A 32 9.56 -3.55 -14.21
N ASP A 33 9.44 -3.35 -12.92
CA ASP A 33 10.26 -4.13 -11.96
C ASP A 33 9.36 -4.79 -10.91
N GLY A 34 8.07 -4.72 -11.09
CA GLY A 34 7.15 -5.34 -10.10
C GLY A 34 7.16 -4.53 -8.81
N CYS A 35 7.32 -3.23 -8.92
CA CYS A 35 7.35 -2.38 -7.69
C CYS A 35 6.34 -1.23 -7.84
N ILE A 36 6.52 -0.19 -7.08
CA ILE A 36 5.57 0.96 -7.17
C ILE A 36 6.33 2.29 -7.29
N SER A 37 5.75 3.26 -7.94
CA SER A 37 6.42 4.57 -8.11
C SER A 37 5.39 5.65 -8.38
N THR A 38 4.31 5.61 -7.68
CA THR A 38 3.20 6.61 -7.89
C THR A 38 2.47 6.29 -9.20
N LYS A 39 3.19 6.20 -10.28
CA LYS A 39 2.52 5.88 -11.57
C LYS A 39 1.66 4.64 -11.39
N GLU A 40 2.10 3.74 -10.55
CA GLU A 40 1.31 2.49 -10.29
C GLU A 40 0.43 2.70 -9.06
N LEU A 41 0.83 3.58 -8.18
CA LEU A 41 0.03 3.83 -6.95
C LEU A 41 -1.11 4.81 -7.25
N GLY A 42 -0.81 5.97 -7.76
CA GLY A 42 -1.87 6.96 -8.07
C GLY A 42 -3.05 6.25 -8.74
N LYS A 43 -2.78 5.29 -9.57
CA LYS A 43 -3.88 4.56 -10.26
C LYS A 43 -4.97 4.17 -9.25
N VAL A 44 -4.58 3.82 -8.06
CA VAL A 44 -5.59 3.43 -7.03
C VAL A 44 -6.31 4.68 -6.51
N MET A 45 -5.63 5.78 -6.43
CA MET A 45 -6.28 7.02 -5.94
C MET A 45 -7.49 7.36 -6.80
N ARG A 46 -7.37 7.20 -8.09
CA ARG A 46 -8.51 7.50 -9.00
C ARG A 46 -9.63 6.47 -8.79
N MET A 47 -9.26 5.26 -8.41
CA MET A 47 -10.29 4.22 -8.19
C MET A 47 -10.93 4.40 -6.81
N LEU A 48 -10.18 4.90 -5.86
CA LEU A 48 -10.74 5.10 -4.49
C LEU A 48 -11.80 6.20 -4.52
N GLY A 49 -11.95 6.87 -5.63
CA GLY A 49 -12.96 7.96 -5.72
C GLY A 49 -12.29 9.29 -5.43
N GLN A 50 -11.01 9.38 -5.64
CA GLN A 50 -10.28 10.66 -5.38
C GLN A 50 -9.08 10.78 -6.31
N ASN A 51 -8.23 11.75 -6.07
CA ASN A 51 -7.02 11.92 -6.93
C ASN A 51 -6.12 13.02 -6.37
N PRO A 52 -5.14 12.61 -5.60
CA PRO A 52 -4.20 13.57 -4.99
C PRO A 52 -3.21 14.08 -6.03
N THR A 53 -2.20 14.79 -5.59
CA THR A 53 -1.19 15.33 -6.56
C THR A 53 -0.05 14.33 -6.75
N PRO A 54 0.73 14.56 -7.76
CA PRO A 54 1.87 13.67 -8.08
C PRO A 54 3.01 13.88 -7.07
N GLU A 55 3.05 15.02 -6.43
CA GLU A 55 4.14 15.29 -5.45
C GLU A 55 3.87 14.56 -4.13
N GLU A 56 2.64 14.50 -3.72
CA GLU A 56 2.31 13.80 -2.44
C GLU A 56 2.48 12.29 -2.59
N LEU A 57 2.17 11.76 -3.75
CA LEU A 57 2.30 10.30 -3.96
C LEU A 57 3.72 9.83 -3.57
N GLN A 58 4.73 10.44 -4.13
CA GLN A 58 6.12 10.03 -3.79
C GLN A 58 6.26 9.88 -2.28
N GLU A 59 5.59 10.70 -1.52
CA GLU A 59 5.69 10.59 -0.03
C GLU A 59 5.32 9.18 0.43
N MET A 60 4.20 8.67 -0.03
CA MET A 60 3.79 7.30 0.39
C MET A 60 4.95 6.32 0.18
N ILE A 61 5.86 6.65 -0.70
CA ILE A 61 7.01 5.75 -0.95
C ILE A 61 8.17 6.10 -0.02
N ASP A 62 8.35 7.36 0.27
CA ASP A 62 9.46 7.77 1.17
C ASP A 62 9.11 7.47 2.63
N GLU A 63 7.92 7.81 3.05
CA GLU A 63 7.51 7.53 4.45
C GLU A 63 7.94 6.11 4.85
N VAL A 64 7.99 5.22 3.92
CA VAL A 64 8.39 3.81 4.25
C VAL A 64 9.53 3.36 3.33
N ASP A 65 10.43 4.25 3.01
CA ASP A 65 11.57 3.87 2.12
C ASP A 65 12.76 3.39 2.94
N GLU A 66 13.17 2.17 2.77
CA GLU A 66 14.33 1.65 3.54
C GLU A 66 15.43 1.18 2.58
N ASP A 67 15.46 1.73 1.39
CA ASP A 67 16.51 1.32 0.41
C ASP A 67 17.04 2.56 -0.33
N GLY A 68 16.20 3.52 -0.60
CA GLY A 68 16.66 4.73 -1.32
C GLY A 68 16.43 4.56 -2.83
N SER A 69 15.41 3.83 -3.19
CA SER A 69 15.14 3.63 -4.65
C SER A 69 13.96 4.50 -5.09
N GLY A 70 13.17 4.97 -4.17
CA GLY A 70 12.02 5.83 -4.54
C GLY A 70 10.80 4.96 -4.87
N THR A 71 10.97 3.66 -4.88
CA THR A 71 9.83 2.76 -5.19
C THR A 71 9.46 1.93 -3.96
N VAL A 72 8.36 1.23 -4.00
CA VAL A 72 7.95 0.39 -2.84
C VAL A 72 7.79 -1.08 -3.25
N ASP A 73 8.03 -1.98 -2.35
CA ASP A 73 7.89 -3.43 -2.68
C ASP A 73 7.08 -4.13 -1.60
N PHE A 74 6.80 -5.40 -1.78
CA PHE A 74 6.02 -6.13 -0.75
C PHE A 74 6.59 -5.84 0.65
N ASP A 75 7.84 -5.45 0.71
CA ASP A 75 8.45 -5.14 2.04
C ASP A 75 8.04 -3.74 2.50
N GLU A 76 8.47 -2.73 1.80
CA GLU A 76 8.11 -1.35 2.20
C GLU A 76 6.60 -1.13 2.09
N PHE A 77 5.94 -1.91 1.28
CA PHE A 77 4.46 -1.76 1.14
C PHE A 77 3.75 -2.18 2.43
N LEU A 78 4.10 -3.31 2.95
CA LEU A 78 3.44 -3.78 4.22
C LEU A 78 3.50 -2.67 5.28
N VAL A 79 4.65 -2.10 5.50
CA VAL A 79 4.76 -1.02 6.51
C VAL A 79 3.69 0.05 6.26
N MET A 80 3.36 0.27 5.02
CA MET A 80 2.33 1.31 4.69
C MET A 80 0.93 0.76 4.97
N MET A 81 0.80 -0.55 5.04
CA MET A 81 -0.54 -1.15 5.32
C MET A 81 -0.79 -1.21 6.82
N VAL A 82 0.25 -1.26 7.60
CA VAL A 82 0.08 -1.31 9.07
C VAL A 82 -0.28 0.07 9.62
N ARG A 83 0.40 1.10 9.16
CA ARG A 83 0.10 2.47 9.65
C ARG A 83 -1.24 2.95 9.08
N CYS A 84 -1.53 2.61 7.85
CA CYS A 84 -2.82 3.06 7.24
C CYS A 84 -4.00 2.64 8.12
N MET A 85 -3.90 1.51 8.76
CA MET A 85 -5.03 1.04 9.62
C MET A 85 -5.07 1.85 10.92
N LYS A 86 -3.95 2.00 11.58
CA LYS A 86 -3.94 2.77 12.85
C LYS A 86 -4.96 2.19 13.82
N ASP A 87 -4.76 0.97 14.25
CA ASP A 87 -5.73 0.34 15.20
C ASP A 87 -5.25 0.49 16.64
N ASP A 88 -4.18 1.21 16.86
CA ASP A 88 -3.67 1.40 18.25
C ASP A 88 -4.16 2.74 18.80
N SER A 89 -3.52 3.24 19.83
CA SER A 89 -3.95 4.54 20.42
C SER A 89 -5.33 4.39 21.07
N ARG B 1 -3.67 9.58 1.46
CA ARG B 1 -4.93 9.05 2.06
C ARG B 1 -5.36 7.77 1.34
N ILE B 2 -5.58 6.71 2.07
CA ILE B 2 -6.01 5.43 1.43
C ILE B 2 -6.79 4.57 2.42
N SER B 3 -8.02 4.91 2.69
CA SER B 3 -8.82 4.11 3.66
C SER B 3 -8.88 2.64 3.21
N ALA B 4 -8.11 1.79 3.84
CA ALA B 4 -8.12 0.35 3.45
C ALA B 4 -9.56 -0.14 3.35
N ASP B 5 -10.34 0.03 4.39
CA ASP B 5 -11.75 -0.43 4.35
C ASP B 5 -12.42 0.01 3.04
N ALA B 6 -12.24 1.25 2.66
CA ALA B 6 -12.85 1.73 1.39
C ALA B 6 -12.03 1.28 0.19
N MET B 7 -10.76 1.02 0.38
CA MET B 7 -9.89 0.59 -0.75
C MET B 7 -10.25 -0.86 -1.15
N MET B 8 -10.90 -1.58 -0.29
CA MET B 8 -11.28 -2.98 -0.64
C MET B 8 -12.50 -2.95 -1.56
N GLN B 9 -13.47 -2.15 -1.23
CA GLN B 9 -14.69 -2.06 -2.09
C GLN B 9 -14.46 -1.05 -3.22
N ALA B 10 -13.33 -0.39 -3.20
CA ALA B 10 -13.04 0.62 -4.26
C ALA B 10 -12.41 -0.04 -5.50
N LEU B 11 -11.41 -0.87 -5.32
CA LEU B 11 -10.77 -1.51 -6.51
C LEU B 11 -10.24 -2.91 -6.17
N LEU B 12 -10.74 -3.52 -5.13
CA LEU B 12 -10.26 -4.89 -4.78
C LEU B 12 -11.00 -5.41 -3.54
N GLY B 13 -12.10 -6.09 -3.74
CA GLY B 13 -12.88 -6.62 -2.59
C GLY B 13 -14.14 -7.32 -3.10
N ALA B 14 -14.65 -8.26 -2.36
CA ALA B 14 -15.89 -8.97 -2.81
C ALA B 14 -16.69 -9.46 -1.61
N ARG B 15 -17.97 -9.63 -1.77
CA ARG B 15 -18.82 -10.10 -0.64
C ARG B 15 -19.91 -11.05 -1.15
N ALA B 16 -19.54 -12.24 -1.54
CA ALA B 16 -20.56 -13.20 -2.04
C ALA B 16 -19.93 -14.60 -2.18
N LYS B 17 -18.91 -14.73 -2.99
CA LYS B 17 -18.26 -16.05 -3.18
C LYS B 17 -16.83 -16.03 -2.63
CA CA C . 12.15 1.81 -1.78
#